data_6Y0F
#
_entry.id   6Y0F
#
_cell.length_a   67.586
_cell.length_b   253.604
_cell.length_c   115.247
_cell.angle_alpha   90.000
_cell.angle_beta   89.760
_cell.angle_gamma   90.000
#
_symmetry.space_group_name_H-M   'P 1 21 1'
#
loop_
_entity.id
_entity.type
_entity.pdbx_description
1 polymer 'Prolyl endopeptidase FAP'
2 branched 2-acetamido-2-deoxy-beta-D-glucopyranose-(1-4)-2-acetamido-2-deoxy-beta-D-glucopyranose
3 branched beta-D-mannopyranose-(1-4)-2-acetamido-2-deoxy-beta-D-glucopyranose-(1-4)-2-acetamido-2-deoxy-beta-D-glucopyranose
4 branched alpha-L-fucopyranose-(1-6)-2-acetamido-2-deoxy-beta-D-glucopyranose
5 non-polymer 2-acetamido-2-deoxy-beta-D-glucopyranose
6 non-polymer '8-[(3R)-3-Aminopiperidin-1-yl]-7-but-2-yn-1-yl-3-methyl-1-[(4-methylquinazolin-2-yl)methyl]-3,7-dihydro-1H-purine-2,6-d ione'
#
_entity_poly.entity_id   1
_entity_poly.type   'polypeptide(L)'
_entity_poly.pdbx_seq_one_letter_code
;ENTMRALTLKDILNGTFSYKTFFPNWISGQEYLHQSADNNIVLYNIETGQSYTILSNRTMKSVNASNYGLSPDRQFVYLE
SDYSKLWRYSYTATYYIYDLSNGEFVRGNELPRPIQYLCWSPVGSKLAYVYQNNIYLKQRPGDPPFQITFNGRENKIFNG
IPDWVYEEEMLATKYALWWSPNGKFLAYAEFNDTDIPVIAYSYYGDEQYPRTINIPYPKAGAKNPVVRIFIIDTTYPAYV
GPQEVPVPAMIASSDYYFSWLTWVTDERVCLQWLKRVQNVSVLSICDFREDWQTWDCPKTQEHIEESRTGWAGGFFVSTP
VFSYDAISYYKIFSDKDGYKHIHYIKDTVENAIQITSGKWEAINIFRVTQDSLFYSSNEFEEYPGRRNIYRISIGSYPPS
KKCVTCHLRKERCQYYTASFSDYAKYYALVCYGPGIPISTLHDGRTDQEIKILEENKELENALKNIQLPKEEIKKLEVDE
ITLWYKMILPPQFDRSKKYPLLIQVYGGPCSQSVRSVFAVNWISYLASKEGMVIALVDGRGTAFQGDKLLYAVYRKLGVY
EVEDQITAVRKFIEMGFIDEKRIAIWGWSYGGYVSSLALASGTGLFKCGIAVAPVSSWEYYASVYTERFMGLPTKDDNLE
HYKNSTVMARAEYFRNVDYLLIHGTADDNVHFQNSAQIAKALVNAQVDFQAMWYSDQNHGLSGLSTNHLYTHMTHFLKQC
FS
;
_entity_poly.pdbx_strand_id   A,B,C,D
#
# COMPACT_ATOMS: atom_id res chain seq x y z
N ASN A 2 -48.26 51.82 13.28
CA ASN A 2 -47.70 51.46 11.96
C ASN A 2 -48.52 52.08 10.80
N THR A 3 -47.96 52.09 9.58
CA THR A 3 -48.64 52.63 8.41
C THR A 3 -48.76 51.55 7.34
N MET A 4 -49.89 51.51 6.61
CA MET A 4 -50.11 50.55 5.53
C MET A 4 -49.02 50.69 4.48
N ARG A 5 -48.47 49.58 4.01
CA ARG A 5 -47.43 49.59 3.01
C ARG A 5 -47.65 48.48 1.99
N ALA A 6 -47.12 48.68 0.78
CA ALA A 6 -47.26 47.67 -0.27
C ALA A 6 -46.24 46.54 -0.08
N LEU A 7 -46.47 45.38 -0.73
CA LEU A 7 -45.51 44.28 -0.67
C LEU A 7 -44.22 44.67 -1.41
N THR A 8 -43.08 44.13 -0.97
CA THR A 8 -41.81 44.37 -1.65
C THR A 8 -41.31 43.05 -2.21
N LEU A 9 -40.41 43.10 -3.20
CA LEU A 9 -39.85 41.89 -3.77
C LEU A 9 -39.11 41.07 -2.71
N LYS A 10 -38.42 41.79 -1.78
CA LYS A 10 -37.67 41.25 -0.65
C LYS A 10 -38.56 40.41 0.27
N ASP A 11 -39.81 40.88 0.53
CA ASP A 11 -40.77 40.14 1.36
C ASP A 11 -41.11 38.80 0.73
N ILE A 12 -41.26 38.77 -0.60
CA ILE A 12 -41.60 37.57 -1.33
C ILE A 12 -40.42 36.61 -1.34
N LEU A 13 -39.21 37.11 -1.64
CA LEU A 13 -38.02 36.26 -1.69
C LEU A 13 -37.62 35.69 -0.32
N ASN A 14 -37.78 36.48 0.75
CA ASN A 14 -37.49 35.99 2.10
C ASN A 14 -38.58 35.06 2.69
N GLY A 15 -39.75 35.04 2.05
CA GLY A 15 -40.88 34.25 2.53
C GLY A 15 -41.41 34.80 3.83
N THR A 16 -41.46 36.13 3.96
CA THR A 16 -41.94 36.81 5.18
C THR A 16 -43.40 36.44 5.46
N PHE A 17 -44.22 36.36 4.40
CA PHE A 17 -45.63 36.06 4.55
C PHE A 17 -45.94 34.61 4.25
N SER A 18 -45.11 33.72 4.81
CA SER A 18 -45.29 32.27 4.69
C SER A 18 -46.29 31.77 5.73
N TYR A 19 -46.91 30.63 5.46
CA TYR A 19 -47.86 30.05 6.41
C TYR A 19 -47.41 28.69 6.93
N LYS A 20 -47.86 28.33 8.12
CA LYS A 20 -47.54 27.05 8.73
C LYS A 20 -48.69 26.06 8.53
N THR A 21 -48.37 24.77 8.44
CA THR A 21 -49.39 23.74 8.25
C THR A 21 -49.21 22.61 9.28
N PHE A 22 -50.33 22.06 9.79
CA PHE A 22 -50.26 21.00 10.81
C PHE A 22 -50.85 19.66 10.36
N PHE A 23 -49.98 18.73 9.90
CA PHE A 23 -50.41 17.39 9.52
C PHE A 23 -49.92 16.42 10.59
N PRO A 24 -50.84 15.94 11.46
CA PRO A 24 -50.41 15.04 12.55
C PRO A 24 -49.80 13.74 12.07
N ASN A 25 -48.66 13.37 12.65
CA ASN A 25 -47.99 12.12 12.32
C ASN A 25 -48.65 11.05 13.18
N TRP A 26 -49.78 10.51 12.72
CA TRP A 26 -50.54 9.52 13.47
C TRP A 26 -49.75 8.25 13.74
N ILE A 27 -49.83 7.74 14.95
CA ILE A 27 -49.18 6.49 15.30
C ILE A 27 -50.24 5.41 15.69
N SER A 28 -51.36 5.83 16.27
CA SER A 28 -52.48 4.97 16.60
C SER A 28 -53.82 5.66 16.15
N GLY A 29 -54.97 5.19 16.63
CA GLY A 29 -56.25 5.81 16.29
C GLY A 29 -56.53 7.08 17.06
N GLN A 30 -55.88 7.26 18.21
CA GLN A 30 -56.04 8.44 19.08
C GLN A 30 -54.71 9.10 19.48
N GLU A 31 -53.60 8.73 18.85
CA GLU A 31 -52.29 9.31 19.16
C GLU A 31 -51.59 9.79 17.92
N TYR A 32 -50.76 10.81 18.10
CA TYR A 32 -49.97 11.39 17.02
C TYR A 32 -48.69 12.02 17.56
N LEU A 33 -47.68 12.12 16.70
CA LEU A 33 -46.39 12.72 17.00
C LEU A 33 -46.24 14.08 16.31
N HIS A 34 -45.43 14.96 16.89
CA HIS A 34 -45.20 16.29 16.36
C HIS A 34 -43.92 16.87 16.93
N GLN A 35 -43.17 17.62 16.11
CA GLN A 35 -41.93 18.25 16.54
C GLN A 35 -42.21 19.59 17.23
N SER A 36 -41.72 19.76 18.45
CA SER A 36 -41.91 20.99 19.23
C SER A 36 -40.95 22.13 18.81
N ALA A 37 -41.11 23.32 19.43
CA ALA A 37 -40.29 24.51 19.19
C ALA A 37 -38.79 24.26 19.43
N ASP A 38 -38.43 23.61 20.57
CA ASP A 38 -37.02 23.32 20.84
C ASP A 38 -36.56 21.94 20.28
N ASN A 39 -37.28 21.44 19.26
CA ASN A 39 -37.03 20.20 18.53
C ASN A 39 -37.09 18.92 19.37
N ASN A 40 -38.19 18.73 20.07
CA ASN A 40 -38.46 17.48 20.80
C ASN A 40 -39.62 16.77 20.08
N ILE A 41 -39.84 15.48 20.37
CA ILE A 41 -40.96 14.77 19.74
C ILE A 41 -42.03 14.49 20.80
N VAL A 42 -43.16 15.19 20.70
CA VAL A 42 -44.24 15.06 21.67
C VAL A 42 -45.34 14.09 21.20
N LEU A 43 -45.78 13.21 22.10
CA LEU A 43 -46.82 12.24 21.78
C LEU A 43 -48.14 12.73 22.38
N TYR A 44 -49.03 13.31 21.56
CA TYR A 44 -50.31 13.77 22.08
C TYR A 44 -51.41 12.73 21.94
N ASN A 45 -52.07 12.41 23.04
CA ASN A 45 -53.17 11.47 23.08
C ASN A 45 -54.45 12.32 23.15
N ILE A 46 -55.38 12.12 22.21
CA ILE A 46 -56.62 12.88 22.16
C ILE A 46 -57.63 12.44 23.23
N GLU A 47 -57.80 11.12 23.43
CA GLU A 47 -58.72 10.60 24.41
C GLU A 47 -58.31 10.98 25.85
N THR A 48 -57.03 10.75 26.22
CA THR A 48 -56.56 11.10 27.57
C THR A 48 -56.26 12.62 27.70
N GLY A 49 -55.95 13.28 26.60
CA GLY A 49 -55.69 14.72 26.58
C GLY A 49 -54.32 15.17 27.05
N GLN A 50 -53.41 14.23 27.37
CA GLN A 50 -52.07 14.61 27.83
C GLN A 50 -50.97 14.20 26.86
N SER A 51 -49.85 14.92 26.91
CA SER A 51 -48.74 14.70 26.02
C SER A 51 -47.42 14.49 26.77
N TYR A 52 -46.47 13.78 26.15
CA TYR A 52 -45.18 13.53 26.76
C TYR A 52 -44.06 13.45 25.73
N THR A 53 -42.85 13.86 26.11
CA THR A 53 -41.71 13.80 25.21
C THR A 53 -41.28 12.35 25.08
N ILE A 54 -41.18 11.87 23.85
CA ILE A 54 -40.75 10.50 23.60
C ILE A 54 -39.28 10.45 23.08
N LEU A 55 -38.84 11.50 22.35
CA LEU A 55 -37.48 11.62 21.81
C LEU A 55 -37.02 13.06 22.00
N SER A 56 -36.08 13.26 22.91
CA SER A 56 -35.57 14.56 23.31
C SER A 56 -34.74 15.28 22.25
N ASN A 57 -34.61 16.62 22.37
CA ASN A 57 -33.79 17.44 21.47
C ASN A 57 -32.30 17.07 21.60
N ARG A 58 -31.87 16.63 22.81
CA ARG A 58 -30.48 16.22 23.07
C ARG A 58 -30.15 14.88 22.38
N THR A 59 -31.16 14.02 22.14
CA THR A 59 -30.95 12.77 21.43
C THR A 59 -30.85 13.05 19.91
N MET A 60 -31.63 14.01 19.41
CA MET A 60 -31.60 14.40 18.01
C MET A 60 -30.28 15.13 17.70
N LYS A 61 -29.87 16.08 18.55
CA LYS A 61 -28.64 16.86 18.37
C LYS A 61 -27.39 15.99 18.46
N SER A 62 -27.44 14.89 19.23
CA SER A 62 -26.29 13.98 19.39
C SER A 62 -25.85 13.37 18.07
N VAL A 63 -26.77 13.18 17.13
CA VAL A 63 -26.45 12.63 15.81
C VAL A 63 -26.82 13.57 14.66
N ASN A 64 -27.08 14.88 14.94
CA ASN A 64 -27.43 15.91 13.97
C ASN A 64 -28.67 15.52 13.17
N ALA A 65 -29.63 14.85 13.83
CA ALA A 65 -30.84 14.36 13.19
C ALA A 65 -31.81 15.44 12.75
N SER A 66 -32.29 15.31 11.52
CA SER A 66 -33.27 16.21 10.90
C SER A 66 -34.67 15.57 10.82
N ASN A 67 -34.78 14.24 10.94
CA ASN A 67 -36.06 13.53 10.87
C ASN A 67 -36.07 12.29 11.78
N TYR A 68 -37.26 11.71 12.00
CA TYR A 68 -37.45 10.56 12.88
C TYR A 68 -38.51 9.58 12.33
N GLY A 69 -38.52 8.36 12.85
CA GLY A 69 -39.50 7.37 12.46
C GLY A 69 -39.75 6.33 13.53
N LEU A 70 -40.82 6.48 14.31
CA LEU A 70 -41.14 5.55 15.39
C LEU A 70 -41.62 4.22 14.83
N SER A 71 -41.08 3.11 15.33
CA SER A 71 -41.50 1.78 14.89
C SER A 71 -42.92 1.51 15.39
N PRO A 72 -43.74 0.74 14.64
CA PRO A 72 -45.11 0.47 15.11
C PRO A 72 -45.21 -0.10 16.53
N ASP A 73 -44.32 -1.04 16.90
CA ASP A 73 -44.32 -1.60 18.25
C ASP A 73 -43.80 -0.65 19.35
N ARG A 74 -43.31 0.53 18.94
CA ARG A 74 -42.75 1.62 19.76
C ARG A 74 -41.48 1.25 20.53
N GLN A 75 -40.83 0.13 20.16
CA GLN A 75 -39.58 -0.25 20.82
C GLN A 75 -38.41 0.60 20.35
N PHE A 76 -38.44 1.06 19.09
CA PHE A 76 -37.34 1.81 18.51
C PHE A 76 -37.81 3.03 17.69
N VAL A 77 -36.90 3.97 17.44
CA VAL A 77 -37.19 5.14 16.61
C VAL A 77 -35.97 5.38 15.73
N TYR A 78 -36.15 5.46 14.39
CA TYR A 78 -35.02 5.74 13.51
C TYR A 78 -34.70 7.23 13.49
N LEU A 79 -33.42 7.58 13.44
CA LEU A 79 -33.00 8.98 13.44
C LEU A 79 -32.31 9.28 12.12
N GLU A 80 -32.95 10.08 11.29
CA GLU A 80 -32.45 10.42 9.97
C GLU A 80 -31.59 11.66 10.01
N SER A 81 -30.35 11.55 9.57
CA SER A 81 -29.44 12.69 9.48
C SER A 81 -28.64 12.64 8.15
N ASP A 82 -27.93 13.73 7.80
CA ASP A 82 -27.14 13.77 6.58
C ASP A 82 -28.00 13.69 5.31
N TYR A 83 -29.12 14.44 5.27
CA TYR A 83 -30.00 14.50 4.11
C TYR A 83 -29.20 15.05 2.92
N SER A 84 -29.18 14.30 1.82
CA SER A 84 -28.49 14.72 0.60
C SER A 84 -29.47 14.54 -0.55
N LYS A 85 -30.12 15.62 -0.99
CA LYS A 85 -31.10 15.57 -2.07
C LYS A 85 -30.51 15.02 -3.36
N LEU A 86 -31.29 14.24 -4.11
CA LEU A 86 -30.86 13.74 -5.41
C LEU A 86 -31.79 14.30 -6.49
N TRP A 87 -32.98 13.71 -6.70
CA TRP A 87 -33.95 14.22 -7.67
C TRP A 87 -35.17 14.85 -6.93
N ARG A 88 -36.34 15.01 -7.59
CA ARG A 88 -37.50 15.63 -6.97
C ARG A 88 -37.87 15.06 -5.59
N TYR A 89 -37.89 13.72 -5.47
CA TYR A 89 -38.27 13.04 -4.22
C TYR A 89 -37.14 12.26 -3.57
N SER A 90 -36.21 11.77 -4.36
CA SER A 90 -35.14 10.94 -3.88
C SER A 90 -34.08 11.70 -3.16
N TYR A 91 -33.54 11.08 -2.11
CA TYR A 91 -32.47 11.61 -1.29
C TYR A 91 -31.76 10.47 -0.56
N THR A 92 -30.55 10.75 -0.08
CA THR A 92 -29.73 9.78 0.62
C THR A 92 -29.45 10.28 2.05
N ALA A 93 -29.48 9.38 3.05
CA ALA A 93 -29.26 9.79 4.44
C ALA A 93 -28.65 8.69 5.31
N THR A 94 -28.03 9.07 6.45
CA THR A 94 -27.48 8.14 7.44
C THR A 94 -28.62 7.86 8.48
N TYR A 95 -28.86 6.59 8.83
CA TYR A 95 -29.95 6.26 9.76
C TYR A 95 -29.45 5.60 11.04
N TYR A 96 -29.83 6.13 12.22
CA TYR A 96 -29.42 5.62 13.53
C TYR A 96 -30.62 5.05 14.29
N ILE A 97 -30.61 3.76 14.64
CA ILE A 97 -31.73 3.19 15.39
C ILE A 97 -31.54 3.47 16.89
N TYR A 98 -32.58 3.99 17.54
CA TYR A 98 -32.50 4.30 18.96
C TYR A 98 -33.41 3.39 19.75
N ASP A 99 -32.85 2.66 20.73
CA ASP A 99 -33.63 1.75 21.58
C ASP A 99 -34.31 2.57 22.67
N LEU A 100 -35.61 2.86 22.51
CA LEU A 100 -36.38 3.65 23.47
C LEU A 100 -36.54 2.94 24.80
N SER A 101 -36.72 1.62 24.77
CA SER A 101 -36.91 0.82 25.99
C SER A 101 -35.65 0.78 26.86
N ASN A 102 -34.46 0.72 26.24
CA ASN A 102 -33.20 0.68 26.97
C ASN A 102 -32.64 2.07 27.31
N GLY A 103 -32.90 3.03 26.44
CA GLY A 103 -32.41 4.38 26.62
C GLY A 103 -31.02 4.56 26.07
N GLU A 104 -30.72 3.90 24.95
CA GLU A 104 -29.41 3.96 24.29
C GLU A 104 -29.52 3.62 22.80
N PHE A 105 -28.54 4.05 22.00
CA PHE A 105 -28.54 3.77 20.57
C PHE A 105 -28.27 2.30 20.31
N VAL A 106 -28.82 1.76 19.21
CA VAL A 106 -28.62 0.37 18.84
C VAL A 106 -27.22 0.15 18.29
N ARG A 107 -26.35 -0.43 19.10
CA ARG A 107 -24.97 -0.69 18.70
C ARG A 107 -24.85 -2.15 18.25
N GLY A 108 -24.09 -2.39 17.19
CA GLY A 108 -23.91 -3.74 16.65
C GLY A 108 -23.69 -3.82 15.15
N ASN A 109 -24.66 -4.42 14.44
CA ASN A 109 -24.57 -4.60 13.01
C ASN A 109 -25.09 -3.34 12.35
N GLU A 110 -24.35 -2.25 12.54
CA GLU A 110 -24.57 -0.90 12.06
C GLU A 110 -25.09 -0.84 10.62
N LEU A 111 -25.96 0.13 10.35
CA LEU A 111 -26.50 0.34 9.02
C LEU A 111 -25.43 1.01 8.15
N PRO A 112 -25.37 0.65 6.86
CA PRO A 112 -24.38 1.28 5.98
C PRO A 112 -24.73 2.73 5.62
N ARG A 113 -23.80 3.43 4.95
CA ARG A 113 -24.01 4.81 4.56
C ARG A 113 -23.51 5.02 3.13
N PRO A 114 -24.29 5.70 2.28
CA PRO A 114 -25.62 6.28 2.53
C PRO A 114 -26.79 5.39 2.09
N ILE A 115 -27.88 5.43 2.85
CA ILE A 115 -29.09 4.66 2.56
C ILE A 115 -30.04 5.48 1.67
N GLN A 116 -30.50 4.87 0.57
CA GLN A 116 -31.38 5.49 -0.41
C GLN A 116 -32.85 5.53 0.00
N TYR A 117 -33.31 4.58 0.84
CA TYR A 117 -34.68 4.50 1.35
C TYR A 117 -34.74 3.54 2.56
N LEU A 118 -35.52 3.87 3.60
CA LEU A 118 -35.64 3.02 4.79
C LEU A 118 -37.05 3.13 5.39
N CYS A 119 -37.62 2.02 5.88
CA CYS A 119 -38.95 2.03 6.50
C CYS A 119 -39.17 0.85 7.42
N TRP A 120 -40.05 1.03 8.40
CA TRP A 120 -40.41 -0.05 9.31
C TRP A 120 -41.53 -0.90 8.68
N SER A 121 -41.74 -2.10 9.18
CA SER A 121 -42.88 -2.93 8.75
C SER A 121 -44.15 -2.32 9.39
N PRO A 122 -45.36 -2.60 8.88
CA PRO A 122 -46.57 -2.00 9.49
C PRO A 122 -46.86 -2.40 10.94
N VAL A 123 -46.24 -3.49 11.41
CA VAL A 123 -46.31 -3.96 12.79
C VAL A 123 -44.95 -4.51 13.20
N GLY A 124 -44.59 -4.31 14.46
CA GLY A 124 -43.33 -4.81 14.98
C GLY A 124 -42.13 -3.95 14.64
N SER A 125 -40.93 -4.53 14.78
CA SER A 125 -39.65 -3.86 14.58
C SER A 125 -38.85 -4.41 13.39
N LYS A 126 -39.53 -4.73 12.29
CA LYS A 126 -38.81 -5.22 11.10
C LYS A 126 -38.35 -4.04 10.26
N LEU A 127 -37.17 -4.15 9.65
CA LEU A 127 -36.63 -3.06 8.85
C LEU A 127 -36.35 -3.45 7.42
N ALA A 128 -36.65 -2.55 6.48
CA ALA A 128 -36.36 -2.75 5.07
C ALA A 128 -35.64 -1.51 4.57
N TYR A 129 -34.47 -1.68 3.92
CA TYR A 129 -33.73 -0.54 3.40
C TYR A 129 -33.05 -0.81 2.05
N VAL A 130 -32.76 0.26 1.30
CA VAL A 130 -32.10 0.23 -0.01
C VAL A 130 -30.70 0.83 0.12
N TYR A 131 -29.68 0.07 -0.25
CA TYR A 131 -28.28 0.50 -0.19
C TYR A 131 -27.59 0.03 -1.47
N GLN A 132 -27.06 0.99 -2.25
CA GLN A 132 -26.38 0.72 -3.52
C GLN A 132 -27.30 -0.05 -4.46
N ASN A 133 -28.54 0.46 -4.64
CA ASN A 133 -29.58 -0.09 -5.49
C ASN A 133 -29.96 -1.51 -5.15
N ASN A 134 -29.76 -1.93 -3.89
CA ASN A 134 -30.07 -3.29 -3.46
C ASN A 134 -30.91 -3.28 -2.18
N ILE A 135 -31.82 -4.26 -2.02
CA ILE A 135 -32.70 -4.34 -0.84
C ILE A 135 -32.13 -5.26 0.23
N TYR A 136 -32.13 -4.82 1.47
CA TYR A 136 -31.65 -5.58 2.61
C TYR A 136 -32.76 -5.62 3.69
N LEU A 137 -32.79 -6.69 4.51
CA LEU A 137 -33.83 -6.88 5.52
C LEU A 137 -33.26 -7.18 6.93
N LYS A 138 -33.72 -6.43 7.94
CA LYS A 138 -33.28 -6.62 9.31
C LYS A 138 -34.46 -7.05 10.17
N GLN A 139 -34.49 -8.30 10.64
CA GLN A 139 -35.59 -8.81 11.48
C GLN A 139 -35.70 -8.01 12.77
N ARG A 140 -34.55 -7.63 13.34
CA ARG A 140 -34.43 -6.82 14.56
C ARG A 140 -33.33 -5.78 14.31
N PRO A 141 -33.50 -4.54 14.81
CA PRO A 141 -32.50 -3.48 14.55
C PRO A 141 -31.01 -3.82 14.68
N GLY A 142 -30.63 -4.60 15.69
CA GLY A 142 -29.22 -4.96 15.88
C GLY A 142 -28.78 -6.25 15.21
N ASP A 143 -29.63 -6.82 14.34
CA ASP A 143 -29.33 -8.08 13.66
C ASP A 143 -28.68 -7.86 12.29
N PRO A 144 -27.85 -8.82 11.83
CA PRO A 144 -27.23 -8.67 10.52
C PRO A 144 -28.28 -8.71 9.42
N PRO A 145 -28.16 -7.83 8.42
CA PRO A 145 -29.17 -7.80 7.35
C PRO A 145 -29.07 -8.98 6.37
N PHE A 146 -30.22 -9.36 5.82
CA PHE A 146 -30.32 -10.40 4.82
C PHE A 146 -30.44 -9.67 3.48
N GLN A 147 -29.55 -9.94 2.53
CA GLN A 147 -29.61 -9.29 1.23
C GLN A 147 -30.64 -9.95 0.32
N ILE A 148 -31.65 -9.20 -0.13
CA ILE A 148 -32.69 -9.74 -1.00
C ILE A 148 -32.27 -9.72 -2.47
N THR A 149 -31.87 -8.55 -2.98
CA THR A 149 -31.46 -8.38 -4.37
C THR A 149 -29.93 -8.28 -4.49
N PHE A 150 -29.39 -8.63 -5.67
CA PHE A 150 -27.95 -8.60 -5.87
C PHE A 150 -27.51 -7.92 -7.18
N ASN A 151 -28.45 -7.61 -8.08
CA ASN A 151 -28.10 -7.04 -9.38
C ASN A 151 -28.02 -5.51 -9.43
N GLY A 152 -28.36 -4.83 -8.34
CA GLY A 152 -28.34 -3.38 -8.30
C GLY A 152 -27.01 -2.73 -8.63
N ARG A 153 -26.98 -1.98 -9.73
CA ARG A 153 -25.81 -1.24 -10.20
C ARG A 153 -26.23 0.20 -10.47
N GLU A 154 -25.41 1.19 -10.06
CA GLU A 154 -25.79 2.60 -10.20
C GLU A 154 -26.10 3.02 -11.63
N ASN A 155 -27.23 3.71 -11.79
CA ASN A 155 -27.77 4.21 -13.05
C ASN A 155 -28.10 3.11 -14.06
N LYS A 156 -28.23 1.85 -13.61
CA LYS A 156 -28.57 0.74 -14.51
C LYS A 156 -29.67 -0.17 -13.94
N ILE A 157 -29.41 -0.91 -12.85
CA ILE A 157 -30.42 -1.77 -12.25
C ILE A 157 -30.86 -1.18 -10.91
N PHE A 158 -32.17 -0.96 -10.73
CA PHE A 158 -32.72 -0.37 -9.50
C PHE A 158 -33.65 -1.33 -8.73
N ASN A 159 -33.38 -1.54 -7.44
CA ASN A 159 -34.22 -2.42 -6.60
C ASN A 159 -34.73 -1.70 -5.34
N GLY A 160 -36.04 -1.68 -5.18
CA GLY A 160 -36.64 -1.03 -4.01
C GLY A 160 -36.81 0.46 -4.13
N ILE A 161 -36.13 1.09 -5.11
CA ILE A 161 -36.22 2.52 -5.40
C ILE A 161 -36.46 2.68 -6.89
N PRO A 162 -37.17 3.73 -7.33
CA PRO A 162 -37.39 3.90 -8.77
C PRO A 162 -36.18 4.47 -9.49
N ASP A 163 -36.16 4.33 -10.81
CA ASP A 163 -35.13 4.92 -11.65
C ASP A 163 -35.49 6.44 -11.89
N TRP A 164 -34.75 7.19 -12.76
CA TRP A 164 -35.12 8.60 -12.97
C TRP A 164 -36.57 8.79 -13.46
N VAL A 165 -36.93 8.14 -14.57
CA VAL A 165 -38.22 8.37 -15.18
C VAL A 165 -39.42 7.89 -14.35
N TYR A 166 -39.29 6.77 -13.62
CA TYR A 166 -40.40 6.32 -12.78
C TYR A 166 -40.60 7.23 -11.59
N GLU A 167 -39.51 7.75 -11.02
CA GLU A 167 -39.60 8.65 -9.88
C GLU A 167 -40.34 9.93 -10.27
N GLU A 168 -39.97 10.50 -11.41
CA GLU A 168 -40.53 11.76 -11.86
C GLU A 168 -41.95 11.68 -12.47
N GLU A 169 -42.16 10.81 -13.46
CA GLU A 169 -43.40 10.80 -14.22
C GLU A 169 -44.38 9.68 -13.93
N MET A 170 -44.03 8.69 -13.10
CA MET A 170 -44.92 7.56 -12.87
C MET A 170 -45.36 7.35 -11.42
N LEU A 171 -44.40 7.16 -10.50
CA LEU A 171 -44.72 6.89 -9.10
C LEU A 171 -44.87 8.13 -8.25
N ALA A 172 -44.12 9.19 -8.60
CA ALA A 172 -44.06 10.45 -7.85
C ALA A 172 -43.70 10.22 -6.40
N THR A 173 -42.72 9.34 -6.18
CA THR A 173 -42.22 9.04 -4.86
C THR A 173 -40.80 8.46 -4.92
N LYS A 174 -40.09 8.46 -3.80
CA LYS A 174 -38.71 7.98 -3.74
C LYS A 174 -38.58 6.46 -3.50
N TYR A 175 -39.70 5.77 -3.16
CA TYR A 175 -39.68 4.33 -2.89
C TYR A 175 -40.39 3.48 -3.95
N ALA A 176 -40.05 2.20 -3.98
CA ALA A 176 -40.62 1.22 -4.86
C ALA A 176 -40.68 -0.14 -4.12
N LEU A 177 -41.03 -0.10 -2.82
CA LEU A 177 -41.21 -1.29 -1.99
C LEU A 177 -42.39 -1.09 -1.03
N TRP A 178 -43.15 -2.15 -0.80
CA TRP A 178 -44.35 -2.08 0.00
C TRP A 178 -44.47 -3.29 0.92
N TRP A 179 -44.59 -3.07 2.22
CA TRP A 179 -44.75 -4.17 3.17
C TRP A 179 -46.20 -4.64 3.16
N SER A 180 -46.45 -5.93 3.39
CA SER A 180 -47.82 -6.44 3.48
C SER A 180 -48.48 -5.96 4.80
N PRO A 181 -49.82 -5.91 4.90
CA PRO A 181 -50.45 -5.35 6.12
C PRO A 181 -49.91 -5.80 7.48
N ASN A 182 -49.37 -7.03 7.59
CA ASN A 182 -48.82 -7.51 8.86
C ASN A 182 -47.33 -7.87 8.80
N GLY A 183 -46.64 -7.47 7.74
CA GLY A 183 -45.22 -7.75 7.59
C GLY A 183 -44.90 -9.18 7.24
N LYS A 184 -45.85 -9.93 6.65
CA LYS A 184 -45.61 -11.32 6.24
C LYS A 184 -44.83 -11.36 4.91
N PHE A 185 -45.11 -10.40 4.00
CA PHE A 185 -44.48 -10.31 2.68
C PHE A 185 -43.98 -8.91 2.38
N LEU A 186 -42.93 -8.81 1.55
CA LEU A 186 -42.43 -7.52 1.10
C LEU A 186 -42.46 -7.52 -0.42
N ALA A 187 -43.19 -6.58 -1.00
CA ALA A 187 -43.26 -6.46 -2.45
C ALA A 187 -42.28 -5.38 -2.89
N TYR A 188 -41.64 -5.54 -4.04
CA TYR A 188 -40.70 -4.55 -4.56
C TYR A 188 -40.63 -4.56 -6.09
N ALA A 189 -40.05 -3.50 -6.69
CA ALA A 189 -39.93 -3.45 -8.14
C ALA A 189 -38.46 -3.42 -8.59
N GLU A 190 -38.19 -3.95 -9.79
CA GLU A 190 -36.85 -4.05 -10.37
C GLU A 190 -36.81 -3.34 -11.73
N PHE A 191 -36.16 -2.17 -11.77
CA PHE A 191 -36.06 -1.36 -13.00
C PHE A 191 -34.72 -1.56 -13.74
N ASN A 192 -34.79 -1.77 -15.06
CA ASN A 192 -33.60 -1.98 -15.89
C ASN A 192 -33.45 -0.88 -16.96
N ASP A 193 -32.52 0.06 -16.72
CA ASP A 193 -32.20 1.20 -17.59
C ASP A 193 -30.98 0.97 -18.49
N THR A 194 -30.54 -0.28 -18.66
CA THR A 194 -29.34 -0.58 -19.41
C THR A 194 -29.34 -0.05 -20.84
N ASP A 195 -30.43 -0.28 -21.60
CA ASP A 195 -30.44 0.17 -22.99
C ASP A 195 -31.10 1.50 -23.25
N ILE A 196 -31.47 2.26 -22.18
CA ILE A 196 -32.09 3.56 -22.37
C ILE A 196 -31.00 4.57 -22.73
N PRO A 197 -31.22 5.43 -23.74
CA PRO A 197 -30.22 6.46 -24.04
C PRO A 197 -30.11 7.44 -22.88
N VAL A 198 -28.91 7.98 -22.66
CA VAL A 198 -28.69 8.89 -21.55
C VAL A 198 -28.64 10.36 -21.96
N ILE A 199 -28.96 11.23 -21.00
CA ILE A 199 -28.85 12.65 -21.20
C ILE A 199 -27.58 13.09 -20.46
N ALA A 200 -26.68 13.78 -21.18
CA ALA A 200 -25.44 14.23 -20.58
C ALA A 200 -25.37 15.74 -20.52
N TYR A 201 -24.99 16.26 -19.36
CA TYR A 201 -24.86 17.69 -19.18
C TYR A 201 -23.69 18.02 -18.27
N SER A 202 -23.08 19.18 -18.50
CA SER A 202 -21.93 19.60 -17.69
C SER A 202 -22.35 20.17 -16.37
N TYR A 203 -21.61 19.79 -15.32
CA TYR A 203 -21.77 20.31 -13.96
C TYR A 203 -20.40 20.89 -13.65
N TYR A 204 -20.33 22.22 -13.57
CA TYR A 204 -19.09 22.97 -13.37
C TYR A 204 -18.51 22.78 -11.97
N GLY A 205 -19.34 22.95 -10.95
CA GLY A 205 -18.94 22.79 -9.56
C GLY A 205 -17.88 23.78 -9.16
N ASP A 206 -16.97 23.38 -8.26
CA ASP A 206 -15.88 24.27 -7.83
C ASP A 206 -14.49 23.68 -8.09
N GLU A 207 -14.39 22.77 -9.07
CA GLU A 207 -13.11 22.16 -9.43
C GLU A 207 -12.59 22.72 -10.76
N GLN A 208 -11.30 22.54 -11.03
CA GLN A 208 -10.63 22.98 -12.23
C GLN A 208 -11.35 22.52 -13.50
N TYR A 209 -11.82 21.26 -13.54
CA TYR A 209 -12.53 20.73 -14.69
C TYR A 209 -13.98 20.43 -14.35
N PRO A 210 -14.90 20.65 -15.30
CA PRO A 210 -16.31 20.27 -15.04
C PRO A 210 -16.49 18.75 -15.20
N ARG A 211 -17.55 18.22 -14.61
CA ARG A 211 -17.85 16.78 -14.74
C ARG A 211 -19.14 16.56 -15.53
N THR A 212 -19.21 15.47 -16.31
CA THR A 212 -20.41 15.16 -17.07
C THR A 212 -21.38 14.37 -16.21
N ILE A 213 -22.67 14.68 -16.31
CA ILE A 213 -23.69 14.00 -15.55
C ILE A 213 -24.51 13.21 -16.54
N ASN A 214 -24.48 11.88 -16.43
CA ASN A 214 -25.26 11.03 -17.31
C ASN A 214 -26.46 10.51 -16.54
N ILE A 215 -27.65 10.60 -17.16
CA ILE A 215 -28.88 10.12 -16.56
C ILE A 215 -29.64 9.33 -17.61
N PRO A 216 -29.98 8.04 -17.36
CA PRO A 216 -30.77 7.29 -18.34
C PRO A 216 -32.17 7.90 -18.43
N TYR A 217 -32.43 8.60 -19.53
CA TYR A 217 -33.67 9.34 -19.73
C TYR A 217 -34.28 8.97 -21.06
N PRO A 218 -35.47 8.37 -21.07
CA PRO A 218 -36.11 8.05 -22.35
C PRO A 218 -36.93 9.24 -22.89
N LYS A 219 -36.46 9.86 -23.98
CA LYS A 219 -37.23 10.93 -24.62
C LYS A 219 -38.41 10.30 -25.44
N ALA A 220 -39.38 11.10 -25.93
CA ALA A 220 -40.55 10.56 -26.63
C ALA A 220 -40.22 9.61 -27.79
N GLY A 221 -40.56 8.35 -27.61
CA GLY A 221 -40.31 7.31 -28.60
C GLY A 221 -39.06 6.48 -28.35
N ALA A 222 -38.20 6.89 -27.43
CA ALA A 222 -36.95 6.17 -27.13
C ALA A 222 -37.19 4.87 -26.36
N LYS A 223 -36.18 3.97 -26.23
CA LYS A 223 -36.29 2.70 -25.48
C LYS A 223 -36.64 3.04 -24.02
N ASN A 224 -37.59 2.32 -23.45
CA ASN A 224 -38.05 2.58 -22.09
C ASN A 224 -37.48 1.55 -21.08
N PRO A 225 -37.49 1.87 -19.77
CA PRO A 225 -37.01 0.88 -18.79
C PRO A 225 -37.95 -0.31 -18.66
N VAL A 226 -37.41 -1.46 -18.25
CA VAL A 226 -38.22 -2.66 -18.05
C VAL A 226 -38.42 -2.82 -16.54
N VAL A 227 -39.61 -3.30 -16.12
CA VAL A 227 -39.90 -3.48 -14.70
C VAL A 227 -40.34 -4.92 -14.37
N ARG A 228 -39.90 -5.45 -13.22
CA ARG A 228 -40.26 -6.79 -12.74
C ARG A 228 -40.67 -6.70 -11.26
N ILE A 229 -41.94 -6.96 -10.94
CA ILE A 229 -42.40 -6.83 -9.56
C ILE A 229 -42.26 -8.16 -8.86
N PHE A 230 -41.58 -8.18 -7.69
CA PHE A 230 -41.36 -9.39 -6.94
C PHE A 230 -41.95 -9.27 -5.54
N ILE A 231 -42.37 -10.39 -4.94
CA ILE A 231 -42.86 -10.44 -3.56
C ILE A 231 -42.06 -11.51 -2.82
N ILE A 232 -41.44 -11.14 -1.71
CA ILE A 232 -40.63 -12.08 -0.94
C ILE A 232 -41.21 -12.31 0.45
N ASP A 233 -41.21 -13.57 0.90
CA ASP A 233 -41.69 -13.89 2.24
C ASP A 233 -40.67 -13.35 3.23
N THR A 234 -41.06 -12.41 4.10
CA THR A 234 -40.12 -11.80 5.05
C THR A 234 -39.77 -12.73 6.24
N THR A 235 -40.67 -13.66 6.57
CA THR A 235 -40.45 -14.58 7.67
C THR A 235 -39.40 -15.62 7.29
N TYR A 236 -39.48 -16.18 6.07
CA TYR A 236 -38.51 -17.18 5.60
C TYR A 236 -38.09 -16.85 4.17
N PRO A 237 -37.24 -15.83 3.97
CA PRO A 237 -36.86 -15.46 2.60
C PRO A 237 -35.98 -16.48 1.87
N ALA A 238 -35.21 -17.24 2.62
CA ALA A 238 -34.31 -18.24 2.05
C ALA A 238 -35.03 -19.52 1.57
N TYR A 239 -36.28 -19.76 2.01
CA TYR A 239 -37.01 -20.96 1.63
C TYR A 239 -37.27 -21.08 0.11
N VAL A 240 -38.03 -20.17 -0.47
CA VAL A 240 -38.34 -20.22 -1.90
C VAL A 240 -37.81 -18.96 -2.67
N GLY A 241 -37.37 -17.94 -1.96
CA GLY A 241 -36.85 -16.73 -2.58
C GLY A 241 -37.95 -15.81 -3.10
N PRO A 242 -37.54 -14.71 -3.73
CA PRO A 242 -38.50 -13.76 -4.29
C PRO A 242 -39.26 -14.29 -5.51
N GLN A 243 -40.59 -14.18 -5.52
CA GLN A 243 -41.41 -14.67 -6.63
C GLN A 243 -41.86 -13.50 -7.50
N GLU A 244 -41.72 -13.60 -8.84
CA GLU A 244 -42.19 -12.53 -9.72
C GLU A 244 -43.70 -12.59 -9.86
N VAL A 245 -44.36 -11.42 -9.90
CA VAL A 245 -45.81 -11.26 -10.04
C VAL A 245 -46.20 -11.35 -11.52
N PRO A 246 -47.09 -12.28 -11.87
CA PRO A 246 -47.48 -12.43 -13.29
C PRO A 246 -48.12 -11.20 -13.93
N VAL A 247 -47.52 -10.71 -15.02
CA VAL A 247 -48.04 -9.58 -15.78
C VAL A 247 -49.21 -10.05 -16.66
N PRO A 248 -50.33 -9.29 -16.68
CA PRO A 248 -51.49 -9.72 -17.51
C PRO A 248 -51.15 -9.93 -18.97
N ALA A 249 -51.81 -10.89 -19.63
CA ALA A 249 -51.56 -11.24 -21.04
C ALA A 249 -51.69 -10.07 -22.00
N MET A 250 -52.66 -9.19 -21.78
CA MET A 250 -52.87 -8.04 -22.67
C MET A 250 -51.92 -6.86 -22.39
N ILE A 251 -51.30 -6.83 -21.21
CA ILE A 251 -50.35 -5.77 -20.83
C ILE A 251 -48.96 -6.11 -21.39
N ALA A 252 -48.54 -7.38 -21.23
CA ALA A 252 -47.25 -7.88 -21.69
C ALA A 252 -47.11 -7.99 -23.21
N SER A 253 -48.24 -7.94 -23.96
CA SER A 253 -48.26 -8.04 -25.42
C SER A 253 -47.36 -7.01 -26.12
N SER A 254 -47.15 -5.85 -25.47
CA SER A 254 -46.31 -4.76 -25.97
C SER A 254 -45.60 -4.05 -24.77
N ASP A 255 -44.98 -2.86 -24.97
CA ASP A 255 -44.33 -2.16 -23.87
C ASP A 255 -45.36 -1.76 -22.82
N TYR A 256 -44.95 -1.78 -21.54
CA TYR A 256 -45.86 -1.46 -20.47
C TYR A 256 -45.19 -0.70 -19.34
N TYR A 257 -46.03 -0.09 -18.54
CA TYR A 257 -45.59 0.63 -17.37
C TYR A 257 -46.21 -0.03 -16.14
N PHE A 258 -45.54 0.07 -15.00
CA PHE A 258 -46.09 -0.38 -13.74
C PHE A 258 -46.69 0.90 -13.14
N SER A 259 -47.99 0.89 -12.82
CA SER A 259 -48.66 2.07 -12.30
C SER A 259 -48.54 2.22 -10.78
N TRP A 260 -48.96 1.19 -10.01
CA TRP A 260 -48.90 1.23 -8.54
C TRP A 260 -49.25 -0.11 -7.91
N LEU A 261 -48.81 -0.34 -6.65
CA LEU A 261 -49.14 -1.54 -5.91
C LEU A 261 -49.95 -1.21 -4.65
N THR A 262 -51.03 -1.94 -4.41
CA THR A 262 -51.91 -1.78 -3.26
C THR A 262 -52.13 -3.12 -2.52
N TRP A 263 -51.62 -3.25 -1.29
CA TRP A 263 -51.83 -4.46 -0.50
C TRP A 263 -53.26 -4.50 0.01
N VAL A 264 -53.93 -5.64 -0.09
CA VAL A 264 -55.32 -5.76 0.39
C VAL A 264 -55.31 -6.49 1.74
N THR A 265 -54.84 -7.74 1.76
CA THR A 265 -54.60 -8.56 2.95
C THR A 265 -53.17 -9.15 2.81
N ASP A 266 -52.68 -9.90 3.82
CA ASP A 266 -51.38 -10.54 3.71
C ASP A 266 -51.31 -11.62 2.64
N GLU A 267 -52.45 -12.09 2.15
CA GLU A 267 -52.47 -13.08 1.07
C GLU A 267 -53.13 -12.55 -0.21
N ARG A 268 -53.26 -11.21 -0.35
CA ARG A 268 -53.90 -10.64 -1.53
C ARG A 268 -53.33 -9.27 -1.85
N VAL A 269 -52.85 -9.10 -3.07
CA VAL A 269 -52.26 -7.83 -3.48
C VAL A 269 -52.85 -7.37 -4.82
N CYS A 270 -52.97 -6.06 -5.00
CA CYS A 270 -53.57 -5.45 -6.17
C CYS A 270 -52.52 -4.64 -6.92
N LEU A 271 -52.27 -4.99 -8.19
CA LEU A 271 -51.29 -4.29 -9.00
C LEU A 271 -51.96 -3.58 -10.15
N GLN A 272 -51.49 -2.38 -10.49
CA GLN A 272 -52.06 -1.64 -11.61
C GLN A 272 -51.04 -1.52 -12.71
N TRP A 273 -51.45 -1.83 -13.94
CA TRP A 273 -50.58 -1.77 -15.10
C TRP A 273 -51.11 -0.76 -16.11
N LEU A 274 -50.22 -0.16 -16.90
CA LEU A 274 -50.63 0.85 -17.87
C LEU A 274 -49.89 0.60 -19.16
N LYS A 275 -50.59 0.20 -20.25
CA LYS A 275 -49.96 -0.05 -21.55
C LYS A 275 -49.17 1.18 -22.03
N ARG A 276 -48.06 1.01 -22.77
CA ARG A 276 -47.25 2.16 -23.21
C ARG A 276 -48.10 3.23 -23.92
N VAL A 277 -49.11 2.76 -24.67
CA VAL A 277 -50.13 3.62 -25.27
C VAL A 277 -51.05 3.79 -24.06
N GLN A 278 -50.90 4.89 -23.31
CA GLN A 278 -51.54 5.14 -22.02
C GLN A 278 -53.06 5.41 -22.04
N ASN A 279 -53.80 4.78 -22.95
CA ASN A 279 -55.26 4.89 -22.98
C ASN A 279 -55.95 3.62 -22.40
N VAL A 280 -55.19 2.67 -21.84
CA VAL A 280 -55.77 1.45 -21.31
C VAL A 280 -54.94 0.91 -20.13
N SER A 281 -55.58 0.84 -18.95
CA SER A 281 -54.95 0.35 -17.74
C SER A 281 -55.63 -0.92 -17.24
N VAL A 282 -54.90 -1.77 -16.51
CA VAL A 282 -55.42 -3.03 -15.99
C VAL A 282 -55.19 -3.13 -14.50
N LEU A 283 -56.26 -3.44 -13.75
CA LEU A 283 -56.20 -3.61 -12.31
C LEU A 283 -56.25 -5.11 -12.05
N SER A 284 -55.10 -5.70 -11.75
CA SER A 284 -54.97 -7.12 -11.54
C SER A 284 -54.92 -7.45 -10.06
N ILE A 285 -55.77 -8.38 -9.59
CA ILE A 285 -55.76 -8.80 -8.19
C ILE A 285 -55.14 -10.19 -8.12
N CYS A 286 -54.05 -10.34 -7.33
CA CYS A 286 -53.31 -11.59 -7.17
C CYS A 286 -53.47 -12.17 -5.77
N ASP A 287 -53.67 -13.48 -5.68
CA ASP A 287 -53.82 -14.15 -4.41
C ASP A 287 -52.66 -15.09 -4.15
N PHE A 288 -52.23 -15.20 -2.90
CA PHE A 288 -51.13 -16.09 -2.55
C PHE A 288 -51.60 -17.55 -2.51
N ARG A 289 -50.81 -18.47 -3.07
CA ARG A 289 -51.19 -19.89 -3.06
C ARG A 289 -50.23 -20.71 -2.18
N GLU A 290 -50.76 -21.71 -1.45
CA GLU A 290 -49.98 -22.52 -0.51
C GLU A 290 -49.29 -23.72 -1.14
N ASP A 291 -49.83 -24.24 -2.25
CA ASP A 291 -49.22 -25.41 -2.90
C ASP A 291 -48.00 -25.05 -3.77
N TRP A 292 -47.87 -23.78 -4.18
CA TRP A 292 -46.74 -23.36 -5.01
C TRP A 292 -45.87 -22.29 -4.36
N GLN A 293 -46.33 -21.66 -3.26
CA GLN A 293 -45.62 -20.57 -2.57
C GLN A 293 -45.35 -19.34 -3.48
N THR A 294 -46.17 -19.16 -4.50
CA THR A 294 -46.08 -18.07 -5.46
C THR A 294 -47.44 -17.31 -5.52
N TRP A 295 -47.57 -16.29 -6.39
CA TRP A 295 -48.79 -15.51 -6.48
C TRP A 295 -49.60 -15.81 -7.74
N ASP A 296 -50.84 -16.27 -7.57
CA ASP A 296 -51.72 -16.60 -8.68
C ASP A 296 -52.55 -15.38 -9.11
N CYS A 297 -52.53 -15.06 -10.39
CA CYS A 297 -53.29 -13.93 -10.92
C CYS A 297 -54.27 -14.43 -11.98
N PRO A 298 -55.54 -14.64 -11.58
CA PRO A 298 -56.52 -15.16 -12.54
C PRO A 298 -57.03 -14.11 -13.52
N LYS A 299 -57.49 -14.54 -14.70
CA LYS A 299 -58.08 -13.66 -15.71
C LYS A 299 -59.37 -13.01 -15.16
N THR A 300 -60.12 -13.75 -14.32
CA THR A 300 -61.36 -13.30 -13.68
C THR A 300 -61.15 -12.10 -12.73
N GLN A 301 -59.90 -11.85 -12.30
CA GLN A 301 -59.61 -10.74 -11.40
C GLN A 301 -58.85 -9.59 -12.09
N GLU A 302 -59.00 -9.47 -13.42
CA GLU A 302 -58.37 -8.40 -14.21
C GLU A 302 -59.45 -7.39 -14.56
N HIS A 303 -59.33 -6.15 -14.09
CA HIS A 303 -60.33 -5.14 -14.37
C HIS A 303 -59.78 -4.07 -15.32
N ILE A 304 -60.23 -4.07 -16.57
CA ILE A 304 -59.77 -3.10 -17.57
C ILE A 304 -60.46 -1.75 -17.44
N GLU A 305 -59.67 -0.67 -17.54
CA GLU A 305 -60.16 0.69 -17.51
C GLU A 305 -59.56 1.39 -18.75
N GLU A 306 -60.36 1.60 -19.80
CA GLU A 306 -59.85 2.22 -21.02
C GLU A 306 -60.57 3.52 -21.36
N SER A 307 -59.90 4.38 -22.14
CA SER A 307 -60.42 5.69 -22.55
C SER A 307 -60.40 5.85 -24.08
N ARG A 308 -61.56 5.82 -24.73
CA ARG A 308 -61.65 5.96 -26.19
C ARG A 308 -61.45 7.39 -26.68
N THR A 309 -61.68 8.39 -25.81
CA THR A 309 -61.56 9.80 -26.14
C THR A 309 -60.16 10.33 -25.88
N GLY A 310 -59.52 9.86 -24.81
CA GLY A 310 -58.19 10.30 -24.44
C GLY A 310 -57.36 9.27 -23.69
N TRP A 311 -56.74 9.68 -22.58
CA TRP A 311 -55.85 8.86 -21.78
C TRP A 311 -56.49 8.30 -20.52
N ALA A 312 -55.95 7.20 -19.98
CA ALA A 312 -56.51 6.57 -18.78
C ALA A 312 -56.18 7.35 -17.50
N GLY A 313 -57.20 7.97 -16.91
CA GLY A 313 -57.03 8.74 -15.68
C GLY A 313 -56.79 10.23 -15.87
N GLY A 314 -55.72 10.70 -15.25
CA GLY A 314 -55.28 12.10 -15.28
C GLY A 314 -53.77 12.11 -15.18
N PHE A 315 -53.20 12.68 -14.09
CA PHE A 315 -51.75 12.59 -13.91
C PHE A 315 -51.36 11.14 -13.56
N PHE A 316 -52.23 10.43 -12.86
CA PHE A 316 -52.00 9.03 -12.52
C PHE A 316 -53.28 8.25 -12.80
N VAL A 317 -53.16 6.92 -12.82
CA VAL A 317 -54.33 6.05 -12.93
C VAL A 317 -54.79 5.90 -11.48
N SER A 318 -56.01 6.36 -11.16
CA SER A 318 -56.55 6.33 -9.80
C SER A 318 -56.42 4.98 -9.08
N THR A 319 -56.02 5.03 -7.81
CA THR A 319 -55.81 3.83 -7.02
C THR A 319 -57.12 3.41 -6.33
N PRO A 320 -57.36 2.10 -6.21
CA PRO A 320 -58.58 1.65 -5.55
C PRO A 320 -58.47 1.69 -4.03
N VAL A 321 -59.62 1.88 -3.36
CA VAL A 321 -59.67 1.91 -1.91
C VAL A 321 -60.60 0.74 -1.56
N PHE A 322 -60.08 -0.34 -0.94
CA PHE A 322 -60.85 -1.56 -0.67
C PHE A 322 -61.76 -1.55 0.55
N SER A 323 -62.85 -2.31 0.44
CA SER A 323 -63.81 -2.45 1.52
C SER A 323 -63.26 -3.37 2.61
N TYR A 324 -63.95 -3.43 3.75
CA TYR A 324 -63.58 -4.27 4.88
C TYR A 324 -63.54 -5.76 4.45
N ASP A 325 -64.41 -6.16 3.50
CA ASP A 325 -64.49 -7.53 2.96
C ASP A 325 -63.28 -7.95 2.13
N ALA A 326 -62.46 -6.98 1.71
CA ALA A 326 -61.24 -7.16 0.92
C ALA A 326 -61.44 -7.81 -0.46
N ILE A 327 -62.67 -7.80 -0.97
CA ILE A 327 -62.96 -8.35 -2.29
C ILE A 327 -63.43 -7.24 -3.23
N SER A 328 -64.26 -6.31 -2.72
CA SER A 328 -64.77 -5.17 -3.49
C SER A 328 -63.95 -3.91 -3.21
N TYR A 329 -64.07 -2.88 -4.07
CA TYR A 329 -63.32 -1.64 -3.90
C TYR A 329 -64.04 -0.41 -4.45
N TYR A 330 -63.54 0.78 -4.11
CA TYR A 330 -64.06 2.04 -4.61
C TYR A 330 -62.95 2.69 -5.43
N LYS A 331 -63.29 3.18 -6.62
CA LYS A 331 -62.30 3.80 -7.50
C LYS A 331 -62.92 5.01 -8.21
N ILE A 332 -62.11 6.05 -8.48
CA ILE A 332 -62.60 7.23 -9.20
C ILE A 332 -62.26 7.07 -10.68
N PHE A 333 -63.27 7.16 -11.56
CA PHE A 333 -63.10 7.11 -13.01
C PHE A 333 -64.33 7.71 -13.73
N SER A 334 -64.18 8.11 -14.99
CA SER A 334 -65.24 8.75 -15.75
C SER A 334 -66.53 7.98 -15.85
N ASP A 335 -67.65 8.71 -15.79
CA ASP A 335 -68.98 8.12 -15.92
C ASP A 335 -69.43 8.14 -17.41
N LYS A 336 -70.74 7.90 -17.68
CA LYS A 336 -71.29 7.91 -19.03
C LYS A 336 -71.14 9.31 -19.64
N ASP A 337 -71.49 10.36 -18.85
CA ASP A 337 -71.41 11.76 -19.28
C ASP A 337 -69.99 12.34 -19.40
N GLY A 338 -69.00 11.63 -18.88
CA GLY A 338 -67.63 12.08 -18.96
C GLY A 338 -67.09 12.76 -17.72
N TYR A 339 -67.76 12.59 -16.57
CA TYR A 339 -67.27 13.18 -15.32
C TYR A 339 -66.66 12.14 -14.40
N LYS A 340 -65.44 12.38 -13.91
CA LYS A 340 -64.74 11.46 -13.03
C LYS A 340 -65.40 11.41 -11.67
N HIS A 341 -66.16 10.32 -11.41
CA HIS A 341 -66.91 10.08 -10.19
C HIS A 341 -66.52 8.76 -9.50
N ILE A 342 -66.89 8.60 -8.22
CA ILE A 342 -66.61 7.40 -7.45
C ILE A 342 -67.51 6.27 -7.88
N HIS A 343 -66.93 5.11 -8.17
CA HIS A 343 -67.71 3.91 -8.49
C HIS A 343 -67.38 2.79 -7.49
N TYR A 344 -68.29 1.82 -7.34
CA TYR A 344 -68.12 0.70 -6.41
C TYR A 344 -68.10 -0.62 -7.19
N ILE A 345 -66.94 -1.28 -7.23
CA ILE A 345 -66.79 -2.51 -7.97
C ILE A 345 -66.68 -3.74 -7.10
N LYS A 346 -67.63 -4.66 -7.22
CA LYS A 346 -67.57 -5.92 -6.48
C LYS A 346 -66.93 -6.99 -7.42
N ASP A 347 -67.76 -7.60 -8.29
CA ASP A 347 -67.33 -8.64 -9.22
C ASP A 347 -66.61 -8.12 -10.47
N THR A 348 -67.34 -7.42 -11.34
CA THR A 348 -66.84 -6.97 -12.62
C THR A 348 -67.10 -5.49 -12.84
N VAL A 349 -66.32 -4.89 -13.74
CA VAL A 349 -66.41 -3.48 -14.09
C VAL A 349 -67.80 -3.19 -14.68
N GLU A 350 -68.34 -4.09 -15.53
CA GLU A 350 -69.67 -3.94 -16.15
C GLU A 350 -70.76 -3.65 -15.09
N ASN A 351 -70.72 -4.37 -13.96
CA ASN A 351 -71.66 -4.20 -12.86
C ASN A 351 -71.23 -3.15 -11.84
N ALA A 352 -70.40 -2.14 -12.22
CA ALA A 352 -69.99 -1.11 -11.27
C ALA A 352 -71.17 -0.21 -10.92
N ILE A 353 -71.26 0.19 -9.65
CA ILE A 353 -72.35 1.05 -9.20
C ILE A 353 -71.81 2.47 -9.04
N GLN A 354 -72.44 3.47 -9.68
CA GLN A 354 -71.98 4.84 -9.55
C GLN A 354 -72.40 5.44 -8.20
N ILE A 355 -71.42 5.79 -7.35
CA ILE A 355 -71.64 6.33 -6.02
C ILE A 355 -71.94 7.84 -6.04
N THR A 356 -71.15 8.63 -6.79
CA THR A 356 -71.35 10.08 -6.94
C THR A 356 -71.66 10.42 -8.41
N SER A 357 -72.44 11.48 -8.68
CA SER A 357 -72.77 11.86 -10.05
C SER A 357 -73.06 13.38 -10.20
N GLY A 358 -72.96 13.90 -11.42
CA GLY A 358 -73.25 15.30 -11.67
C GLY A 358 -72.20 16.01 -12.50
N LYS A 359 -72.43 17.28 -12.81
CA LYS A 359 -71.49 18.07 -13.61
C LYS A 359 -70.42 18.72 -12.73
N TRP A 360 -69.68 17.87 -12.03
CA TRP A 360 -68.57 18.14 -11.12
C TRP A 360 -67.78 16.83 -10.94
N GLU A 361 -66.55 16.92 -10.44
CA GLU A 361 -65.75 15.70 -10.28
C GLU A 361 -65.39 15.37 -8.85
N ALA A 362 -65.24 14.07 -8.57
CA ALA A 362 -64.77 13.56 -7.29
C ALA A 362 -63.25 13.52 -7.47
N ILE A 363 -62.50 14.18 -6.59
CA ILE A 363 -61.04 14.28 -6.75
C ILE A 363 -60.29 13.11 -6.06
N ASN A 364 -60.54 12.86 -4.76
CA ASN A 364 -59.83 11.80 -4.05
C ASN A 364 -60.66 11.12 -3.00
N ILE A 365 -60.45 9.80 -2.82
CA ILE A 365 -61.10 9.03 -1.77
C ILE A 365 -60.09 8.97 -0.61
N PHE A 366 -60.42 9.56 0.52
CA PHE A 366 -59.53 9.61 1.69
C PHE A 366 -59.56 8.40 2.57
N ARG A 367 -60.75 7.82 2.74
CA ARG A 367 -60.91 6.68 3.62
C ARG A 367 -62.18 5.92 3.36
N VAL A 368 -62.09 4.60 3.36
CA VAL A 368 -63.26 3.74 3.23
C VAL A 368 -63.39 2.96 4.53
N THR A 369 -64.32 3.38 5.40
CA THR A 369 -64.51 2.71 6.68
C THR A 369 -65.65 1.65 6.56
N GLN A 370 -66.06 1.05 7.69
CA GLN A 370 -67.12 0.07 7.77
C GLN A 370 -68.47 0.70 7.40
N ASP A 371 -68.69 1.98 7.75
CA ASP A 371 -69.97 2.63 7.48
C ASP A 371 -69.87 4.00 6.80
N SER A 372 -68.66 4.56 6.67
CA SER A 372 -68.49 5.88 6.07
C SER A 372 -67.49 5.84 4.90
N LEU A 373 -67.56 6.83 4.01
CA LEU A 373 -66.63 6.98 2.90
C LEU A 373 -66.34 8.46 2.85
N PHE A 374 -65.06 8.83 2.92
CA PHE A 374 -64.68 10.23 2.86
C PHE A 374 -64.02 10.53 1.54
N TYR A 375 -64.35 11.68 0.95
CA TYR A 375 -63.78 12.09 -0.31
C TYR A 375 -63.80 13.61 -0.50
N SER A 376 -63.01 14.14 -1.44
CA SER A 376 -62.97 15.56 -1.73
C SER A 376 -63.61 15.82 -3.09
N SER A 377 -64.27 16.98 -3.28
CA SER A 377 -64.89 17.28 -4.57
C SER A 377 -65.04 18.78 -4.86
N ASN A 378 -65.47 19.10 -6.10
CA ASN A 378 -65.76 20.43 -6.65
C ASN A 378 -67.17 20.91 -6.32
N GLU A 379 -68.13 19.96 -6.25
CA GLU A 379 -69.55 20.15 -6.07
C GLU A 379 -70.00 21.48 -5.43
N PHE A 380 -69.50 21.86 -4.24
CA PHE A 380 -69.95 23.05 -3.53
C PHE A 380 -70.03 24.32 -4.35
N GLU A 381 -71.25 24.85 -4.50
CA GLU A 381 -71.57 26.09 -5.22
C GLU A 381 -71.05 26.12 -6.67
N GLU A 382 -70.77 24.94 -7.27
CA GLU A 382 -70.33 24.80 -8.66
C GLU A 382 -69.02 25.54 -9.01
N TYR A 383 -68.05 25.56 -8.11
CA TYR A 383 -66.75 26.19 -8.37
C TYR A 383 -65.71 25.10 -8.56
N PRO A 384 -65.15 24.96 -9.76
CA PRO A 384 -64.15 23.91 -10.00
C PRO A 384 -62.80 24.09 -9.30
N GLY A 385 -62.55 25.28 -8.75
CA GLY A 385 -61.29 25.56 -8.08
C GLY A 385 -61.28 25.36 -6.58
N ARG A 386 -62.43 25.04 -5.98
CA ARG A 386 -62.55 24.77 -4.55
C ARG A 386 -62.41 23.25 -4.27
N ARG A 387 -62.01 22.88 -3.04
CA ARG A 387 -61.93 21.48 -2.58
C ARG A 387 -62.63 21.36 -1.25
N ASN A 388 -63.67 20.53 -1.16
CA ASN A 388 -64.38 20.33 0.10
C ASN A 388 -64.44 18.85 0.48
N ILE A 389 -64.42 18.53 1.78
CA ILE A 389 -64.52 17.14 2.21
C ILE A 389 -66.00 16.72 2.46
N TYR A 390 -66.39 15.62 1.84
CA TYR A 390 -67.70 15.02 1.93
C TYR A 390 -67.62 13.67 2.64
N ARG A 391 -68.74 13.28 3.24
CA ARG A 391 -68.83 12.08 4.02
C ARG A 391 -70.11 11.37 3.61
N ILE A 392 -70.03 10.20 2.95
CA ILE A 392 -71.24 9.48 2.55
C ILE A 392 -71.33 8.13 3.22
N SER A 393 -72.54 7.72 3.57
CA SER A 393 -72.78 6.47 4.26
C SER A 393 -72.73 5.28 3.34
N ILE A 394 -72.28 4.15 3.89
CA ILE A 394 -72.25 2.88 3.18
C ILE A 394 -73.02 1.83 4.01
N GLY A 395 -73.87 1.02 3.37
CA GLY A 395 -74.59 -0.04 4.05
C GLY A 395 -75.91 0.31 4.70
N SER A 396 -76.09 1.58 5.13
CA SER A 396 -77.34 1.99 5.77
C SER A 396 -78.46 2.12 4.73
N TYR A 397 -79.69 1.69 5.08
CA TYR A 397 -80.87 1.72 4.19
C TYR A 397 -81.09 3.16 3.67
N PRO A 398 -81.55 4.17 4.46
CA PRO A 398 -81.63 5.54 3.91
C PRO A 398 -80.22 6.14 3.93
N PRO A 399 -79.69 6.49 2.75
CA PRO A 399 -78.30 6.99 2.71
C PRO A 399 -78.12 8.39 3.24
N SER A 400 -76.90 8.69 3.69
CA SER A 400 -76.55 10.02 4.18
C SER A 400 -75.45 10.61 3.29
N LYS A 401 -75.35 11.94 3.28
CA LYS A 401 -74.32 12.66 2.55
C LYS A 401 -74.11 13.97 3.28
N LYS A 402 -72.91 14.18 3.81
CA LYS A 402 -72.60 15.36 4.61
C LYS A 402 -71.39 16.10 4.10
N CYS A 403 -71.52 17.42 3.87
CA CYS A 403 -70.36 18.23 3.55
C CYS A 403 -69.81 18.73 4.86
N VAL A 404 -68.65 18.20 5.26
CA VAL A 404 -68.06 18.55 6.54
C VAL A 404 -67.56 19.99 6.57
N THR A 405 -66.90 20.40 5.49
CA THR A 405 -66.20 21.66 5.41
C THR A 405 -66.87 22.82 4.67
N CYS A 406 -67.96 22.56 3.94
CA CYS A 406 -68.70 23.60 3.22
C CYS A 406 -68.95 24.88 4.02
N HIS A 407 -69.52 24.75 5.22
CA HIS A 407 -69.81 25.89 6.07
C HIS A 407 -69.03 25.87 7.37
N LEU A 408 -67.88 25.19 7.42
CA LEU A 408 -67.04 25.14 8.62
C LEU A 408 -66.55 26.57 8.93
N ARG A 409 -66.03 27.25 7.89
CA ARG A 409 -65.58 28.63 7.89
C ARG A 409 -65.75 29.03 6.41
N LYS A 410 -66.97 29.37 5.99
CA LYS A 410 -67.28 29.61 4.58
C LYS A 410 -66.46 30.69 3.87
N GLU A 411 -66.39 31.91 4.42
CA GLU A 411 -65.65 32.99 3.77
C GLU A 411 -64.13 32.72 3.70
N ARG A 412 -63.57 32.23 4.79
CA ARG A 412 -62.13 31.97 4.91
C ARG A 412 -61.64 30.68 4.25
N CYS A 413 -62.44 29.62 4.32
CA CYS A 413 -61.98 28.30 3.90
C CYS A 413 -62.84 27.58 2.89
N GLN A 414 -62.29 27.36 1.70
CA GLN A 414 -62.94 26.63 0.63
C GLN A 414 -61.96 25.71 -0.16
N TYR A 415 -60.82 25.37 0.43
CA TYR A 415 -59.85 24.50 -0.22
C TYR A 415 -59.23 23.66 0.87
N TYR A 416 -59.80 22.50 1.12
CA TYR A 416 -59.35 21.62 2.18
C TYR A 416 -58.70 20.32 1.68
N THR A 417 -57.93 19.72 2.57
CA THR A 417 -57.34 18.40 2.49
C THR A 417 -57.53 17.74 3.87
N ALA A 418 -57.62 16.41 3.91
CA ALA A 418 -57.82 15.70 5.17
C ALA A 418 -56.73 14.66 5.41
N SER A 419 -56.50 14.30 6.68
CA SER A 419 -55.52 13.32 7.15
C SER A 419 -56.20 12.48 8.22
N PHE A 420 -56.42 11.18 7.95
CA PHE A 420 -57.15 10.33 8.89
C PHE A 420 -56.31 9.54 9.91
N SER A 421 -56.77 9.52 11.17
CA SER A 421 -56.11 8.69 12.18
C SER A 421 -56.44 7.22 11.90
N ASP A 422 -55.75 6.26 12.58
CA ASP A 422 -56.03 4.85 12.37
C ASP A 422 -57.50 4.49 12.58
N TYR A 423 -58.15 4.01 11.49
CA TYR A 423 -59.57 3.61 11.45
C TYR A 423 -60.53 4.79 11.54
N ALA A 424 -60.05 5.99 11.15
CA ALA A 424 -60.79 7.24 11.12
C ALA A 424 -61.49 7.59 12.45
N LYS A 425 -60.84 7.26 13.58
CA LYS A 425 -61.41 7.60 14.89
C LYS A 425 -61.47 9.12 15.06
N TYR A 426 -60.42 9.82 14.57
CA TYR A 426 -60.26 11.27 14.55
C TYR A 426 -59.62 11.65 13.20
N TYR A 427 -59.75 12.92 12.80
CA TYR A 427 -59.12 13.38 11.57
C TYR A 427 -58.76 14.84 11.61
N ALA A 428 -57.87 15.26 10.73
CA ALA A 428 -57.42 16.64 10.68
C ALA A 428 -57.74 17.24 9.31
N LEU A 429 -58.21 18.49 9.30
CA LEU A 429 -58.52 19.18 8.06
C LEU A 429 -57.55 20.31 7.92
N VAL A 430 -56.91 20.41 6.77
CA VAL A 430 -56.00 21.49 6.47
C VAL A 430 -56.62 22.37 5.41
N CYS A 431 -56.96 23.59 5.78
CA CYS A 431 -57.53 24.59 4.89
C CYS A 431 -56.35 25.37 4.31
N TYR A 432 -56.30 25.48 2.98
CA TYR A 432 -55.22 26.18 2.29
C TYR A 432 -55.60 27.57 1.75
N GLY A 433 -56.89 27.93 1.83
CA GLY A 433 -57.37 29.21 1.35
C GLY A 433 -58.86 29.24 1.10
N PRO A 434 -59.43 30.32 0.50
CA PRO A 434 -58.76 31.55 0.02
C PRO A 434 -58.13 32.41 1.12
N GLY A 435 -58.70 32.38 2.31
CA GLY A 435 -58.18 33.13 3.46
C GLY A 435 -56.91 32.52 4.02
N ILE A 436 -56.48 33.00 5.20
CA ILE A 436 -55.26 32.49 5.83
C ILE A 436 -55.42 31.01 6.20
N PRO A 437 -54.52 30.15 5.73
CA PRO A 437 -54.65 28.71 6.02
C PRO A 437 -54.82 28.33 7.49
N ILE A 438 -55.70 27.37 7.77
CA ILE A 438 -55.94 26.92 9.14
C ILE A 438 -56.04 25.39 9.23
N SER A 439 -55.33 24.81 10.21
CA SER A 439 -55.35 23.38 10.42
C SER A 439 -56.14 23.11 11.70
N THR A 440 -57.17 22.26 11.60
CA THR A 440 -58.02 21.91 12.75
C THR A 440 -58.08 20.38 12.94
N LEU A 441 -58.56 19.92 14.11
CA LEU A 441 -58.66 18.50 14.40
C LEU A 441 -60.12 18.18 14.77
N HIS A 442 -60.72 17.19 14.10
CA HIS A 442 -62.12 16.82 14.30
C HIS A 442 -62.35 15.39 14.77
N ASP A 443 -63.51 15.14 15.37
CA ASP A 443 -63.97 13.84 15.84
C ASP A 443 -64.44 13.08 14.61
N GLY A 444 -63.94 11.86 14.43
CA GLY A 444 -64.30 11.06 13.27
C GLY A 444 -65.72 10.54 13.22
N ARG A 445 -66.47 10.68 14.32
CA ARG A 445 -67.84 10.18 14.36
C ARG A 445 -68.88 11.27 14.21
N THR A 446 -68.62 12.43 14.81
CA THR A 446 -69.54 13.55 14.77
C THR A 446 -69.08 14.70 13.87
N ASP A 447 -67.83 14.65 13.36
CA ASP A 447 -67.21 15.70 12.54
C ASP A 447 -66.96 17.02 13.31
N GLN A 448 -67.21 17.05 14.64
CA GLN A 448 -67.06 18.25 15.44
C GLN A 448 -65.63 18.61 15.66
N GLU A 449 -65.32 19.90 15.66
CA GLU A 449 -63.97 20.41 15.83
C GLU A 449 -63.60 20.33 17.30
N ILE A 450 -62.52 19.59 17.62
CA ILE A 450 -62.03 19.39 18.99
C ILE A 450 -61.04 20.48 19.38
N LYS A 451 -60.07 20.76 18.50
CA LYS A 451 -59.06 21.78 18.76
C LYS A 451 -58.47 22.39 17.47
N ILE A 452 -57.85 23.56 17.58
CA ILE A 452 -57.20 24.21 16.44
C ILE A 452 -55.71 23.84 16.48
N LEU A 453 -55.23 23.08 15.48
CA LEU A 453 -53.85 22.64 15.45
C LEU A 453 -52.88 23.78 15.13
N GLU A 454 -53.15 24.52 14.05
CA GLU A 454 -52.35 25.67 13.62
C GLU A 454 -53.33 26.74 13.10
N GLU A 455 -53.47 27.85 13.80
CA GLU A 455 -54.40 28.91 13.42
C GLU A 455 -53.74 29.98 12.50
N ASN A 456 -52.40 30.12 12.59
CA ASN A 456 -51.62 31.10 11.82
C ASN A 456 -51.86 32.53 12.28
N LYS A 457 -51.78 32.75 13.60
CA LYS A 457 -51.99 34.10 14.15
C LYS A 457 -50.78 35.02 13.95
N GLU A 458 -49.59 34.45 13.74
CA GLU A 458 -48.38 35.24 13.51
C GLU A 458 -48.46 35.92 12.14
N LEU A 459 -48.89 35.16 11.11
CA LEU A 459 -49.05 35.66 9.75
C LEU A 459 -50.23 36.65 9.65
N GLU A 460 -51.29 36.43 10.42
CA GLU A 460 -52.46 37.30 10.44
C GLU A 460 -52.12 38.69 10.96
N ASN A 461 -51.26 38.76 11.98
CA ASN A 461 -50.83 40.02 12.56
C ASN A 461 -49.79 40.72 11.66
N ALA A 462 -48.92 39.94 11.00
CA ALA A 462 -47.91 40.50 10.12
C ALA A 462 -48.53 41.17 8.90
N LEU A 463 -49.57 40.57 8.35
CA LEU A 463 -50.27 41.10 7.18
C LEU A 463 -51.20 42.28 7.47
N LYS A 464 -51.32 42.72 8.74
CA LYS A 464 -52.21 43.83 9.11
C LYS A 464 -51.88 45.12 8.40
N ASN A 465 -50.58 45.44 8.33
CA ASN A 465 -50.11 46.67 7.70
C ASN A 465 -49.73 46.49 6.23
N ILE A 466 -50.17 45.40 5.59
CA ILE A 466 -49.81 45.15 4.20
C ILE A 466 -51.02 45.34 3.28
N GLN A 467 -50.79 45.98 2.13
CA GLN A 467 -51.81 46.22 1.11
C GLN A 467 -51.86 45.02 0.15
N LEU A 468 -52.49 43.90 0.56
CA LEU A 468 -52.59 42.74 -0.31
C LEU A 468 -53.58 42.95 -1.44
N PRO A 469 -53.26 42.46 -2.65
CA PRO A 469 -54.19 42.62 -3.77
C PRO A 469 -55.48 41.81 -3.61
N LYS A 470 -56.56 42.21 -4.30
CA LYS A 470 -57.81 41.47 -4.22
C LYS A 470 -57.84 40.37 -5.29
N GLU A 471 -58.15 39.12 -4.90
CA GLU A 471 -58.18 37.98 -5.82
C GLU A 471 -59.62 37.60 -6.13
N GLU A 472 -59.95 37.47 -7.43
CA GLU A 472 -61.32 37.15 -7.82
C GLU A 472 -61.39 35.98 -8.80
N ILE A 473 -62.17 34.95 -8.47
CA ILE A 473 -62.34 33.80 -9.34
C ILE A 473 -63.68 33.87 -10.03
N LYS A 474 -63.66 34.19 -11.33
CA LYS A 474 -64.87 34.33 -12.16
C LYS A 474 -64.73 33.45 -13.43
N LYS A 475 -65.78 33.42 -14.28
CA LYS A 475 -65.71 32.65 -15.51
C LYS A 475 -66.17 33.43 -16.73
N LEU A 476 -65.62 33.06 -17.89
CA LEU A 476 -65.97 33.63 -19.19
C LEU A 476 -66.63 32.53 -20.02
N GLU A 477 -67.63 32.87 -20.83
CA GLU A 477 -68.31 31.86 -21.64
C GLU A 477 -68.25 32.20 -23.12
N VAL A 478 -67.22 31.73 -23.82
CA VAL A 478 -67.03 32.00 -25.24
C VAL A 478 -67.11 30.73 -26.09
N ASP A 479 -67.95 30.76 -27.15
CA ASP A 479 -68.14 29.65 -28.10
C ASP A 479 -68.29 28.27 -27.43
N GLU A 480 -69.25 28.15 -26.49
CA GLU A 480 -69.55 26.92 -25.73
C GLU A 480 -68.38 26.41 -24.86
N ILE A 481 -67.34 27.22 -24.70
CA ILE A 481 -66.18 26.88 -23.87
C ILE A 481 -66.09 27.82 -22.69
N THR A 482 -66.17 27.27 -21.48
CA THR A 482 -66.07 28.07 -20.27
C THR A 482 -64.63 28.19 -19.82
N LEU A 483 -64.16 29.43 -19.61
CA LEU A 483 -62.81 29.67 -19.15
C LEU A 483 -62.84 30.26 -17.75
N TRP A 484 -62.39 29.49 -16.76
CA TRP A 484 -62.32 29.99 -15.39
C TRP A 484 -61.04 30.77 -15.25
N TYR A 485 -61.10 31.91 -14.56
CA TYR A 485 -59.92 32.74 -14.40
C TYR A 485 -59.80 33.33 -13.02
N LYS A 486 -58.57 33.59 -12.60
CA LYS A 486 -58.30 34.23 -11.33
C LYS A 486 -57.68 35.57 -11.67
N MET A 487 -58.29 36.66 -11.23
CA MET A 487 -57.75 37.98 -11.50
C MET A 487 -57.28 38.61 -10.21
N ILE A 488 -56.03 39.08 -10.20
CA ILE A 488 -55.43 39.73 -9.04
C ILE A 488 -55.41 41.23 -9.32
N LEU A 489 -56.16 42.00 -8.56
CA LEU A 489 -56.29 43.44 -8.75
C LEU A 489 -55.42 44.26 -7.82
N PRO A 490 -54.86 45.37 -8.32
CA PRO A 490 -54.05 46.25 -7.45
C PRO A 490 -54.84 46.87 -6.29
N PRO A 491 -54.16 47.29 -5.20
CA PRO A 491 -54.90 47.95 -4.11
C PRO A 491 -55.44 49.28 -4.62
N GLN A 492 -56.67 49.66 -4.18
CA GLN A 492 -57.34 50.88 -4.62
C GLN A 492 -57.54 50.83 -6.15
N PHE A 493 -58.04 49.68 -6.64
CA PHE A 493 -58.30 49.44 -8.06
C PHE A 493 -59.49 50.28 -8.54
N ASP A 494 -59.34 50.94 -9.68
CA ASP A 494 -60.36 51.79 -10.27
C ASP A 494 -60.75 51.24 -11.64
N ARG A 495 -62.03 50.89 -11.82
CA ARG A 495 -62.51 50.38 -13.10
C ARG A 495 -62.51 51.40 -14.25
N SER A 496 -62.19 52.67 -13.97
CA SER A 496 -62.13 53.71 -15.00
C SER A 496 -60.70 53.93 -15.56
N LYS A 497 -59.67 53.28 -14.95
CA LYS A 497 -58.26 53.43 -15.36
C LYS A 497 -57.78 52.32 -16.32
N LYS A 498 -56.56 52.44 -16.89
CA LYS A 498 -55.98 51.44 -17.79
C LYS A 498 -54.76 50.85 -17.10
N TYR A 499 -54.84 49.57 -16.72
CA TYR A 499 -53.76 48.89 -15.99
C TYR A 499 -52.99 47.96 -16.91
N PRO A 500 -51.65 47.93 -16.80
CA PRO A 500 -50.89 46.94 -17.58
C PRO A 500 -51.27 45.53 -17.13
N LEU A 501 -51.31 44.57 -18.06
CA LEU A 501 -51.75 43.21 -17.73
C LEU A 501 -50.64 42.16 -17.89
N LEU A 502 -50.50 41.26 -16.91
CA LEU A 502 -49.56 40.16 -16.98
C LEU A 502 -50.35 38.87 -16.87
N ILE A 503 -50.06 37.89 -17.73
CA ILE A 503 -50.74 36.61 -17.71
C ILE A 503 -49.76 35.56 -17.19
N GLN A 504 -50.11 34.84 -16.12
CA GLN A 504 -49.26 33.76 -15.62
C GLN A 504 -49.87 32.50 -16.19
N VAL A 505 -49.08 31.73 -16.95
CA VAL A 505 -49.61 30.56 -17.61
C VAL A 505 -48.83 29.27 -17.30
N TYR A 506 -49.56 28.15 -17.30
CA TYR A 506 -49.09 26.76 -17.15
C TYR A 506 -49.84 26.02 -18.28
N GLY A 507 -51.13 25.76 -18.11
CA GLY A 507 -51.95 25.15 -19.16
C GLY A 507 -51.68 23.73 -19.63
N GLY A 508 -50.86 22.97 -18.88
CA GLY A 508 -50.54 21.60 -19.21
C GLY A 508 -51.69 20.66 -18.97
N PRO A 509 -51.73 19.50 -19.66
CA PRO A 509 -52.86 18.57 -19.46
C PRO A 509 -52.92 18.05 -18.02
N CYS A 510 -54.14 17.87 -17.49
CA CYS A 510 -54.43 17.39 -16.13
C CYS A 510 -54.16 18.42 -15.02
N SER A 511 -53.87 19.68 -15.39
CA SER A 511 -53.55 20.70 -14.42
C SER A 511 -54.74 21.62 -14.07
N GLN A 512 -54.56 22.50 -13.09
CA GLN A 512 -55.55 23.48 -12.68
C GLN A 512 -54.78 24.58 -11.97
N SER A 513 -54.85 25.80 -12.50
CA SER A 513 -54.15 26.94 -11.92
C SER A 513 -55.09 27.98 -11.28
N VAL A 514 -56.41 27.80 -11.42
CA VAL A 514 -57.37 28.69 -10.80
C VAL A 514 -57.94 27.95 -9.62
N ARG A 515 -57.24 28.01 -8.47
CA ARG A 515 -57.68 27.32 -7.25
C ARG A 515 -57.87 28.33 -6.12
N SER A 516 -58.77 28.01 -5.18
CA SER A 516 -59.02 28.90 -4.05
C SER A 516 -57.93 28.73 -2.98
N VAL A 517 -56.64 28.85 -3.39
CA VAL A 517 -55.51 28.68 -2.51
C VAL A 517 -54.87 30.02 -2.18
N PHE A 518 -54.59 30.25 -0.89
CA PHE A 518 -53.92 31.46 -0.42
C PHE A 518 -52.44 31.33 -0.75
N ALA A 519 -51.85 32.42 -1.26
CA ALA A 519 -50.43 32.49 -1.58
C ALA A 519 -50.01 33.96 -1.69
N VAL A 520 -48.87 34.30 -1.08
CA VAL A 520 -48.28 35.64 -1.15
C VAL A 520 -47.02 35.43 -1.97
N ASN A 521 -47.19 35.46 -3.31
CA ASN A 521 -46.14 35.18 -4.30
C ASN A 521 -45.69 36.42 -5.12
N TRP A 522 -44.81 36.23 -6.11
CA TRP A 522 -44.30 37.30 -6.98
C TRP A 522 -45.43 38.12 -7.59
N ILE A 523 -46.44 37.47 -8.19
CA ILE A 523 -47.56 38.18 -8.84
C ILE A 523 -48.43 38.96 -7.83
N SER A 524 -48.35 38.64 -6.53
CA SER A 524 -49.05 39.41 -5.51
C SER A 524 -48.31 40.74 -5.32
N TYR A 525 -46.96 40.72 -5.35
CA TYR A 525 -46.13 41.90 -5.25
C TYR A 525 -46.33 42.79 -6.48
N LEU A 526 -46.38 42.18 -7.67
CA LEU A 526 -46.57 42.90 -8.93
C LEU A 526 -47.87 43.69 -8.98
N ALA A 527 -48.90 43.19 -8.30
CA ALA A 527 -50.19 43.87 -8.22
C ALA A 527 -50.20 44.85 -7.04
N SER A 528 -49.59 44.49 -5.92
CA SER A 528 -49.56 45.35 -4.74
C SER A 528 -48.72 46.61 -4.92
N LYS A 529 -47.46 46.47 -5.39
CA LYS A 529 -46.53 47.60 -5.54
C LYS A 529 -46.43 48.21 -6.96
N GLU A 530 -46.39 47.35 -7.99
CA GLU A 530 -46.22 47.84 -9.36
C GLU A 530 -47.53 48.09 -10.14
N GLY A 531 -48.67 48.16 -9.45
CA GLY A 531 -49.97 48.42 -10.05
C GLY A 531 -50.34 47.69 -11.33
N MET A 532 -50.14 46.37 -11.37
CA MET A 532 -50.46 45.57 -12.55
C MET A 532 -51.68 44.69 -12.27
N VAL A 533 -52.44 44.38 -13.32
CA VAL A 533 -53.51 43.42 -13.21
C VAL A 533 -52.90 42.06 -13.61
N ILE A 534 -53.13 41.02 -12.79
CA ILE A 534 -52.60 39.70 -13.08
C ILE A 534 -53.76 38.74 -13.36
N ALA A 535 -53.59 37.83 -14.30
CA ALA A 535 -54.64 36.86 -14.62
C ALA A 535 -54.09 35.47 -14.85
N LEU A 536 -54.85 34.47 -14.45
CA LEU A 536 -54.52 33.06 -14.60
C LEU A 536 -55.74 32.41 -15.22
N VAL A 537 -55.66 31.92 -16.46
CA VAL A 537 -56.81 31.35 -17.14
C VAL A 537 -56.73 29.83 -17.34
N ASP A 538 -57.80 29.11 -17.01
CA ASP A 538 -57.85 27.67 -17.19
C ASP A 538 -58.76 27.30 -18.37
N GLY A 539 -58.15 26.87 -19.47
CA GLY A 539 -58.89 26.49 -20.67
C GLY A 539 -58.90 24.99 -20.93
N ARG A 540 -59.01 24.61 -22.23
CA ARG A 540 -59.03 23.21 -22.63
C ARG A 540 -57.73 22.54 -22.25
N GLY A 541 -57.85 21.29 -21.81
CA GLY A 541 -56.72 20.52 -21.34
C GLY A 541 -56.62 20.49 -19.83
N THR A 542 -57.25 21.48 -19.13
CA THR A 542 -57.23 21.52 -17.67
C THR A 542 -58.24 20.53 -17.10
N ALA A 543 -57.94 20.01 -15.91
CA ALA A 543 -58.71 18.97 -15.26
C ALA A 543 -59.89 19.48 -14.35
N PHE A 544 -60.74 18.53 -13.85
CA PHE A 544 -61.81 18.68 -12.87
C PHE A 544 -63.10 19.33 -13.44
N GLN A 545 -63.22 19.44 -14.76
CA GLN A 545 -64.43 19.98 -15.37
C GLN A 545 -64.98 19.04 -16.45
N GLY A 546 -64.78 17.73 -16.27
CA GLY A 546 -65.23 16.75 -17.23
C GLY A 546 -64.16 16.43 -18.26
N ASP A 547 -64.40 15.37 -19.02
CA ASP A 547 -63.47 14.89 -20.03
C ASP A 547 -63.53 15.62 -21.34
N LYS A 548 -64.64 16.32 -21.65
CA LYS A 548 -64.73 17.10 -22.90
C LYS A 548 -63.71 18.23 -22.87
N LEU A 549 -63.51 18.85 -21.69
CA LEU A 549 -62.53 19.92 -21.52
C LEU A 549 -61.12 19.33 -21.45
N LEU A 550 -60.94 18.27 -20.63
CA LEU A 550 -59.66 17.62 -20.43
C LEU A 550 -59.04 17.00 -21.69
N TYR A 551 -59.78 16.12 -22.38
CA TYR A 551 -59.27 15.45 -23.58
C TYR A 551 -59.29 16.28 -24.84
N ALA A 552 -59.67 17.58 -24.78
CA ALA A 552 -59.69 18.44 -25.98
C ALA A 552 -58.29 18.64 -26.59
N VAL A 553 -57.24 18.60 -25.75
CA VAL A 553 -55.87 18.73 -26.21
C VAL A 553 -55.19 17.40 -26.56
N TYR A 554 -55.95 16.29 -26.61
CA TYR A 554 -55.36 14.98 -26.92
C TYR A 554 -54.78 14.98 -28.31
N ARG A 555 -53.48 14.65 -28.41
CA ARG A 555 -52.70 14.63 -29.64
C ARG A 555 -52.59 15.98 -30.34
N LYS A 556 -52.97 17.08 -29.67
CA LYS A 556 -52.95 18.43 -30.22
C LYS A 556 -52.36 19.42 -29.20
N LEU A 557 -51.18 19.09 -28.64
CA LEU A 557 -50.54 19.99 -27.69
C LEU A 557 -49.98 21.24 -28.35
N GLY A 558 -49.99 22.34 -27.61
CA GLY A 558 -49.53 23.64 -28.09
C GLY A 558 -50.51 24.34 -29.02
N VAL A 559 -51.79 23.92 -29.01
CA VAL A 559 -52.79 24.50 -29.90
C VAL A 559 -53.96 25.19 -29.13
N TYR A 560 -54.80 24.42 -28.38
CA TYR A 560 -55.96 25.00 -27.71
C TYR A 560 -55.62 25.77 -26.45
N GLU A 561 -54.62 25.31 -25.69
CA GLU A 561 -54.21 26.03 -24.47
C GLU A 561 -53.69 27.44 -24.81
N VAL A 562 -53.03 27.58 -25.97
CA VAL A 562 -52.52 28.85 -26.46
C VAL A 562 -53.69 29.73 -26.90
N GLU A 563 -54.61 29.18 -27.71
CA GLU A 563 -55.80 29.90 -28.19
C GLU A 563 -56.67 30.40 -27.04
N ASP A 564 -56.81 29.60 -25.97
CA ASP A 564 -57.66 29.99 -24.85
C ASP A 564 -57.05 31.14 -24.04
N GLN A 565 -55.70 31.27 -24.00
CA GLN A 565 -55.10 32.43 -23.32
C GLN A 565 -55.39 33.71 -24.14
N ILE A 566 -55.36 33.59 -25.48
CA ILE A 566 -55.63 34.69 -26.39
C ILE A 566 -57.10 35.12 -26.30
N THR A 567 -58.02 34.14 -26.28
CA THR A 567 -59.45 34.43 -26.18
C THR A 567 -59.75 35.21 -24.89
N ALA A 568 -59.10 34.81 -23.78
CA ALA A 568 -59.25 35.47 -22.49
C ALA A 568 -58.70 36.89 -22.51
N VAL A 569 -57.51 37.13 -23.09
CA VAL A 569 -56.95 38.48 -23.14
C VAL A 569 -57.85 39.42 -23.93
N ARG A 570 -58.42 38.95 -25.04
CA ARG A 570 -59.34 39.76 -25.84
C ARG A 570 -60.58 40.17 -25.02
N LYS A 571 -61.06 39.26 -24.16
CA LYS A 571 -62.20 39.48 -23.27
C LYS A 571 -61.85 40.45 -22.15
N PHE A 572 -60.64 40.32 -21.55
CA PHE A 572 -60.17 41.22 -20.49
C PHE A 572 -59.95 42.63 -21.02
N ILE A 573 -59.53 42.77 -22.28
CA ILE A 573 -59.33 44.07 -22.89
C ILE A 573 -60.67 44.78 -23.00
N GLU A 574 -61.70 44.08 -23.51
CA GLU A 574 -63.01 44.71 -23.68
C GLU A 574 -63.76 44.98 -22.36
N MET A 575 -63.15 44.66 -21.21
CA MET A 575 -63.69 45.03 -19.91
C MET A 575 -63.45 46.55 -19.63
N GLY A 576 -62.49 47.17 -20.33
CA GLY A 576 -62.24 48.60 -20.25
C GLY A 576 -61.10 49.05 -19.37
N PHE A 577 -60.65 48.21 -18.43
CA PHE A 577 -59.59 48.60 -17.51
C PHE A 577 -58.21 48.05 -17.83
N ILE A 578 -58.01 47.54 -19.04
CA ILE A 578 -56.70 47.01 -19.44
C ILE A 578 -56.09 47.89 -20.53
N ASP A 579 -54.81 48.26 -20.38
CA ASP A 579 -54.08 49.00 -21.41
C ASP A 579 -53.64 48.01 -22.49
N GLU A 580 -54.28 48.06 -23.67
CA GLU A 580 -54.00 47.13 -24.79
C GLU A 580 -52.55 47.18 -25.29
N LYS A 581 -51.87 48.31 -25.07
CA LYS A 581 -50.50 48.54 -25.46
C LYS A 581 -49.51 47.87 -24.49
N ARG A 582 -49.88 47.70 -23.22
CA ARG A 582 -48.98 47.09 -22.24
C ARG A 582 -49.47 45.74 -21.69
N ILE A 583 -49.31 44.65 -22.47
CA ILE A 583 -49.69 43.30 -22.01
C ILE A 583 -48.48 42.34 -22.08
N ALA A 584 -48.34 41.44 -21.12
CA ALA A 584 -47.22 40.49 -21.09
C ALA A 584 -47.69 39.09 -20.66
N ILE A 585 -46.89 38.06 -20.98
CA ILE A 585 -47.21 36.70 -20.56
C ILE A 585 -45.94 35.99 -20.09
N TRP A 586 -46.00 35.37 -18.91
CA TRP A 586 -44.87 34.63 -18.39
C TRP A 586 -45.28 33.23 -18.01
N GLY A 587 -44.31 32.33 -18.05
CA GLY A 587 -44.55 30.94 -17.65
C GLY A 587 -43.25 30.22 -17.40
N TRP A 588 -43.36 29.05 -16.74
CA TRP A 588 -42.25 28.16 -16.38
C TRP A 588 -42.62 26.74 -16.85
N SER A 589 -41.64 25.97 -17.38
CA SER A 589 -41.84 24.59 -17.82
C SER A 589 -42.89 24.42 -18.94
N TYR A 590 -44.10 23.92 -18.64
CA TYR A 590 -45.15 23.86 -19.66
C TYR A 590 -45.58 25.30 -19.98
N GLY A 591 -45.69 26.15 -18.94
CA GLY A 591 -46.02 27.55 -19.11
C GLY A 591 -45.02 28.33 -19.97
N GLY A 592 -43.80 27.83 -20.06
CA GLY A 592 -42.73 28.41 -20.87
C GLY A 592 -42.94 28.07 -22.33
N TYR A 593 -43.49 26.90 -22.60
CA TYR A 593 -43.82 26.45 -23.93
C TYR A 593 -45.05 27.27 -24.43
N VAL A 594 -46.08 27.39 -23.58
CA VAL A 594 -47.32 28.11 -23.90
C VAL A 594 -47.11 29.62 -24.09
N SER A 595 -46.34 30.27 -23.21
CA SER A 595 -46.07 31.71 -23.33
C SER A 595 -45.22 32.02 -24.58
N SER A 596 -44.30 31.09 -24.94
CA SER A 596 -43.48 31.30 -26.13
C SER A 596 -44.36 31.24 -27.38
N LEU A 597 -45.26 30.25 -27.44
CA LEU A 597 -46.15 30.09 -28.58
C LEU A 597 -47.19 31.20 -28.66
N ALA A 598 -47.67 31.69 -27.51
CA ALA A 598 -48.64 32.79 -27.45
C ALA A 598 -47.99 34.09 -27.87
N LEU A 599 -46.74 34.31 -27.45
CA LEU A 599 -46.00 35.51 -27.83
C LEU A 599 -45.69 35.51 -29.33
N ALA A 600 -45.45 34.33 -29.92
CA ALA A 600 -45.18 34.23 -31.36
C ALA A 600 -46.43 33.87 -32.16
N SER A 601 -47.63 34.16 -31.64
CA SER A 601 -48.87 33.85 -32.34
C SER A 601 -49.14 34.80 -33.50
N GLY A 602 -48.60 36.02 -33.41
CA GLY A 602 -48.79 37.04 -34.44
C GLY A 602 -50.09 37.79 -34.29
N THR A 603 -50.60 37.92 -33.06
CA THR A 603 -51.86 38.62 -32.81
C THR A 603 -51.69 40.08 -32.38
N GLY A 604 -50.49 40.45 -31.94
CA GLY A 604 -50.22 41.80 -31.47
C GLY A 604 -50.77 42.13 -30.09
N LEU A 605 -51.30 41.12 -29.37
CA LEU A 605 -51.86 41.33 -28.06
C LEU A 605 -50.77 41.50 -27.02
N PHE A 606 -49.78 40.60 -27.01
CA PHE A 606 -48.66 40.65 -26.08
C PHE A 606 -47.49 41.50 -26.59
N LYS A 607 -47.03 42.43 -25.74
CA LYS A 607 -45.90 43.29 -26.04
C LYS A 607 -44.60 42.54 -25.75
N CYS A 608 -44.53 41.87 -24.59
CA CYS A 608 -43.36 41.09 -24.21
C CYS A 608 -43.74 39.78 -23.54
N GLY A 609 -42.79 38.86 -23.45
CA GLY A 609 -43.03 37.57 -22.83
C GLY A 609 -41.80 36.98 -22.19
N ILE A 610 -41.98 36.11 -21.18
CA ILE A 610 -40.88 35.44 -20.45
C ILE A 610 -41.10 33.92 -20.41
N ALA A 611 -40.11 33.13 -20.82
CA ALA A 611 -40.19 31.68 -20.80
C ALA A 611 -39.05 31.12 -19.93
N VAL A 612 -39.39 30.53 -18.77
CA VAL A 612 -38.39 29.97 -17.85
C VAL A 612 -38.39 28.47 -18.00
N ALA A 613 -37.21 27.86 -18.24
CA ALA A 613 -37.02 26.42 -18.49
C ALA A 613 -38.13 25.80 -19.37
N PRO A 614 -38.40 26.37 -20.55
CA PRO A 614 -39.52 25.88 -21.36
C PRO A 614 -39.26 24.58 -22.11
N VAL A 615 -40.32 23.92 -22.54
CA VAL A 615 -40.20 22.77 -23.44
C VAL A 615 -40.28 23.40 -24.84
N SER A 616 -39.37 23.04 -25.74
CA SER A 616 -39.35 23.61 -27.10
C SER A 616 -39.93 22.65 -28.13
N SER A 617 -39.74 21.35 -27.92
CA SER A 617 -40.23 20.31 -28.81
C SER A 617 -40.58 19.10 -27.97
N TRP A 618 -41.64 18.38 -28.37
CA TRP A 618 -42.02 17.18 -27.65
C TRP A 618 -41.07 15.99 -27.91
N GLU A 619 -40.11 16.14 -28.85
CA GLU A 619 -39.06 15.15 -29.10
C GLU A 619 -37.99 15.21 -27.95
N TYR A 620 -37.96 16.27 -27.13
CA TYR A 620 -36.98 16.40 -26.07
C TYR A 620 -37.47 16.04 -24.68
N TYR A 621 -38.78 15.81 -24.49
CA TYR A 621 -39.33 15.48 -23.18
C TYR A 621 -39.46 13.96 -22.91
N ALA A 622 -39.69 13.54 -21.65
CA ALA A 622 -39.82 12.12 -21.30
C ALA A 622 -40.99 11.42 -21.98
N SER A 623 -40.77 10.18 -22.41
CA SER A 623 -41.77 9.38 -23.08
C SER A 623 -43.03 9.21 -22.23
N VAL A 624 -42.84 8.98 -20.92
CA VAL A 624 -43.92 8.79 -19.97
C VAL A 624 -44.94 9.95 -19.95
N TYR A 625 -44.47 11.21 -19.88
CA TYR A 625 -45.35 12.38 -19.93
C TYR A 625 -45.85 12.65 -21.39
N THR A 626 -44.94 12.91 -22.33
CA THR A 626 -45.28 13.21 -23.72
C THR A 626 -46.27 12.21 -24.37
N GLU A 627 -45.94 10.89 -24.41
CA GLU A 627 -46.80 9.92 -25.07
C GLU A 627 -48.18 9.72 -24.44
N ARG A 628 -48.37 10.20 -23.22
CA ARG A 628 -49.66 10.07 -22.54
C ARG A 628 -50.71 11.00 -23.20
N PHE A 629 -50.28 12.20 -23.61
CA PHE A 629 -51.11 13.26 -24.16
C PHE A 629 -50.88 13.53 -25.65
N MET A 630 -49.81 12.99 -26.23
CA MET A 630 -49.47 13.21 -27.64
C MET A 630 -49.48 11.96 -28.51
N GLY A 631 -49.09 10.82 -27.97
CA GLY A 631 -49.00 9.59 -28.74
C GLY A 631 -47.59 9.31 -29.24
N LEU A 632 -47.44 8.33 -30.15
CA LEU A 632 -46.12 7.97 -30.67
C LEU A 632 -45.65 8.92 -31.76
N PRO A 633 -44.34 9.26 -31.77
CA PRO A 633 -43.82 10.11 -32.84
C PRO A 633 -43.38 9.26 -34.04
N THR A 634 -44.32 8.52 -34.63
CA THR A 634 -44.03 7.71 -35.80
C THR A 634 -44.89 8.17 -36.99
N LYS A 635 -44.50 7.80 -38.22
CA LYS A 635 -45.27 8.17 -39.40
C LYS A 635 -46.69 7.59 -39.34
N ASP A 636 -46.81 6.36 -38.85
CA ASP A 636 -48.11 5.71 -38.72
C ASP A 636 -48.98 6.28 -37.60
N ASP A 637 -48.39 7.04 -36.64
CA ASP A 637 -49.16 7.61 -35.54
C ASP A 637 -49.21 9.17 -35.56
N ASN A 638 -48.52 9.89 -34.63
CA ASN A 638 -48.62 11.34 -34.55
C ASN A 638 -47.31 12.11 -34.79
N LEU A 639 -46.45 11.64 -35.71
CA LEU A 639 -45.20 12.37 -36.01
C LEU A 639 -45.48 13.78 -36.56
N GLU A 640 -46.52 13.91 -37.41
CA GLU A 640 -46.90 15.18 -38.03
C GLU A 640 -47.08 16.29 -37.00
N HIS A 641 -47.81 16.03 -35.91
CA HIS A 641 -48.03 17.05 -34.90
C HIS A 641 -46.81 17.30 -34.02
N TYR A 642 -45.94 16.29 -33.81
CA TYR A 642 -44.69 16.48 -33.06
C TYR A 642 -43.78 17.52 -33.78
N LYS A 643 -43.81 17.53 -35.11
CA LYS A 643 -43.03 18.46 -35.91
C LYS A 643 -43.68 19.85 -35.98
N ASN A 644 -45.01 19.91 -36.03
CA ASN A 644 -45.74 21.17 -36.11
C ASN A 644 -45.88 21.89 -34.76
N SER A 645 -45.72 21.18 -33.65
CA SER A 645 -45.92 21.74 -32.32
C SER A 645 -44.65 22.26 -31.64
N THR A 646 -43.66 22.73 -32.41
CA THR A 646 -42.40 23.20 -31.80
C THR A 646 -42.33 24.71 -31.72
N VAL A 647 -41.61 25.23 -30.72
CA VAL A 647 -41.40 26.66 -30.58
C VAL A 647 -40.44 27.18 -31.71
N MET A 648 -39.45 26.36 -32.11
CA MET A 648 -38.50 26.69 -33.17
C MET A 648 -39.16 26.98 -34.53
N ALA A 649 -40.29 26.34 -34.82
CA ALA A 649 -41.00 26.60 -36.09
C ALA A 649 -41.66 27.99 -36.13
N ARG A 650 -41.80 28.65 -34.97
CA ARG A 650 -42.39 29.98 -34.85
C ARG A 650 -41.35 31.09 -34.65
N ALA A 651 -40.06 30.82 -34.94
CA ALA A 651 -38.96 31.74 -34.71
C ALA A 651 -39.11 33.10 -35.35
N GLU A 652 -39.48 33.15 -36.65
CA GLU A 652 -39.65 34.41 -37.37
C GLU A 652 -40.77 35.31 -36.81
N TYR A 653 -41.65 34.76 -35.97
CA TYR A 653 -42.73 35.51 -35.37
C TYR A 653 -42.34 36.26 -34.09
N PHE A 654 -41.12 36.05 -33.57
CA PHE A 654 -40.64 36.77 -32.39
C PHE A 654 -39.95 38.12 -32.75
N ARG A 655 -40.05 38.57 -34.03
CA ARG A 655 -39.38 39.76 -34.52
C ARG A 655 -39.85 41.08 -33.87
N ASN A 656 -41.16 41.30 -33.67
CA ASN A 656 -41.61 42.58 -33.08
C ASN A 656 -42.03 42.51 -31.62
N VAL A 657 -41.68 41.42 -30.95
CA VAL A 657 -42.00 41.26 -29.54
C VAL A 657 -40.71 41.13 -28.74
N ASP A 658 -40.75 41.52 -27.46
CA ASP A 658 -39.58 41.40 -26.59
C ASP A 658 -39.66 40.04 -25.86
N TYR A 659 -38.71 39.16 -26.14
CA TYR A 659 -38.70 37.81 -25.58
C TYR A 659 -37.59 37.65 -24.56
N LEU A 660 -37.89 37.07 -23.39
CA LEU A 660 -36.88 36.79 -22.38
C LEU A 660 -36.84 35.27 -22.16
N LEU A 661 -35.72 34.62 -22.54
CA LEU A 661 -35.56 33.18 -22.44
C LEU A 661 -34.60 32.80 -21.31
N ILE A 662 -35.09 32.09 -20.29
CA ILE A 662 -34.28 31.66 -19.14
C ILE A 662 -34.24 30.13 -19.02
N HIS A 663 -33.11 29.55 -18.57
CA HIS A 663 -32.99 28.10 -18.39
C HIS A 663 -31.75 27.73 -17.56
N GLY A 664 -31.90 26.75 -16.67
CA GLY A 664 -30.81 26.25 -15.86
C GLY A 664 -29.99 25.20 -16.60
N THR A 665 -28.66 25.30 -16.53
CA THR A 665 -27.77 24.40 -17.25
C THR A 665 -27.80 22.96 -16.75
N ALA A 666 -28.12 22.74 -15.46
CA ALA A 666 -28.15 21.37 -14.90
C ALA A 666 -29.58 20.88 -14.70
N ASP A 667 -30.47 21.27 -15.60
CA ASP A 667 -31.86 20.86 -15.52
C ASP A 667 -31.96 19.42 -16.04
N ASP A 668 -32.25 18.49 -15.13
CA ASP A 668 -32.40 17.07 -15.43
C ASP A 668 -33.79 16.74 -15.99
N ASN A 669 -34.80 17.56 -15.63
CA ASN A 669 -36.18 17.37 -16.05
C ASN A 669 -36.39 17.93 -17.46
N VAL A 670 -36.44 19.24 -17.62
CA VAL A 670 -36.59 19.89 -18.93
C VAL A 670 -35.20 20.35 -19.30
N HIS A 671 -34.44 19.52 -20.00
CA HIS A 671 -33.05 19.78 -20.35
C HIS A 671 -32.77 21.12 -21.01
N PHE A 672 -31.59 21.69 -20.74
CA PHE A 672 -31.13 22.94 -21.31
C PHE A 672 -31.16 22.92 -22.85
N GLN A 673 -31.10 21.72 -23.47
CA GLN A 673 -31.22 21.50 -24.91
C GLN A 673 -32.44 22.22 -25.49
N ASN A 674 -33.58 22.18 -24.78
CA ASN A 674 -34.81 22.84 -25.18
C ASN A 674 -34.59 24.35 -25.42
N SER A 675 -33.94 25.07 -24.51
CA SER A 675 -33.66 26.50 -24.71
C SER A 675 -32.52 26.73 -25.69
N ALA A 676 -31.54 25.82 -25.71
CA ALA A 676 -30.42 25.92 -26.63
C ALA A 676 -30.92 25.85 -28.09
N GLN A 677 -31.94 25.03 -28.35
CA GLN A 677 -32.52 24.92 -29.69
C GLN A 677 -33.34 26.17 -30.09
N ILE A 678 -34.12 26.77 -29.15
CA ILE A 678 -34.90 27.97 -29.40
C ILE A 678 -33.96 29.10 -29.77
N ALA A 679 -32.88 29.29 -28.96
CA ALA A 679 -31.89 30.33 -29.15
C ALA A 679 -31.20 30.20 -30.50
N LYS A 680 -30.92 28.98 -30.92
CA LYS A 680 -30.30 28.71 -32.20
C LYS A 680 -31.24 29.07 -33.36
N ALA A 681 -32.54 28.78 -33.21
CA ALA A 681 -33.54 29.08 -34.23
C ALA A 681 -33.76 30.59 -34.35
N LEU A 682 -33.76 31.32 -33.20
CA LEU A 682 -33.91 32.76 -33.19
C LEU A 682 -32.69 33.42 -33.84
N VAL A 683 -31.49 32.83 -33.66
CA VAL A 683 -30.27 33.36 -34.27
C VAL A 683 -30.38 33.21 -35.77
N ASN A 684 -30.76 32.01 -36.24
CA ASN A 684 -30.92 31.71 -37.67
C ASN A 684 -31.98 32.58 -38.33
N ALA A 685 -33.05 32.92 -37.59
CA ALA A 685 -34.12 33.78 -38.08
C ALA A 685 -33.80 35.27 -37.98
N GLN A 686 -32.63 35.63 -37.40
CA GLN A 686 -32.14 37.01 -37.21
C GLN A 686 -33.08 37.81 -36.33
N VAL A 687 -33.46 37.20 -35.21
CA VAL A 687 -34.40 37.77 -34.25
C VAL A 687 -33.67 38.08 -32.94
N ASP A 688 -33.84 39.30 -32.41
CA ASP A 688 -33.18 39.68 -31.17
C ASP A 688 -34.02 39.30 -29.98
N PHE A 689 -33.36 38.86 -28.91
CA PHE A 689 -34.04 38.47 -27.67
C PHE A 689 -33.09 38.59 -26.47
N GLN A 690 -33.64 38.65 -25.26
CA GLN A 690 -32.82 38.70 -24.05
C GLN A 690 -32.79 37.29 -23.45
N ALA A 691 -31.64 36.88 -22.90
CA ALA A 691 -31.50 35.54 -22.35
C ALA A 691 -30.79 35.52 -20.97
N MET A 692 -30.95 34.41 -20.23
CA MET A 692 -30.30 34.22 -18.94
C MET A 692 -30.14 32.73 -18.66
N TRP A 693 -28.95 32.30 -18.23
CA TRP A 693 -28.70 30.91 -17.87
C TRP A 693 -28.39 30.83 -16.39
N TYR A 694 -28.66 29.68 -15.77
CA TYR A 694 -28.36 29.47 -14.36
C TYR A 694 -27.49 28.25 -14.21
N SER A 695 -26.19 28.46 -13.97
CA SER A 695 -25.20 27.39 -13.88
C SER A 695 -25.44 26.44 -12.70
N ASP A 696 -25.26 25.13 -12.92
CA ASP A 696 -25.39 24.08 -11.90
C ASP A 696 -26.74 24.07 -11.18
N GLN A 697 -27.79 24.63 -11.81
CA GLN A 697 -29.10 24.71 -11.18
C GLN A 697 -30.09 23.69 -11.67
N ASN A 698 -30.92 23.18 -10.73
CA ASN A 698 -31.98 22.22 -11.01
C ASN A 698 -33.16 22.90 -11.75
N HIS A 699 -34.22 22.15 -12.04
CA HIS A 699 -35.38 22.68 -12.73
C HIS A 699 -36.07 23.86 -12.01
N GLY A 700 -36.11 23.81 -10.68
CA GLY A 700 -36.76 24.84 -9.89
C GLY A 700 -35.93 26.03 -9.50
N LEU A 701 -34.65 26.06 -9.89
CA LEU A 701 -33.74 27.18 -9.61
C LEU A 701 -33.68 27.58 -8.14
N SER A 702 -33.75 26.61 -7.22
CA SER A 702 -33.71 26.91 -5.78
C SER A 702 -32.45 27.67 -5.33
N GLY A 703 -32.58 28.42 -4.22
CA GLY A 703 -31.48 29.20 -3.66
C GLY A 703 -31.39 30.63 -4.17
N LEU A 704 -30.19 31.23 -4.11
CA LEU A 704 -29.97 32.62 -4.58
C LEU A 704 -30.27 32.83 -6.07
N SER A 705 -30.45 31.73 -6.83
CA SER A 705 -30.84 31.79 -8.23
C SER A 705 -32.27 32.27 -8.34
N THR A 706 -33.17 31.83 -7.39
CA THR A 706 -34.59 32.23 -7.32
C THR A 706 -34.68 33.74 -7.12
N ASN A 707 -33.83 34.30 -6.26
CA ASN A 707 -33.78 35.73 -6.02
C ASN A 707 -33.43 36.49 -7.31
N HIS A 708 -32.35 36.05 -7.97
CA HIS A 708 -31.83 36.63 -9.19
C HIS A 708 -32.86 36.55 -10.30
N LEU A 709 -33.50 35.41 -10.46
CA LEU A 709 -34.50 35.21 -11.50
C LEU A 709 -35.67 36.18 -11.37
N TYR A 710 -36.32 36.21 -10.17
CA TYR A 710 -37.47 37.08 -9.95
C TYR A 710 -37.10 38.55 -9.99
N THR A 711 -35.84 38.90 -9.73
CA THR A 711 -35.39 40.29 -9.83
C THR A 711 -35.21 40.65 -11.29
N HIS A 712 -34.57 39.76 -12.07
CA HIS A 712 -34.28 39.91 -13.48
C HIS A 712 -35.58 40.01 -14.30
N MET A 713 -36.59 39.22 -13.92
CA MET A 713 -37.88 39.23 -14.60
C MET A 713 -38.64 40.51 -14.33
N THR A 714 -38.52 41.04 -13.10
CA THR A 714 -39.15 42.28 -12.68
C THR A 714 -38.56 43.47 -13.46
N HIS A 715 -37.24 43.46 -13.69
CA HIS A 715 -36.57 44.51 -14.45
C HIS A 715 -37.10 44.53 -15.88
N PHE A 716 -37.20 43.32 -16.50
CA PHE A 716 -37.69 43.10 -17.86
C PHE A 716 -39.13 43.59 -17.98
N LEU A 717 -39.99 43.33 -16.98
CA LEU A 717 -41.38 43.77 -17.01
C LEU A 717 -41.49 45.28 -16.82
N LYS A 718 -40.76 45.84 -15.85
CA LYS A 718 -40.79 47.28 -15.60
C LYS A 718 -40.29 48.10 -16.79
N GLN A 719 -39.40 47.52 -17.61
CA GLN A 719 -38.92 48.20 -18.81
C GLN A 719 -40.01 48.14 -19.88
N CYS A 720 -40.60 46.96 -20.07
CA CYS A 720 -41.66 46.65 -21.00
C CYS A 720 -42.93 47.46 -20.71
N PHE A 721 -43.18 47.79 -19.43
CA PHE A 721 -44.39 48.51 -19.03
C PHE A 721 -44.20 49.98 -18.69
N SER A 722 -43.06 50.58 -19.07
CA SER A 722 -42.81 52.02 -18.82
C SER A 722 -41.71 52.55 -19.74
N MET B 4 -21.41 61.44 -48.35
CA MET B 4 -22.82 61.28 -48.66
C MET B 4 -23.62 60.47 -47.58
N ARG B 5 -23.18 59.25 -47.16
CA ARG B 5 -23.93 58.50 -46.15
C ARG B 5 -23.06 57.82 -45.09
N ALA B 6 -23.64 57.62 -43.89
CA ALA B 6 -22.92 56.97 -42.80
C ALA B 6 -22.92 55.45 -42.98
N LEU B 7 -21.98 54.77 -42.33
CA LEU B 7 -21.91 53.32 -42.38
C LEU B 7 -23.13 52.74 -41.63
N THR B 8 -23.64 51.58 -42.07
CA THR B 8 -24.74 50.92 -41.35
C THR B 8 -24.23 49.61 -40.77
N LEU B 9 -24.89 49.06 -39.73
CA LEU B 9 -24.44 47.77 -39.17
C LEU B 9 -24.46 46.66 -40.24
N LYS B 10 -25.46 46.71 -41.13
CA LYS B 10 -25.61 45.77 -42.24
C LYS B 10 -24.40 45.77 -43.17
N ASP B 11 -23.80 46.95 -43.45
CA ASP B 11 -22.60 47.08 -44.29
C ASP B 11 -21.42 46.35 -43.67
N ILE B 12 -21.30 46.41 -42.33
CA ILE B 12 -20.22 45.76 -41.63
C ILE B 12 -20.45 44.26 -41.59
N LEU B 13 -21.68 43.83 -41.29
CA LEU B 13 -22.02 42.42 -41.20
C LEU B 13 -21.87 41.70 -42.57
N ASN B 14 -22.31 42.36 -43.65
CA ASN B 14 -22.22 41.79 -44.99
C ASN B 14 -20.78 41.85 -45.59
N GLY B 15 -19.90 42.62 -44.98
CA GLY B 15 -18.54 42.77 -45.47
C GLY B 15 -18.52 43.54 -46.78
N THR B 16 -19.37 44.58 -46.89
CA THR B 16 -19.45 45.38 -48.11
C THR B 16 -18.13 46.09 -48.39
N PHE B 17 -17.47 46.59 -47.32
CA PHE B 17 -16.21 47.31 -47.48
C PHE B 17 -15.01 46.44 -47.15
N SER B 18 -15.02 45.23 -47.69
CA SER B 18 -13.94 44.28 -47.57
C SER B 18 -12.85 44.60 -48.60
N TYR B 19 -11.61 44.19 -48.31
CA TYR B 19 -10.51 44.39 -49.25
C TYR B 19 -9.93 43.09 -49.75
N LYS B 20 -9.37 43.12 -50.95
CA LYS B 20 -8.75 41.95 -51.54
C LYS B 20 -7.23 41.98 -51.34
N THR B 21 -6.62 40.81 -51.23
CA THR B 21 -5.18 40.71 -51.04
C THR B 21 -4.55 39.74 -52.06
N PHE B 22 -3.35 40.05 -52.58
CA PHE B 22 -2.71 39.17 -53.57
C PHE B 22 -1.40 38.57 -53.11
N PHE B 23 -1.44 37.31 -52.63
CA PHE B 23 -0.23 36.58 -52.24
C PHE B 23 0.02 35.50 -53.29
N PRO B 24 1.00 35.69 -54.17
CA PRO B 24 1.23 34.71 -55.25
C PRO B 24 1.59 33.32 -54.74
N ASN B 25 0.98 32.28 -55.31
CA ASN B 25 1.26 30.90 -54.93
C ASN B 25 2.48 30.48 -55.74
N TRP B 26 3.68 30.83 -55.27
CA TRP B 26 4.92 30.54 -55.99
C TRP B 26 5.15 29.07 -56.25
N ILE B 27 5.57 28.73 -57.46
CA ILE B 27 5.93 27.37 -57.83
C ILE B 27 7.42 27.29 -58.20
N SER B 28 7.98 28.34 -58.82
CA SER B 28 9.40 28.44 -59.17
C SER B 28 9.93 29.85 -58.75
N GLY B 29 11.09 30.27 -59.26
CA GLY B 29 11.65 31.58 -58.94
C GLY B 29 10.99 32.70 -59.70
N GLN B 30 10.37 32.39 -60.86
CA GLN B 30 9.68 33.36 -61.72
C GLN B 30 8.25 32.97 -62.10
N GLU B 31 7.68 31.96 -61.44
CA GLU B 31 6.32 31.51 -61.74
C GLU B 31 5.48 31.38 -60.47
N TYR B 32 4.16 31.49 -60.63
CA TYR B 32 3.17 31.34 -59.58
C TYR B 32 1.81 30.96 -60.16
N LEU B 33 1.00 30.27 -59.35
CA LEU B 33 -0.33 29.86 -59.77
C LEU B 33 -1.40 30.77 -59.14
N HIS B 34 -2.56 30.83 -59.79
CA HIS B 34 -3.67 31.65 -59.33
C HIS B 34 -4.98 31.18 -59.97
N GLN B 35 -6.02 30.94 -59.14
CA GLN B 35 -7.33 30.52 -59.58
C GLN B 35 -8.08 31.75 -60.05
N SER B 36 -8.25 31.89 -61.36
CA SER B 36 -8.89 33.04 -61.99
C SER B 36 -10.43 33.13 -61.77
N ALA B 37 -11.06 34.12 -62.42
CA ALA B 37 -12.50 34.43 -62.41
C ALA B 37 -13.42 33.24 -62.69
N ASP B 38 -13.14 32.45 -63.75
CA ASP B 38 -13.95 31.28 -64.10
C ASP B 38 -13.51 30.00 -63.36
N ASN B 39 -12.73 30.14 -62.27
CA ASN B 39 -12.21 29.07 -61.43
C ASN B 39 -11.32 28.07 -62.18
N ASN B 40 -10.49 28.60 -63.10
CA ASN B 40 -9.46 27.83 -63.79
C ASN B 40 -8.16 28.12 -63.02
N ILE B 41 -7.26 27.15 -62.91
CA ILE B 41 -5.96 27.39 -62.25
C ILE B 41 -5.02 27.83 -63.35
N VAL B 42 -4.57 29.09 -63.28
CA VAL B 42 -3.69 29.66 -64.30
C VAL B 42 -2.26 29.77 -63.75
N LEU B 43 -1.24 29.58 -64.61
CA LEU B 43 0.17 29.70 -64.28
C LEU B 43 0.67 30.99 -64.91
N TYR B 44 1.33 31.87 -64.13
CA TYR B 44 1.85 33.13 -64.67
C TYR B 44 3.36 33.15 -64.61
N ASN B 45 4.02 33.60 -65.68
CA ASN B 45 5.48 33.67 -65.71
C ASN B 45 5.87 35.15 -65.79
N ILE B 46 6.69 35.63 -64.86
CA ILE B 46 7.10 37.02 -64.79
C ILE B 46 8.14 37.38 -65.88
N GLU B 47 9.14 36.51 -66.08
CA GLU B 47 10.18 36.75 -67.08
C GLU B 47 9.64 36.78 -68.52
N THR B 48 9.06 35.69 -68.97
CA THR B 48 8.45 35.64 -70.30
C THR B 48 7.01 35.82 -69.94
N GLY B 49 6.52 37.05 -69.99
CA GLY B 49 5.16 37.41 -69.55
C GLY B 49 4.01 36.70 -70.23
N GLN B 50 3.87 35.41 -69.94
CA GLN B 50 2.86 34.56 -70.53
C GLN B 50 2.11 33.77 -69.46
N SER B 51 0.87 33.46 -69.75
CA SER B 51 0.05 32.68 -68.83
C SER B 51 -0.76 31.62 -69.57
N TYR B 52 -0.99 30.48 -68.90
CA TYR B 52 -1.76 29.38 -69.48
C TYR B 52 -2.49 28.62 -68.38
N THR B 53 -3.70 28.14 -68.68
CA THR B 53 -4.49 27.38 -67.71
C THR B 53 -3.95 25.96 -67.60
N ILE B 54 -3.49 25.59 -66.40
CA ILE B 54 -2.90 24.31 -66.14
C ILE B 54 -3.93 23.27 -65.62
N LEU B 55 -5.01 23.75 -64.95
CA LEU B 55 -6.08 22.87 -64.46
C LEU B 55 -7.41 23.57 -64.68
N SER B 56 -8.22 23.06 -65.60
CA SER B 56 -9.49 23.66 -65.95
C SER B 56 -10.56 23.67 -64.85
N ASN B 57 -11.56 24.57 -65.00
CA ASN B 57 -12.70 24.65 -64.08
C ASN B 57 -13.55 23.36 -64.13
N ARG B 58 -13.56 22.69 -65.29
CA ARG B 58 -14.25 21.44 -65.56
C ARG B 58 -13.64 20.30 -64.73
N THR B 59 -12.31 20.31 -64.58
CA THR B 59 -11.59 19.29 -63.81
C THR B 59 -11.84 19.49 -62.31
N MET B 60 -11.91 20.75 -61.86
CA MET B 60 -12.18 21.06 -60.46
C MET B 60 -13.64 20.71 -60.11
N LYS B 61 -14.59 21.10 -60.97
CA LYS B 61 -16.01 20.82 -60.74
C LYS B 61 -16.35 19.33 -60.77
N SER B 62 -15.56 18.53 -61.53
CA SER B 62 -15.77 17.08 -61.63
C SER B 62 -15.67 16.38 -60.29
N VAL B 63 -14.85 16.90 -59.37
CA VAL B 63 -14.71 16.33 -58.04
C VAL B 63 -15.07 17.31 -56.91
N ASN B 64 -15.77 18.43 -57.23
CA ASN B 64 -16.20 19.46 -56.29
C ASN B 64 -15.00 20.06 -55.53
N ALA B 65 -13.86 20.19 -56.22
CA ALA B 65 -12.64 20.68 -55.60
C ALA B 65 -12.69 22.15 -55.23
N SER B 66 -12.26 22.44 -54.00
CA SER B 66 -12.15 23.77 -53.43
C SER B 66 -10.70 24.25 -53.33
N ASN B 67 -9.71 23.35 -53.47
CA ASN B 67 -8.30 23.69 -53.41
C ASN B 67 -7.44 22.74 -54.27
N TYR B 68 -6.19 23.12 -54.52
CA TYR B 68 -5.27 22.39 -55.38
C TYR B 68 -3.83 22.44 -54.84
N GLY B 69 -2.98 21.57 -55.35
CA GLY B 69 -1.57 21.52 -54.96
C GLY B 69 -0.69 20.90 -56.01
N LEU B 70 -0.03 21.72 -56.81
CA LEU B 70 0.84 21.23 -57.88
C LEU B 70 2.12 20.61 -57.32
N SER B 71 2.48 19.42 -57.80
CA SER B 71 3.70 18.75 -57.36
C SER B 71 4.92 19.53 -57.89
N PRO B 72 6.05 19.55 -57.16
CA PRO B 72 7.23 20.30 -57.65
C PRO B 72 7.68 19.92 -59.06
N ASP B 73 7.68 18.62 -59.39
CA ASP B 73 8.06 18.17 -60.74
C ASP B 73 7.01 18.48 -61.83
N ARG B 74 5.83 18.99 -61.42
CA ARG B 74 4.67 19.38 -62.23
C ARG B 74 3.99 18.23 -62.97
N GLN B 75 4.31 16.97 -62.61
CA GLN B 75 3.69 15.82 -63.25
C GLN B 75 2.25 15.62 -62.76
N PHE B 76 1.93 16.05 -61.52
CA PHE B 76 0.61 15.86 -60.93
C PHE B 76 0.14 17.08 -60.14
N VAL B 77 -1.16 17.15 -59.85
CA VAL B 77 -1.73 18.20 -59.01
C VAL B 77 -2.78 17.55 -58.10
N TYR B 78 -2.71 17.79 -56.78
CA TYR B 78 -3.71 17.22 -55.87
C TYR B 78 -4.97 18.07 -55.87
N LEU B 79 -6.14 17.45 -55.80
CA LEU B 79 -7.41 18.17 -55.82
C LEU B 79 -8.12 17.98 -54.49
N GLU B 80 -8.19 19.04 -53.69
CA GLU B 80 -8.78 18.97 -52.38
C GLU B 80 -10.27 19.32 -52.41
N SER B 81 -11.09 18.42 -51.88
CA SER B 81 -12.54 18.62 -51.81
C SER B 81 -13.09 18.04 -50.47
N ASP B 82 -14.36 18.32 -50.14
CA ASP B 82 -14.98 17.83 -48.90
C ASP B 82 -14.33 18.41 -47.65
N TYR B 83 -14.01 19.72 -47.67
CA TYR B 83 -13.37 20.40 -46.53
C TYR B 83 -14.28 20.32 -45.32
N SER B 84 -13.76 19.77 -44.22
CA SER B 84 -14.52 19.67 -42.99
C SER B 84 -13.67 20.25 -41.88
N LYS B 85 -13.93 21.51 -41.49
CA LYS B 85 -13.15 22.20 -40.45
C LYS B 85 -13.21 21.46 -39.13
N LEU B 86 -12.10 21.46 -38.39
CA LEU B 86 -12.06 20.83 -37.08
C LEU B 86 -11.76 21.91 -36.05
N TRP B 87 -10.47 22.29 -35.85
CA TRP B 87 -10.10 23.36 -34.92
C TRP B 87 -9.64 24.61 -35.70
N ARG B 88 -8.90 25.55 -35.08
CA ARG B 88 -8.48 26.78 -35.77
C ARG B 88 -7.80 26.56 -37.12
N TYR B 89 -6.87 25.58 -37.19
CA TYR B 89 -6.13 25.30 -38.42
C TYR B 89 -6.44 23.95 -39.04
N SER B 90 -6.78 22.98 -38.20
CA SER B 90 -7.01 21.62 -38.65
C SER B 90 -8.32 21.44 -39.37
N TYR B 91 -8.30 20.57 -40.37
CA TYR B 91 -9.46 20.19 -41.16
C TYR B 91 -9.20 18.84 -41.85
N THR B 92 -10.28 18.12 -42.22
CA THR B 92 -10.19 16.82 -42.90
C THR B 92 -10.83 16.97 -44.26
N ALA B 93 -10.22 16.37 -45.29
CA ALA B 93 -10.72 16.49 -46.65
C ALA B 93 -10.41 15.24 -47.51
N THR B 94 -11.02 15.13 -48.70
CA THR B 94 -10.77 14.04 -49.66
C THR B 94 -9.79 14.59 -50.72
N TYR B 95 -8.75 13.83 -51.09
CA TYR B 95 -7.77 14.30 -52.07
C TYR B 95 -7.78 13.39 -53.31
N TYR B 96 -7.71 14.00 -54.48
CA TYR B 96 -7.69 13.27 -55.75
C TYR B 96 -6.43 13.67 -56.53
N ILE B 97 -5.54 12.71 -56.86
CA ILE B 97 -4.34 13.06 -57.62
C ILE B 97 -4.68 13.08 -59.10
N TYR B 98 -4.29 14.17 -59.81
CA TYR B 98 -4.57 14.30 -61.23
C TYR B 98 -3.28 14.22 -62.04
N ASP B 99 -3.21 13.28 -62.98
CA ASP B 99 -2.02 13.13 -63.84
C ASP B 99 -2.12 14.16 -64.98
N LEU B 100 -1.37 15.25 -64.86
CA LEU B 100 -1.38 16.31 -65.86
C LEU B 100 -0.80 15.86 -67.19
N SER B 101 0.25 15.03 -67.15
CA SER B 101 0.91 14.55 -68.37
C SER B 101 0.02 13.61 -69.19
N ASN B 102 -0.80 12.78 -68.53
CA ASN B 102 -1.69 11.84 -69.21
C ASN B 102 -3.06 12.45 -69.55
N GLY B 103 -3.52 13.37 -68.71
CA GLY B 103 -4.81 14.01 -68.90
C GLY B 103 -5.94 13.20 -68.29
N GLU B 104 -5.66 12.56 -67.15
CA GLU B 104 -6.64 11.73 -66.45
C GLU B 104 -6.31 11.62 -64.96
N PHE B 105 -7.31 11.30 -64.12
CA PHE B 105 -7.08 11.15 -62.69
C PHE B 105 -6.26 9.89 -62.41
N VAL B 106 -5.45 9.91 -61.34
CA VAL B 106 -4.60 8.78 -60.98
C VAL B 106 -5.39 7.61 -60.45
N ARG B 107 -5.40 6.52 -61.23
CA ARG B 107 -6.13 5.32 -60.90
C ARG B 107 -5.26 4.34 -60.13
N GLY B 108 -5.88 3.60 -59.22
CA GLY B 108 -5.18 2.54 -58.50
C GLY B 108 -5.31 2.44 -57.01
N ASN B 109 -4.20 2.66 -56.31
CA ASN B 109 -4.15 2.53 -54.87
C ASN B 109 -4.61 3.81 -54.26
N GLU B 110 -5.90 4.13 -54.49
CA GLU B 110 -6.61 5.32 -54.07
C GLU B 110 -6.36 5.74 -52.65
N LEU B 111 -6.37 7.05 -52.41
CA LEU B 111 -6.16 7.60 -51.08
C LEU B 111 -7.42 7.37 -50.22
N PRO B 112 -7.24 7.08 -48.92
CA PRO B 112 -8.39 6.90 -48.05
C PRO B 112 -9.10 8.24 -47.71
N ARG B 113 -10.25 8.16 -47.03
CA ARG B 113 -11.04 9.33 -46.66
C ARG B 113 -11.54 9.18 -45.23
N PRO B 114 -11.40 10.23 -44.40
CA PRO B 114 -10.81 11.55 -44.68
C PRO B 114 -9.35 11.70 -44.28
N ILE B 115 -8.60 12.50 -45.06
CA ILE B 115 -7.18 12.75 -44.79
C ILE B 115 -7.01 14.02 -43.97
N GLN B 116 -6.29 13.91 -42.85
CA GLN B 116 -6.04 14.99 -41.89
C GLN B 116 -4.99 16.01 -42.33
N TYR B 117 -4.03 15.60 -43.17
CA TYR B 117 -2.97 16.47 -43.71
C TYR B 117 -2.30 15.78 -44.91
N LEU B 118 -1.94 16.52 -45.95
CA LEU B 118 -1.27 15.94 -47.13
C LEU B 118 -0.34 16.99 -47.76
N CYS B 119 0.83 16.56 -48.25
CA CYS B 119 1.78 17.47 -48.90
C CYS B 119 2.75 16.72 -49.81
N TRP B 120 3.24 17.43 -50.81
CA TRP B 120 4.23 16.87 -51.71
C TRP B 120 5.62 17.07 -51.10
N SER B 121 6.63 16.33 -51.59
CA SER B 121 8.01 16.54 -51.17
C SER B 121 8.51 17.85 -51.85
N PRO B 122 9.60 18.50 -51.37
CA PRO B 122 10.05 19.74 -52.03
C PRO B 122 10.53 19.56 -53.47
N VAL B 123 10.81 18.33 -53.90
CA VAL B 123 11.17 17.99 -55.27
C VAL B 123 10.53 16.64 -55.63
N GLY B 124 10.12 16.50 -56.88
CA GLY B 124 9.54 15.25 -57.35
C GLY B 124 8.09 15.08 -57.01
N SER B 125 7.63 13.82 -57.11
CA SER B 125 6.25 13.37 -56.92
C SER B 125 6.04 12.52 -55.64
N LYS B 126 6.82 12.76 -54.57
CA LYS B 126 6.63 11.98 -53.35
C LYS B 126 5.49 12.55 -52.52
N LEU B 127 4.71 11.67 -51.88
CA LEU B 127 3.58 12.11 -51.09
C LEU B 127 3.67 11.68 -49.64
N ALA B 128 3.28 12.57 -48.73
CA ALA B 128 3.23 12.29 -47.30
C ALA B 128 1.84 12.68 -46.80
N TYR B 129 1.14 11.77 -46.09
CA TYR B 129 -0.19 12.08 -45.60
C TYR B 129 -0.58 11.40 -44.27
N VAL B 130 -1.43 12.10 -43.50
CA VAL B 130 -1.91 11.64 -42.21
C VAL B 130 -3.34 11.12 -42.33
N TYR B 131 -3.57 9.88 -41.93
CA TYR B 131 -4.87 9.27 -41.99
C TYR B 131 -5.06 8.49 -40.71
N GLN B 132 -6.10 8.82 -39.93
CA GLN B 132 -6.38 8.18 -38.65
C GLN B 132 -5.16 8.27 -37.72
N ASN B 133 -4.61 9.49 -37.60
CA ASN B 133 -3.46 9.83 -36.78
C ASN B 133 -2.21 9.05 -37.12
N ASN B 134 -2.06 8.58 -38.39
CA ASN B 134 -0.87 7.83 -38.80
C ASN B 134 -0.26 8.41 -40.07
N ILE B 135 1.06 8.27 -40.24
CA ILE B 135 1.73 8.79 -41.43
C ILE B 135 1.97 7.71 -42.46
N TYR B 136 1.59 8.00 -43.70
CA TYR B 136 1.74 7.10 -44.85
C TYR B 136 2.60 7.76 -45.92
N LEU B 137 3.33 6.97 -46.71
CA LEU B 137 4.25 7.47 -47.75
C LEU B 137 3.95 6.87 -49.09
N LYS B 138 3.80 7.70 -50.09
CA LYS B 138 3.57 7.21 -51.45
C LYS B 138 4.72 7.68 -52.32
N GLN B 139 5.60 6.76 -52.75
CA GLN B 139 6.74 7.12 -53.61
C GLN B 139 6.26 7.74 -54.92
N ARG B 140 5.17 7.19 -55.47
CA ARG B 140 4.51 7.62 -56.70
C ARG B 140 2.99 7.63 -56.44
N PRO B 141 2.26 8.63 -56.95
CA PRO B 141 0.82 8.73 -56.65
C PRO B 141 -0.04 7.46 -56.75
N GLY B 142 0.19 6.59 -57.73
CA GLY B 142 -0.60 5.37 -57.86
C GLY B 142 -0.01 4.15 -57.17
N ASP B 143 1.00 4.35 -56.32
CA ASP B 143 1.67 3.26 -55.61
C ASP B 143 1.06 3.01 -54.24
N PRO B 144 1.12 1.75 -53.74
CA PRO B 144 0.59 1.48 -52.40
C PRO B 144 1.44 2.19 -51.36
N PRO B 145 0.79 2.79 -50.35
CA PRO B 145 1.56 3.53 -49.36
C PRO B 145 2.40 2.68 -48.42
N PHE B 146 3.51 3.25 -47.95
CA PHE B 146 4.36 2.64 -46.95
C PHE B 146 3.96 3.29 -45.63
N GLN B 147 3.53 2.50 -44.64
CA GLN B 147 3.10 3.05 -43.37
C GLN B 147 4.30 3.34 -42.48
N ILE B 148 4.46 4.60 -42.06
CA ILE B 148 5.56 5.04 -41.20
C ILE B 148 5.24 4.77 -39.73
N THR B 149 4.10 5.30 -39.24
CA THR B 149 3.70 5.14 -37.85
C THR B 149 2.55 4.15 -37.70
N PHE B 150 2.41 3.56 -36.51
CA PHE B 150 1.34 2.58 -36.30
C PHE B 150 0.53 2.80 -35.00
N ASN B 151 0.99 3.69 -34.11
CA ASN B 151 0.34 3.89 -32.83
C ASN B 151 -0.79 4.93 -32.78
N GLY B 152 -1.03 5.62 -33.88
CA GLY B 152 -2.05 6.65 -33.92
C GLY B 152 -3.46 6.19 -33.57
N ARG B 153 -3.98 6.73 -32.47
CA ARG B 153 -5.33 6.46 -31.99
C ARG B 153 -6.04 7.79 -31.73
N GLU B 154 -7.32 7.91 -32.13
CA GLU B 154 -8.04 9.18 -32.02
C GLU B 154 -8.07 9.73 -30.59
N ASN B 155 -7.74 11.03 -30.49
CA ASN B 155 -7.67 11.82 -29.25
C ASN B 155 -6.66 11.28 -28.24
N LYS B 156 -5.71 10.43 -28.66
CA LYS B 156 -4.69 9.89 -27.76
C LYS B 156 -3.27 10.00 -28.34
N ILE B 157 -2.97 9.26 -29.42
CA ILE B 157 -1.64 9.33 -30.03
C ILE B 157 -1.75 10.03 -31.38
N PHE B 158 -0.97 11.10 -31.61
CA PHE B 158 -0.97 11.88 -32.84
C PHE B 158 0.34 11.75 -33.55
N ASN B 159 0.30 11.47 -34.86
CA ASN B 159 1.51 11.37 -35.69
C ASN B 159 1.37 12.23 -36.97
N GLY B 160 2.31 13.14 -37.16
CA GLY B 160 2.30 13.99 -38.35
C GLY B 160 1.38 15.19 -38.25
N ILE B 161 0.49 15.21 -37.27
CA ILE B 161 -0.43 16.31 -37.01
C ILE B 161 -0.36 16.64 -35.52
N PRO B 162 -0.56 17.90 -35.12
CA PRO B 162 -0.52 18.22 -33.68
C PRO B 162 -1.80 17.81 -32.96
N ASP B 163 -1.71 17.72 -31.63
CA ASP B 163 -2.87 17.46 -30.78
C ASP B 163 -3.64 18.81 -30.57
N TRP B 164 -4.69 18.88 -29.72
CA TRP B 164 -5.39 20.16 -29.54
C TRP B 164 -4.47 21.29 -29.06
N VAL B 165 -3.77 21.11 -27.95
CA VAL B 165 -2.98 22.17 -27.34
C VAL B 165 -1.78 22.61 -28.19
N TYR B 166 -1.09 21.70 -28.92
CA TYR B 166 0.03 22.11 -29.77
C TYR B 166 -0.46 22.86 -30.97
N GLU B 167 -1.61 22.50 -31.53
CA GLU B 167 -2.17 23.20 -32.68
C GLU B 167 -2.49 24.64 -32.31
N GLU B 168 -3.10 24.84 -31.14
CA GLU B 168 -3.52 26.16 -30.72
C GLU B 168 -2.40 27.06 -30.15
N GLU B 169 -1.76 26.64 -29.07
CA GLU B 169 -0.80 27.47 -28.36
C GLU B 169 0.64 27.35 -28.77
N MET B 170 1.05 26.29 -29.51
CA MET B 170 2.48 26.08 -29.77
C MET B 170 2.93 26.20 -31.22
N LEU B 171 2.37 25.40 -32.13
CA LEU B 171 2.78 25.39 -33.52
C LEU B 171 2.03 26.38 -34.39
N ALA B 172 0.74 26.65 -34.04
CA ALA B 172 -0.18 27.51 -34.79
C ALA B 172 -0.25 27.03 -36.26
N THR B 173 -0.35 25.70 -36.44
CA THR B 173 -0.35 25.06 -37.74
C THR B 173 -1.06 23.69 -37.70
N LYS B 174 -1.67 23.25 -38.81
CA LYS B 174 -2.38 21.94 -38.82
C LYS B 174 -1.43 20.74 -39.03
N TYR B 175 -0.14 20.99 -39.38
CA TYR B 175 0.84 19.93 -39.62
C TYR B 175 1.94 19.83 -38.55
N ALA B 176 2.57 18.68 -38.47
CA ALA B 176 3.68 18.37 -37.59
C ALA B 176 4.63 17.40 -38.30
N LEU B 177 4.86 17.63 -39.60
CA LEU B 177 5.80 16.87 -40.41
C LEU B 177 6.51 17.82 -41.40
N TRP B 178 7.80 17.56 -41.63
CA TRP B 178 8.63 18.43 -42.45
C TRP B 178 9.52 17.62 -43.34
N TRP B 179 9.44 17.84 -44.66
CA TRP B 179 10.30 17.13 -45.62
C TRP B 179 11.68 17.80 -45.64
N SER B 180 12.74 17.02 -45.85
CA SER B 180 14.08 17.58 -45.96
C SER B 180 14.21 18.36 -47.30
N PRO B 181 15.17 19.32 -47.43
CA PRO B 181 15.23 20.13 -48.67
C PRO B 181 15.12 19.39 -50.02
N ASN B 182 15.60 18.14 -50.10
CA ASN B 182 15.50 17.36 -51.35
C ASN B 182 14.65 16.09 -51.24
N GLY B 183 13.86 15.98 -50.18
CA GLY B 183 12.98 14.85 -49.95
C GLY B 183 13.66 13.58 -49.50
N LYS B 184 14.96 13.65 -49.10
CA LYS B 184 15.69 12.46 -48.66
C LYS B 184 15.21 11.96 -47.30
N PHE B 185 14.78 12.88 -46.40
CA PHE B 185 14.33 12.53 -45.06
C PHE B 185 13.05 13.21 -44.69
N LEU B 186 12.18 12.52 -43.93
CA LEU B 186 10.95 13.14 -43.46
C LEU B 186 10.99 13.18 -41.95
N ALA B 187 10.87 14.37 -41.38
CA ALA B 187 10.86 14.52 -39.93
C ALA B 187 9.39 14.64 -39.48
N TYR B 188 9.04 14.06 -38.32
CA TYR B 188 7.65 14.11 -37.84
C TYR B 188 7.51 14.13 -36.32
N ALA B 189 6.35 14.58 -35.83
CA ALA B 189 6.09 14.66 -34.41
C ALA B 189 5.16 13.54 -33.90
N GLU B 190 5.32 13.16 -32.61
CA GLU B 190 4.49 12.13 -31.98
C GLU B 190 3.97 12.65 -30.64
N PHE B 191 2.70 13.05 -30.61
CA PHE B 191 2.07 13.60 -29.41
C PHE B 191 1.29 12.57 -28.64
N ASN B 192 1.48 12.51 -27.32
CA ASN B 192 0.78 11.52 -26.49
C ASN B 192 -0.08 12.22 -25.41
N ASP B 193 -1.41 12.22 -25.63
CA ASP B 193 -2.41 12.84 -24.76
C ASP B 193 -3.13 11.84 -23.84
N THR B 194 -2.57 10.63 -23.65
CA THR B 194 -3.20 9.58 -22.87
C THR B 194 -3.59 9.98 -21.46
N ASP B 195 -2.67 10.59 -20.69
CA ASP B 195 -3.02 10.93 -19.31
C ASP B 195 -3.46 12.36 -19.10
N ILE B 196 -3.73 13.13 -20.16
CA ILE B 196 -4.20 14.51 -19.99
C ILE B 196 -5.67 14.51 -19.65
N PRO B 197 -6.11 15.30 -18.67
CA PRO B 197 -7.55 15.38 -18.38
C PRO B 197 -8.30 16.00 -19.55
N VAL B 198 -9.55 15.58 -19.77
CA VAL B 198 -10.33 16.08 -20.91
C VAL B 198 -11.36 17.14 -20.55
N ILE B 199 -11.72 17.95 -21.53
CA ILE B 199 -12.77 18.94 -21.37
C ILE B 199 -14.00 18.38 -22.09
N ALA B 200 -15.13 18.28 -21.38
CA ALA B 200 -16.34 17.75 -21.96
C ALA B 200 -17.41 18.80 -22.04
N TYR B 201 -18.04 18.90 -23.20
CA TYR B 201 -19.12 19.86 -23.40
C TYR B 201 -20.21 19.30 -24.29
N SER B 202 -21.44 19.73 -24.07
CA SER B 202 -22.57 19.27 -24.86
C SER B 202 -22.64 19.98 -26.21
N TYR B 203 -22.94 19.18 -27.24
CA TYR B 203 -23.15 19.66 -28.59
C TYR B 203 -24.54 19.16 -28.90
N TYR B 204 -25.49 20.09 -29.02
CA TYR B 204 -26.89 19.79 -29.21
C TYR B 204 -27.19 19.24 -30.62
N GLY B 205 -26.69 19.91 -31.63
CA GLY B 205 -26.89 19.50 -33.01
C GLY B 205 -28.34 19.51 -33.42
N ASP B 206 -28.74 18.56 -34.28
CA ASP B 206 -30.12 18.49 -34.74
C ASP B 206 -30.78 17.13 -34.44
N GLU B 207 -30.25 16.40 -33.47
CA GLU B 207 -30.78 15.09 -33.12
C GLU B 207 -31.55 15.13 -31.79
N GLN B 208 -32.32 14.07 -31.50
CA GLN B 208 -33.13 13.96 -30.30
C GLN B 208 -32.29 14.13 -29.03
N TYR B 209 -31.09 13.54 -28.99
CA TYR B 209 -30.21 13.68 -27.82
C TYR B 209 -28.95 14.46 -28.18
N PRO B 210 -28.44 15.29 -27.24
CA PRO B 210 -27.16 15.96 -27.50
C PRO B 210 -26.00 14.98 -27.29
N ARG B 211 -24.85 15.27 -27.91
CA ARG B 211 -23.67 14.42 -27.76
C ARG B 211 -22.55 15.12 -26.97
N THR B 212 -21.75 14.37 -26.21
CA THR B 212 -20.65 14.96 -25.47
C THR B 212 -19.41 15.00 -26.35
N ILE B 213 -18.70 16.14 -26.34
CA ILE B 213 -17.47 16.29 -27.09
C ILE B 213 -16.35 16.30 -26.04
N ASN B 214 -15.42 15.36 -26.13
CA ASN B 214 -14.28 15.27 -25.22
C ASN B 214 -13.02 15.68 -25.97
N ILE B 215 -12.21 16.53 -25.34
CA ILE B 215 -10.97 17.00 -25.94
C ILE B 215 -9.90 16.95 -24.87
N PRO B 216 -8.76 16.25 -25.08
CA PRO B 216 -7.68 16.27 -24.08
C PRO B 216 -7.10 17.67 -24.04
N TYR B 217 -7.38 18.37 -22.94
CA TYR B 217 -7.00 19.77 -22.78
C TYR B 217 -6.29 19.93 -21.44
N PRO B 218 -5.01 20.31 -21.43
CA PRO B 218 -4.33 20.54 -20.15
C PRO B 218 -4.56 21.97 -19.64
N LYS B 219 -5.33 22.11 -18.55
CA LYS B 219 -5.53 23.41 -17.91
C LYS B 219 -4.28 23.75 -17.05
N ALA B 220 -4.19 24.97 -16.52
CA ALA B 220 -2.99 25.39 -15.77
C ALA B 220 -2.58 24.41 -14.68
N GLY B 221 -1.40 23.83 -14.84
CA GLY B 221 -0.86 22.90 -13.84
C GLY B 221 -1.16 21.45 -14.10
N ALA B 222 -2.09 21.15 -15.02
CA ALA B 222 -2.48 19.77 -15.34
C ALA B 222 -1.38 19.00 -16.09
N LYS B 223 -1.49 17.65 -16.22
CA LYS B 223 -0.53 16.82 -16.95
C LYS B 223 -0.51 17.27 -18.41
N ASN B 224 0.69 17.43 -18.97
CA ASN B 224 0.91 17.91 -20.33
C ASN B 224 1.21 16.78 -21.33
N PRO B 225 0.95 17.00 -22.65
CA PRO B 225 1.26 15.94 -23.61
C PRO B 225 2.77 15.71 -23.72
N VAL B 226 3.16 14.50 -24.12
CA VAL B 226 4.58 14.17 -24.29
C VAL B 226 4.88 14.20 -25.79
N VAL B 227 6.11 14.62 -26.16
CA VAL B 227 6.48 14.72 -27.55
C VAL B 227 7.83 14.00 -27.87
N ARG B 228 7.82 13.19 -28.93
CA ARG B 228 8.99 12.48 -29.44
C ARG B 228 9.12 12.88 -30.92
N ILE B 229 10.31 13.34 -31.36
CA ILE B 229 10.48 13.71 -32.76
C ILE B 229 11.32 12.68 -33.45
N PHE B 230 10.93 12.25 -34.64
CA PHE B 230 11.65 11.22 -35.39
C PHE B 230 11.95 11.67 -36.81
N ILE B 231 12.96 11.06 -37.44
CA ILE B 231 13.32 11.33 -38.84
C ILE B 231 13.45 9.99 -39.57
N ILE B 232 12.86 9.87 -40.77
CA ILE B 232 12.92 8.62 -41.55
C ILE B 232 13.51 8.83 -42.95
N ASP B 233 14.35 7.89 -43.40
CA ASP B 233 14.95 7.95 -44.73
C ASP B 233 13.84 7.62 -45.72
N THR B 234 13.44 8.57 -46.58
CA THR B 234 12.35 8.35 -47.52
C THR B 234 12.74 7.56 -48.79
N THR B 235 14.01 7.23 -48.96
CA THR B 235 14.44 6.44 -50.10
C THR B 235 14.46 4.92 -49.72
N TYR B 236 14.82 4.61 -48.47
CA TYR B 236 14.86 3.25 -47.95
C TYR B 236 14.31 3.25 -46.50
N PRO B 237 12.99 3.39 -46.32
CA PRO B 237 12.44 3.47 -44.95
C PRO B 237 12.37 2.15 -44.22
N ALA B 238 12.56 1.03 -44.93
CA ALA B 238 12.57 -0.29 -44.32
C ALA B 238 13.94 -0.68 -43.79
N TYR B 239 15.03 -0.05 -44.27
CA TYR B 239 16.40 -0.39 -43.86
C TYR B 239 16.66 -0.24 -42.36
N VAL B 240 16.55 0.99 -41.82
CA VAL B 240 16.80 1.23 -40.40
C VAL B 240 15.55 1.80 -39.67
N GLY B 241 14.59 2.33 -40.42
CA GLY B 241 13.34 2.85 -39.88
C GLY B 241 13.43 4.24 -39.29
N PRO B 242 12.39 4.62 -38.53
CA PRO B 242 12.38 5.95 -37.91
C PRO B 242 13.36 6.10 -36.75
N GLN B 243 14.26 7.10 -36.81
CA GLN B 243 15.22 7.33 -35.75
C GLN B 243 14.79 8.48 -34.90
N GLU B 244 14.88 8.31 -33.57
CA GLU B 244 14.46 9.37 -32.66
C GLU B 244 15.52 10.45 -32.55
N VAL B 245 15.10 11.71 -32.54
CA VAL B 245 16.03 12.82 -32.42
C VAL B 245 16.38 13.04 -30.95
N PRO B 246 17.67 12.96 -30.59
CA PRO B 246 18.05 13.13 -29.17
C PRO B 246 17.67 14.47 -28.53
N VAL B 247 16.90 14.41 -27.44
CA VAL B 247 16.49 15.60 -26.71
C VAL B 247 17.66 16.07 -25.83
N PRO B 248 17.97 17.40 -25.83
CA PRO B 248 19.09 17.88 -25.00
C PRO B 248 18.97 17.50 -23.52
N ALA B 249 20.12 17.24 -22.87
CA ALA B 249 20.17 16.84 -21.46
C ALA B 249 19.48 17.81 -20.49
N MET B 250 19.59 19.11 -20.74
CA MET B 250 18.97 20.12 -19.87
C MET B 250 17.48 20.33 -20.14
N ILE B 251 16.99 19.90 -21.32
CA ILE B 251 15.57 20.03 -21.70
C ILE B 251 14.78 18.85 -21.12
N ALA B 252 15.33 17.65 -21.26
CA ALA B 252 14.74 16.40 -20.79
C ALA B 252 14.70 16.25 -19.27
N SER B 253 15.47 17.08 -18.53
CA SER B 253 15.56 17.05 -17.07
C SER B 253 14.21 17.21 -16.38
N SER B 254 13.27 17.90 -17.02
CA SER B 254 11.92 18.13 -16.52
C SER B 254 10.90 18.17 -17.71
N ASP B 255 9.62 18.60 -17.48
CA ASP B 255 8.66 18.69 -18.59
C ASP B 255 9.13 19.66 -19.65
N TYR B 256 8.84 19.37 -20.91
CA TYR B 256 9.26 20.24 -22.00
C TYR B 256 8.22 20.30 -23.17
N TYR B 257 8.47 21.20 -24.11
CA TYR B 257 7.70 21.42 -25.32
C TYR B 257 8.66 21.41 -26.52
N PHE B 258 8.15 20.99 -27.67
CA PHE B 258 8.92 21.04 -28.90
C PHE B 258 8.42 22.31 -29.53
N SER B 259 9.30 23.24 -29.75
CA SER B 259 8.96 24.55 -30.30
C SER B 259 8.77 24.53 -31.81
N TRP B 260 9.78 24.08 -32.58
CA TRP B 260 9.71 24.06 -34.05
C TRP B 260 10.90 23.30 -34.67
N LEU B 261 10.74 22.83 -35.91
CA LEU B 261 11.80 22.14 -36.64
C LEU B 261 12.16 22.93 -37.91
N THR B 262 13.46 23.12 -38.16
CA THR B 262 13.99 23.84 -39.30
C THR B 262 15.06 23.00 -40.03
N TRP B 263 14.78 22.56 -41.26
CA TRP B 263 15.75 21.79 -42.04
C TRP B 263 16.81 22.74 -42.56
N VAL B 264 18.09 22.40 -42.37
CA VAL B 264 19.17 23.22 -42.89
C VAL B 264 19.58 22.66 -44.27
N THR B 265 20.15 21.44 -44.30
CA THR B 265 20.50 20.67 -45.50
C THR B 265 19.86 19.27 -45.35
N ASP B 266 19.96 18.38 -46.36
CA ASP B 266 19.43 17.02 -46.23
C ASP B 266 20.05 16.28 -45.03
N GLU B 267 21.31 16.60 -44.69
CA GLU B 267 22.02 15.91 -43.60
C GLU B 267 22.19 16.77 -42.33
N ARG B 268 21.38 17.82 -42.18
CA ARG B 268 21.47 18.68 -41.01
C ARG B 268 20.11 19.30 -40.69
N VAL B 269 19.64 19.12 -39.47
CA VAL B 269 18.36 19.66 -39.05
C VAL B 269 18.50 20.41 -37.71
N CYS B 270 17.68 21.45 -37.55
CA CYS B 270 17.71 22.31 -36.38
C CYS B 270 16.39 22.20 -35.62
N LEU B 271 16.45 21.80 -34.36
CA LEU B 271 15.24 21.65 -33.54
C LEU B 271 15.24 22.63 -32.39
N GLN B 272 14.08 23.20 -32.06
CA GLN B 272 13.98 24.13 -30.96
C GLN B 272 13.14 23.55 -29.85
N TRP B 273 13.66 23.62 -28.63
CA TRP B 273 12.98 23.07 -27.47
C TRP B 273 12.67 24.17 -26.46
N LEU B 274 11.60 23.98 -25.67
CA LEU B 274 11.20 24.94 -24.66
C LEU B 274 10.93 24.19 -23.33
N LYS B 275 11.52 24.65 -22.21
CA LYS B 275 11.29 24.04 -20.90
C LYS B 275 9.89 24.40 -20.45
N ARG B 276 9.20 23.54 -19.66
CA ARG B 276 7.84 23.85 -19.22
C ARG B 276 7.76 25.18 -18.49
N VAL B 277 8.81 25.54 -17.76
CA VAL B 277 8.95 26.86 -17.17
C VAL B 277 9.53 27.62 -18.37
N GLN B 278 8.66 28.27 -19.17
CA GLN B 278 9.01 28.87 -20.48
C GLN B 278 9.97 30.09 -20.49
N ASN B 279 10.88 30.22 -19.50
CA ASN B 279 11.87 31.29 -19.53
C ASN B 279 13.20 30.84 -20.17
N VAL B 280 13.27 29.63 -20.74
CA VAL B 280 14.51 29.12 -21.33
C VAL B 280 14.21 28.16 -22.48
N SER B 281 14.86 28.40 -23.63
CA SER B 281 14.72 27.61 -24.84
C SER B 281 16.09 27.15 -25.33
N VAL B 282 16.14 26.02 -26.06
CA VAL B 282 17.38 25.45 -26.57
C VAL B 282 17.29 25.20 -28.08
N LEU B 283 18.27 25.69 -28.82
CA LEU B 283 18.36 25.50 -30.26
C LEU B 283 19.42 24.43 -30.50
N SER B 284 18.98 23.22 -30.77
CA SER B 284 19.87 22.09 -30.99
C SER B 284 20.04 21.79 -32.48
N ILE B 285 21.31 21.69 -32.95
CA ILE B 285 21.60 21.36 -34.35
C ILE B 285 22.11 19.92 -34.46
N CYS B 286 21.38 19.08 -35.20
CA CYS B 286 21.71 17.66 -35.36
C CYS B 286 22.21 17.33 -36.76
N ASP B 287 23.25 16.52 -36.84
CA ASP B 287 23.83 16.11 -38.12
C ASP B 287 23.63 14.63 -38.36
N PHE B 288 23.50 14.22 -39.62
CA PHE B 288 23.34 12.80 -39.95
C PHE B 288 24.69 12.06 -39.99
N ARG B 289 24.73 10.84 -39.46
CA ARG B 289 25.94 10.03 -39.44
C ARG B 289 25.75 8.81 -40.32
N GLU B 290 26.59 8.64 -41.35
CA GLU B 290 26.47 7.47 -42.23
C GLU B 290 26.73 6.18 -41.47
N ASP B 291 27.82 6.15 -40.68
CA ASP B 291 28.29 5.03 -39.85
C ASP B 291 27.20 4.32 -39.06
N TRP B 292 26.21 5.05 -38.57
CA TRP B 292 25.13 4.46 -37.78
C TRP B 292 23.71 4.76 -38.33
N GLN B 293 23.61 5.53 -39.43
CA GLN B 293 22.37 5.93 -40.09
C GLN B 293 21.40 6.59 -39.09
N THR B 294 21.96 7.35 -38.12
CA THR B 294 21.24 8.04 -37.04
C THR B 294 21.56 9.55 -36.99
N TRP B 295 20.88 10.31 -36.12
CA TRP B 295 21.13 11.73 -36.00
C TRP B 295 21.91 12.08 -34.72
N ASP B 296 23.14 12.59 -34.89
CA ASP B 296 24.00 12.98 -33.78
C ASP B 296 23.75 14.42 -33.38
N CYS B 297 23.51 14.66 -32.09
CA CYS B 297 23.28 16.00 -31.57
C CYS B 297 24.33 16.31 -30.51
N PRO B 298 25.39 17.04 -30.90
CA PRO B 298 26.46 17.33 -29.95
C PRO B 298 26.12 18.44 -28.97
N LYS B 299 26.76 18.43 -27.77
CA LYS B 299 26.58 19.49 -26.77
C LYS B 299 27.07 20.85 -27.32
N THR B 300 28.14 20.81 -28.15
CA THR B 300 28.74 21.98 -28.81
C THR B 300 27.77 22.71 -29.76
N GLN B 301 26.70 22.04 -30.20
CA GLN B 301 25.72 22.65 -31.11
C GLN B 301 24.38 22.93 -30.43
N GLU B 302 24.39 23.16 -29.10
CA GLU B 302 23.20 23.51 -28.32
C GLU B 302 23.31 24.98 -27.97
N HIS B 303 22.39 25.79 -28.45
CA HIS B 303 22.41 27.22 -28.19
C HIS B 303 21.28 27.65 -27.27
N ILE B 304 21.61 27.99 -26.02
CA ILE B 304 20.59 28.39 -25.04
C ILE B 304 20.16 29.83 -25.20
N GLU B 305 18.87 30.08 -25.07
CA GLU B 305 18.30 31.41 -25.12
C GLU B 305 17.40 31.53 -23.88
N GLU B 306 17.86 32.23 -22.84
CA GLU B 306 17.10 32.37 -21.62
C GLU B 306 16.74 33.82 -21.30
N SER B 307 15.65 34.00 -20.53
CA SER B 307 15.15 35.31 -20.14
C SER B 307 15.03 35.45 -18.61
N ARG B 308 15.92 36.26 -18.00
CA ARG B 308 15.93 36.47 -16.55
C ARG B 308 14.79 37.36 -16.05
N THR B 309 14.25 38.22 -16.92
CA THR B 309 13.18 39.17 -16.62
C THR B 309 11.81 38.57 -16.85
N GLY B 310 11.67 37.78 -17.91
CA GLY B 310 10.40 37.18 -18.27
C GLY B 310 10.50 35.86 -19.01
N TRP B 311 9.67 35.71 -20.07
CA TRP B 311 9.54 34.49 -20.89
C TRP B 311 10.44 34.47 -22.14
N ALA B 312 10.58 33.32 -22.81
CA ALA B 312 11.40 33.20 -24.01
C ALA B 312 10.66 33.59 -25.30
N GLY B 313 11.09 34.66 -25.95
CA GLY B 313 10.48 35.16 -27.18
C GLY B 313 9.24 36.02 -26.99
N GLY B 314 8.35 35.98 -27.96
CA GLY B 314 7.06 36.66 -27.93
C GLY B 314 6.00 35.57 -27.82
N PHE B 315 5.07 35.50 -28.76
CA PHE B 315 4.08 34.40 -28.79
C PHE B 315 4.75 33.05 -29.10
N PHE B 316 5.86 33.09 -29.83
CA PHE B 316 6.64 31.92 -30.16
C PHE B 316 8.12 32.21 -29.91
N VAL B 317 8.94 31.16 -29.84
CA VAL B 317 10.38 31.35 -29.74
C VAL B 317 10.83 31.52 -31.19
N SER B 318 11.43 32.68 -31.51
CA SER B 318 11.86 33.00 -32.88
C SER B 318 12.67 31.91 -33.57
N THR B 319 12.36 31.65 -34.84
CA THR B 319 13.03 30.61 -35.60
C THR B 319 14.27 31.16 -36.29
N PRO B 320 15.35 30.36 -36.40
CA PRO B 320 16.56 30.85 -37.07
C PRO B 320 16.45 30.80 -38.58
N VAL B 321 17.16 31.69 -39.26
CA VAL B 321 17.19 31.72 -40.72
C VAL B 321 18.66 31.49 -41.07
N PHE B 322 19.00 30.36 -41.69
CA PHE B 322 20.39 29.99 -41.93
C PHE B 322 21.05 30.67 -43.15
N SER B 323 22.39 30.76 -43.10
CA SER B 323 23.20 31.33 -44.18
C SER B 323 23.41 30.27 -45.28
N TYR B 324 23.94 30.69 -46.44
CA TYR B 324 24.23 29.73 -47.52
C TYR B 324 25.29 28.70 -47.08
N ASP B 325 26.19 29.07 -46.14
CA ASP B 325 27.20 28.16 -45.62
C ASP B 325 26.62 27.00 -44.77
N ALA B 326 25.34 27.14 -44.34
CA ALA B 326 24.57 26.18 -43.55
C ALA B 326 25.16 25.85 -42.18
N ILE B 327 26.07 26.70 -41.68
CA ILE B 327 26.69 26.50 -40.37
C ILE B 327 26.27 27.62 -39.41
N SER B 328 26.21 28.86 -39.92
CA SER B 328 25.78 30.01 -39.15
C SER B 328 24.29 30.38 -39.42
N TYR B 329 23.68 31.20 -38.55
CA TYR B 329 22.29 31.60 -38.74
C TYR B 329 21.96 33.00 -38.19
N TYR B 330 20.80 33.54 -38.55
CA TYR B 330 20.32 34.82 -38.06
C TYR B 330 19.06 34.57 -37.24
N LYS B 331 18.97 35.19 -36.08
CA LYS B 331 17.83 34.98 -35.19
C LYS B 331 17.45 36.30 -34.51
N ILE B 332 16.16 36.53 -34.25
CA ILE B 332 15.72 37.72 -33.55
C ILE B 332 15.56 37.41 -32.06
N PHE B 333 16.19 38.22 -31.21
CA PHE B 333 16.05 38.11 -29.76
C PHE B 333 16.52 39.40 -29.07
N SER B 334 16.29 39.52 -27.77
CA SER B 334 16.63 40.73 -27.02
C SER B 334 18.10 41.04 -26.94
N ASP B 335 18.43 42.33 -27.01
CA ASP B 335 19.81 42.79 -26.89
C ASP B 335 20.13 43.14 -25.40
N LYS B 336 21.25 43.82 -25.12
CA LYS B 336 21.59 44.20 -23.76
C LYS B 336 20.53 45.15 -23.19
N ASP B 337 20.12 46.17 -23.99
CA ASP B 337 19.12 47.17 -23.60
C ASP B 337 17.68 46.65 -23.48
N GLY B 338 17.43 45.45 -23.98
CA GLY B 338 16.10 44.86 -23.89
C GLY B 338 15.27 44.97 -25.14
N TYR B 339 15.88 45.27 -26.28
CA TYR B 339 15.13 45.37 -27.54
C TYR B 339 15.39 44.17 -28.44
N LYS B 340 14.33 43.51 -28.91
CA LYS B 340 14.44 42.34 -29.79
C LYS B 340 14.95 42.73 -31.15
N HIS B 341 16.23 42.44 -31.41
CA HIS B 341 16.95 42.75 -32.63
C HIS B 341 17.56 41.52 -33.29
N ILE B 342 17.95 41.63 -34.58
CA ILE B 342 18.56 40.53 -35.32
C ILE B 342 19.99 40.33 -34.88
N HIS B 343 20.35 39.08 -34.56
CA HIS B 343 21.73 38.73 -34.23
C HIS B 343 22.25 37.67 -35.23
N TYR B 344 23.56 37.58 -35.37
CA TYR B 344 24.19 36.62 -36.28
C TYR B 344 25.07 35.64 -35.48
N ILE B 345 24.67 34.37 -35.43
CA ILE B 345 25.40 33.38 -34.67
C ILE B 345 26.15 32.39 -35.53
N LYS B 346 27.48 32.36 -35.39
CA LYS B 346 28.31 31.40 -36.12
C LYS B 346 28.58 30.20 -35.18
N ASP B 347 29.58 30.34 -34.29
CA ASP B 347 29.99 29.31 -33.35
C ASP B 347 29.08 29.23 -32.10
N THR B 348 29.08 30.25 -31.23
CA THR B 348 28.34 30.25 -29.97
C THR B 348 27.46 31.49 -29.81
N VAL B 349 26.50 31.42 -28.87
CA VAL B 349 25.61 32.51 -28.51
C VAL B 349 26.42 33.66 -27.86
N GLU B 350 27.48 33.33 -27.13
CA GLU B 350 28.34 34.32 -26.47
C GLU B 350 28.95 35.28 -27.49
N ASN B 351 29.45 34.74 -28.62
CA ASN B 351 30.05 35.51 -29.71
C ASN B 351 29.04 35.98 -30.78
N ALA B 352 27.76 36.17 -30.41
CA ALA B 352 26.78 36.63 -31.39
C ALA B 352 27.04 38.07 -31.77
N ILE B 353 26.84 38.40 -33.05
CA ILE B 353 27.06 39.76 -33.52
C ILE B 353 25.72 40.44 -33.69
N GLN B 354 25.51 41.62 -33.06
CA GLN B 354 24.24 42.33 -33.21
C GLN B 354 24.14 43.01 -34.58
N ILE B 355 23.20 42.59 -35.42
CA ILE B 355 23.00 43.12 -36.76
C ILE B 355 22.21 44.45 -36.77
N THR B 356 21.07 44.49 -36.04
CA THR B 356 20.24 45.69 -35.91
C THR B 356 20.22 46.18 -34.45
N SER B 357 20.09 47.49 -34.21
CA SER B 357 20.08 48.02 -32.84
C SER B 357 19.28 49.33 -32.72
N GLY B 358 18.87 49.67 -31.51
CA GLY B 358 18.12 50.90 -31.27
C GLY B 358 16.86 50.73 -30.46
N LYS B 359 16.17 51.83 -30.17
CA LYS B 359 14.94 51.79 -29.39
C LYS B 359 13.71 51.54 -30.26
N TRP B 360 13.75 50.41 -30.94
CA TRP B 360 12.75 49.83 -31.83
C TRP B 360 13.06 48.32 -31.99
N GLU B 361 12.10 47.54 -32.47
CA GLU B 361 12.32 46.10 -32.60
C GLU B 361 12.28 45.59 -34.03
N ALA B 362 13.04 44.52 -34.29
CA ALA B 362 13.01 43.80 -35.55
C ALA B 362 11.91 42.75 -35.33
N ILE B 363 10.93 42.72 -36.24
CA ILE B 363 9.78 41.86 -36.05
C ILE B 363 10.02 40.49 -36.63
N ASN B 364 10.31 40.37 -37.96
CA ASN B 364 10.50 39.08 -38.64
C ASN B 364 11.57 39.09 -39.70
N ILE B 365 12.28 37.96 -39.86
CA ILE B 365 13.28 37.84 -40.91
C ILE B 365 12.61 37.08 -42.04
N PHE B 366 12.44 37.72 -43.20
CA PHE B 366 11.73 37.13 -44.33
C PHE B 366 12.57 36.24 -45.19
N ARG B 367 13.83 36.60 -45.44
CA ARG B 367 14.67 35.82 -46.35
C ARG B 367 16.15 36.13 -46.16
N VAL B 368 17.00 35.11 -46.03
CA VAL B 368 18.44 35.32 -45.92
C VAL B 368 19.05 34.75 -47.19
N THR B 369 19.41 35.63 -48.13
CA THR B 369 19.98 35.20 -49.40
C THR B 369 21.54 35.18 -49.31
N GLN B 370 22.22 34.94 -50.45
CA GLN B 370 23.67 34.90 -50.57
C GLN B 370 24.29 36.27 -50.22
N ASP B 371 23.60 37.38 -50.56
CA ASP B 371 24.15 38.71 -50.31
C ASP B 371 23.19 39.69 -49.62
N SER B 372 21.93 39.29 -49.40
CA SER B 372 20.96 40.19 -48.78
C SER B 372 20.25 39.54 -47.61
N LEU B 373 19.62 40.35 -46.77
CA LEU B 373 18.82 39.93 -45.65
C LEU B 373 17.59 40.82 -45.63
N PHE B 374 16.41 40.22 -45.67
CA PHE B 374 15.17 40.98 -45.68
C PHE B 374 14.46 40.80 -44.35
N TYR B 375 13.98 41.90 -43.75
CA TYR B 375 13.32 41.89 -42.46
C TYR B 375 12.28 43.01 -42.31
N SER B 376 11.36 42.90 -41.33
CA SER B 376 10.34 43.93 -41.09
C SER B 376 10.56 44.57 -39.72
N SER B 377 10.36 45.90 -39.58
CA SER B 377 10.60 46.57 -38.31
C SER B 377 9.72 47.80 -38.06
N ASN B 378 9.83 48.34 -36.83
CA ASN B 378 9.15 49.52 -36.31
C ASN B 378 9.86 50.81 -36.68
N GLU B 379 11.19 50.77 -36.73
CA GLU B 379 12.14 51.87 -36.94
C GLU B 379 11.58 53.15 -37.59
N PHE B 380 10.97 53.06 -38.79
CA PHE B 380 10.50 54.25 -39.51
C PHE B 380 9.65 55.22 -38.71
N GLU B 381 10.15 56.46 -38.58
CA GLU B 381 9.52 57.57 -37.89
C GLU B 381 9.11 57.28 -36.43
N GLU B 382 9.70 56.23 -35.82
CA GLU B 382 9.48 55.85 -34.43
C GLU B 382 8.02 55.51 -34.08
N TYR B 383 7.29 54.85 -34.99
CA TYR B 383 5.92 54.42 -34.71
C TYR B 383 5.91 52.91 -34.49
N PRO B 384 5.62 52.46 -33.26
CA PRO B 384 5.61 51.01 -33.00
C PRO B 384 4.50 50.21 -33.67
N GLY B 385 3.49 50.88 -34.20
CA GLY B 385 2.38 50.22 -34.86
C GLY B 385 2.52 50.04 -36.34
N ARG B 386 3.67 50.46 -36.92
CA ARG B 386 3.99 50.39 -38.35
C ARG B 386 4.84 49.20 -38.72
N ARG B 387 4.69 48.66 -39.95
CA ARG B 387 5.56 47.59 -40.42
C ARG B 387 6.23 48.01 -41.71
N ASN B 388 7.54 48.14 -41.71
CA ASN B 388 8.29 48.51 -42.89
C ASN B 388 9.33 47.47 -43.21
N ILE B 389 9.48 47.10 -44.48
CA ILE B 389 10.44 46.08 -44.86
C ILE B 389 11.77 46.68 -45.36
N TYR B 390 12.89 46.25 -44.73
CA TYR B 390 14.25 46.71 -45.02
C TYR B 390 15.11 45.60 -45.61
N ARG B 391 16.13 46.01 -46.37
CA ARG B 391 17.08 45.11 -47.00
C ARG B 391 18.51 45.50 -46.58
N ILE B 392 19.22 44.60 -45.89
CA ILE B 392 20.59 44.87 -45.50
C ILE B 392 21.55 43.87 -46.14
N SER B 393 22.72 44.35 -46.50
CA SER B 393 23.73 43.53 -47.15
C SER B 393 24.47 42.65 -46.17
N ILE B 394 24.91 41.48 -46.64
CA ILE B 394 25.71 40.57 -45.83
C ILE B 394 26.89 40.11 -46.68
N GLY B 395 28.09 40.17 -46.11
CA GLY B 395 29.28 39.74 -46.82
C GLY B 395 30.08 40.84 -47.51
N SER B 396 29.42 41.92 -47.97
CA SER B 396 30.12 43.04 -48.61
C SER B 396 30.85 43.86 -47.55
N TYR B 397 32.10 44.32 -47.83
CA TYR B 397 32.92 45.11 -46.90
C TYR B 397 32.13 46.37 -46.42
N PRO B 398 31.85 47.42 -47.23
CA PRO B 398 31.01 48.53 -46.72
C PRO B 398 29.56 48.06 -46.78
N PRO B 399 28.90 47.99 -45.62
CA PRO B 399 27.51 47.48 -45.61
C PRO B 399 26.49 48.45 -46.15
N SER B 400 25.37 47.90 -46.65
CA SER B 400 24.26 48.68 -47.17
C SER B 400 23.04 48.45 -46.29
N LYS B 401 22.13 49.42 -46.27
CA LYS B 401 20.87 49.32 -45.53
C LYS B 401 19.89 50.24 -46.23
N LYS B 402 18.78 49.70 -46.70
CA LYS B 402 17.77 50.51 -47.37
C LYS B 402 16.37 50.13 -46.91
N CYS B 403 15.46 51.11 -46.89
CA CYS B 403 14.08 50.83 -46.55
C CYS B 403 13.32 50.80 -47.83
N VAL B 404 12.95 49.61 -48.25
CA VAL B 404 12.23 49.43 -49.51
C VAL B 404 10.86 50.09 -49.50
N THR B 405 10.12 49.95 -48.40
CA THR B 405 8.73 50.38 -48.29
C THR B 405 8.48 51.79 -47.72
N CYS B 406 9.39 52.32 -46.89
CA CYS B 406 9.27 53.63 -46.24
C CYS B 406 8.57 54.72 -47.07
N HIS B 407 9.10 54.99 -48.28
CA HIS B 407 8.54 56.00 -49.15
C HIS B 407 7.99 55.43 -50.45
N LEU B 408 7.62 54.14 -50.49
CA LEU B 408 7.04 53.54 -51.69
C LEU B 408 5.71 54.24 -52.01
N ARG B 409 4.86 54.41 -50.97
CA ARG B 409 3.58 55.12 -50.97
C ARG B 409 3.43 55.56 -49.51
N LYS B 410 4.12 56.65 -49.12
CA LYS B 410 4.19 57.07 -47.71
C LYS B 410 2.85 57.32 -47.01
N GLU B 411 1.96 58.17 -47.57
CA GLU B 411 0.68 58.47 -46.91
C GLU B 411 -0.23 57.23 -46.78
N ARG B 412 -0.33 56.46 -47.85
CA ARG B 412 -1.20 55.32 -47.97
C ARG B 412 -0.69 54.05 -47.28
N CYS B 413 0.61 53.79 -47.35
CA CYS B 413 1.15 52.52 -46.90
C CYS B 413 2.29 52.58 -45.89
N GLN B 414 2.02 52.07 -44.69
CA GLN B 414 2.99 51.99 -43.61
C GLN B 414 2.86 50.67 -42.79
N TYR B 415 2.21 49.64 -43.36
CA TYR B 415 2.08 48.36 -42.68
C TYR B 415 2.19 47.28 -43.75
N TYR B 416 3.36 46.69 -43.86
CA TYR B 416 3.67 45.73 -44.91
C TYR B 416 3.94 44.31 -44.45
N THR B 417 3.87 43.38 -45.42
CA THR B 417 4.27 41.98 -45.32
C THR B 417 4.86 41.59 -46.68
N ALA B 418 5.75 40.56 -46.72
CA ALA B 418 6.40 40.18 -47.98
C ALA B 418 6.41 38.68 -48.34
N SER B 419 6.13 38.32 -49.60
CA SER B 419 6.11 36.94 -50.08
C SER B 419 7.18 36.72 -51.15
N PHE B 420 8.23 35.98 -50.80
CA PHE B 420 9.37 35.74 -51.67
C PHE B 420 9.27 34.52 -52.56
N SER B 421 9.65 34.69 -53.83
CA SER B 421 9.70 33.62 -54.81
C SER B 421 10.96 32.75 -54.53
N ASP B 422 11.08 31.58 -55.21
CA ASP B 422 12.27 30.72 -55.03
C ASP B 422 13.57 31.48 -55.32
N TYR B 423 14.44 31.53 -54.30
CA TYR B 423 15.75 32.21 -54.32
C TYR B 423 15.64 33.72 -54.35
N ALA B 424 14.47 34.28 -53.93
CA ALA B 424 14.18 35.70 -53.88
C ALA B 424 14.39 36.44 -55.20
N LYS B 425 14.12 35.77 -56.32
CA LYS B 425 14.27 36.40 -57.64
C LYS B 425 13.29 37.55 -57.80
N TYR B 426 12.07 37.37 -57.29
CA TYR B 426 10.99 38.33 -57.25
C TYR B 426 10.30 38.18 -55.89
N TYR B 427 9.62 39.22 -55.44
CA TYR B 427 8.86 39.17 -54.19
C TYR B 427 7.67 40.09 -54.25
N ALA B 428 6.64 39.80 -53.44
CA ALA B 428 5.44 40.61 -53.46
C ALA B 428 5.24 41.38 -52.15
N LEU B 429 4.92 42.68 -52.27
CA LEU B 429 4.66 43.49 -51.08
C LEU B 429 3.15 43.65 -50.83
N VAL B 430 2.67 43.24 -49.64
CA VAL B 430 1.27 43.44 -49.31
C VAL B 430 1.13 44.51 -48.25
N CYS B 431 0.55 45.65 -48.65
CA CYS B 431 0.31 46.78 -47.78
C CYS B 431 -1.09 46.59 -47.18
N TYR B 432 -1.20 46.67 -45.86
CA TYR B 432 -2.48 46.49 -45.18
C TYR B 432 -3.10 47.78 -44.66
N GLY B 433 -2.40 48.90 -44.78
CA GLY B 433 -2.89 50.18 -44.31
C GLY B 433 -1.79 51.21 -44.08
N PRO B 434 -2.10 52.40 -43.50
CA PRO B 434 -3.42 52.89 -43.03
C PRO B 434 -4.45 53.09 -44.13
N GLY B 435 -4.00 53.43 -45.34
CA GLY B 435 -4.88 53.61 -46.49
C GLY B 435 -5.42 52.31 -47.04
N ILE B 436 -6.07 52.36 -48.22
CA ILE B 436 -6.64 51.15 -48.82
C ILE B 436 -5.54 50.15 -49.18
N PRO B 437 -5.64 48.92 -48.68
CA PRO B 437 -4.59 47.93 -48.94
C PRO B 437 -4.20 47.72 -50.41
N ILE B 438 -2.90 47.59 -50.70
CA ILE B 438 -2.42 47.38 -52.06
C ILE B 438 -1.31 46.31 -52.12
N SER B 439 -1.44 45.41 -53.09
CA SER B 439 -0.47 44.35 -53.28
C SER B 439 0.29 44.65 -54.57
N THR B 440 1.63 44.71 -54.49
CA THR B 440 2.48 45.00 -55.65
C THR B 440 3.53 43.90 -55.86
N LEU B 441 4.15 43.82 -57.05
CA LEU B 441 5.16 42.80 -57.32
C LEU B 441 6.47 43.50 -57.59
N HIS B 442 7.51 43.17 -56.85
CA HIS B 442 8.82 43.80 -57.01
C HIS B 442 9.90 42.85 -57.49
N ASP B 443 10.91 43.42 -58.15
CA ASP B 443 12.09 42.72 -58.65
C ASP B 443 12.95 42.46 -57.42
N GLY B 444 13.34 41.23 -57.18
CA GLY B 444 14.12 40.88 -56.00
C GLY B 444 15.54 41.39 -55.97
N ARG B 445 16.04 41.93 -57.09
CA ARG B 445 17.41 42.39 -57.17
C ARG B 445 17.53 43.92 -57.04
N THR B 446 16.60 44.63 -57.66
CA THR B 446 16.59 46.09 -57.65
C THR B 446 15.51 46.70 -56.77
N ASP B 447 14.57 45.88 -56.24
CA ASP B 447 13.43 46.32 -55.43
C ASP B 447 12.40 47.15 -56.21
N GLN B 448 12.56 47.28 -57.54
CA GLN B 448 11.67 48.08 -58.35
C GLN B 448 10.30 47.42 -58.55
N GLU B 449 9.26 48.22 -58.62
CA GLU B 449 7.90 47.74 -58.78
C GLU B 449 7.68 47.40 -60.25
N ILE B 450 7.34 46.14 -60.55
CA ILE B 450 7.11 45.65 -61.92
C ILE B 450 5.65 45.82 -62.30
N LYS B 451 4.72 45.39 -61.41
CA LYS B 451 3.30 45.49 -61.67
C LYS B 451 2.47 45.57 -60.39
N ILE B 452 1.21 46.04 -60.48
CA ILE B 452 0.32 46.10 -59.34
C ILE B 452 -0.53 44.84 -59.34
N LEU B 453 -0.39 43.97 -58.33
CA LEU B 453 -1.12 42.71 -58.29
C LEU B 453 -2.60 42.92 -57.95
N GLU B 454 -2.89 43.67 -56.89
CA GLU B 454 -4.25 44.01 -56.47
C GLU B 454 -4.24 45.44 -55.96
N GLU B 455 -4.88 46.36 -56.68
CA GLU B 455 -4.90 47.78 -56.34
C GLU B 455 -6.09 48.14 -55.44
N ASN B 456 -7.18 47.36 -55.51
CA ASN B 456 -8.42 47.58 -54.75
C ASN B 456 -9.20 48.79 -55.24
N LYS B 457 -9.40 48.87 -56.56
CA LYS B 457 -10.15 49.97 -57.13
C LYS B 457 -11.66 49.85 -56.93
N GLU B 458 -12.17 48.63 -56.67
CA GLU B 458 -13.59 48.41 -56.43
C GLU B 458 -13.98 48.99 -55.08
N LEU B 459 -13.15 48.76 -54.05
CA LEU B 459 -13.38 49.27 -52.71
C LEU B 459 -13.17 50.80 -52.64
N GLU B 460 -12.23 51.32 -53.42
CA GLU B 460 -11.95 52.76 -53.47
C GLU B 460 -13.14 53.55 -54.02
N ASN B 461 -13.82 52.99 -55.03
CA ASN B 461 -14.99 53.61 -55.63
C ASN B 461 -16.22 53.47 -54.73
N ALA B 462 -16.34 52.32 -54.03
CA ALA B 462 -17.48 52.07 -53.15
C ALA B 462 -17.46 53.03 -51.95
N LEU B 463 -16.28 53.29 -51.41
CA LEU B 463 -16.12 54.19 -50.26
C LEU B 463 -16.21 55.69 -50.59
N LYS B 464 -16.44 56.06 -51.88
CA LYS B 464 -16.53 57.46 -52.29
C LYS B 464 -17.66 58.20 -51.62
N ASN B 465 -18.83 57.55 -51.48
CA ASN B 465 -20.01 58.15 -50.85
C ASN B 465 -20.15 57.80 -49.37
N ILE B 466 -19.10 57.25 -48.76
CA ILE B 466 -19.13 56.82 -47.37
C ILE B 466 -18.25 57.76 -46.56
N GLN B 467 -18.84 58.43 -45.57
CA GLN B 467 -18.08 59.31 -44.70
C GLN B 467 -17.51 58.49 -43.53
N LEU B 468 -16.32 57.95 -43.74
CA LEU B 468 -15.63 57.10 -42.78
C LEU B 468 -15.08 57.91 -41.61
N PRO B 469 -14.99 57.32 -40.40
CA PRO B 469 -14.42 58.06 -39.27
C PRO B 469 -12.91 58.34 -39.43
N LYS B 470 -12.40 59.38 -38.74
CA LYS B 470 -10.98 59.70 -38.79
C LYS B 470 -10.24 58.90 -37.73
N GLU B 471 -9.21 58.14 -38.10
CA GLU B 471 -8.43 57.37 -37.12
C GLU B 471 -7.13 58.07 -36.85
N GLU B 472 -6.73 58.19 -35.57
CA GLU B 472 -5.50 58.88 -35.19
C GLU B 472 -4.65 58.06 -34.23
N ILE B 473 -3.38 57.83 -34.58
CA ILE B 473 -2.47 57.10 -33.71
C ILE B 473 -1.52 58.08 -33.02
N LYS B 474 -1.74 58.30 -31.73
CA LYS B 474 -0.96 59.20 -30.90
C LYS B 474 -0.47 58.48 -29.62
N LYS B 475 0.32 59.15 -28.78
CA LYS B 475 0.79 58.55 -27.55
C LYS B 475 0.58 59.45 -26.33
N LEU B 476 0.43 58.82 -25.15
CA LEU B 476 0.27 59.49 -23.86
C LEU B 476 1.51 59.14 -23.02
N GLU B 477 1.98 60.08 -22.20
CA GLU B 477 3.15 59.83 -21.36
C GLU B 477 2.86 60.04 -19.89
N VAL B 478 2.45 58.98 -19.19
CA VAL B 478 2.14 59.07 -17.78
C VAL B 478 3.08 58.23 -16.91
N ASP B 479 3.68 58.84 -15.89
CA ASP B 479 4.60 58.20 -14.93
C ASP B 479 5.63 57.25 -15.58
N GLU B 480 6.43 57.79 -16.52
CA GLU B 480 7.48 57.07 -17.25
C GLU B 480 6.96 55.89 -18.13
N ILE B 481 5.63 55.80 -18.29
CA ILE B 481 5.03 54.76 -19.11
C ILE B 481 4.32 55.36 -20.30
N THR B 482 4.76 55.01 -21.50
CA THR B 482 4.15 55.51 -22.72
C THR B 482 3.00 54.61 -23.18
N LEU B 483 1.83 55.19 -23.41
CA LEU B 483 0.67 54.45 -23.86
C LEU B 483 0.30 54.88 -25.27
N TRP B 484 0.50 54.00 -26.26
CA TRP B 484 0.10 54.32 -27.62
C TRP B 484 -1.38 54.03 -27.76
N TYR B 485 -2.11 54.89 -28.46
CA TYR B 485 -3.53 54.70 -28.62
C TYR B 485 -4.02 55.04 -30.00
N LYS B 486 -5.12 54.41 -30.40
CA LYS B 486 -5.74 54.69 -31.68
C LYS B 486 -7.11 55.26 -31.34
N MET B 487 -7.39 56.48 -31.79
CA MET B 487 -8.69 57.07 -31.53
C MET B 487 -9.47 57.22 -32.81
N ILE B 488 -10.70 56.72 -32.82
CA ILE B 488 -11.58 56.79 -33.98
C ILE B 488 -12.63 57.86 -33.71
N LEU B 489 -12.59 58.94 -34.47
CA LEU B 489 -13.48 60.08 -34.27
C LEU B 489 -14.67 60.09 -35.22
N PRO B 490 -15.84 60.52 -34.73
CA PRO B 490 -17.03 60.61 -35.61
C PRO B 490 -16.86 61.61 -36.77
N PRO B 491 -17.63 61.45 -37.87
CA PRO B 491 -17.55 62.43 -38.95
C PRO B 491 -18.05 63.80 -38.46
N GLN B 492 -17.36 64.88 -38.89
CA GLN B 492 -17.68 66.25 -38.47
C GLN B 492 -17.56 66.35 -36.94
N PHE B 493 -16.43 65.86 -36.41
CA PHE B 493 -16.11 65.84 -34.99
C PHE B 493 -15.85 67.26 -34.49
N ASP B 494 -16.43 67.61 -33.34
CA ASP B 494 -16.30 68.92 -32.72
C ASP B 494 -15.62 68.79 -31.37
N ARG B 495 -14.46 69.42 -31.20
CA ARG B 495 -13.72 69.39 -29.94
C ARG B 495 -14.42 70.16 -28.79
N SER B 496 -15.53 70.88 -29.07
CA SER B 496 -16.27 71.59 -28.03
C SER B 496 -17.45 70.79 -27.44
N LYS B 497 -17.84 69.69 -28.08
CA LYS B 497 -18.97 68.91 -27.62
C LYS B 497 -18.53 67.68 -26.86
N LYS B 498 -19.46 67.10 -26.08
CA LYS B 498 -19.20 65.91 -25.31
C LYS B 498 -19.69 64.67 -26.09
N TYR B 499 -18.82 63.67 -26.25
CA TYR B 499 -19.16 62.47 -26.99
C TYR B 499 -19.07 61.23 -26.10
N PRO B 500 -19.99 60.27 -26.26
CA PRO B 500 -19.86 59.01 -25.49
C PRO B 500 -18.61 58.25 -25.93
N LEU B 501 -17.94 57.58 -24.99
CA LEU B 501 -16.69 56.88 -25.31
C LEU B 501 -16.78 55.37 -25.15
N LEU B 502 -16.26 54.60 -26.12
CA LEU B 502 -16.22 53.15 -26.04
C LEU B 502 -14.75 52.73 -26.15
N ILE B 503 -14.31 51.84 -25.27
CA ILE B 503 -12.95 51.36 -25.28
C ILE B 503 -12.96 49.93 -25.79
N GLN B 504 -12.21 49.63 -26.87
CA GLN B 504 -12.10 48.26 -27.36
C GLN B 504 -10.79 47.75 -26.79
N VAL B 505 -10.85 46.67 -26.00
CA VAL B 505 -9.67 46.17 -25.33
C VAL B 505 -9.37 44.69 -25.63
N TYR B 506 -8.08 44.36 -25.62
CA TYR B 506 -7.50 43.02 -25.75
C TYR B 506 -6.45 43.00 -24.60
N GLY B 507 -5.32 43.69 -24.76
CA GLY B 507 -4.30 43.81 -23.72
C GLY B 507 -3.55 42.58 -23.23
N GLY B 508 -3.63 41.49 -23.97
CA GLY B 508 -2.92 40.26 -23.62
C GLY B 508 -1.42 40.37 -23.84
N PRO B 509 -0.60 39.56 -23.12
CA PRO B 509 0.85 39.65 -23.32
C PRO B 509 1.25 39.25 -24.74
N CYS B 510 2.28 39.94 -25.30
CA CYS B 510 2.83 39.74 -26.65
C CYS B 510 1.94 40.30 -27.77
N SER B 511 0.87 41.02 -27.43
CA SER B 511 -0.06 41.55 -28.41
C SER B 511 0.20 43.02 -28.78
N GLN B 512 -0.54 43.53 -29.77
CA GLN B 512 -0.49 44.92 -30.18
C GLN B 512 -1.80 45.22 -30.91
N SER B 513 -2.58 46.16 -30.38
CA SER B 513 -3.85 46.53 -30.98
C SER B 513 -3.87 47.94 -31.63
N VAL B 514 -2.78 48.68 -31.50
CA VAL B 514 -2.67 49.99 -32.13
C VAL B 514 -1.73 49.81 -33.33
N ARG B 515 -2.28 49.37 -34.46
CA ARG B 515 -1.48 49.16 -35.67
C ARG B 515 -1.98 50.03 -36.81
N SER B 516 -1.11 50.35 -37.76
CA SER B 516 -1.47 51.16 -38.92
C SER B 516 -2.18 50.28 -39.98
N VAL B 517 -3.22 49.54 -39.56
CA VAL B 517 -3.96 48.63 -40.42
C VAL B 517 -5.32 49.19 -40.77
N PHE B 518 -5.67 49.17 -42.06
CA PHE B 518 -6.96 49.62 -42.54
C PHE B 518 -7.99 48.56 -42.20
N ALA B 519 -9.16 48.98 -41.71
CA ALA B 519 -10.26 48.08 -41.38
C ALA B 519 -11.57 48.86 -41.30
N VAL B 520 -12.64 48.33 -41.91
CA VAL B 520 -13.97 48.91 -41.85
C VAL B 520 -14.77 47.89 -41.04
N ASN B 521 -14.69 48.03 -39.70
CA ASN B 521 -15.27 47.11 -38.71
C ASN B 521 -16.42 47.72 -37.91
N TRP B 522 -16.96 46.98 -36.91
CA TRP B 522 -18.07 47.43 -36.06
C TRP B 522 -17.80 48.80 -35.44
N ILE B 523 -16.62 49.01 -34.84
CA ILE B 523 -16.31 50.29 -34.20
C ILE B 523 -16.19 51.45 -35.19
N SER B 524 -16.01 51.17 -36.49
CA SER B 524 -16.00 52.21 -37.51
C SER B 524 -17.46 52.68 -37.70
N TYR B 525 -18.46 51.74 -37.63
CA TYR B 525 -19.89 52.05 -37.74
C TYR B 525 -20.35 52.84 -36.54
N LEU B 526 -19.95 52.42 -35.34
CA LEU B 526 -20.32 53.09 -34.10
C LEU B 526 -19.92 54.56 -34.11
N ALA B 527 -18.75 54.87 -34.70
CA ALA B 527 -18.25 56.25 -34.82
C ALA B 527 -18.89 56.96 -36.00
N SER B 528 -19.09 56.26 -37.11
CA SER B 528 -19.66 56.81 -38.34
C SER B 528 -21.18 57.16 -38.25
N LYS B 529 -22.00 56.26 -37.66
CA LYS B 529 -23.44 56.45 -37.54
C LYS B 529 -23.93 56.82 -36.12
N GLU B 530 -23.39 56.18 -35.07
CA GLU B 530 -23.84 56.43 -33.71
C GLU B 530 -23.06 57.50 -32.93
N GLY B 531 -22.29 58.34 -33.63
CA GLY B 531 -21.50 59.42 -33.04
C GLY B 531 -20.75 59.15 -31.74
N MET B 532 -20.00 58.05 -31.68
CA MET B 532 -19.23 57.70 -30.50
C MET B 532 -17.74 57.87 -30.77
N VAL B 533 -16.97 58.17 -29.73
CA VAL B 533 -15.52 58.19 -29.84
C VAL B 533 -15.05 56.77 -29.43
N ILE B 534 -14.18 56.17 -30.25
CA ILE B 534 -13.66 54.84 -29.96
C ILE B 534 -12.16 54.95 -29.66
N ALA B 535 -11.65 54.15 -28.71
CA ALA B 535 -10.23 54.17 -28.39
C ALA B 535 -9.69 52.77 -28.13
N LEU B 536 -8.44 52.54 -28.54
CA LEU B 536 -7.73 51.29 -28.39
C LEU B 536 -6.39 51.65 -27.76
N VAL B 537 -6.13 51.24 -26.53
CA VAL B 537 -4.89 51.61 -25.83
C VAL B 537 -3.93 50.43 -25.61
N ASP B 538 -2.64 50.62 -25.95
CA ASP B 538 -1.63 49.61 -25.73
C ASP B 538 -0.71 49.95 -24.58
N GLY B 539 -0.88 49.27 -23.45
CA GLY B 539 -0.08 49.49 -22.26
C GLY B 539 0.94 48.41 -21.98
N ARG B 540 1.27 48.20 -20.71
CA ARG B 540 2.24 47.19 -20.28
C ARG B 540 1.73 45.82 -20.65
N GLY B 541 2.65 44.99 -21.12
CA GLY B 541 2.32 43.65 -21.60
C GLY B 541 2.29 43.58 -23.11
N THR B 542 2.06 44.71 -23.79
CA THR B 542 2.03 44.72 -25.26
C THR B 542 3.47 44.72 -25.80
N ALA B 543 3.65 44.05 -26.94
CA ALA B 543 4.92 43.80 -27.57
C ALA B 543 5.45 44.96 -28.50
N PHE B 544 6.73 44.82 -29.01
CA PHE B 544 7.41 45.65 -30.00
C PHE B 544 7.91 47.00 -29.46
N GLN B 545 7.92 47.19 -28.13
CA GLN B 545 8.46 48.41 -27.54
C GLN B 545 9.50 48.12 -26.45
N GLY B 546 10.22 47.02 -26.61
CA GLY B 546 11.21 46.62 -25.62
C GLY B 546 10.64 45.68 -24.58
N ASP B 547 11.52 45.06 -23.81
CA ASP B 547 11.15 44.09 -22.81
C ASP B 547 10.69 44.66 -21.49
N LYS B 548 11.02 45.92 -21.19
CA LYS B 548 10.55 46.56 -19.95
C LYS B 548 9.02 46.69 -20.00
N LEU B 549 8.47 47.00 -21.19
CA LEU B 549 7.02 47.13 -21.38
C LEU B 549 6.40 45.74 -21.44
N LEU B 550 7.00 44.83 -22.25
CA LEU B 550 6.51 43.47 -22.44
C LEU B 550 6.47 42.62 -21.16
N TYR B 551 7.59 42.49 -20.46
CA TYR B 551 7.67 41.68 -19.24
C TYR B 551 7.11 42.33 -17.99
N ALA B 552 6.50 43.52 -18.09
CA ALA B 552 5.93 44.18 -16.90
C ALA B 552 4.77 43.38 -16.28
N VAL B 553 4.03 42.64 -17.11
CA VAL B 553 2.91 41.82 -16.66
C VAL B 553 3.33 40.38 -16.31
N TYR B 554 4.64 40.08 -16.25
CA TYR B 554 5.09 38.73 -15.93
C TYR B 554 4.66 38.34 -14.53
N ARG B 555 3.92 37.21 -14.44
CA ARG B 555 3.34 36.65 -13.22
C ARG B 555 2.34 37.60 -12.53
N LYS B 556 1.91 38.68 -13.20
CA LYS B 556 0.98 39.66 -12.65
C LYS B 556 -0.13 39.98 -13.66
N LEU B 557 -0.79 38.93 -14.20
CA LEU B 557 -1.86 39.14 -15.16
C LEU B 557 -3.11 39.70 -14.49
N GLY B 558 -3.86 40.49 -15.24
CA GLY B 558 -5.08 41.14 -14.77
C GLY B 558 -4.83 42.33 -13.86
N VAL B 559 -3.62 42.89 -13.88
CA VAL B 559 -3.27 44.01 -13.01
C VAL B 559 -2.87 45.28 -13.79
N TYR B 560 -1.73 45.28 -14.53
CA TYR B 560 -1.26 46.48 -15.22
C TYR B 560 -2.04 46.81 -16.47
N GLU B 561 -2.46 45.79 -17.23
CA GLU B 561 -3.25 46.04 -18.45
C GLU B 561 -4.58 46.72 -18.11
N VAL B 562 -5.17 46.37 -16.96
CA VAL B 562 -6.41 46.97 -16.48
C VAL B 562 -6.14 48.41 -16.05
N GLU B 563 -5.09 48.64 -15.25
CA GLU B 563 -4.70 49.98 -14.78
C GLU B 563 -4.40 50.93 -15.93
N ASP B 564 -3.75 50.43 -16.98
CA ASP B 564 -3.39 51.26 -18.12
C ASP B 564 -4.61 51.69 -18.94
N GLN B 565 -5.70 50.87 -18.99
CA GLN B 565 -6.93 51.30 -19.66
C GLN B 565 -7.60 52.43 -18.84
N ILE B 566 -7.54 52.34 -17.51
CA ILE B 566 -8.09 53.35 -16.60
C ILE B 566 -7.31 54.65 -16.71
N THR B 567 -5.98 54.56 -16.74
CA THR B 567 -5.10 55.73 -16.86
C THR B 567 -5.41 56.49 -18.15
N ALA B 568 -5.62 55.74 -19.25
CA ALA B 568 -5.95 56.31 -20.53
C ALA B 568 -7.32 56.99 -20.53
N VAL B 569 -8.35 56.36 -19.95
CA VAL B 569 -9.68 56.98 -19.90
C VAL B 569 -9.66 58.28 -19.11
N ARG B 570 -8.91 58.33 -18.00
CA ARG B 570 -8.78 59.55 -17.21
C ARG B 570 -8.15 60.68 -18.04
N LYS B 571 -7.18 60.33 -18.90
CA LYS B 571 -6.50 61.26 -19.78
C LYS B 571 -7.42 61.74 -20.91
N PHE B 572 -8.21 60.81 -21.49
CA PHE B 572 -9.17 61.15 -22.56
C PHE B 572 -10.30 62.04 -22.04
N ILE B 573 -10.70 61.87 -20.77
CA ILE B 573 -11.72 62.68 -20.14
C ILE B 573 -11.23 64.11 -20.04
N GLU B 574 -10.00 64.30 -19.52
CA GLU B 574 -9.46 65.65 -19.36
C GLU B 574 -9.10 66.35 -20.69
N MET B 575 -9.34 65.69 -21.84
CA MET B 575 -9.21 66.33 -23.14
C MET B 575 -10.41 67.27 -23.42
N GLY B 576 -11.54 67.06 -22.73
CA GLY B 576 -12.70 67.92 -22.80
C GLY B 576 -13.85 67.50 -23.68
N PHE B 577 -13.60 66.57 -24.62
CA PHE B 577 -14.65 66.14 -25.54
C PHE B 577 -15.29 64.81 -25.21
N ILE B 578 -15.06 64.28 -23.99
CA ILE B 578 -15.66 63.01 -23.60
C ILE B 578 -16.70 63.21 -22.50
N ASP B 579 -17.89 62.62 -22.65
CA ASP B 579 -18.94 62.72 -21.64
C ASP B 579 -18.61 61.69 -20.57
N GLU B 580 -18.15 62.15 -19.38
CA GLU B 580 -17.74 61.28 -18.27
C GLU B 580 -18.87 60.35 -17.76
N LYS B 581 -20.13 60.73 -18.01
CA LYS B 581 -21.31 59.97 -17.63
C LYS B 581 -21.58 58.80 -18.59
N ARG B 582 -21.18 58.91 -19.87
CA ARG B 582 -21.39 57.86 -20.85
C ARG B 582 -20.10 57.22 -21.38
N ILE B 583 -19.48 56.31 -20.60
CA ILE B 583 -18.28 55.58 -21.04
C ILE B 583 -18.51 54.06 -20.96
N ALA B 584 -18.00 53.30 -21.91
CA ALA B 584 -18.17 51.85 -21.94
C ALA B 584 -16.89 51.13 -22.34
N ILE B 585 -16.78 49.83 -22.04
CA ILE B 585 -15.62 49.04 -22.44
C ILE B 585 -16.07 47.66 -22.89
N TRP B 586 -15.59 47.24 -24.07
CA TRP B 586 -15.92 45.93 -24.58
C TRP B 586 -14.65 45.18 -24.96
N GLY B 587 -14.74 43.86 -24.89
CA GLY B 587 -13.64 42.98 -25.24
C GLY B 587 -14.08 41.54 -25.40
N TRP B 588 -13.28 40.80 -26.17
CA TRP B 588 -13.48 39.39 -26.48
C TRP B 588 -12.28 38.62 -25.99
N SER B 589 -12.52 37.45 -25.38
CA SER B 589 -11.47 36.54 -24.94
C SER B 589 -10.58 37.18 -23.85
N TYR B 590 -9.27 37.53 -24.13
CA TYR B 590 -8.44 38.23 -23.16
C TYR B 590 -9.08 39.60 -22.89
N GLY B 591 -9.60 40.26 -23.93
CA GLY B 591 -10.30 41.53 -23.77
C GLY B 591 -11.56 41.45 -22.93
N GLY B 592 -12.13 40.25 -22.82
CA GLY B 592 -13.32 39.96 -22.00
C GLY B 592 -12.94 39.87 -20.54
N TYR B 593 -11.73 39.39 -20.25
CA TYR B 593 -11.18 39.30 -18.91
C TYR B 593 -10.84 40.74 -18.45
N VAL B 594 -10.15 41.51 -19.31
CA VAL B 594 -9.73 42.87 -19.00
C VAL B 594 -10.91 43.84 -18.83
N SER B 595 -11.93 43.77 -19.72
CA SER B 595 -13.09 44.65 -19.60
C SER B 595 -13.93 44.31 -18.36
N SER B 596 -13.98 43.03 -17.97
CA SER B 596 -14.74 42.64 -16.78
C SER B 596 -14.05 43.20 -15.54
N LEU B 597 -12.71 43.09 -15.47
CA LEU B 597 -11.95 43.59 -14.33
C LEU B 597 -11.95 45.11 -14.28
N ALA B 598 -11.91 45.77 -15.45
CA ALA B 598 -11.94 47.23 -15.51
C ALA B 598 -13.31 47.76 -15.10
N LEU B 599 -14.38 47.06 -15.52
CA LEU B 599 -15.74 47.43 -15.16
C LEU B 599 -15.97 47.25 -13.66
N ALA B 600 -15.35 46.24 -13.04
CA ALA B 600 -15.48 46.01 -11.60
C ALA B 600 -14.30 46.60 -10.82
N SER B 601 -13.62 47.63 -11.35
CA SER B 601 -12.50 48.24 -10.65
C SER B 601 -12.92 49.13 -9.50
N GLY B 602 -14.13 49.65 -9.54
CA GLY B 602 -14.66 50.52 -8.50
C GLY B 602 -14.23 51.97 -8.64
N THR B 603 -13.92 52.39 -9.88
CA THR B 603 -13.49 53.76 -10.17
C THR B 603 -14.63 54.66 -10.61
N GLY B 604 -15.73 54.08 -11.08
CA GLY B 604 -16.89 54.81 -11.56
C GLY B 604 -16.71 55.43 -12.93
N LEU B 605 -15.64 55.08 -13.63
CA LEU B 605 -15.37 55.63 -14.96
C LEU B 605 -16.30 55.02 -15.99
N PHE B 606 -16.41 53.68 -15.99
CA PHE B 606 -17.26 52.97 -16.94
C PHE B 606 -18.70 52.81 -16.44
N LYS B 607 -19.66 53.17 -17.30
CA LYS B 607 -21.08 53.04 -17.01
C LYS B 607 -21.51 51.60 -17.30
N CYS B 608 -21.09 51.05 -18.45
CA CYS B 608 -21.44 49.69 -18.83
C CYS B 608 -20.26 48.98 -19.49
N GLY B 609 -20.32 47.66 -19.56
CA GLY B 609 -19.28 46.86 -20.16
C GLY B 609 -19.78 45.56 -20.77
N ILE B 610 -19.08 45.03 -21.76
CA ILE B 610 -19.46 43.78 -22.43
C ILE B 610 -18.25 42.86 -22.41
N ALA B 611 -18.45 41.61 -22.06
CA ALA B 611 -17.40 40.61 -22.07
C ALA B 611 -17.87 39.44 -22.95
N VAL B 612 -17.20 39.23 -24.10
CA VAL B 612 -17.55 38.13 -25.01
C VAL B 612 -16.54 37.02 -24.83
N ALA B 613 -16.99 35.78 -24.57
CA ALA B 613 -16.17 34.60 -24.29
C ALA B 613 -14.94 34.92 -23.41
N PRO B 614 -15.14 35.53 -22.22
CA PRO B 614 -13.99 35.92 -21.41
C PRO B 614 -13.30 34.81 -20.65
N VAL B 615 -12.06 35.05 -20.24
CA VAL B 615 -11.37 34.14 -19.32
C VAL B 615 -11.74 34.68 -17.91
N SER B 616 -12.18 33.82 -17.00
CA SER B 616 -12.58 34.24 -15.66
C SER B 616 -11.50 33.93 -14.60
N SER B 617 -10.77 32.84 -14.80
CA SER B 617 -9.72 32.43 -13.90
C SER B 617 -8.63 31.78 -14.72
N TRP B 618 -7.37 31.97 -14.30
CA TRP B 618 -6.27 31.34 -15.03
C TRP B 618 -6.16 29.82 -14.77
N GLU B 619 -6.94 29.30 -13.80
CA GLU B 619 -7.10 27.89 -13.51
C GLU B 619 -7.83 27.17 -14.68
N TYR B 620 -8.63 27.91 -15.49
CA TYR B 620 -9.43 27.30 -16.56
C TYR B 620 -8.82 27.35 -17.96
N TYR B 621 -7.72 28.08 -18.12
CA TYR B 621 -7.10 28.23 -19.43
C TYR B 621 -5.93 27.24 -19.71
N ALA B 622 -5.60 27.02 -21.00
CA ALA B 622 -4.52 26.17 -21.46
C ALA B 622 -3.18 26.45 -20.77
N SER B 623 -2.52 25.39 -20.31
CA SER B 623 -1.24 25.46 -19.60
C SER B 623 -0.15 26.11 -20.43
N VAL B 624 -0.09 25.80 -21.73
CA VAL B 624 0.93 26.32 -22.65
C VAL B 624 0.91 27.85 -22.71
N TYR B 625 -0.29 28.43 -22.72
CA TYR B 625 -0.43 29.88 -22.74
C TYR B 625 -0.32 30.44 -21.34
N THR B 626 -1.05 29.88 -20.38
CA THR B 626 -1.10 30.43 -19.03
C THR B 626 0.22 30.37 -18.27
N GLU B 627 0.87 29.20 -18.20
CA GLU B 627 2.13 29.07 -17.46
C GLU B 627 3.31 29.83 -18.11
N ARG B 628 3.10 30.37 -19.31
CA ARG B 628 4.12 31.10 -20.02
C ARG B 628 4.27 32.48 -19.39
N PHE B 629 3.16 33.15 -19.08
CA PHE B 629 3.19 34.50 -18.50
C PHE B 629 2.82 34.57 -17.01
N MET B 630 2.40 33.46 -16.40
CA MET B 630 2.01 33.45 -14.99
C MET B 630 2.71 32.37 -14.14
N GLY B 631 3.43 31.46 -14.79
CA GLY B 631 4.09 30.38 -14.09
C GLY B 631 3.11 29.29 -13.65
N LEU B 632 3.52 28.50 -12.65
CA LEU B 632 2.76 27.38 -12.15
C LEU B 632 1.80 27.78 -11.04
N PRO B 633 0.61 27.16 -11.00
CA PRO B 633 -0.32 27.45 -9.91
C PRO B 633 -0.05 26.55 -8.70
N THR B 634 1.17 26.57 -8.17
CA THR B 634 1.51 25.77 -6.99
C THR B 634 1.87 26.68 -5.81
N LYS B 635 1.86 26.15 -4.58
CA LYS B 635 2.23 26.95 -3.41
C LYS B 635 3.67 27.44 -3.52
N ASP B 636 4.58 26.58 -4.04
CA ASP B 636 5.98 26.94 -4.21
C ASP B 636 6.23 27.96 -5.35
N ASP B 637 5.24 28.16 -6.24
CA ASP B 637 5.41 29.09 -7.34
C ASP B 637 4.40 30.31 -7.28
N ASN B 638 3.40 30.39 -8.19
CA ASN B 638 2.52 31.54 -8.24
C ASN B 638 1.04 31.24 -7.98
N LEU B 639 0.71 30.32 -7.06
CA LEU B 639 -0.69 30.02 -6.76
C LEU B 639 -1.41 31.24 -6.17
N GLU B 640 -0.72 32.04 -5.36
CA GLU B 640 -1.29 33.25 -4.74
C GLU B 640 -1.92 34.19 -5.77
N HIS B 641 -1.20 34.49 -6.85
CA HIS B 641 -1.72 35.39 -7.87
C HIS B 641 -2.78 34.76 -8.73
N TYR B 642 -2.73 33.44 -8.93
CA TYR B 642 -3.74 32.74 -9.72
C TYR B 642 -5.13 32.92 -9.05
N LYS B 643 -5.16 32.89 -7.72
CA LYS B 643 -6.37 33.05 -6.93
C LYS B 643 -6.83 34.50 -6.89
N ASN B 644 -5.88 35.44 -6.80
CA ASN B 644 -6.19 36.87 -6.70
C ASN B 644 -6.56 37.51 -8.05
N SER B 645 -6.21 36.87 -9.16
CA SER B 645 -6.45 37.38 -10.52
C SER B 645 -7.71 36.79 -11.19
N THR B 646 -8.81 36.64 -10.42
CA THR B 646 -10.04 36.11 -11.00
C THR B 646 -11.12 37.17 -11.10
N VAL B 647 -11.99 37.03 -12.09
CA VAL B 647 -13.12 37.94 -12.26
C VAL B 647 -14.16 37.71 -11.14
N MET B 648 -14.35 36.43 -10.73
CA MET B 648 -15.29 36.05 -9.68
C MET B 648 -15.02 36.74 -8.34
N ALA B 649 -13.74 37.02 -8.02
CA ALA B 649 -13.42 37.71 -6.75
C ALA B 649 -13.88 39.18 -6.74
N ARG B 650 -14.21 39.75 -7.92
CA ARG B 650 -14.67 41.12 -8.04
C ARG B 650 -16.19 41.24 -8.25
N ALA B 651 -16.95 40.16 -7.97
CA ALA B 651 -18.41 40.10 -8.16
C ALA B 651 -19.20 41.22 -7.50
N GLU B 652 -18.93 41.53 -6.22
CA GLU B 652 -19.67 42.60 -5.52
C GLU B 652 -19.46 44.00 -6.11
N TYR B 653 -18.43 44.16 -6.96
CA TYR B 653 -18.15 45.44 -7.59
C TYR B 653 -18.96 45.68 -8.86
N PHE B 654 -19.72 44.69 -9.36
CA PHE B 654 -20.56 44.87 -10.54
C PHE B 654 -21.97 45.38 -10.19
N ARG B 655 -22.21 45.78 -8.94
CA ARG B 655 -23.53 46.21 -8.49
C ARG B 655 -24.06 47.50 -9.13
N ASN B 656 -23.22 48.55 -9.33
CA ASN B 656 -23.73 49.79 -9.93
C ASN B 656 -23.37 50.00 -11.39
N VAL B 657 -22.94 48.94 -12.06
CA VAL B 657 -22.58 49.00 -13.47
C VAL B 657 -23.43 48.02 -14.28
N ASP B 658 -23.65 48.32 -15.56
CA ASP B 658 -24.42 47.42 -16.42
C ASP B 658 -23.46 46.46 -17.12
N TYR B 659 -23.56 45.17 -16.84
CA TYR B 659 -22.67 44.17 -17.38
C TYR B 659 -23.39 43.29 -18.42
N LEU B 660 -22.77 43.04 -19.57
CA LEU B 660 -23.31 42.13 -20.57
C LEU B 660 -22.32 41.00 -20.75
N LEU B 661 -22.69 39.78 -20.36
CA LEU B 661 -21.84 38.60 -20.44
C LEU B 661 -22.29 37.65 -21.56
N ILE B 662 -21.44 37.46 -22.60
CA ILE B 662 -21.73 36.58 -23.74
C ILE B 662 -20.71 35.43 -23.83
N HIS B 663 -21.15 34.23 -24.26
CA HIS B 663 -20.26 33.08 -24.40
C HIS B 663 -20.90 31.95 -25.23
N GLY B 664 -20.12 31.32 -26.08
CA GLY B 664 -20.58 30.19 -26.89
C GLY B 664 -20.47 28.89 -26.13
N THR B 665 -21.51 28.04 -26.18
CA THR B 665 -21.57 26.78 -25.43
C THR B 665 -20.56 25.71 -25.90
N ALA B 666 -20.16 25.75 -27.19
CA ALA B 666 -19.21 24.76 -27.72
C ALA B 666 -17.83 25.37 -27.92
N ASP B 667 -17.45 26.29 -27.03
CA ASP B 667 -16.15 26.93 -27.12
C ASP B 667 -15.11 25.95 -26.59
N ASP B 668 -14.26 25.46 -27.48
CA ASP B 668 -13.17 24.52 -27.17
C ASP B 668 -11.94 25.25 -26.63
N ASN B 669 -11.75 26.54 -27.00
CA ASN B 669 -10.62 27.36 -26.60
C ASN B 669 -10.87 27.91 -25.18
N VAL B 670 -11.64 28.98 -25.02
CA VAL B 670 -11.97 29.56 -23.72
C VAL B 670 -13.32 28.95 -23.36
N HIS B 671 -13.30 27.87 -22.59
CA HIS B 671 -14.50 27.11 -22.24
C HIS B 671 -15.64 27.90 -21.61
N PHE B 672 -16.89 27.51 -21.94
CA PHE B 672 -18.11 28.09 -21.39
C PHE B 672 -18.09 28.11 -19.84
N GLN B 673 -17.32 27.21 -19.23
CA GLN B 673 -17.09 27.13 -17.78
C GLN B 673 -16.69 28.51 -17.22
N ASN B 674 -15.83 29.24 -17.94
CA ASN B 674 -15.37 30.57 -17.55
C ASN B 674 -16.56 31.52 -17.32
N SER B 675 -17.52 31.59 -18.25
CA SER B 675 -18.69 32.45 -18.06
C SER B 675 -19.70 31.86 -17.08
N ALA B 676 -19.80 30.52 -17.05
CA ALA B 676 -20.68 29.83 -16.11
C ALA B 676 -20.28 30.15 -14.66
N GLN B 677 -18.98 30.26 -14.39
CA GLN B 677 -18.48 30.61 -13.06
C GLN B 677 -18.73 32.07 -12.69
N ILE B 678 -18.58 33.01 -13.66
CA ILE B 678 -18.83 34.44 -13.44
C ILE B 678 -20.30 34.64 -13.08
N ALA B 679 -21.20 34.04 -13.87
CA ALA B 679 -22.65 34.11 -13.68
C ALA B 679 -23.06 33.57 -12.31
N LYS B 680 -22.41 32.50 -11.87
CA LYS B 680 -22.68 31.88 -10.58
C LYS B 680 -22.26 32.82 -9.45
N ALA B 681 -21.10 33.50 -9.60
CA ALA B 681 -20.57 34.43 -8.61
C ALA B 681 -21.46 35.67 -8.50
N LEU B 682 -21.94 36.18 -9.64
CA LEU B 682 -22.81 37.35 -9.67
C LEU B 682 -24.17 37.01 -9.03
N VAL B 683 -24.65 35.75 -9.19
CA VAL B 683 -25.90 35.33 -8.58
C VAL B 683 -25.71 35.29 -7.08
N ASN B 684 -24.61 34.68 -6.61
CA ASN B 684 -24.29 34.60 -5.17
C ASN B 684 -24.10 35.99 -4.53
N ALA B 685 -23.54 36.93 -5.28
CA ALA B 685 -23.35 38.30 -4.82
C ALA B 685 -24.62 39.17 -4.93
N GLN B 686 -25.72 38.63 -5.51
CA GLN B 686 -27.00 39.31 -5.71
C GLN B 686 -26.86 40.52 -6.61
N VAL B 687 -26.16 40.33 -7.72
CA VAL B 687 -25.85 41.39 -8.68
C VAL B 687 -26.60 41.11 -10.00
N ASP B 688 -27.30 42.12 -10.55
CA ASP B 688 -28.02 41.94 -11.79
C ASP B 688 -27.14 42.21 -12.99
N PHE B 689 -27.32 41.41 -14.06
CA PHE B 689 -26.56 41.56 -15.29
C PHE B 689 -27.34 40.99 -16.49
N GLN B 690 -26.97 41.37 -17.70
CA GLN B 690 -27.61 40.84 -18.91
C GLN B 690 -26.68 39.75 -19.49
N ALA B 691 -27.23 38.68 -20.04
CA ALA B 691 -26.42 37.59 -20.58
C ALA B 691 -26.90 37.09 -21.95
N MET B 692 -26.05 36.36 -22.67
CA MET B 692 -26.38 35.75 -23.95
C MET B 692 -25.48 34.54 -24.22
N TRP B 693 -26.07 33.42 -24.61
CA TRP B 693 -25.30 32.22 -24.96
C TRP B 693 -25.47 31.92 -26.43
N TYR B 694 -24.48 31.24 -27.02
CA TYR B 694 -24.54 30.87 -28.42
C TYR B 694 -24.35 29.37 -28.55
N SER B 695 -25.44 28.66 -28.81
CA SER B 695 -25.44 27.19 -28.87
C SER B 695 -24.59 26.65 -30.03
N ASP B 696 -23.84 25.57 -29.78
CA ASP B 696 -23.02 24.88 -30.79
C ASP B 696 -22.04 25.77 -31.56
N GLN B 697 -21.63 26.91 -30.96
CA GLN B 697 -20.73 27.84 -31.66
C GLN B 697 -19.34 27.89 -31.08
N ASN B 698 -18.35 27.89 -31.97
CA ASN B 698 -16.93 27.94 -31.66
C ASN B 698 -16.53 29.25 -30.94
N HIS B 699 -15.23 29.43 -30.65
CA HIS B 699 -14.76 30.62 -29.98
C HIS B 699 -15.06 31.94 -30.73
N GLY B 700 -14.98 31.92 -32.05
CA GLY B 700 -15.20 33.11 -32.85
C GLY B 700 -16.62 33.41 -33.27
N LEU B 701 -17.58 32.56 -32.88
CA LEU B 701 -19.00 32.75 -33.19
C LEU B 701 -19.27 32.99 -34.69
N SER B 702 -18.56 32.31 -35.58
CA SER B 702 -18.73 32.48 -37.02
C SER B 702 -20.15 32.21 -37.53
N GLY B 703 -20.52 32.86 -38.64
CA GLY B 703 -21.84 32.72 -39.26
C GLY B 703 -22.86 33.73 -38.80
N LEU B 704 -24.17 33.40 -38.91
CA LEU B 704 -25.26 34.27 -38.48
C LEU B 704 -25.24 34.59 -36.96
N SER B 705 -24.41 33.86 -36.20
CA SER B 705 -24.19 34.09 -34.77
C SER B 705 -23.44 35.42 -34.58
N THR B 706 -22.51 35.75 -35.52
CA THR B 706 -21.77 37.00 -35.52
C THR B 706 -22.77 38.17 -35.70
N ASN B 707 -23.70 38.02 -36.64
CA ASN B 707 -24.75 38.99 -36.93
C ASN B 707 -25.57 39.31 -35.68
N HIS B 708 -25.99 38.27 -34.98
CA HIS B 708 -26.80 38.35 -33.78
C HIS B 708 -26.00 39.02 -32.65
N LEU B 709 -24.75 38.62 -32.47
CA LEU B 709 -23.90 39.19 -31.42
C LEU B 709 -23.70 40.67 -31.60
N TYR B 710 -23.23 41.10 -32.80
CA TYR B 710 -22.99 42.52 -33.05
C TYR B 710 -24.26 43.35 -32.98
N THR B 711 -25.42 42.76 -33.30
CA THR B 711 -26.68 43.45 -33.20
C THR B 711 -27.07 43.65 -31.73
N HIS B 712 -26.93 42.57 -30.95
CA HIS B 712 -27.24 42.52 -29.53
C HIS B 712 -26.37 43.48 -28.74
N MET B 713 -25.10 43.58 -29.11
CA MET B 713 -24.15 44.48 -28.45
C MET B 713 -24.45 45.94 -28.76
N THR B 714 -24.91 46.21 -29.98
CA THR B 714 -25.28 47.55 -30.44
C THR B 714 -26.49 48.04 -29.65
N HIS B 715 -27.46 47.14 -29.39
CA HIS B 715 -28.63 47.51 -28.61
C HIS B 715 -28.22 47.86 -27.18
N PHE B 716 -27.35 47.05 -26.59
CA PHE B 716 -26.86 47.24 -25.24
C PHE B 716 -26.16 48.57 -25.09
N LEU B 717 -25.36 48.95 -26.08
CA LEU B 717 -24.64 50.21 -26.03
C LEU B 717 -25.52 51.39 -26.32
N LYS B 718 -26.48 51.23 -27.25
CA LYS B 718 -27.43 52.29 -27.61
C LYS B 718 -28.28 52.63 -26.42
N GLN B 719 -28.71 51.62 -25.64
CA GLN B 719 -29.53 51.81 -24.45
C GLN B 719 -28.69 52.49 -23.33
N CYS B 720 -27.46 52.02 -23.16
CA CYS B 720 -26.47 52.49 -22.21
C CYS B 720 -26.05 53.95 -22.51
N PHE B 721 -26.12 54.39 -23.77
CA PHE B 721 -25.70 55.74 -24.15
C PHE B 721 -26.83 56.72 -24.49
N SER B 722 -28.04 56.45 -24.02
CA SER B 722 -29.18 57.33 -24.30
C SER B 722 -29.39 58.36 -23.18
N GLU C 1 16.68 -72.02 14.49
CA GLU C 1 16.88 -70.74 15.18
C GLU C 1 16.97 -70.90 16.69
N ASN C 2 16.61 -72.10 17.26
CA ASN C 2 16.62 -72.33 18.71
C ASN C 2 17.97 -72.83 19.21
N THR C 3 18.94 -71.94 19.10
CA THR C 3 20.32 -72.06 19.53
C THR C 3 20.58 -70.85 20.44
N MET C 4 21.36 -71.04 21.49
CA MET C 4 21.73 -69.95 22.39
C MET C 4 22.44 -68.83 21.61
N ARG C 5 22.07 -67.59 21.87
CA ARG C 5 22.67 -66.44 21.20
C ARG C 5 22.93 -65.31 22.19
N ALA C 6 23.91 -64.47 21.88
CA ALA C 6 24.23 -63.34 22.74
C ALA C 6 23.25 -62.18 22.49
N LEU C 7 23.18 -61.23 23.43
CA LEU C 7 22.33 -60.06 23.26
C LEU C 7 22.89 -59.17 22.12
N THR C 8 22.02 -58.43 21.44
CA THR C 8 22.44 -57.49 20.42
C THR C 8 22.06 -56.07 20.88
N LEU C 9 22.72 -55.05 20.31
CA LEU C 9 22.39 -53.66 20.67
C LEU C 9 20.93 -53.33 20.31
N LYS C 10 20.45 -53.89 19.18
CA LYS C 10 19.09 -53.79 18.65
C LYS C 10 18.05 -54.29 19.67
N ASP C 11 18.34 -55.43 20.36
CA ASP C 11 17.44 -55.97 21.38
C ASP C 11 17.26 -55.00 22.53
N ILE C 12 18.35 -54.32 22.92
CA ILE C 12 18.32 -53.38 24.02
C ILE C 12 17.57 -52.12 23.60
N LEU C 13 17.86 -51.57 22.41
CA LEU C 13 17.21 -50.35 21.95
C LEU C 13 15.71 -50.55 21.67
N ASN C 14 15.31 -51.72 21.14
CA ASN C 14 13.89 -52.00 20.91
C ASN C 14 13.12 -52.37 22.20
N GLY C 15 13.83 -52.66 23.27
CA GLY C 15 13.22 -53.07 24.53
C GLY C 15 12.57 -54.43 24.39
N THR C 16 13.25 -55.35 23.67
CA THR C 16 12.73 -56.69 23.45
C THR C 16 12.58 -57.44 24.78
N PHE C 17 13.54 -57.27 25.68
CA PHE C 17 13.52 -57.96 26.96
C PHE C 17 13.00 -57.07 28.09
N SER C 18 11.90 -56.39 27.80
CA SER C 18 11.21 -55.53 28.76
C SER C 18 10.29 -56.37 29.64
N TYR C 19 10.00 -55.87 30.85
CA TYR C 19 9.10 -56.57 31.75
C TYR C 19 7.84 -55.78 32.05
N LYS C 20 6.77 -56.49 32.35
CA LYS C 20 5.51 -55.87 32.72
C LYS C 20 5.34 -55.79 34.23
N THR C 21 4.63 -54.77 34.71
CA THR C 21 4.40 -54.60 36.14
C THR C 21 2.90 -54.40 36.43
N PHE C 22 2.40 -54.97 37.53
CA PHE C 22 0.98 -54.82 37.86
C PHE C 22 0.71 -54.07 39.17
N PHE C 23 0.41 -52.77 39.08
CA PHE C 23 0.07 -51.97 40.23
C PHE C 23 -1.43 -51.70 40.18
N PRO C 24 -2.24 -52.38 41.02
CA PRO C 24 -3.69 -52.19 40.95
C PRO C 24 -4.11 -50.76 41.28
N ASN C 25 -4.98 -50.18 40.45
CA ASN C 25 -5.50 -48.84 40.66
C ASN C 25 -6.68 -49.03 41.62
N TRP C 26 -6.40 -49.09 42.93
CA TRP C 26 -7.42 -49.33 43.93
C TRP C 26 -8.50 -48.26 43.93
N ILE C 27 -9.75 -48.67 44.05
CA ILE C 27 -10.87 -47.74 44.15
C ILE C 27 -11.56 -47.87 45.53
N SER C 28 -11.60 -49.09 46.08
CA SER C 28 -12.14 -49.38 47.41
C SER C 28 -11.15 -50.31 48.18
N GLY C 29 -11.58 -50.93 49.26
CA GLY C 29 -10.73 -51.84 50.04
C GLY C 29 -10.59 -53.21 49.40
N GLN C 30 -11.55 -53.59 48.53
CA GLN C 30 -11.56 -54.88 47.85
C GLN C 30 -11.77 -54.78 46.33
N GLU C 31 -11.67 -53.58 45.75
CA GLU C 31 -11.85 -53.37 44.31
C GLU C 31 -10.70 -52.56 43.71
N TYR C 32 -10.46 -52.74 42.40
CA TYR C 32 -9.44 -52.01 41.65
C TYR C 32 -9.75 -51.99 40.16
N LEU C 33 -9.28 -50.96 39.45
CA LEU C 33 -9.49 -50.84 38.02
C LEU C 33 -8.21 -51.20 37.24
N HIS C 34 -8.39 -51.63 35.98
CA HIS C 34 -7.27 -51.99 35.11
C HIS C 34 -7.70 -51.93 33.64
N GLN C 35 -6.83 -51.37 32.80
CA GLN C 35 -7.06 -51.26 31.37
C GLN C 35 -6.55 -52.53 30.69
N SER C 36 -7.48 -53.34 30.19
CA SER C 36 -7.24 -54.64 29.56
C SER C 36 -6.56 -54.54 28.17
N ALA C 37 -6.33 -55.71 27.52
CA ALA C 37 -5.71 -55.88 26.21
C ALA C 37 -6.37 -55.06 25.10
N ASP C 38 -7.71 -55.09 25.00
CA ASP C 38 -8.40 -54.30 23.97
C ASP C 38 -8.79 -52.88 24.45
N ASN C 39 -8.08 -52.38 25.48
CA ASN C 39 -8.21 -51.06 26.08
C ASN C 39 -9.58 -50.76 26.69
N ASN C 40 -10.06 -51.70 27.52
CA ASN C 40 -11.29 -51.56 28.29
C ASN C 40 -10.93 -51.47 29.78
N ILE C 41 -11.63 -50.60 30.51
CA ILE C 41 -11.38 -50.44 31.94
C ILE C 41 -12.31 -51.38 32.72
N VAL C 42 -11.73 -52.34 33.43
CA VAL C 42 -12.52 -53.35 34.15
C VAL C 42 -12.40 -53.19 35.67
N LEU C 43 -13.49 -53.43 36.40
CA LEU C 43 -13.51 -53.35 37.85
C LEU C 43 -13.39 -54.78 38.41
N TYR C 44 -12.31 -55.09 39.13
CA TYR C 44 -12.11 -56.43 39.70
C TYR C 44 -12.38 -56.45 41.21
N ASN C 45 -13.33 -57.28 41.65
CA ASN C 45 -13.66 -57.39 43.06
C ASN C 45 -12.99 -58.65 43.60
N ILE C 46 -12.17 -58.52 44.65
CA ILE C 46 -11.45 -59.66 45.24
C ILE C 46 -12.37 -60.55 46.09
N GLU C 47 -13.23 -59.94 46.91
CA GLU C 47 -14.15 -60.70 47.77
C GLU C 47 -15.15 -61.52 46.94
N THR C 48 -15.84 -60.90 45.96
CA THR C 48 -16.80 -61.61 45.11
C THR C 48 -16.09 -62.45 44.00
N GLY C 49 -14.90 -62.03 43.59
CA GLY C 49 -14.14 -62.71 42.55
C GLY C 49 -14.65 -62.47 41.13
N GLN C 50 -15.46 -61.42 40.94
CA GLN C 50 -16.06 -61.12 39.64
C GLN C 50 -15.58 -59.81 39.07
N SER C 51 -15.62 -59.68 37.75
CA SER C 51 -15.18 -58.46 37.09
C SER C 51 -16.14 -58.00 35.99
N TYR C 52 -16.22 -56.68 35.78
CA TYR C 52 -17.09 -56.12 34.76
C TYR C 52 -16.49 -54.86 34.15
N THR C 53 -16.71 -54.64 32.85
CA THR C 53 -16.20 -53.46 32.16
C THR C 53 -17.02 -52.23 32.51
N ILE C 54 -16.39 -51.27 33.16
CA ILE C 54 -17.04 -50.04 33.60
C ILE C 54 -16.85 -48.89 32.57
N LEU C 55 -15.79 -48.95 31.76
CA LEU C 55 -15.51 -47.97 30.73
C LEU C 55 -15.05 -48.72 29.47
N SER C 56 -15.84 -48.66 28.38
CA SER C 56 -15.51 -49.40 27.15
C SER C 56 -14.39 -48.78 26.28
N ASN C 57 -13.78 -49.60 25.41
CA ASN C 57 -12.74 -49.15 24.47
C ASN C 57 -13.31 -48.16 23.46
N ARG C 58 -14.60 -48.29 23.10
CA ARG C 58 -15.28 -47.39 22.19
C ARG C 58 -15.47 -46.00 22.83
N THR C 59 -15.67 -45.93 24.15
CA THR C 59 -15.82 -44.65 24.84
C THR C 59 -14.46 -43.93 24.90
N MET C 60 -13.38 -44.68 25.11
CA MET C 60 -12.03 -44.12 25.14
C MET C 60 -11.61 -43.64 23.74
N LYS C 61 -11.87 -44.46 22.71
CA LYS C 61 -11.51 -44.12 21.33
C LYS C 61 -12.30 -42.94 20.79
N SER C 62 -13.53 -42.73 21.29
CA SER C 62 -14.38 -41.61 20.86
C SER C 62 -13.74 -40.25 21.11
N VAL C 63 -12.90 -40.14 22.14
CA VAL C 63 -12.20 -38.89 22.44
C VAL C 63 -10.67 -39.03 22.42
N ASN C 64 -10.14 -40.13 21.87
CA ASN C 64 -8.69 -40.44 21.78
C ASN C 64 -8.04 -40.44 23.17
N ALA C 65 -8.77 -40.94 24.17
CA ALA C 65 -8.31 -40.97 25.55
C ALA C 65 -7.16 -41.94 25.80
N SER C 66 -6.15 -41.44 26.50
CA SER C 66 -4.96 -42.19 26.90
C SER C 66 -4.98 -42.54 28.39
N ASN C 67 -5.80 -41.86 29.21
CA ASN C 67 -5.91 -42.14 30.64
C ASN C 67 -7.32 -41.90 31.17
N TYR C 68 -7.61 -42.36 32.39
CA TYR C 68 -8.92 -42.24 33.02
C TYR C 68 -8.80 -41.94 34.54
N GLY C 69 -9.90 -41.49 35.13
CA GLY C 69 -9.94 -41.20 36.55
C GLY C 69 -11.33 -41.30 37.13
N LEU C 70 -11.66 -42.43 37.74
CA LEU C 70 -12.99 -42.64 38.31
C LEU C 70 -13.19 -41.78 39.56
N SER C 71 -14.33 -41.08 39.64
CA SER C 71 -14.64 -40.25 40.80
C SER C 71 -14.90 -41.17 42.01
N PRO C 72 -14.57 -40.75 43.24
CA PRO C 72 -14.82 -41.62 44.41
C PRO C 72 -16.25 -42.14 44.53
N ASP C 73 -17.26 -41.27 44.29
CA ASP C 73 -18.66 -41.66 44.35
C ASP C 73 -19.11 -42.56 43.18
N ARG C 74 -18.23 -42.77 42.18
CA ARG C 74 -18.39 -43.58 40.98
C ARG C 74 -19.47 -43.06 40.01
N GLN C 75 -19.93 -41.83 40.19
CA GLN C 75 -20.93 -41.26 39.29
C GLN C 75 -20.30 -40.83 37.96
N PHE C 76 -19.00 -40.46 37.97
CA PHE C 76 -18.31 -39.96 36.79
C PHE C 76 -16.90 -40.53 36.63
N VAL C 77 -16.35 -40.46 35.41
CA VAL C 77 -14.97 -40.86 35.14
C VAL C 77 -14.37 -39.82 34.19
N TYR C 78 -13.20 -39.24 34.53
CA TYR C 78 -12.57 -38.27 33.65
C TYR C 78 -11.79 -38.99 32.56
N LEU C 79 -11.81 -38.46 31.34
CA LEU C 79 -11.11 -39.06 30.22
C LEU C 79 -9.99 -38.11 29.76
N GLU C 80 -8.72 -38.50 30.00
CA GLU C 80 -7.57 -37.68 29.68
C GLU C 80 -7.05 -37.98 28.28
N SER C 81 -7.02 -36.96 27.42
CA SER C 81 -6.50 -37.09 26.06
C SER C 81 -5.61 -35.87 25.70
N ASP C 82 -4.87 -35.92 24.57
CA ASP C 82 -4.01 -34.81 24.16
C ASP C 82 -2.84 -34.56 25.12
N TYR C 83 -2.18 -35.64 25.57
CA TYR C 83 -1.02 -35.53 26.47
C TYR C 83 0.09 -34.76 25.76
N SER C 84 0.57 -33.70 26.40
CA SER C 84 1.66 -32.89 25.86
C SER C 84 2.68 -32.71 26.98
N LYS C 85 3.75 -33.53 26.98
CA LYS C 85 4.79 -33.47 28.02
C LYS C 85 5.44 -32.11 28.12
N LEU C 86 5.76 -31.66 29.35
CA LEU C 86 6.43 -30.40 29.54
C LEU C 86 7.80 -30.68 30.18
N TRP C 87 7.87 -30.88 31.51
CA TRP C 87 9.12 -31.23 32.19
C TRP C 87 9.08 -32.70 32.69
N ARG C 88 9.92 -33.10 33.67
CA ARG C 88 9.97 -34.49 34.13
C ARG C 88 8.60 -35.09 34.49
N TYR C 89 7.77 -34.33 35.23
CA TYR C 89 6.46 -34.82 35.68
C TYR C 89 5.29 -34.06 35.07
N SER C 90 5.50 -32.78 34.75
CA SER C 90 4.44 -31.93 34.25
C SER C 90 4.08 -32.23 32.82
N TYR C 91 2.79 -32.09 32.52
CA TYR C 91 2.22 -32.26 31.19
C TYR C 91 0.86 -31.58 31.14
N THR C 92 0.39 -31.32 29.92
CA THR C 92 -0.87 -30.65 29.67
C THR C 92 -1.80 -31.58 28.90
N ALA C 93 -3.09 -31.60 29.26
CA ALA C 93 -4.05 -32.50 28.65
C ALA C 93 -5.43 -31.87 28.48
N THR C 94 -6.31 -32.47 27.63
CA THR C 94 -7.73 -32.11 27.48
C THR C 94 -8.50 -33.15 28.34
N TYR C 95 -9.44 -32.70 29.19
CA TYR C 95 -10.21 -33.65 30.02
C TYR C 95 -11.70 -33.66 29.64
N TYR C 96 -12.32 -34.86 29.55
CA TYR C 96 -13.73 -35.03 29.23
C TYR C 96 -14.42 -35.79 30.36
N ILE C 97 -15.43 -35.20 31.01
CA ILE C 97 -16.14 -35.91 32.09
C ILE C 97 -17.22 -36.79 31.50
N TYR C 98 -17.25 -38.06 31.91
CA TYR C 98 -18.24 -39.01 31.40
C TYR C 98 -19.22 -39.39 32.48
N ASP C 99 -20.52 -39.16 32.25
CA ASP C 99 -21.56 -39.52 33.22
C ASP C 99 -21.86 -41.02 33.09
N LEU C 100 -21.32 -41.83 34.01
CA LEU C 100 -21.51 -43.27 33.99
C LEU C 100 -22.96 -43.67 34.24
N SER C 101 -23.65 -42.95 35.15
CA SER C 101 -25.04 -43.24 35.50
C SER C 101 -26.01 -42.97 34.35
N ASN C 102 -25.76 -41.93 33.55
CA ASN C 102 -26.61 -41.60 32.40
C ASN C 102 -26.21 -42.33 31.11
N GLY C 103 -24.92 -42.59 30.96
CA GLY C 103 -24.41 -43.25 29.77
C GLY C 103 -24.12 -42.27 28.66
N GLU C 104 -23.65 -41.07 29.01
CA GLU C 104 -23.33 -40.00 28.06
C GLU C 104 -22.30 -39.04 28.63
N PHE C 105 -21.59 -38.31 27.75
CA PHE C 105 -20.59 -37.34 28.20
C PHE C 105 -21.26 -36.14 28.86
N VAL C 106 -20.57 -35.51 29.82
CA VAL C 106 -21.10 -34.34 30.52
C VAL C 106 -21.02 -33.11 29.60
N ARG C 107 -22.16 -32.73 29.01
CA ARG C 107 -22.19 -31.57 28.13
C ARG C 107 -22.72 -30.34 28.88
N GLY C 108 -22.10 -29.19 28.64
CA GLY C 108 -22.46 -27.96 29.32
C GLY C 108 -21.33 -26.97 29.50
N ASN C 109 -20.94 -26.76 30.76
CA ASN C 109 -19.89 -25.80 31.08
C ASN C 109 -18.55 -26.47 30.92
N GLU C 110 -18.23 -26.79 29.67
CA GLU C 110 -17.04 -27.49 29.17
C GLU C 110 -15.75 -27.07 29.85
N LEU C 111 -14.85 -28.03 30.04
CA LEU C 111 -13.55 -27.74 30.62
C LEU C 111 -12.65 -27.07 29.58
N PRO C 112 -11.82 -26.11 30.01
CA PRO C 112 -10.94 -25.44 29.05
C PRO C 112 -9.78 -26.32 28.58
N ARG C 113 -9.03 -25.86 27.57
CA ARG C 113 -7.90 -26.59 27.02
C ARG C 113 -6.73 -25.64 26.79
N PRO C 114 -5.51 -26.02 27.19
CA PRO C 114 -5.14 -27.26 27.89
C PRO C 114 -5.04 -27.13 29.42
N ILE C 115 -5.42 -28.19 30.14
CA ILE C 115 -5.41 -28.22 31.61
C ILE C 115 -4.10 -28.79 32.15
N GLN C 116 -3.41 -28.03 33.00
CA GLN C 116 -2.12 -28.37 33.56
C GLN C 116 -2.15 -29.45 34.66
N TYR C 117 -3.27 -29.56 35.38
CA TYR C 117 -3.47 -30.57 36.42
C TYR C 117 -4.96 -30.68 36.77
N LEU C 118 -5.48 -31.88 37.02
CA LEU C 118 -6.90 -32.07 37.37
C LEU C 118 -7.04 -33.27 38.32
N CYS C 119 -7.95 -33.18 39.30
CA CYS C 119 -8.18 -34.28 40.22
C CYS C 119 -9.55 -34.20 40.88
N TRP C 120 -10.08 -35.35 41.28
CA TRP C 120 -11.34 -35.41 42.00
C TRP C 120 -11.08 -35.17 43.49
N SER C 121 -12.13 -34.84 44.26
CA SER C 121 -12.01 -34.75 45.71
C SER C 121 -11.95 -36.19 46.26
N PRO C 122 -11.45 -36.42 47.48
CA PRO C 122 -11.36 -37.80 47.99
C PRO C 122 -12.70 -38.52 48.22
N VAL C 123 -13.83 -37.79 48.36
CA VAL C 123 -15.11 -38.43 48.69
C VAL C 123 -16.23 -38.28 47.62
N GLY C 124 -16.56 -37.06 47.22
CA GLY C 124 -17.62 -36.83 46.25
C GLY C 124 -17.10 -36.63 44.85
N SER C 125 -17.93 -36.05 43.96
CA SER C 125 -17.51 -35.77 42.58
C SER C 125 -17.16 -34.29 42.37
N LYS C 126 -16.46 -33.69 43.35
CA LYS C 126 -15.95 -32.32 43.26
C LYS C 126 -14.69 -32.31 42.40
N LEU C 127 -14.49 -31.24 41.64
CA LEU C 127 -13.34 -31.16 40.74
C LEU C 127 -12.45 -29.98 41.03
N ALA C 128 -11.14 -30.18 40.95
CA ALA C 128 -10.17 -29.11 41.13
C ALA C 128 -9.21 -29.17 39.94
N TYR C 129 -9.00 -28.04 39.24
CA TYR C 129 -8.08 -28.04 38.09
C TYR C 129 -7.28 -26.75 37.93
N VAL C 130 -6.12 -26.85 37.26
CA VAL C 130 -5.21 -25.74 36.99
C VAL C 130 -5.25 -25.39 35.50
N TYR C 131 -5.55 -24.13 35.18
CA TYR C 131 -5.59 -23.63 33.81
C TYR C 131 -4.94 -22.24 33.72
N GLN C 132 -3.82 -22.16 32.97
CA GLN C 132 -3.03 -20.95 32.81
C GLN C 132 -2.52 -20.45 34.16
N ASN C 133 -1.97 -21.39 34.95
CA ASN C 133 -1.40 -21.19 36.28
C ASN C 133 -2.41 -20.73 37.31
N ASN C 134 -3.71 -20.98 37.09
CA ASN C 134 -4.76 -20.57 38.01
C ASN C 134 -5.64 -21.75 38.45
N ILE C 135 -6.15 -21.73 39.70
CA ILE C 135 -6.98 -22.83 40.21
C ILE C 135 -8.45 -22.53 40.07
N TYR C 136 -9.23 -23.51 39.58
CA TYR C 136 -10.68 -23.38 39.40
C TYR C 136 -11.36 -24.59 40.06
N LEU C 137 -12.53 -24.37 40.65
CA LEU C 137 -13.30 -25.40 41.35
C LEU C 137 -14.67 -25.67 40.72
N LYS C 138 -15.01 -26.95 40.49
CA LYS C 138 -16.32 -27.33 39.96
C LYS C 138 -17.03 -28.20 41.00
N GLN C 139 -18.09 -27.71 41.64
CA GLN C 139 -18.83 -28.48 42.65
C GLN C 139 -19.41 -29.76 42.04
N ARG C 140 -19.91 -29.66 40.79
CA ARG C 140 -20.49 -30.75 40.01
C ARG C 140 -19.91 -30.66 38.60
N PRO C 141 -19.60 -31.79 37.96
CA PRO C 141 -18.99 -31.75 36.61
C PRO C 141 -19.56 -30.79 35.55
N GLY C 142 -20.88 -30.64 35.48
CA GLY C 142 -21.50 -29.74 34.51
C GLY C 142 -21.77 -28.33 34.99
N ASP C 143 -21.20 -27.97 36.15
CA ASP C 143 -21.40 -26.65 36.75
C ASP C 143 -20.30 -25.66 36.35
N PRO C 144 -20.61 -24.35 36.28
CA PRO C 144 -19.57 -23.38 35.93
C PRO C 144 -18.51 -23.31 37.03
N PRO C 145 -17.23 -23.25 36.65
CA PRO C 145 -16.17 -23.22 37.66
C PRO C 145 -16.05 -21.93 38.43
N PHE C 146 -15.61 -22.04 39.69
CA PHE C 146 -15.36 -20.92 40.56
C PHE C 146 -13.86 -20.70 40.54
N GLN C 147 -13.40 -19.49 40.17
CA GLN C 147 -11.98 -19.20 40.13
C GLN C 147 -11.43 -18.87 41.50
N ILE C 148 -10.44 -19.64 41.98
CA ILE C 148 -9.82 -19.47 43.28
C ILE C 148 -8.71 -18.42 43.22
N THR C 149 -7.73 -18.60 42.32
CA THR C 149 -6.60 -17.68 42.18
C THR C 149 -6.73 -16.84 40.91
N PHE C 150 -6.07 -15.67 40.90
CA PHE C 150 -6.16 -14.79 39.74
C PHE C 150 -4.81 -14.25 39.24
N ASN C 151 -3.73 -14.44 40.00
CA ASN C 151 -2.43 -13.89 39.65
C ASN C 151 -1.54 -14.78 38.75
N GLY C 152 -1.97 -15.98 38.44
CA GLY C 152 -1.19 -16.90 37.62
C GLY C 152 -0.81 -16.38 36.25
N ARG C 153 0.50 -16.19 36.03
CA ARG C 153 1.07 -15.74 34.77
C ARG C 153 2.18 -16.68 34.33
N GLU C 154 2.25 -16.99 33.04
CA GLU C 154 3.26 -17.88 32.49
C GLU C 154 4.69 -17.59 32.86
N ASN C 155 5.40 -18.60 33.42
CA ASN C 155 6.79 -18.53 33.86
C ASN C 155 7.06 -17.50 34.96
N LYS C 156 6.02 -17.03 35.65
CA LYS C 156 6.19 -16.06 36.73
C LYS C 156 5.42 -16.44 38.02
N ILE C 157 4.08 -16.46 37.98
CA ILE C 157 3.30 -16.83 39.17
C ILE C 157 2.63 -18.20 38.93
N PHE C 158 2.84 -19.17 39.83
CA PHE C 158 2.27 -20.51 39.66
C PHE C 158 1.27 -20.85 40.77
N ASN C 159 0.05 -21.31 40.43
CA ASN C 159 -0.94 -21.68 41.45
C ASN C 159 -1.46 -23.11 41.24
N GLY C 160 -1.33 -23.95 42.25
CA GLY C 160 -1.80 -25.32 42.15
C GLY C 160 -0.84 -26.28 41.46
N ILE C 161 0.17 -25.74 40.77
CA ILE C 161 1.21 -26.52 40.10
C ILE C 161 2.55 -25.93 40.49
N PRO C 162 3.63 -26.74 40.56
CA PRO C 162 4.93 -26.18 40.93
C PRO C 162 5.60 -25.45 39.77
N ASP C 163 6.59 -24.62 40.10
CA ASP C 163 7.42 -23.93 39.10
C ASP C 163 8.52 -24.94 38.60
N TRP C 164 9.50 -24.52 37.76
CA TRP C 164 10.53 -25.48 37.32
C TRP C 164 11.30 -26.13 38.49
N VAL C 165 11.91 -25.32 39.36
CA VAL C 165 12.78 -25.83 40.40
C VAL C 165 12.06 -26.66 41.47
N TYR C 166 10.80 -26.32 41.83
CA TYR C 166 10.09 -27.13 42.82
C TYR C 166 9.66 -28.46 42.23
N GLU C 167 9.29 -28.49 40.95
CA GLU C 167 8.91 -29.72 40.30
C GLU C 167 10.09 -30.71 40.26
N GLU C 168 11.28 -30.27 39.84
CA GLU C 168 12.43 -31.16 39.76
C GLU C 168 13.06 -31.54 41.10
N GLU C 169 13.55 -30.54 41.86
CA GLU C 169 14.36 -30.73 43.07
C GLU C 169 13.66 -30.70 44.41
N MET C 170 12.35 -30.43 44.47
CA MET C 170 11.70 -30.37 45.78
C MET C 170 10.48 -31.29 45.96
N LEU C 171 9.46 -31.15 45.13
CA LEU C 171 8.23 -31.93 45.27
C LEU C 171 8.27 -33.23 44.52
N ALA C 172 8.98 -33.28 43.38
CA ALA C 172 9.05 -34.43 42.48
C ALA C 172 7.65 -34.87 42.06
N THR C 173 6.80 -33.87 41.75
CA THR C 173 5.40 -34.05 41.41
C THR C 173 4.89 -32.92 40.50
N LYS C 174 3.93 -33.23 39.61
CA LYS C 174 3.36 -32.20 38.72
C LYS C 174 2.29 -31.33 39.43
N TYR C 175 1.85 -31.71 40.65
CA TYR C 175 0.84 -30.96 41.38
C TYR C 175 1.36 -30.26 42.64
N ALA C 176 0.62 -29.26 43.07
CA ALA C 176 0.88 -28.49 44.28
C ALA C 176 -0.46 -28.09 44.92
N LEU C 177 -1.42 -29.02 44.92
CA LEU C 177 -2.72 -28.85 45.57
C LEU C 177 -3.16 -30.18 46.21
N TRP C 178 -3.80 -30.08 47.37
CA TRP C 178 -4.17 -31.25 48.14
C TRP C 178 -5.56 -31.07 48.73
N TRP C 179 -6.47 -32.01 48.45
CA TRP C 179 -7.82 -31.95 49.00
C TRP C 179 -7.80 -32.48 50.43
N SER C 180 -8.66 -31.94 51.31
CA SER C 180 -8.77 -32.45 52.68
C SER C 180 -9.43 -33.85 52.67
N PRO C 181 -9.26 -34.69 53.71
CA PRO C 181 -9.81 -36.06 53.66
C PRO C 181 -11.26 -36.24 53.19
N ASN C 182 -12.14 -35.24 53.41
CA ASN C 182 -13.53 -35.30 52.97
C ASN C 182 -13.94 -34.20 51.98
N GLY C 183 -12.97 -33.45 51.48
CA GLY C 183 -13.23 -32.39 50.51
C GLY C 183 -13.81 -31.12 51.10
N LYS C 184 -13.66 -30.94 52.42
CA LYS C 184 -14.15 -29.72 53.08
C LYS C 184 -13.23 -28.52 52.76
N PHE C 185 -11.92 -28.77 52.60
CA PHE C 185 -10.95 -27.72 52.28
C PHE C 185 -10.04 -28.14 51.14
N LEU C 186 -9.44 -27.15 50.46
CA LEU C 186 -8.46 -27.43 49.42
C LEU C 186 -7.22 -26.60 49.72
N ALA C 187 -6.08 -27.27 49.91
CA ALA C 187 -4.84 -26.58 50.20
C ALA C 187 -4.06 -26.44 48.89
N TYR C 188 -3.34 -25.34 48.70
CA TYR C 188 -2.55 -25.15 47.49
C TYR C 188 -1.32 -24.26 47.75
N ALA C 189 -0.33 -24.33 46.86
CA ALA C 189 0.87 -23.52 46.99
C ALA C 189 0.97 -22.49 45.83
N GLU C 190 1.65 -21.37 46.08
CA GLU C 190 1.82 -20.29 45.11
C GLU C 190 3.30 -19.93 44.97
N PHE C 191 3.92 -20.20 43.81
CA PHE C 191 5.35 -19.97 43.55
C PHE C 191 5.57 -18.70 42.74
N ASN C 192 6.39 -17.78 43.26
CA ASN C 192 6.71 -16.52 42.58
C ASN C 192 8.15 -16.51 42.05
N ASP C 193 8.31 -16.66 40.73
CA ASP C 193 9.59 -16.71 40.02
C ASP C 193 9.97 -15.38 39.35
N THR C 194 9.31 -14.27 39.72
CA THR C 194 9.54 -12.98 39.07
C THR C 194 10.99 -12.51 39.09
N ASP C 195 11.67 -12.57 40.24
CA ASP C 195 13.04 -12.07 40.29
C ASP C 195 14.12 -13.12 40.13
N ILE C 196 13.76 -14.37 39.77
CA ILE C 196 14.77 -15.41 39.57
C ILE C 196 15.41 -15.21 38.22
N PRO C 197 16.76 -15.30 38.12
CA PRO C 197 17.39 -15.23 36.78
C PRO C 197 16.97 -16.43 35.93
N VAL C 198 16.87 -16.22 34.62
CA VAL C 198 16.44 -17.27 33.72
C VAL C 198 17.58 -17.95 32.95
N ILE C 199 17.34 -19.17 32.52
CA ILE C 199 18.27 -19.88 31.68
C ILE C 199 17.68 -19.83 30.26
N ALA C 200 18.48 -19.33 29.31
CA ALA C 200 18.00 -19.22 27.93
C ALA C 200 18.78 -20.16 27.02
N TYR C 201 18.05 -20.89 26.19
CA TYR C 201 18.67 -21.78 25.24
C TYR C 201 17.90 -21.80 23.94
N SER C 202 18.61 -22.05 22.86
CA SER C 202 18.01 -22.10 21.54
C SER C 202 17.32 -23.42 21.30
N TYR C 203 16.14 -23.36 20.70
CA TYR C 203 15.36 -24.50 20.27
C TYR C 203 15.18 -24.25 18.77
N TYR C 204 15.83 -25.08 17.96
CA TYR C 204 15.86 -24.94 16.51
C TYR C 204 14.52 -25.27 15.87
N GLY C 205 13.95 -26.41 16.23
CA GLY C 205 12.66 -26.86 15.72
C GLY C 205 12.67 -27.06 14.22
N ASP C 206 11.55 -26.77 13.57
CA ASP C 206 11.44 -26.93 12.13
C ASP C 206 11.08 -25.62 11.42
N GLU C 207 11.37 -24.46 12.05
CA GLU C 207 11.05 -23.17 11.46
C GLU C 207 12.32 -22.46 10.95
N GLN C 208 12.14 -21.41 10.11
CA GLN C 208 13.24 -20.64 9.54
C GLN C 208 14.19 -20.12 10.60
N TYR C 209 13.67 -19.59 11.71
CA TYR C 209 14.51 -19.09 12.79
C TYR C 209 14.35 -19.93 14.05
N PRO C 210 15.42 -20.07 14.85
CA PRO C 210 15.26 -20.78 16.13
C PRO C 210 14.60 -19.85 17.16
N ARG C 211 13.96 -20.46 18.18
CA ARG C 211 13.31 -19.69 19.23
C ARG C 211 14.06 -19.83 20.57
N THR C 212 14.05 -18.79 21.40
CA THR C 212 14.72 -18.85 22.69
C THR C 212 13.76 -19.42 23.72
N ILE C 213 14.26 -20.32 24.59
CA ILE C 213 13.42 -20.88 25.64
C ILE C 213 13.95 -20.34 26.95
N ASN C 214 13.15 -19.51 27.63
CA ASN C 214 13.55 -18.97 28.91
C ASN C 214 12.87 -19.75 30.00
N ILE C 215 13.63 -20.15 31.04
CA ILE C 215 13.10 -20.89 32.17
C ILE C 215 13.66 -20.26 33.43
N PRO C 216 12.81 -19.79 34.38
CA PRO C 216 13.35 -19.23 35.62
C PRO C 216 14.02 -20.34 36.42
N TYR C 217 15.33 -20.31 36.48
CA TYR C 217 16.13 -21.36 37.09
C TYR C 217 17.13 -20.72 38.04
N PRO C 218 17.03 -21.03 39.35
CA PRO C 218 18.02 -20.49 40.28
C PRO C 218 19.25 -21.38 40.38
N LYS C 219 20.39 -20.90 39.89
CA LYS C 219 21.66 -21.64 40.04
C LYS C 219 22.17 -21.46 41.52
N ALA C 220 23.15 -22.26 41.97
CA ALA C 220 23.64 -22.17 43.36
C ALA C 220 24.05 -20.73 43.75
N GLY C 221 23.32 -20.18 44.74
CA GLY C 221 23.51 -18.84 45.26
C GLY C 221 22.57 -17.79 44.71
N ALA C 222 21.90 -18.08 43.59
CA ALA C 222 20.98 -17.13 42.94
C ALA C 222 19.67 -16.89 43.75
N LYS C 223 18.87 -15.85 43.40
CA LYS C 223 17.57 -15.58 44.05
C LYS C 223 16.66 -16.78 43.84
N ASN C 224 15.99 -17.22 44.88
CA ASN C 224 15.13 -18.39 44.80
C ASN C 224 13.65 -17.98 44.66
N PRO C 225 12.75 -18.91 44.31
CA PRO C 225 11.31 -18.56 44.26
C PRO C 225 10.74 -18.42 45.67
N VAL C 226 9.65 -17.63 45.80
CA VAL C 226 8.98 -17.49 47.08
C VAL C 226 7.71 -18.32 47.08
N VAL C 227 7.37 -18.92 48.23
CA VAL C 227 6.19 -19.76 48.28
C VAL C 227 5.20 -19.33 49.38
N ARG C 228 3.92 -19.42 49.07
CA ARG C 228 2.84 -19.08 49.99
C ARG C 228 1.84 -20.23 49.95
N ILE C 229 1.47 -20.80 51.10
CA ILE C 229 0.52 -21.90 51.12
C ILE C 229 -0.83 -21.41 51.61
N PHE C 230 -1.88 -21.67 50.82
CA PHE C 230 -3.24 -21.24 51.14
C PHE C 230 -4.21 -22.39 51.26
N ILE C 231 -5.18 -22.28 52.18
CA ILE C 231 -6.22 -23.28 52.32
C ILE C 231 -7.56 -22.56 52.14
N ILE C 232 -8.45 -23.09 51.31
CA ILE C 232 -9.74 -22.45 51.06
C ILE C 232 -10.92 -23.40 51.34
N ASP C 233 -12.06 -22.90 51.86
CA ASP C 233 -13.22 -23.74 52.12
C ASP C 233 -13.82 -24.11 50.76
N THR C 234 -14.13 -25.38 50.55
CA THR C 234 -14.65 -25.83 49.26
C THR C 234 -16.14 -25.57 49.09
N THR C 235 -16.90 -25.73 50.16
CA THR C 235 -18.35 -25.54 50.12
C THR C 235 -18.73 -24.08 50.06
N TYR C 236 -18.02 -23.24 50.81
CA TYR C 236 -18.28 -21.82 50.84
C TYR C 236 -16.98 -21.03 50.57
N PRO C 237 -16.44 -21.05 49.34
CA PRO C 237 -15.20 -20.31 49.08
C PRO C 237 -15.38 -18.79 49.08
N ALA C 238 -16.58 -18.32 48.77
CA ALA C 238 -16.87 -16.89 48.73
C ALA C 238 -17.06 -16.26 50.12
N TYR C 239 -17.21 -17.06 51.17
CA TYR C 239 -17.41 -16.52 52.53
C TYR C 239 -16.22 -15.69 53.03
N VAL C 240 -15.04 -16.33 53.20
CA VAL C 240 -13.87 -15.62 53.69
C VAL C 240 -12.66 -15.72 52.73
N GLY C 241 -12.71 -16.64 51.76
CA GLY C 241 -11.65 -16.82 50.78
C GLY C 241 -10.50 -17.68 51.27
N PRO C 242 -9.40 -17.71 50.52
CA PRO C 242 -8.25 -18.53 50.94
C PRO C 242 -7.41 -17.87 52.02
N GLN C 243 -7.22 -18.56 53.12
CA GLN C 243 -6.41 -18.06 54.23
C GLN C 243 -4.96 -18.54 54.06
N GLU C 244 -3.99 -17.74 54.52
CA GLU C 244 -2.58 -18.11 54.39
C GLU C 244 -2.07 -18.90 55.61
N VAL C 245 -1.46 -20.08 55.39
CA VAL C 245 -0.93 -20.91 56.48
C VAL C 245 0.30 -20.25 57.12
N PRO C 246 0.24 -20.01 58.44
CA PRO C 246 1.38 -19.34 59.10
C PRO C 246 2.71 -20.10 59.06
N VAL C 247 3.75 -19.45 58.52
CA VAL C 247 5.09 -20.02 58.46
C VAL C 247 5.76 -19.91 59.84
N PRO C 248 6.39 -20.99 60.33
CA PRO C 248 7.03 -20.93 61.66
C PRO C 248 8.04 -19.79 61.82
N ALA C 249 8.14 -19.23 63.03
CA ALA C 249 9.04 -18.10 63.33
C ALA C 249 10.51 -18.35 62.98
N MET C 250 11.01 -19.57 63.22
CA MET C 250 12.40 -19.90 62.93
C MET C 250 12.67 -20.22 61.44
N ILE C 251 11.61 -20.52 60.67
CA ILE C 251 11.73 -20.85 59.24
C ILE C 251 11.75 -19.54 58.43
N ALA C 252 10.86 -18.59 58.76
CA ALA C 252 10.77 -17.32 58.04
C ALA C 252 11.83 -16.29 58.44
N SER C 253 12.73 -16.63 59.39
CA SER C 253 13.84 -15.76 59.80
C SER C 253 14.84 -15.52 58.66
N SER C 254 14.94 -16.46 57.71
CA SER C 254 15.82 -16.39 56.53
C SER C 254 15.11 -17.07 55.30
N ASP C 255 15.82 -17.31 54.18
CA ASP C 255 15.20 -17.95 53.01
C ASP C 255 14.76 -19.37 53.36
N TYR C 256 13.65 -19.84 52.76
CA TYR C 256 13.15 -21.19 53.07
C TYR C 256 12.50 -21.93 51.87
N TYR C 257 12.26 -23.22 52.07
CA TYR C 257 11.61 -24.11 51.13
C TYR C 257 10.36 -24.73 51.75
N PHE C 258 9.39 -25.01 50.91
CA PHE C 258 8.20 -25.72 51.33
C PHE C 258 8.56 -27.16 50.98
N SER C 259 8.53 -28.05 51.96
CA SER C 259 8.89 -29.44 51.73
C SER C 259 7.73 -30.31 51.26
N TRP C 260 6.59 -30.31 52.00
CA TRP C 260 5.42 -31.11 51.64
C TRP C 260 4.22 -30.83 52.55
N LEU C 261 3.00 -31.13 52.08
CA LEU C 261 1.78 -30.99 52.87
C LEU C 261 1.10 -32.34 53.08
N THR C 262 0.70 -32.64 54.33
CA THR C 262 0.03 -33.89 54.70
C THR C 262 -1.27 -33.59 55.49
N TRP C 263 -2.45 -33.91 54.92
CA TRP C 263 -3.72 -33.70 55.62
C TRP C 263 -3.91 -34.77 56.67
N VAL C 264 -4.34 -34.40 57.88
CA VAL C 264 -4.57 -35.38 58.94
C VAL C 264 -6.07 -35.66 59.09
N THR C 265 -6.86 -34.62 59.39
CA THR C 265 -8.32 -34.64 59.45
C THR C 265 -8.78 -33.40 58.64
N ASP C 266 -10.11 -33.20 58.44
CA ASP C 266 -10.58 -32.02 57.74
C ASP C 266 -10.21 -30.72 58.46
N GLU C 267 -10.02 -30.77 59.78
CA GLU C 267 -9.67 -29.59 60.55
C GLU C 267 -8.23 -29.61 61.07
N ARG C 268 -7.35 -30.42 60.48
CA ARG C 268 -5.95 -30.49 60.91
C ARG C 268 -5.03 -30.85 59.74
N VAL C 269 -4.02 -30.02 59.52
CA VAL C 269 -3.09 -30.25 58.43
C VAL C 269 -1.64 -30.14 58.92
N CYS C 270 -0.74 -30.90 58.30
CA CYS C 270 0.66 -30.97 58.68
C CYS C 270 1.53 -30.45 57.53
N LEU C 271 2.31 -29.42 57.78
CA LEU C 271 3.18 -28.85 56.76
C LEU C 271 4.63 -29.03 57.13
N GLN C 272 5.49 -29.32 56.14
CA GLN C 272 6.91 -29.47 56.40
C GLN C 272 7.69 -28.34 55.73
N TRP C 273 8.57 -27.72 56.49
CA TRP C 273 9.38 -26.61 55.99
C TRP C 273 10.85 -26.96 56.06
N LEU C 274 11.66 -26.35 55.20
CA LEU C 274 13.07 -26.63 55.17
C LEU C 274 13.81 -25.35 54.98
N LYS C 275 14.76 -25.01 55.85
CA LYS C 275 15.54 -23.77 55.68
C LYS C 275 16.42 -23.82 54.43
N ARG C 276 16.83 -22.64 53.89
CA ARG C 276 17.67 -22.61 52.69
C ARG C 276 19.01 -23.32 52.93
N VAL C 277 19.56 -23.20 54.16
CA VAL C 277 20.72 -23.97 54.58
C VAL C 277 20.01 -25.22 55.05
N GLN C 278 19.92 -26.24 54.17
CA GLN C 278 19.10 -27.44 54.35
C GLN C 278 19.58 -28.46 55.39
N ASN C 279 20.03 -27.98 56.56
CA ASN C 279 20.41 -28.86 57.66
C ASN C 279 19.39 -28.78 58.84
N VAL C 280 18.26 -28.06 58.67
CA VAL C 280 17.21 -27.91 59.66
C VAL C 280 15.86 -27.98 58.91
N SER C 281 14.92 -28.83 59.37
CA SER C 281 13.55 -28.90 58.85
C SER C 281 12.54 -28.82 59.99
N VAL C 282 11.35 -28.26 59.74
CA VAL C 282 10.32 -28.09 60.76
C VAL C 282 9.01 -28.73 60.33
N LEU C 283 8.44 -29.57 61.20
CA LEU C 283 7.16 -30.22 60.96
C LEU C 283 6.12 -29.47 61.80
N SER C 284 5.35 -28.61 61.15
CA SER C 284 4.35 -27.78 61.81
C SER C 284 2.95 -28.35 61.66
N ILE C 285 2.20 -28.53 62.75
CA ILE C 285 0.84 -29.03 62.71
C ILE C 285 -0.16 -27.90 62.98
N CYS C 286 -1.03 -27.60 62.02
CA CYS C 286 -1.99 -26.50 62.11
C CYS C 286 -3.42 -27.01 62.28
N ASP C 287 -4.18 -26.37 63.16
CA ASP C 287 -5.56 -26.73 63.42
C ASP C 287 -6.51 -25.65 62.95
N PHE C 288 -7.68 -26.06 62.46
CA PHE C 288 -8.68 -25.12 61.98
C PHE C 288 -9.33 -24.42 63.16
N ARG C 289 -9.71 -23.16 62.97
CA ARG C 289 -10.37 -22.39 64.02
C ARG C 289 -11.71 -21.90 63.51
N GLU C 290 -12.77 -22.10 64.28
CA GLU C 290 -14.10 -21.68 63.87
C GLU C 290 -14.28 -20.18 64.06
N ASP C 291 -13.81 -19.67 65.21
CA ASP C 291 -13.91 -18.25 65.59
C ASP C 291 -13.46 -17.29 64.44
N TRP C 292 -12.25 -17.50 63.91
CA TRP C 292 -11.72 -16.66 62.83
C TRP C 292 -11.80 -17.33 61.45
N GLN C 293 -12.18 -18.61 61.38
CA GLN C 293 -12.28 -19.38 60.14
C GLN C 293 -10.92 -19.56 59.44
N THR C 294 -9.80 -19.40 60.18
CA THR C 294 -8.48 -19.56 59.61
C THR C 294 -7.69 -20.72 60.32
N TRP C 295 -6.38 -20.84 60.07
CA TRP C 295 -5.59 -21.94 60.59
C TRP C 295 -4.58 -21.50 61.65
N ASP C 296 -4.71 -22.04 62.86
CA ASP C 296 -3.82 -21.72 63.97
C ASP C 296 -2.66 -22.70 64.02
N CYS C 297 -1.42 -22.19 64.08
CA CYS C 297 -0.23 -23.01 64.14
C CYS C 297 0.52 -22.69 65.44
N PRO C 298 0.35 -23.51 66.48
CA PRO C 298 1.02 -23.22 67.75
C PRO C 298 2.48 -23.61 67.77
N LYS C 299 3.28 -22.94 68.63
CA LYS C 299 4.70 -23.26 68.83
C LYS C 299 4.86 -24.68 69.37
N THR C 300 3.92 -25.12 70.22
CA THR C 300 3.88 -26.45 70.85
C THR C 300 3.74 -27.61 69.81
N GLN C 301 3.29 -27.29 68.59
CA GLN C 301 3.13 -28.29 67.55
C GLN C 301 4.16 -28.16 66.43
N GLU C 302 5.35 -27.60 66.73
CA GLU C 302 6.45 -27.46 65.78
C GLU C 302 7.51 -28.48 66.16
N HIS C 303 7.78 -29.44 65.28
CA HIS C 303 8.77 -30.47 65.55
C HIS C 303 10.01 -30.31 64.71
N ILE C 304 11.13 -29.87 65.32
CA ILE C 304 12.38 -29.65 64.60
C ILE C 304 13.15 -30.95 64.35
N GLU C 305 13.69 -31.08 63.15
CA GLU C 305 14.52 -32.22 62.75
C GLU C 305 15.78 -31.62 62.13
N GLU C 306 16.90 -31.64 62.87
CA GLU C 306 18.15 -31.05 62.39
C GLU C 306 19.29 -32.06 62.26
N SER C 307 20.29 -31.75 61.41
CA SER C 307 21.44 -32.60 61.17
C SER C 307 22.76 -31.86 61.38
N ARG C 308 23.48 -32.18 62.46
CA ARG C 308 24.76 -31.52 62.77
C ARG C 308 25.94 -32.01 61.90
N THR C 309 25.81 -33.21 61.34
CA THR C 309 26.84 -33.86 60.54
C THR C 309 26.68 -33.51 59.06
N GLY C 310 25.44 -33.44 58.58
CA GLY C 310 25.15 -33.13 57.19
C GLY C 310 23.84 -32.41 56.94
N TRP C 311 23.15 -32.81 55.88
CA TRP C 311 21.87 -32.24 55.46
C TRP C 311 20.68 -32.93 56.15
N ALA C 312 19.44 -32.43 55.95
CA ALA C 312 18.27 -33.04 56.59
C ALA C 312 17.62 -34.16 55.74
N GLY C 313 17.62 -35.37 56.29
CA GLY C 313 17.10 -36.56 55.62
C GLY C 313 18.04 -37.12 54.56
N GLY C 314 17.54 -37.19 53.34
CA GLY C 314 18.28 -37.67 52.18
C GLY C 314 17.93 -36.83 50.97
N PHE C 315 17.33 -37.47 49.93
CA PHE C 315 16.89 -36.71 48.76
C PHE C 315 15.74 -35.78 49.15
N PHE C 316 14.82 -36.26 50.00
CA PHE C 316 13.72 -35.48 50.53
C PHE C 316 13.70 -35.56 52.07
N VAL C 317 12.95 -34.67 52.71
CA VAL C 317 12.75 -34.75 54.15
C VAL C 317 11.57 -35.71 54.30
N SER C 318 11.78 -36.85 54.97
CA SER C 318 10.75 -37.89 55.15
C SER C 318 9.40 -37.37 55.65
N THR C 319 8.33 -37.88 55.06
CA THR C 319 6.98 -37.44 55.41
C THR C 319 6.42 -38.32 56.54
N PRO C 320 5.64 -37.71 57.45
CA PRO C 320 5.08 -38.50 58.55
C PRO C 320 3.86 -39.31 58.13
N VAL C 321 3.63 -40.44 58.80
CA VAL C 321 2.46 -41.29 58.56
C VAL C 321 1.72 -41.31 59.89
N PHE C 322 0.54 -40.69 59.95
CA PHE C 322 -0.19 -40.52 61.21
C PHE C 322 -1.00 -41.74 61.68
N SER C 323 -1.20 -41.84 63.01
CA SER C 323 -2.00 -42.87 63.65
C SER C 323 -3.51 -42.49 63.49
N TYR C 324 -4.47 -43.41 63.79
CA TYR C 324 -5.88 -43.01 63.68
C TYR C 324 -6.24 -41.91 64.69
N ASP C 325 -5.55 -41.86 65.84
CA ASP C 325 -5.82 -40.84 66.83
C ASP C 325 -5.63 -39.41 66.33
N ALA C 326 -4.99 -39.23 65.16
CA ALA C 326 -4.73 -37.95 64.50
C ALA C 326 -3.90 -36.96 65.31
N ILE C 327 -3.09 -37.48 66.23
CA ILE C 327 -2.26 -36.60 67.04
C ILE C 327 -0.81 -37.05 66.97
N SER C 328 -0.58 -38.38 67.01
CA SER C 328 0.76 -38.94 66.93
C SER C 328 1.09 -39.42 65.49
N TYR C 329 2.38 -39.64 65.20
CA TYR C 329 2.79 -40.07 63.86
C TYR C 329 4.05 -40.93 63.87
N TYR C 330 4.34 -41.58 62.74
CA TYR C 330 5.54 -42.37 62.55
C TYR C 330 6.38 -41.69 61.46
N LYS C 331 7.66 -41.52 61.68
CA LYS C 331 8.54 -40.86 60.73
C LYS C 331 9.90 -41.55 60.69
N ILE C 332 10.55 -41.60 59.51
CA ILE C 332 11.88 -42.19 59.40
C ILE C 332 12.91 -41.09 59.50
N PHE C 333 13.90 -41.27 60.38
CA PHE C 333 15.03 -40.36 60.52
C PHE C 333 16.19 -41.02 61.28
N SER C 334 17.36 -40.39 61.32
CA SER C 334 18.54 -40.97 61.95
C SER C 334 18.43 -41.18 63.45
N ASP C 335 19.01 -42.29 63.93
CA ASP C 335 19.04 -42.59 65.35
C ASP C 335 20.35 -42.03 65.99
N LYS C 336 20.68 -42.43 67.24
CA LYS C 336 21.91 -41.97 67.90
C LYS C 336 23.14 -42.43 67.12
N ASP C 337 23.15 -43.70 66.69
CA ASP C 337 24.26 -44.31 65.93
C ASP C 337 24.38 -43.84 64.48
N GLY C 338 23.39 -43.13 63.98
CA GLY C 338 23.45 -42.59 62.63
C GLY C 338 22.71 -43.39 61.58
N TYR C 339 21.80 -44.30 61.99
CA TYR C 339 21.03 -45.09 61.03
C TYR C 339 19.59 -44.60 60.93
N LYS C 340 19.10 -44.32 59.72
CA LYS C 340 17.74 -43.85 59.52
C LYS C 340 16.74 -44.96 59.80
N HIS C 341 16.07 -44.85 60.97
CA HIS C 341 15.09 -45.81 61.47
C HIS C 341 13.72 -45.16 61.76
N ILE C 342 12.67 -45.98 61.89
CA ILE C 342 11.31 -45.50 62.18
C ILE C 342 11.20 -45.08 63.63
N HIS C 343 10.68 -43.89 63.87
CA HIS C 343 10.42 -43.40 65.22
C HIS C 343 8.92 -43.10 65.39
N TYR C 344 8.43 -43.10 66.63
CA TYR C 344 7.03 -42.83 66.93
C TYR C 344 6.92 -41.58 67.80
N ILE C 345 6.37 -40.50 67.24
CA ILE C 345 6.25 -39.23 67.97
C ILE C 345 4.85 -38.91 68.38
N LYS C 346 4.60 -38.81 69.69
CA LYS C 346 3.29 -38.43 70.20
C LYS C 346 3.32 -36.90 70.49
N ASP C 347 3.85 -36.52 71.66
CA ASP C 347 3.93 -35.14 72.11
C ASP C 347 5.10 -34.35 71.48
N THR C 348 6.35 -34.72 71.81
CA THR C 348 7.54 -34.01 71.35
C THR C 348 8.57 -34.94 70.71
N VAL C 349 9.50 -34.34 69.94
CA VAL C 349 10.61 -35.05 69.32
C VAL C 349 11.56 -35.63 70.39
N GLU C 350 11.71 -34.94 71.52
CA GLU C 350 12.56 -35.38 72.62
C GLU C 350 12.11 -36.76 73.13
N ASN C 351 10.79 -36.95 73.32
CA ASN C 351 10.21 -38.21 73.79
C ASN C 351 9.88 -39.19 72.65
N ALA C 352 10.59 -39.14 71.51
CA ALA C 352 10.31 -40.07 70.42
C ALA C 352 10.74 -41.48 70.80
N ILE C 353 9.96 -42.48 70.39
CA ILE C 353 10.28 -43.87 70.70
C ILE C 353 10.84 -44.52 69.44
N GLN C 354 12.04 -45.11 69.52
CA GLN C 354 12.62 -45.78 68.36
C GLN C 354 11.94 -47.13 68.10
N ILE C 355 11.25 -47.25 66.95
CA ILE C 355 10.53 -48.46 66.56
C ILE C 355 11.45 -49.55 65.97
N THR C 356 12.34 -49.17 65.03
CA THR C 356 13.30 -50.09 64.41
C THR C 356 14.74 -49.65 64.74
N SER C 357 15.68 -50.61 64.84
CA SER C 357 17.07 -50.27 65.17
C SER C 357 18.08 -51.27 64.59
N GLY C 358 19.34 -50.87 64.46
CA GLY C 358 20.37 -51.77 63.95
C GLY C 358 21.24 -51.15 62.88
N LYS C 359 22.25 -51.91 62.42
CA LYS C 359 23.16 -51.43 61.38
C LYS C 359 22.60 -51.73 60.00
N TRP C 360 21.43 -51.16 59.73
CA TRP C 360 20.64 -51.20 58.50
C TRP C 360 19.61 -50.05 58.57
N GLU C 361 19.02 -49.68 57.42
CA GLU C 361 18.07 -48.57 57.42
C GLU C 361 16.66 -48.96 57.04
N ALA C 362 15.68 -48.22 57.59
CA ALA C 362 14.28 -48.35 57.24
C ALA C 362 14.12 -47.36 56.07
N ILE C 363 13.65 -47.83 54.91
CA ILE C 363 13.56 -46.98 53.72
C ILE C 363 12.22 -46.20 53.64
N ASN C 364 11.06 -46.89 53.71
CA ASN C 364 9.76 -46.22 53.56
C ASN C 364 8.66 -46.82 54.38
N ILE C 365 7.75 -45.99 54.89
CA ILE C 365 6.60 -46.47 55.63
C ILE C 365 5.44 -46.45 54.64
N PHE C 366 4.92 -47.62 54.30
CA PHE C 366 3.83 -47.71 53.31
C PHE C 366 2.46 -47.48 53.93
N ARG C 367 2.22 -48.08 55.11
CA ARG C 367 0.91 -47.97 55.73
C ARG C 367 0.95 -48.12 57.25
N VAL C 368 0.18 -47.27 57.93
CA VAL C 368 0.02 -47.36 59.37
C VAL C 368 -1.43 -47.68 59.63
N THR C 369 -1.74 -48.95 59.95
CA THR C 369 -3.12 -49.37 60.19
C THR C 369 -3.45 -49.33 61.70
N GLN C 370 -4.63 -49.82 62.10
CA GLN C 370 -5.11 -49.87 63.47
C GLN C 370 -4.21 -50.79 64.33
N ASP C 371 -3.70 -51.87 63.74
CA ASP C 371 -2.86 -52.82 64.49
C ASP C 371 -1.52 -53.18 63.83
N SER C 372 -1.28 -52.72 62.61
CA SER C 372 -0.04 -53.06 61.90
C SER C 372 0.67 -51.83 61.35
N LEU C 373 1.94 -52.01 61.01
CA LEU C 373 2.75 -50.99 60.38
C LEU C 373 3.58 -51.72 59.32
N PHE C 374 3.46 -51.28 58.07
CA PHE C 374 4.19 -51.90 56.98
C PHE C 374 5.27 -50.97 56.55
N TYR C 375 6.47 -51.51 56.34
CA TYR C 375 7.60 -50.71 55.89
C TYR C 375 8.60 -51.54 55.08
N SER C 376 9.50 -50.88 54.36
CA SER C 376 10.54 -51.60 53.60
C SER C 376 11.90 -51.37 54.24
N SER C 377 12.78 -52.39 54.20
CA SER C 377 14.11 -52.22 54.78
C SER C 377 15.19 -53.04 54.08
N ASN C 378 16.47 -52.82 54.49
CA ASN C 378 17.71 -53.48 54.08
C ASN C 378 17.99 -54.76 54.88
N GLU C 379 17.58 -54.76 56.17
CA GLU C 379 17.82 -55.79 57.18
C GLU C 379 18.15 -57.21 56.67
N PHE C 380 17.30 -57.80 55.81
CA PHE C 380 17.49 -59.18 55.35
C PHE C 380 18.88 -59.52 54.87
N GLU C 381 19.52 -60.47 55.57
CA GLU C 381 20.85 -60.99 55.27
C GLU C 381 21.95 -59.91 55.12
N GLU C 382 21.73 -58.71 55.70
CA GLU C 382 22.69 -57.61 55.70
C GLU C 382 23.13 -57.10 54.30
N TYR C 383 22.21 -57.08 53.31
CA TYR C 383 22.53 -56.60 51.98
C TYR C 383 21.86 -55.25 51.81
N PRO C 384 22.66 -54.18 51.68
CA PRO C 384 22.07 -52.85 51.50
C PRO C 384 21.35 -52.60 50.17
N GLY C 385 21.56 -53.47 49.19
CA GLY C 385 20.94 -53.32 47.87
C GLY C 385 19.61 -54.02 47.68
N ARG C 386 19.11 -54.68 48.71
CA ARG C 386 17.82 -55.37 48.65
C ARG C 386 16.72 -54.55 49.28
N ARG C 387 15.46 -54.86 48.95
CA ARG C 387 14.28 -54.22 49.57
C ARG C 387 13.28 -55.29 49.97
N ASN C 388 12.97 -55.41 51.26
CA ASN C 388 11.99 -56.39 51.72
C ASN C 388 10.94 -55.72 52.57
N ILE C 389 9.67 -56.18 52.43
CA ILE C 389 8.52 -55.63 53.19
C ILE C 389 8.36 -56.33 54.52
N TYR C 390 8.40 -55.51 55.57
CA TYR C 390 8.26 -55.91 56.96
C TYR C 390 6.88 -55.44 57.49
N ARG C 391 6.43 -56.08 58.56
CA ARG C 391 5.13 -55.82 59.17
C ARG C 391 5.28 -55.98 60.67
N ILE C 392 5.15 -54.88 61.40
CA ILE C 392 5.28 -54.90 62.84
C ILE C 392 3.97 -54.49 63.50
N SER C 393 3.67 -55.10 64.63
CA SER C 393 2.44 -54.83 65.35
C SER C 393 2.53 -53.54 66.15
N ILE C 394 1.39 -52.88 66.32
CA ILE C 394 1.32 -51.68 67.14
C ILE C 394 0.10 -51.81 68.06
N GLY C 395 0.28 -51.59 69.36
CA GLY C 395 -0.82 -51.68 70.30
C GLY C 395 -0.95 -53.00 71.05
N SER C 396 -0.51 -54.11 70.45
CA SER C 396 -0.57 -55.41 71.11
C SER C 396 0.50 -55.52 72.19
N TYR C 397 0.17 -56.13 73.35
CA TYR C 397 1.09 -56.30 74.49
C TYR C 397 2.40 -57.01 74.02
N PRO C 398 2.45 -58.33 73.66
CA PRO C 398 3.70 -58.89 73.15
C PRO C 398 3.80 -58.49 71.68
N PRO C 399 4.84 -57.74 71.28
CA PRO C 399 4.93 -57.28 69.89
C PRO C 399 5.30 -58.35 68.88
N SER C 400 4.89 -58.15 67.64
CA SER C 400 5.18 -59.05 66.54
C SER C 400 6.04 -58.33 65.49
N LYS C 401 6.78 -59.09 64.70
CA LYS C 401 7.58 -58.59 63.61
C LYS C 401 7.78 -59.73 62.64
N LYS C 402 7.38 -59.53 61.38
CA LYS C 402 7.56 -60.57 60.36
C LYS C 402 8.03 -59.99 59.03
N CYS C 403 8.78 -60.79 58.26
CA CYS C 403 9.22 -60.35 56.94
C CYS C 403 8.36 -61.07 55.95
N VAL C 404 7.44 -60.33 55.35
CA VAL C 404 6.49 -60.89 54.41
C VAL C 404 7.15 -61.49 53.16
N THR C 405 8.07 -60.74 52.57
CA THR C 405 8.67 -61.12 51.32
C THR C 405 9.98 -61.94 51.39
N CYS C 406 10.79 -61.84 52.49
CA CYS C 406 12.09 -62.53 52.68
C CYS C 406 12.20 -63.91 52.00
N HIS C 407 11.28 -64.82 52.32
CA HIS C 407 11.29 -66.15 51.76
C HIS C 407 10.06 -66.45 50.91
N LEU C 408 9.41 -65.41 50.36
CA LEU C 408 8.25 -65.58 49.49
C LEU C 408 8.71 -66.33 48.22
N ARG C 409 9.82 -65.88 47.63
CA ARG C 409 10.51 -66.48 46.48
C ARG C 409 11.96 -66.01 46.68
N LYS C 410 12.72 -66.69 47.56
CA LYS C 410 14.05 -66.23 47.95
C LYS C 410 15.09 -66.02 46.80
N GLU C 411 15.31 -67.03 45.95
CA GLU C 411 16.30 -66.93 44.87
C GLU C 411 15.93 -65.86 43.83
N ARG C 412 14.65 -65.82 43.44
CA ARG C 412 14.13 -64.93 42.42
C ARG C 412 13.86 -63.51 42.88
N CYS C 413 13.37 -63.34 44.11
CA CYS C 413 12.90 -62.04 44.55
C CYS C 413 13.47 -61.54 45.86
N GLN C 414 14.20 -60.41 45.76
CA GLN C 414 14.80 -59.74 46.90
C GLN C 414 14.73 -58.20 46.77
N TYR C 415 13.86 -57.67 45.92
CA TYR C 415 13.71 -56.22 45.75
C TYR C 415 12.24 -55.95 45.52
N TYR C 416 11.55 -55.60 46.59
CA TYR C 416 10.12 -55.41 46.59
C TYR C 416 9.63 -53.99 46.84
N THR C 417 8.40 -53.74 46.38
CA THR C 417 7.60 -52.55 46.64
C THR C 417 6.16 -53.03 46.88
N ALA C 418 5.35 -52.24 47.62
CA ALA C 418 3.99 -52.67 47.90
C ALA C 418 2.96 -51.58 47.62
N SER C 419 1.72 -51.97 47.31
CA SER C 419 0.64 -51.03 47.12
C SER C 419 -0.52 -51.55 47.94
N PHE C 420 -1.04 -50.72 48.82
CA PHE C 420 -2.12 -51.14 49.71
C PHE C 420 -3.49 -50.71 49.26
N SER C 421 -4.45 -51.61 49.42
CA SER C 421 -5.85 -51.28 49.14
C SER C 421 -6.38 -50.40 50.28
N ASP C 422 -7.58 -49.79 50.13
CA ASP C 422 -8.13 -48.96 51.19
C ASP C 422 -8.23 -49.71 52.53
N TYR C 423 -7.52 -49.17 53.54
CA TYR C 423 -7.43 -49.70 54.91
C TYR C 423 -6.66 -51.01 54.99
N ALA C 424 -5.78 -51.27 54.03
CA ALA C 424 -4.93 -52.45 53.92
C ALA C 424 -5.68 -53.78 54.03
N LYS C 425 -6.89 -53.84 53.46
CA LYS C 425 -7.66 -55.09 53.48
C LYS C 425 -6.94 -56.16 52.65
N TYR C 426 -6.35 -55.73 51.51
CA TYR C 426 -5.57 -56.51 50.58
C TYR C 426 -4.39 -55.64 50.11
N TYR C 427 -3.35 -56.28 49.53
CA TYR C 427 -2.20 -55.52 49.04
C TYR C 427 -1.42 -56.24 47.99
N ALA C 428 -0.84 -55.48 47.06
CA ALA C 428 -0.02 -56.04 46.00
C ALA C 428 1.46 -55.89 46.32
N LEU C 429 2.26 -56.84 45.85
CA LEU C 429 3.70 -56.83 46.02
C LEU C 429 4.28 -56.85 44.65
N VAL C 430 5.18 -55.92 44.35
CA VAL C 430 5.86 -55.92 43.07
C VAL C 430 7.34 -56.21 43.27
N CYS C 431 7.78 -57.35 42.77
CA CYS C 431 9.16 -57.79 42.85
C CYS C 431 9.85 -57.29 41.59
N TYR C 432 10.97 -56.60 41.74
CA TYR C 432 11.71 -56.05 40.61
C TYR C 432 13.00 -56.82 40.25
N GLY C 433 13.37 -57.80 41.07
CA GLY C 433 14.57 -58.58 40.83
C GLY C 433 15.07 -59.32 42.07
N PRO C 434 16.27 -59.97 42.03
CA PRO C 434 17.22 -60.08 40.90
C PRO C 434 16.68 -60.87 39.70
N GLY C 435 15.79 -61.81 39.95
CA GLY C 435 15.17 -62.61 38.90
C GLY C 435 14.12 -61.84 38.11
N ILE C 436 13.36 -62.54 37.26
CA ILE C 436 12.34 -61.89 36.43
C ILE C 436 11.25 -61.28 37.32
N PRO C 437 10.98 -59.98 37.16
CA PRO C 437 9.97 -59.33 38.01
C PRO C 437 8.60 -60.01 38.07
N ILE C 438 8.01 -60.07 39.26
CA ILE C 438 6.70 -60.68 39.45
C ILE C 438 5.80 -59.85 40.37
N SER C 439 4.55 -59.66 39.95
CA SER C 439 3.58 -58.91 40.73
C SER C 439 2.56 -59.90 41.28
N THR C 440 2.37 -59.90 42.60
CA THR C 440 1.49 -60.83 43.30
C THR C 440 0.47 -60.07 44.20
N LEU C 441 -0.72 -60.66 44.46
CA LEU C 441 -1.76 -60.03 45.29
C LEU C 441 -1.90 -60.82 46.59
N HIS C 442 -1.93 -60.11 47.72
CA HIS C 442 -1.93 -60.70 49.05
C HIS C 442 -3.04 -60.24 49.97
N ASP C 443 -3.45 -61.14 50.88
CA ASP C 443 -4.47 -60.88 51.88
C ASP C 443 -3.82 -60.00 52.94
N GLY C 444 -4.44 -58.87 53.25
CA GLY C 444 -3.87 -57.93 54.22
C GLY C 444 -3.89 -58.40 55.67
N ARG C 445 -4.56 -59.52 55.97
CA ARG C 445 -4.65 -60.01 57.34
C ARG C 445 -3.69 -61.17 57.60
N THR C 446 -3.57 -62.07 56.63
CA THR C 446 -2.72 -63.24 56.76
C THR C 446 -1.43 -63.18 55.92
N ASP C 447 -1.30 -62.16 55.05
CA ASP C 447 -0.15 -61.98 54.15
C ASP C 447 -0.07 -63.05 53.05
N GLN C 448 -1.06 -63.95 52.96
CA GLN C 448 -1.06 -65.06 52.01
C GLN C 448 -1.31 -64.59 50.59
N GLU C 449 -0.65 -65.22 49.64
CA GLU C 449 -0.78 -64.90 48.23
C GLU C 449 -2.10 -65.48 47.69
N ILE C 450 -2.98 -64.61 47.18
CA ILE C 450 -4.29 -64.98 46.64
C ILE C 450 -4.17 -65.34 45.16
N LYS C 451 -3.50 -64.50 44.37
CA LYS C 451 -3.33 -64.69 42.94
C LYS C 451 -2.07 -64.00 42.39
N ILE C 452 -1.61 -64.43 41.22
CA ILE C 452 -0.45 -63.82 40.57
C ILE C 452 -0.98 -62.78 39.58
N LEU C 453 -0.68 -61.49 39.81
CA LEU C 453 -1.19 -60.42 38.96
C LEU C 453 -0.47 -60.39 37.60
N GLU C 454 0.88 -60.40 37.62
CA GLU C 454 1.69 -60.43 36.41
C GLU C 454 2.90 -61.32 36.71
N GLU C 455 2.98 -62.48 36.05
CA GLU C 455 4.06 -63.44 36.28
C GLU C 455 5.26 -63.22 35.33
N ASN C 456 5.02 -62.60 34.16
CA ASN C 456 6.03 -62.34 33.12
C ASN C 456 6.49 -63.60 32.43
N LYS C 457 5.54 -64.44 32.00
CA LYS C 457 5.87 -65.68 31.29
C LYS C 457 6.29 -65.45 29.85
N GLU C 458 5.93 -64.29 29.26
CA GLU C 458 6.31 -63.96 27.88
C GLU C 458 7.81 -63.68 27.82
N LEU C 459 8.31 -62.88 28.79
CA LEU C 459 9.73 -62.52 28.89
C LEU C 459 10.57 -63.74 29.31
N GLU C 460 10.03 -64.63 30.13
CA GLU C 460 10.73 -65.83 30.58
C GLU C 460 11.01 -66.78 29.42
N ASN C 461 10.05 -66.90 28.50
CA ASN C 461 10.20 -67.75 27.32
C ASN C 461 11.11 -67.11 26.27
N ALA C 462 11.06 -65.78 26.14
CA ALA C 462 11.89 -65.06 25.19
C ALA C 462 13.37 -65.16 25.57
N LEU C 463 13.68 -65.06 26.86
CA LEU C 463 15.05 -65.15 27.35
C LEU C 463 15.63 -66.57 27.40
N LYS C 464 14.88 -67.59 26.96
CA LYS C 464 15.35 -68.98 27.02
C LYS C 464 16.59 -69.19 26.16
N ASN C 465 16.61 -68.60 24.95
CA ASN C 465 17.73 -68.73 24.02
C ASN C 465 18.76 -67.60 24.15
N ILE C 466 18.74 -66.82 25.26
CA ILE C 466 19.64 -65.67 25.37
C ILE C 466 20.72 -65.85 26.45
N GLN C 467 22.00 -65.60 26.07
CA GLN C 467 23.15 -65.72 26.96
C GLN C 467 23.29 -64.49 27.85
N LEU C 468 22.46 -64.41 28.90
CA LEU C 468 22.53 -63.25 29.79
C LEU C 468 23.74 -63.31 30.70
N PRO C 469 24.39 -62.16 30.94
CA PRO C 469 25.57 -62.14 31.82
C PRO C 469 25.22 -62.45 33.27
N LYS C 470 26.20 -62.95 34.05
CA LYS C 470 25.98 -63.23 35.47
C LYS C 470 26.24 -61.97 36.29
N GLU C 471 25.30 -61.56 37.13
CA GLU C 471 25.49 -60.36 37.97
C GLU C 471 25.79 -60.80 39.39
N GLU C 472 26.82 -60.21 40.01
CA GLU C 472 27.21 -60.57 41.38
C GLU C 472 27.37 -59.35 42.28
N ILE C 473 26.65 -59.35 43.41
CA ILE C 473 26.74 -58.25 44.37
C ILE C 473 27.62 -58.68 45.56
N LYS C 474 28.83 -58.14 45.62
CA LYS C 474 29.80 -58.43 46.68
C LYS C 474 30.31 -57.11 47.31
N LYS C 475 31.17 -57.19 48.33
CA LYS C 475 31.72 -56.00 48.95
C LYS C 475 33.23 -56.06 49.12
N LEU C 476 33.86 -54.88 49.11
CA LEU C 476 35.30 -54.70 49.31
C LEU C 476 35.49 -53.94 50.62
N GLU C 477 36.52 -54.27 51.39
CA GLU C 477 36.75 -53.58 52.65
C GLU C 477 38.13 -52.95 52.69
N VAL C 478 38.23 -51.68 52.26
CA VAL C 478 39.51 -50.97 52.26
C VAL C 478 39.50 -49.79 53.24
N ASP C 479 40.53 -49.73 54.13
CA ASP C 479 40.72 -48.66 55.11
C ASP C 479 39.44 -48.23 55.85
N GLU C 480 38.77 -49.18 56.51
CA GLU C 480 37.52 -48.99 57.27
C GLU C 480 36.34 -48.50 56.42
N ILE C 481 36.47 -48.52 55.08
CA ILE C 481 35.40 -48.10 54.19
C ILE C 481 34.93 -49.27 53.36
N THR C 482 33.66 -49.64 53.51
CA THR C 482 33.10 -50.74 52.74
C THR C 482 32.53 -50.26 51.42
N LEU C 483 32.95 -50.89 50.31
CA LEU C 483 32.45 -50.53 49.00
C LEU C 483 31.65 -51.67 48.42
N TRP C 484 30.33 -51.51 48.29
CA TRP C 484 29.50 -52.54 47.68
C TRP C 484 29.58 -52.37 46.17
N TYR C 485 29.67 -53.49 45.45
CA TYR C 485 29.77 -53.43 44.00
C TYR C 485 28.96 -54.49 43.31
N LYS C 486 28.53 -54.19 42.10
CA LYS C 486 27.81 -55.13 41.28
C LYS C 486 28.72 -55.42 40.10
N MET C 487 29.09 -56.68 39.89
CA MET C 487 29.94 -57.02 38.77
C MET C 487 29.16 -57.87 37.77
N ILE C 488 29.17 -57.46 36.51
CA ILE C 488 28.48 -58.16 35.43
C ILE C 488 29.53 -58.90 34.63
N LEU C 489 29.48 -60.23 34.67
CA LEU C 489 30.46 -61.08 34.00
C LEU C 489 30.00 -61.62 32.67
N PRO C 490 30.92 -61.70 31.69
CA PRO C 490 30.55 -62.27 30.37
C PRO C 490 30.12 -63.73 30.45
N PRO C 491 29.32 -64.21 29.48
CA PRO C 491 28.96 -65.64 29.50
C PRO C 491 30.20 -66.51 29.30
N GLN C 492 30.28 -67.65 30.02
CA GLN C 492 31.44 -68.55 30.01
C GLN C 492 32.71 -67.78 30.41
N PHE C 493 32.61 -67.05 31.54
CA PHE C 493 33.67 -66.25 32.13
C PHE C 493 34.77 -67.16 32.70
N ASP C 494 36.03 -66.82 32.41
CA ASP C 494 37.18 -67.58 32.88
C ASP C 494 38.05 -66.71 33.79
N ARG C 495 38.25 -67.13 35.04
CA ARG C 495 39.09 -66.37 35.99
C ARG C 495 40.58 -66.35 35.64
N SER C 496 41.01 -67.14 34.62
CA SER C 496 42.41 -67.19 34.20
C SER C 496 42.72 -66.22 33.03
N LYS C 497 41.69 -65.65 32.40
CA LYS C 497 41.90 -64.74 31.27
C LYS C 497 41.76 -63.28 31.67
N LYS C 498 42.27 -62.37 30.84
CA LYS C 498 42.19 -60.93 31.07
C LYS C 498 41.03 -60.35 30.26
N TYR C 499 40.15 -59.58 30.92
CA TYR C 499 38.98 -59.00 30.28
C TYR C 499 39.02 -57.48 30.35
N PRO C 500 38.60 -56.77 29.29
CA PRO C 500 38.51 -55.30 29.38
C PRO C 500 37.44 -54.89 30.40
N LEU C 501 37.66 -53.80 31.15
CA LEU C 501 36.73 -53.39 32.21
C LEU C 501 36.07 -52.05 31.94
N LEU C 502 34.75 -51.96 32.14
CA LEU C 502 34.01 -50.72 32.01
C LEU C 502 33.37 -50.43 33.35
N ILE C 503 33.48 -49.20 33.84
CA ILE C 503 32.87 -48.80 35.09
C ILE C 503 31.67 -47.89 34.79
N GLN C 504 30.48 -48.26 35.26
CA GLN C 504 29.30 -47.39 35.09
C GLN C 504 29.17 -46.65 36.40
N VAL C 505 29.22 -45.31 36.35
CA VAL C 505 29.19 -44.53 37.57
C VAL C 505 28.06 -43.48 37.62
N TYR C 506 27.59 -43.20 38.83
CA TYR C 506 26.62 -42.17 39.19
C TYR C 506 27.27 -41.50 40.43
N GLY C 507 27.23 -42.17 41.59
CA GLY C 507 27.89 -41.68 42.79
C GLY C 507 27.44 -40.39 43.46
N GLY C 508 26.26 -39.89 43.08
CA GLY C 508 25.70 -38.68 43.65
C GLY C 508 25.20 -38.88 45.07
N PRO C 509 25.14 -37.82 45.89
CA PRO C 509 24.67 -38.00 47.28
C PRO C 509 23.23 -38.50 47.34
N CYS C 510 22.94 -39.38 48.29
CA CYS C 510 21.62 -39.98 48.53
C CYS C 510 21.24 -41.08 47.52
N SER C 511 22.15 -41.47 46.65
CA SER C 511 21.86 -42.47 45.63
C SER C 511 22.31 -43.89 45.99
N GLN C 512 21.97 -44.87 45.14
CA GLN C 512 22.39 -46.25 45.31
C GLN C 512 22.28 -46.91 43.95
N SER C 513 23.41 -47.37 43.42
CA SER C 513 23.44 -48.01 42.10
C SER C 513 23.68 -49.52 42.15
N VAL C 514 23.97 -50.07 43.34
CA VAL C 514 24.15 -51.51 43.49
C VAL C 514 22.86 -52.05 44.13
N ARG C 515 21.84 -52.33 43.31
CA ARG C 515 20.57 -52.85 43.81
C ARG C 515 20.25 -54.20 43.19
N SER C 516 19.49 -55.03 43.90
CA SER C 516 19.10 -56.34 43.39
C SER C 516 17.93 -56.22 42.39
N VAL C 517 18.08 -55.35 41.38
CA VAL C 517 17.05 -55.09 40.37
C VAL C 517 17.41 -55.74 39.05
N PHE C 518 16.44 -56.44 38.45
CA PHE C 518 16.59 -57.06 37.15
C PHE C 518 16.50 -55.98 36.09
N ALA C 519 17.39 -56.02 35.10
CA ALA C 519 17.45 -55.07 33.99
C ALA C 519 18.26 -55.68 32.85
N VAL C 520 17.74 -55.60 31.63
CA VAL C 520 18.42 -56.03 30.41
C VAL C 520 18.72 -54.73 29.67
N ASN C 521 19.85 -54.10 30.02
CA ASN C 521 20.28 -52.79 29.52
C ASN C 521 21.55 -52.86 28.65
N TRP C 522 22.08 -51.71 28.20
CA TRP C 522 23.27 -51.64 27.37
C TRP C 522 24.45 -52.40 27.98
N ILE C 523 24.79 -52.19 29.27
CA ILE C 523 25.91 -52.89 29.92
C ILE C 523 25.71 -54.42 30.00
N SER C 524 24.46 -54.91 29.85
CA SER C 524 24.20 -56.34 29.81
C SER C 524 24.65 -56.85 28.43
N TYR C 525 24.37 -56.09 27.34
CA TYR C 525 24.78 -56.42 25.98
C TYR C 525 26.30 -56.38 25.86
N LEU C 526 26.95 -55.39 26.51
CA LEU C 526 28.41 -55.27 26.45
C LEU C 526 29.10 -56.50 27.03
N ALA C 527 28.54 -57.04 28.12
CA ALA C 527 29.10 -58.22 28.75
C ALA C 527 28.69 -59.48 28.00
N SER C 528 27.45 -59.54 27.48
CA SER C 528 26.98 -60.71 26.75
C SER C 528 27.67 -60.92 25.40
N LYS C 529 27.71 -59.88 24.55
CA LYS C 529 28.30 -59.97 23.21
C LYS C 529 29.74 -59.49 23.07
N GLU C 530 30.09 -58.36 23.71
CA GLU C 530 31.42 -57.79 23.58
C GLU C 530 32.46 -58.24 24.63
N GLY C 531 32.17 -59.31 25.36
CA GLY C 531 33.06 -59.87 26.38
C GLY C 531 33.76 -58.92 27.32
N MET C 532 33.03 -57.97 27.90
CA MET C 532 33.60 -57.02 28.84
C MET C 532 33.12 -57.30 30.25
N VAL C 533 33.95 -56.95 31.24
CA VAL C 533 33.53 -57.03 32.63
C VAL C 533 32.97 -55.63 32.97
N ILE C 534 31.78 -55.58 33.59
CA ILE C 534 31.18 -54.31 33.96
C ILE C 534 31.10 -54.23 35.49
N ALA C 535 31.33 -53.04 36.04
CA ALA C 535 31.25 -52.87 37.49
C ALA C 535 30.55 -51.58 37.86
N LEU C 536 29.81 -51.61 38.98
CA LEU C 536 29.08 -50.48 39.52
C LEU C 536 29.46 -50.42 40.99
N VAL C 537 30.17 -49.38 41.43
CA VAL C 537 30.65 -49.30 42.81
C VAL C 537 29.95 -48.22 43.63
N ASP C 538 29.47 -48.55 44.82
CA ASP C 538 28.82 -47.59 45.71
C ASP C 538 29.73 -47.23 46.90
N GLY C 539 30.28 -46.01 46.85
CA GLY C 539 31.17 -45.52 47.89
C GLY C 539 30.55 -44.47 48.78
N ARG C 540 31.40 -43.57 49.35
CA ARG C 540 30.96 -42.50 50.23
C ARG C 540 30.03 -41.57 49.49
N GLY C 541 29.00 -41.10 50.18
CA GLY C 541 27.95 -40.27 49.60
C GLY C 541 26.72 -41.08 49.24
N THR C 542 26.85 -42.41 49.24
CA THR C 542 25.79 -43.35 48.91
C THR C 542 24.87 -43.56 50.11
N ALA C 543 23.57 -43.70 49.86
CA ALA C 543 22.59 -43.84 50.91
C ALA C 543 22.36 -45.32 51.40
N PHE C 544 21.58 -45.50 52.50
CA PHE C 544 21.08 -46.75 53.09
C PHE C 544 22.14 -47.55 53.87
N GLN C 545 23.29 -46.95 54.17
CA GLN C 545 24.31 -47.62 54.96
C GLN C 545 24.76 -46.76 56.15
N GLY C 546 23.86 -45.95 56.69
CA GLY C 546 24.19 -45.06 57.79
C GLY C 546 24.66 -43.70 57.31
N ASP C 547 24.72 -42.76 58.24
CA ASP C 547 25.09 -41.38 57.96
C ASP C 547 26.58 -41.13 57.85
N LYS C 548 27.42 -42.02 58.40
CA LYS C 548 28.88 -41.86 58.28
C LYS C 548 29.31 -41.98 56.83
N LEU C 549 28.66 -42.90 56.08
CA LEU C 549 28.93 -43.10 54.66
C LEU C 549 28.26 -41.98 53.86
N LEU C 550 26.98 -41.70 54.14
CA LEU C 550 26.21 -40.67 53.45
C LEU C 550 26.78 -39.24 53.55
N TYR C 551 26.99 -38.73 54.78
CA TYR C 551 27.49 -37.38 54.99
C TYR C 551 28.99 -37.21 54.80
N ALA C 552 29.72 -38.24 54.35
CA ALA C 552 31.17 -38.10 54.13
C ALA C 552 31.49 -37.06 53.01
N VAL C 553 30.59 -36.92 52.03
CA VAL C 553 30.77 -35.99 50.94
C VAL C 553 30.16 -34.60 51.20
N TYR C 554 29.68 -34.32 52.43
CA TYR C 554 29.11 -33.01 52.73
C TYR C 554 30.13 -31.88 52.53
N ARG C 555 29.78 -30.93 51.65
CA ARG C 555 30.63 -29.79 51.31
C ARG C 555 31.94 -30.18 50.62
N LYS C 556 32.09 -31.45 50.19
CA LYS C 556 33.29 -31.96 49.53
C LYS C 556 32.92 -32.80 48.30
N LEU C 557 32.07 -32.25 47.42
CA LEU C 557 31.67 -32.97 46.22
C LEU C 557 32.81 -33.06 45.21
N GLY C 558 32.82 -34.14 44.46
CA GLY C 558 33.85 -34.41 43.46
C GLY C 558 35.17 -34.88 44.04
N VAL C 559 35.17 -35.35 45.30
CA VAL C 559 36.40 -35.79 45.95
C VAL C 559 36.38 -37.28 46.36
N TYR C 560 35.52 -37.69 47.32
CA TYR C 560 35.51 -39.08 47.79
C TYR C 560 34.85 -40.05 46.84
N GLU C 561 33.78 -39.64 46.14
CA GLU C 561 33.12 -40.53 45.17
C GLU C 561 34.07 -40.92 44.04
N VAL C 562 34.96 -39.99 43.64
CA VAL C 562 35.96 -40.20 42.62
C VAL C 562 37.03 -41.17 43.17
N GLU C 563 37.55 -40.89 44.38
CA GLU C 563 38.56 -41.74 45.02
C GLU C 563 38.09 -43.17 45.22
N ASP C 564 36.82 -43.35 45.57
CA ASP C 564 36.27 -44.69 45.80
C ASP C 564 36.15 -45.50 44.51
N GLN C 565 35.91 -44.86 43.35
CA GLN C 565 35.90 -45.60 42.08
C GLN C 565 37.34 -46.08 41.76
N ILE C 566 38.34 -45.25 42.06
CA ILE C 566 39.76 -45.56 41.84
C ILE C 566 40.20 -46.71 42.77
N THR C 567 39.81 -46.65 44.05
CA THR C 567 40.16 -47.69 45.03
C THR C 567 39.61 -49.04 44.58
N ALA C 568 38.36 -49.04 44.05
CA ALA C 568 37.71 -50.23 43.55
C ALA C 568 38.42 -50.79 42.31
N VAL C 569 38.79 -49.95 41.34
CA VAL C 569 39.48 -50.42 40.14
C VAL C 569 40.82 -51.07 40.49
N ARG C 570 41.56 -50.49 41.43
CA ARG C 570 42.83 -51.06 41.88
C ARG C 570 42.63 -52.46 42.49
N LYS C 571 41.52 -52.64 43.22
CA LYS C 571 41.14 -53.92 43.83
C LYS C 571 40.70 -54.94 42.77
N PHE C 572 39.93 -54.50 41.76
CA PHE C 572 39.48 -55.39 40.67
C PHE C 572 40.66 -55.83 39.81
N ILE C 573 41.69 -54.98 39.65
CA ILE C 573 42.86 -55.30 38.87
C ILE C 573 43.61 -56.42 39.56
N GLU C 574 43.82 -56.30 40.89
CA GLU C 574 44.57 -57.33 41.62
C GLU C 574 43.80 -58.66 41.79
N MET C 575 42.57 -58.76 41.26
CA MET C 575 41.83 -60.02 41.23
C MET C 575 42.40 -60.96 40.13
N GLY C 576 43.13 -60.39 39.14
CA GLY C 576 43.82 -61.13 38.10
C GLY C 576 43.13 -61.25 36.76
N PHE C 577 41.81 -61.01 36.70
CA PHE C 577 41.08 -61.18 35.45
C PHE C 577 40.76 -59.89 34.71
N ILE C 578 41.40 -58.78 35.08
CA ILE C 578 41.16 -57.51 34.40
C ILE C 578 42.42 -57.08 33.63
N ASP C 579 42.25 -56.68 32.38
CA ASP C 579 43.37 -56.21 31.57
C ASP C 579 43.61 -54.75 31.97
N GLU C 580 44.70 -54.47 32.70
CA GLU C 580 45.03 -53.13 33.21
C GLU C 580 45.20 -52.08 32.09
N LYS C 581 45.50 -52.53 30.87
CA LYS C 581 45.68 -51.70 29.69
C LYS C 581 44.34 -51.25 29.08
N ARG C 582 43.29 -52.07 29.23
CA ARG C 582 41.99 -51.73 28.68
C ARG C 582 40.90 -51.48 29.73
N ILE C 583 40.89 -50.29 30.37
CA ILE C 583 39.85 -49.93 31.35
C ILE C 583 39.15 -48.63 30.93
N ALA C 584 37.84 -48.52 31.13
CA ALA C 584 37.08 -47.33 30.77
C ALA C 584 36.05 -46.96 31.83
N ILE C 585 35.57 -45.71 31.84
CA ILE C 585 34.53 -45.29 32.78
C ILE C 585 33.51 -44.39 32.06
N TRP C 586 32.22 -44.70 32.22
CA TRP C 586 31.17 -43.91 31.58
C TRP C 586 30.16 -43.50 32.61
N GLY C 587 29.57 -42.34 32.40
CA GLY C 587 28.52 -41.84 33.27
C GLY C 587 27.62 -40.81 32.58
N TRP C 588 26.45 -40.55 33.21
CA TRP C 588 25.45 -39.58 32.77
C TRP C 588 25.12 -38.67 33.94
N SER C 589 25.04 -37.32 33.70
CA SER C 589 24.66 -36.32 34.70
C SER C 589 25.68 -36.25 35.89
N TYR C 590 25.33 -36.73 37.11
CA TYR C 590 26.29 -36.77 38.19
C TYR C 590 27.42 -37.80 37.83
N GLY C 591 27.08 -38.87 37.12
CA GLY C 591 28.06 -39.84 36.64
C GLY C 591 29.00 -39.30 35.58
N GLY C 592 28.56 -38.24 34.90
CA GLY C 592 29.33 -37.54 33.88
C GLY C 592 30.37 -36.65 34.53
N TYR C 593 30.04 -36.09 35.69
CA TYR C 593 30.94 -35.26 36.47
C TYR C 593 32.02 -36.18 37.08
N VAL C 594 31.59 -37.31 37.67
CA VAL C 594 32.48 -38.26 38.33
C VAL C 594 33.43 -38.96 37.37
N SER C 595 32.93 -39.41 36.20
CA SER C 595 33.79 -40.07 35.21
C SER C 595 34.81 -39.09 34.61
N SER C 596 34.42 -37.80 34.45
CA SER C 596 35.35 -36.81 33.91
C SER C 596 36.48 -36.59 34.91
N LEU C 597 36.14 -36.45 36.19
CA LEU C 597 37.14 -36.22 37.22
C LEU C 597 38.03 -37.43 37.45
N ALA C 598 37.45 -38.64 37.34
CA ALA C 598 38.20 -39.89 37.51
C ALA C 598 39.15 -40.10 36.34
N LEU C 599 38.70 -39.76 35.12
CA LEU C 599 39.53 -39.87 33.92
C LEU C 599 40.69 -38.86 33.98
N ALA C 600 40.47 -37.67 34.56
CA ALA C 600 41.51 -36.65 34.69
C ALA C 600 42.19 -36.68 36.07
N SER C 601 42.14 -37.82 36.77
CA SER C 601 42.77 -37.93 38.08
C SER C 601 44.28 -38.01 38.00
N GLY C 602 44.81 -38.49 36.88
CA GLY C 602 46.24 -38.64 36.66
C GLY C 602 46.79 -39.92 37.26
N THR C 603 45.96 -40.96 37.35
CA THR C 603 46.36 -42.26 37.89
C THR C 603 46.79 -43.26 36.82
N GLY C 604 46.37 -43.04 35.57
CA GLY C 604 46.69 -43.93 34.46
C GLY C 604 45.90 -45.23 34.46
N LEU C 605 44.88 -45.36 35.32
CA LEU C 605 44.06 -46.55 35.40
C LEU C 605 43.10 -46.63 34.22
N PHE C 606 42.41 -45.53 33.92
CA PHE C 606 41.46 -45.45 32.81
C PHE C 606 42.13 -45.04 31.51
N LYS C 607 41.88 -45.82 30.45
CA LYS C 607 42.39 -45.56 29.10
C LYS C 607 41.48 -44.51 28.44
N CYS C 608 40.16 -44.71 28.54
CA CYS C 608 39.19 -43.79 27.96
C CYS C 608 37.99 -43.58 28.86
N GLY C 609 37.22 -42.53 28.60
CA GLY C 609 36.05 -42.21 29.39
C GLY C 609 34.97 -41.49 28.63
N ILE C 610 33.73 -41.62 29.09
CA ILE C 610 32.58 -40.98 28.47
C ILE C 610 31.81 -40.16 29.51
N ALA C 611 31.41 -38.95 29.14
CA ALA C 611 30.60 -38.11 30.01
C ALA C 611 29.36 -37.63 29.22
N VAL C 612 28.16 -38.10 29.61
CA VAL C 612 26.91 -37.72 28.94
C VAL C 612 26.20 -36.69 29.81
N ALA C 613 25.85 -35.52 29.25
CA ALA C 613 25.23 -34.38 29.94
C ALA C 613 25.81 -34.14 31.36
N PRO C 614 27.14 -33.99 31.48
CA PRO C 614 27.73 -33.88 32.83
C PRO C 614 27.55 -32.54 33.49
N VAL C 615 27.75 -32.50 34.81
CA VAL C 615 27.84 -31.22 35.53
C VAL C 615 29.33 -30.88 35.52
N SER C 616 29.69 -29.65 35.16
CA SER C 616 31.10 -29.25 35.10
C SER C 616 31.51 -28.39 36.32
N SER C 617 30.58 -27.60 36.85
CA SER C 617 30.82 -26.76 38.00
C SER C 617 29.54 -26.68 38.80
N TRP C 618 29.66 -26.61 40.12
CA TRP C 618 28.47 -26.48 40.97
C TRP C 618 27.85 -25.07 40.93
N GLU C 619 28.54 -24.12 40.27
CA GLU C 619 28.03 -22.79 40.00
C GLU C 619 26.89 -22.87 38.98
N TYR C 620 26.82 -23.92 38.13
CA TYR C 620 25.82 -24.04 37.07
C TYR C 620 24.58 -24.89 37.38
N TYR C 621 24.54 -25.62 38.49
CA TYR C 621 23.40 -26.48 38.78
C TYR C 621 22.34 -25.80 39.72
N ALA C 622 21.13 -26.38 39.83
CA ALA C 622 20.06 -25.80 40.66
C ALA C 622 20.43 -25.63 42.14
N SER C 623 20.07 -24.45 42.68
CA SER C 623 20.33 -24.04 44.04
C SER C 623 19.80 -25.05 45.05
N VAL C 624 18.59 -25.58 44.82
CA VAL C 624 17.94 -26.55 45.71
C VAL C 624 18.74 -27.84 45.90
N TYR C 625 19.21 -28.46 44.80
CA TYR C 625 20.03 -29.67 44.87
C TYR C 625 21.45 -29.35 45.35
N THR C 626 22.13 -28.40 44.68
CA THR C 626 23.51 -28.03 44.97
C THR C 626 23.76 -27.60 46.42
N GLU C 627 23.03 -26.60 46.94
CA GLU C 627 23.28 -26.10 48.28
C GLU C 627 23.03 -27.10 49.39
N ARG C 628 22.18 -28.11 49.14
CA ARG C 628 21.88 -29.11 50.16
C ARG C 628 23.12 -29.89 50.56
N PHE C 629 23.93 -30.32 49.56
CA PHE C 629 25.15 -31.10 49.76
C PHE C 629 26.44 -30.30 49.59
N MET C 630 26.36 -29.00 49.24
CA MET C 630 27.58 -28.20 49.03
C MET C 630 27.66 -26.91 49.82
N GLY C 631 26.56 -26.48 50.43
CA GLY C 631 26.53 -25.22 51.14
C GLY C 631 26.40 -24.03 50.19
N LEU C 632 26.65 -22.83 50.70
CA LEU C 632 26.53 -21.61 49.89
C LEU C 632 27.86 -21.25 49.21
N PRO C 633 27.83 -20.58 48.06
CA PRO C 633 29.09 -20.23 47.39
C PRO C 633 29.57 -18.82 47.76
N THR C 634 29.78 -18.55 49.04
CA THR C 634 30.26 -17.24 49.49
C THR C 634 31.62 -17.37 50.14
N LYS C 635 32.36 -16.26 50.28
CA LYS C 635 33.69 -16.30 50.91
C LYS C 635 33.61 -16.78 52.34
N ASP C 636 32.55 -16.34 53.07
CA ASP C 636 32.33 -16.75 54.45
C ASP C 636 31.87 -18.21 54.60
N ASP C 637 31.42 -18.86 53.52
CA ASP C 637 30.95 -20.23 53.60
C ASP C 637 31.83 -21.22 52.76
N ASN C 638 31.33 -21.78 51.62
CA ASN C 638 32.08 -22.78 50.87
C ASN C 638 32.44 -22.37 49.44
N LEU C 639 32.77 -21.09 49.18
CA LEU C 639 33.15 -20.67 47.82
C LEU C 639 34.45 -21.36 47.37
N GLU C 640 35.38 -21.56 48.29
CA GLU C 640 36.66 -22.22 48.01
C GLU C 640 36.50 -23.58 47.34
N HIS C 641 35.61 -24.43 47.88
CA HIS C 641 35.40 -25.75 47.30
C HIS C 641 34.57 -25.71 46.03
N TYR C 642 33.66 -24.73 45.89
CA TYR C 642 32.87 -24.57 44.66
C TYR C 642 33.83 -24.36 43.45
N LYS C 643 34.96 -23.60 43.66
CA LYS C 643 36.00 -23.31 42.67
C LYS C 643 36.97 -24.49 42.45
N ASN C 644 37.38 -25.20 43.54
CA ASN C 644 38.32 -26.32 43.41
C ASN C 644 37.71 -27.54 42.70
N SER C 645 36.40 -27.79 42.91
CA SER C 645 35.67 -28.96 42.40
C SER C 645 35.17 -28.93 40.95
N THR C 646 35.67 -28.01 40.10
CA THR C 646 35.20 -27.95 38.70
C THR C 646 36.00 -28.90 37.80
N VAL C 647 35.36 -29.46 36.76
CA VAL C 647 35.99 -30.33 35.76
C VAL C 647 37.01 -29.49 34.93
N MET C 648 36.68 -28.20 34.65
CA MET C 648 37.53 -27.30 33.89
C MET C 648 38.91 -27.09 34.51
N ALA C 649 39.03 -27.15 35.84
CA ALA C 649 40.36 -26.99 36.48
C ALA C 649 41.29 -28.20 36.24
N ARG C 650 40.73 -29.33 35.79
CA ARG C 650 41.48 -30.55 35.49
C ARG C 650 41.72 -30.76 34.00
N ALA C 651 41.55 -29.73 33.16
CA ALA C 651 41.68 -29.81 31.71
C ALA C 651 43.02 -30.35 31.20
N GLU C 652 44.15 -29.87 31.73
CA GLU C 652 45.47 -30.34 31.31
C GLU C 652 45.72 -31.83 31.59
N TYR C 653 44.90 -32.45 32.44
CA TYR C 653 45.02 -33.86 32.79
C TYR C 653 44.34 -34.80 31.80
N PHE C 654 43.58 -34.27 30.83
CA PHE C 654 42.93 -35.09 29.81
C PHE C 654 43.85 -35.34 28.58
N ARG C 655 45.14 -34.98 28.67
CA ARG C 655 46.08 -35.06 27.55
C ARG C 655 46.39 -36.49 27.08
N ASN C 656 46.57 -37.46 27.97
CA ASN C 656 46.90 -38.83 27.52
C ASN C 656 45.74 -39.82 27.59
N VAL C 657 44.53 -39.32 27.77
CA VAL C 657 43.35 -40.18 27.84
C VAL C 657 42.37 -39.82 26.71
N ASP C 658 41.56 -40.79 26.29
CA ASP C 658 40.57 -40.53 25.24
C ASP C 658 39.24 -40.15 25.91
N TYR C 659 38.79 -38.92 25.68
CA TYR C 659 37.58 -38.42 26.32
C TYR C 659 36.44 -38.26 25.30
N LEU C 660 35.22 -38.69 25.65
CA LEU C 660 34.06 -38.52 24.78
C LEU C 660 33.05 -37.70 25.56
N LEU C 661 32.79 -36.44 25.09
CA LEU C 661 31.87 -35.52 25.73
C LEU C 661 30.56 -35.37 24.97
N ILE C 662 29.43 -35.80 25.56
CA ILE C 662 28.11 -35.72 24.92
C ILE C 662 27.16 -34.82 25.74
N HIS C 663 26.26 -34.07 25.08
CA HIS C 663 25.30 -33.20 25.75
C HIS C 663 24.19 -32.74 24.80
N GLY C 664 22.96 -32.70 25.31
CA GLY C 664 21.81 -32.24 24.55
C GLY C 664 21.68 -30.72 24.63
N THR C 665 21.42 -30.08 23.48
CA THR C 665 21.35 -28.62 23.41
C THR C 665 20.14 -28.02 24.15
N ALA C 666 19.04 -28.78 24.29
CA ALA C 666 17.85 -28.27 24.96
C ALA C 666 17.69 -28.87 26.35
N ASP C 667 18.81 -29.12 27.03
CA ASP C 667 18.77 -29.70 28.36
C ASP C 667 18.40 -28.59 29.33
N ASP C 668 17.21 -28.69 29.91
CA ASP C 668 16.69 -27.75 30.90
C ASP C 668 17.24 -28.03 32.30
N ASN C 669 17.66 -29.30 32.57
CA ASN C 669 18.19 -29.69 33.87
C ASN C 669 19.70 -29.36 34.02
N VAL C 670 20.58 -30.13 33.37
CA VAL C 670 22.02 -29.93 33.40
C VAL C 670 22.28 -29.19 32.12
N HIS C 671 22.41 -27.89 32.19
CA HIS C 671 22.48 -27.05 31.01
C HIS C 671 23.63 -27.33 30.09
N PHE C 672 23.41 -27.18 28.76
CA PHE C 672 24.47 -27.37 27.76
C PHE C 672 25.71 -26.53 28.09
N GLN C 673 25.53 -25.44 28.84
CA GLN C 673 26.59 -24.57 29.34
C GLN C 673 27.69 -25.37 30.03
N ASN C 674 27.31 -26.39 30.83
CA ASN C 674 28.24 -27.27 31.52
C ASN C 674 29.23 -27.92 30.56
N SER C 675 28.75 -28.51 29.45
CA SER C 675 29.66 -29.12 28.45
C SER C 675 30.36 -28.08 27.60
N ALA C 676 29.69 -26.96 27.32
CA ALA C 676 30.27 -25.88 26.54
C ALA C 676 31.52 -25.32 27.25
N GLN C 677 31.48 -25.25 28.60
CA GLN C 677 32.61 -24.77 29.40
C GLN C 677 33.77 -25.77 29.42
N ILE C 678 33.47 -27.09 29.52
CA ILE C 678 34.49 -28.16 29.53
C ILE C 678 35.26 -28.11 28.20
N ALA C 679 34.50 -28.08 27.08
CA ALA C 679 35.04 -28.06 25.73
C ALA C 679 35.95 -26.84 25.52
N LYS C 680 35.55 -25.70 26.07
CA LYS C 680 36.33 -24.48 25.96
C LYS C 680 37.64 -24.60 26.73
N ALA C 681 37.60 -25.21 27.92
CA ALA C 681 38.79 -25.40 28.76
C ALA C 681 39.79 -26.36 28.11
N LEU C 682 39.25 -27.44 27.50
CA LEU C 682 40.05 -28.43 26.80
C LEU C 682 40.75 -27.81 25.59
N VAL C 683 40.05 -26.89 24.90
CA VAL C 683 40.61 -26.19 23.74
C VAL C 683 41.74 -25.31 24.20
N ASN C 684 41.52 -24.52 25.27
CA ASN C 684 42.53 -23.62 25.82
C ASN C 684 43.77 -24.37 26.31
N ALA C 685 43.57 -25.58 26.85
CA ALA C 685 44.66 -26.44 27.33
C ALA C 685 45.35 -27.23 26.20
N GLN C 686 44.87 -27.12 24.95
CA GLN C 686 45.40 -27.79 23.76
C GLN C 686 45.31 -29.30 23.90
N VAL C 687 44.13 -29.77 24.34
CA VAL C 687 43.86 -31.18 24.59
C VAL C 687 42.83 -31.68 23.58
N ASP C 688 43.09 -32.84 22.96
CA ASP C 688 42.18 -33.41 21.96
C ASP C 688 41.12 -34.27 22.62
N PHE C 689 39.90 -34.24 22.11
CA PHE C 689 38.78 -35.03 22.64
C PHE C 689 37.70 -35.23 21.56
N GLN C 690 36.83 -36.22 21.74
CA GLN C 690 35.74 -36.46 20.79
C GLN C 690 34.45 -35.93 21.41
N ALA C 691 33.56 -35.35 20.59
CA ALA C 691 32.32 -34.76 21.12
C ALA C 691 31.06 -35.15 20.31
N MET C 692 29.87 -34.97 20.91
CA MET C 692 28.61 -35.20 20.26
C MET C 692 27.51 -34.34 20.90
N TRP C 693 26.71 -33.63 20.10
CA TRP C 693 25.61 -32.83 20.62
C TRP C 693 24.31 -33.42 20.12
N TYR C 694 23.22 -33.19 20.87
CA TYR C 694 21.90 -33.67 20.47
C TYR C 694 20.94 -32.50 20.42
N SER C 695 20.65 -32.03 19.21
CA SER C 695 19.81 -30.85 18.99
C SER C 695 18.37 -31.06 19.47
N ASP C 696 17.80 -30.02 20.15
CA ASP C 696 16.42 -30.02 20.64
C ASP C 696 16.09 -31.20 21.58
N GLN C 697 17.11 -31.78 22.23
CA GLN C 697 16.92 -32.93 23.11
C GLN C 697 17.00 -32.64 24.58
N ASN C 698 16.03 -33.21 25.37
CA ASN C 698 15.93 -33.09 26.83
C ASN C 698 17.11 -33.79 27.57
N HIS C 699 17.10 -33.76 28.90
CA HIS C 699 18.14 -34.39 29.69
C HIS C 699 18.35 -35.90 29.42
N GLY C 700 17.26 -36.63 29.20
CA GLY C 700 17.31 -38.07 28.97
C GLY C 700 17.51 -38.51 27.54
N LEU C 701 17.61 -37.57 26.59
CA LEU C 701 17.81 -37.89 25.16
C LEU C 701 16.82 -38.90 24.60
N SER C 702 15.55 -38.84 25.02
CA SER C 702 14.53 -39.79 24.57
C SER C 702 14.34 -39.83 23.05
N GLY C 703 13.90 -40.99 22.53
CA GLY C 703 13.65 -41.19 21.11
C GLY C 703 14.84 -41.75 20.33
N LEU C 704 14.88 -41.49 19.02
CA LEU C 704 15.97 -41.95 18.16
C LEU C 704 17.37 -41.41 18.56
N SER C 705 17.42 -40.41 19.45
CA SER C 705 18.66 -39.87 19.98
C SER C 705 19.29 -40.91 20.90
N THR C 706 18.47 -41.65 21.67
CA THR C 706 18.92 -42.68 22.59
C THR C 706 19.65 -43.77 21.78
N ASN C 707 19.04 -44.19 20.65
CA ASN C 707 19.62 -45.20 19.76
C ASN C 707 20.99 -44.74 19.26
N HIS C 708 21.07 -43.50 18.75
CA HIS C 708 22.29 -42.89 18.23
C HIS C 708 23.36 -42.81 19.30
N LEU C 709 22.99 -42.37 20.50
CA LEU C 709 23.91 -42.24 21.62
C LEU C 709 24.56 -43.58 21.98
N TYR C 710 23.77 -44.62 22.24
CA TYR C 710 24.30 -45.92 22.62
C TYR C 710 25.11 -46.54 21.52
N THR C 711 24.75 -46.28 20.26
CA THR C 711 25.51 -46.81 19.14
C THR C 711 26.86 -46.13 19.09
N HIS C 712 26.88 -44.80 19.21
CA HIS C 712 28.06 -43.95 19.18
C HIS C 712 29.02 -44.29 20.33
N MET C 713 28.47 -44.58 21.51
CA MET C 713 29.26 -44.94 22.68
C MET C 713 29.88 -46.32 22.52
N THR C 714 29.16 -47.24 21.87
CA THR C 714 29.62 -48.60 21.64
C THR C 714 30.82 -48.58 20.67
N HIS C 715 30.75 -47.71 19.63
CA HIS C 715 31.81 -47.56 18.65
C HIS C 715 33.06 -47.04 19.35
N PHE C 716 32.89 -46.04 20.24
CA PHE C 716 33.97 -45.44 21.02
C PHE C 716 34.67 -46.45 21.92
N LEU C 717 33.90 -47.33 22.59
CA LEU C 717 34.49 -48.34 23.47
C LEU C 717 35.15 -49.44 22.68
N LYS C 718 34.54 -49.88 21.56
CA LYS C 718 35.13 -50.93 20.71
C LYS C 718 36.44 -50.47 20.07
N GLN C 719 36.59 -49.16 19.84
CA GLN C 719 37.81 -48.61 19.30
C GLN C 719 38.87 -48.62 20.40
N CYS C 720 38.50 -48.14 21.58
CA CYS C 720 39.32 -48.04 22.77
C CYS C 720 39.78 -49.41 23.28
N PHE C 721 38.98 -50.45 23.06
CA PHE C 721 39.29 -51.79 23.56
C PHE C 721 39.87 -52.74 22.51
N SER C 722 40.52 -52.18 21.48
CA SER C 722 41.16 -53.00 20.44
C SER C 722 42.66 -53.21 20.67
N THR D 3 70.04 -30.31 5.77
CA THR D 3 69.21 -31.37 6.29
C THR D 3 67.73 -31.01 6.15
N MET D 4 67.21 -31.31 4.94
CA MET D 4 65.83 -31.07 4.54
C MET D 4 64.82 -31.87 5.39
N ARG D 5 63.97 -31.14 6.07
CA ARG D 5 62.94 -31.72 6.91
C ARG D 5 61.55 -31.37 6.36
N ALA D 6 60.55 -32.20 6.67
CA ALA D 6 59.20 -31.97 6.21
C ALA D 6 58.51 -30.92 7.11
N LEU D 7 57.42 -30.33 6.62
CA LEU D 7 56.66 -29.36 7.40
C LEU D 7 55.97 -30.09 8.57
N THR D 8 55.73 -29.40 9.68
CA THR D 8 55.01 -29.97 10.81
C THR D 8 53.73 -29.18 11.00
N LEU D 9 52.74 -29.77 11.70
CA LEU D 9 51.48 -29.06 11.95
C LEU D 9 51.76 -27.78 12.79
N LYS D 10 52.71 -27.88 13.72
CA LYS D 10 53.17 -26.81 14.62
C LYS D 10 53.70 -25.61 13.81
N ASP D 11 54.44 -25.86 12.71
CA ASP D 11 54.96 -24.79 11.85
C ASP D 11 53.82 -24.02 11.20
N ILE D 12 52.76 -24.73 10.82
CA ILE D 12 51.60 -24.11 10.18
C ILE D 12 50.81 -23.31 11.21
N LEU D 13 50.56 -23.89 12.40
CA LEU D 13 49.78 -23.21 13.43
C LEU D 13 50.51 -22.00 14.01
N ASN D 14 51.83 -22.07 14.17
CA ASN D 14 52.61 -20.91 14.66
C ASN D 14 52.85 -19.83 13.57
N GLY D 15 52.60 -20.16 12.32
CA GLY D 15 52.82 -19.24 11.22
C GLY D 15 54.31 -18.99 11.03
N THR D 16 55.12 -20.05 11.16
CA THR D 16 56.58 -19.94 11.01
C THR D 16 56.95 -19.50 9.59
N PHE D 17 56.23 -20.02 8.60
CA PHE D 17 56.52 -19.68 7.20
C PHE D 17 55.56 -18.63 6.67
N SER D 18 55.34 -17.58 7.45
CA SER D 18 54.51 -16.45 7.09
C SER D 18 55.30 -15.47 6.24
N TYR D 19 54.59 -14.69 5.42
CA TYR D 19 55.24 -13.67 4.60
C TYR D 19 54.81 -12.28 4.99
N LYS D 20 55.70 -11.32 4.76
CA LYS D 20 55.43 -9.93 5.07
C LYS D 20 55.00 -9.20 3.79
N THR D 21 54.14 -8.18 3.95
CA THR D 21 53.68 -7.41 2.81
C THR D 21 53.85 -5.90 3.06
N PHE D 22 54.23 -5.13 2.02
CA PHE D 22 54.43 -3.69 2.21
C PHE D 22 53.49 -2.82 1.41
N PHE D 23 52.40 -2.34 2.05
CA PHE D 23 51.45 -1.43 1.43
C PHE D 23 51.67 -0.05 2.02
N PRO D 24 52.25 0.87 1.25
CA PRO D 24 52.55 2.20 1.81
C PRO D 24 51.30 2.94 2.26
N ASN D 25 51.36 3.58 3.42
CA ASN D 25 50.25 4.38 3.93
C ASN D 25 50.46 5.77 3.36
N TRP D 26 50.02 6.00 2.10
CA TRP D 26 50.26 7.26 1.43
C TRP D 26 49.64 8.45 2.14
N ILE D 27 50.37 9.55 2.24
CA ILE D 27 49.85 10.79 2.80
C ILE D 27 49.82 11.90 1.74
N SER D 28 50.78 11.90 0.81
CA SER D 28 50.85 12.84 -0.31
C SER D 28 51.16 12.05 -1.64
N GLY D 29 51.57 12.73 -2.69
CA GLY D 29 51.92 12.07 -3.95
C GLY D 29 53.29 11.42 -3.93
N GLN D 30 54.18 11.88 -3.03
CA GLN D 30 55.54 11.36 -2.90
C GLN D 30 55.92 11.00 -1.45
N GLU D 31 54.94 10.93 -0.54
CA GLU D 31 55.20 10.59 0.85
C GLU D 31 54.27 9.49 1.34
N TYR D 32 54.72 8.73 2.35
CA TYR D 32 53.98 7.64 2.98
C TYR D 32 54.52 7.40 4.38
N LEU D 33 53.66 6.94 5.28
CA LEU D 33 54.05 6.65 6.65
C LEU D 33 54.22 5.14 6.86
N HIS D 34 55.03 4.78 7.87
CA HIS D 34 55.31 3.41 8.22
C HIS D 34 55.75 3.28 9.68
N GLN D 35 55.24 2.27 10.38
CA GLN D 35 55.62 2.01 11.76
C GLN D 35 56.84 1.12 11.78
N SER D 36 57.97 1.68 12.21
CA SER D 36 59.28 1.03 12.23
C SER D 36 59.41 -0.11 13.26
N ALA D 37 60.62 -0.74 13.33
CA ALA D 37 60.95 -1.85 14.22
C ALA D 37 60.67 -1.57 15.70
N ASP D 38 61.10 -0.39 16.21
CA ASP D 38 60.86 -0.04 17.61
C ASP D 38 59.53 0.73 17.83
N ASN D 39 58.58 0.55 16.89
CA ASN D 39 57.22 1.11 16.88
C ASN D 39 57.17 2.64 16.87
N ASN D 40 58.08 3.26 16.09
CA ASN D 40 58.18 4.70 15.85
C ASN D 40 57.52 4.93 14.47
N ILE D 41 56.54 5.84 14.37
CA ILE D 41 55.89 6.12 13.09
C ILE D 41 56.76 7.10 12.33
N VAL D 42 57.41 6.63 11.27
CA VAL D 42 58.36 7.40 10.47
C VAL D 42 57.70 7.89 9.15
N LEU D 43 58.11 9.08 8.67
CA LEU D 43 57.63 9.71 7.43
C LEU D 43 58.68 9.59 6.31
N TYR D 44 58.36 8.86 5.24
CA TYR D 44 59.28 8.66 4.13
C TYR D 44 58.93 9.49 2.90
N ASN D 45 59.92 10.19 2.31
CA ASN D 45 59.73 10.95 1.09
C ASN D 45 60.53 10.27 -0.03
N ILE D 46 59.89 9.96 -1.16
CA ILE D 46 60.55 9.31 -2.30
C ILE D 46 61.43 10.29 -3.11
N GLU D 47 60.91 11.51 -3.40
CA GLU D 47 61.65 12.50 -4.17
C GLU D 47 62.87 13.00 -3.40
N THR D 48 62.65 13.44 -2.16
CA THR D 48 63.71 13.96 -1.29
C THR D 48 64.61 12.85 -0.74
N GLY D 49 64.08 11.63 -0.64
CA GLY D 49 64.86 10.50 -0.12
C GLY D 49 65.27 10.69 1.33
N GLN D 50 64.44 11.41 2.10
CA GLN D 50 64.69 11.67 3.50
C GLN D 50 63.60 11.07 4.38
N SER D 51 63.95 10.70 5.61
CA SER D 51 63.00 10.15 6.55
C SER D 51 63.19 10.73 7.94
N TYR D 52 62.08 10.92 8.66
CA TYR D 52 62.09 11.46 10.01
C TYR D 52 60.94 10.90 10.84
N THR D 53 61.17 10.70 12.13
CA THR D 53 60.15 10.17 13.03
C THR D 53 59.13 11.24 13.36
N ILE D 54 57.87 11.00 12.95
CA ILE D 54 56.80 11.96 13.15
C ILE D 54 56.00 11.69 14.45
N LEU D 55 55.90 10.43 14.86
CA LEU D 55 55.25 10.07 16.11
C LEU D 55 56.11 9.03 16.81
N SER D 56 56.61 9.34 18.01
CA SER D 56 57.49 8.44 18.75
C SER D 56 56.81 7.21 19.37
N ASN D 57 57.61 6.16 19.67
CA ASN D 57 57.15 4.93 20.33
C ASN D 57 56.66 5.24 21.76
N ARG D 58 57.25 6.26 22.41
CA ARG D 58 56.90 6.76 23.73
C ARG D 58 55.49 7.35 23.74
N THR D 59 55.12 8.05 22.66
CA THR D 59 53.80 8.67 22.54
C THR D 59 52.72 7.58 22.30
N MET D 60 53.05 6.54 21.53
CA MET D 60 52.13 5.44 21.29
C MET D 60 51.94 4.61 22.57
N LYS D 61 53.03 4.29 23.26
CA LYS D 61 52.97 3.50 24.48
C LYS D 61 52.26 4.23 25.64
N SER D 62 52.29 5.58 25.63
CA SER D 62 51.64 6.38 26.67
C SER D 62 50.13 6.15 26.73
N VAL D 63 49.51 5.82 25.60
CA VAL D 63 48.08 5.54 25.53
C VAL D 63 47.76 4.13 25.03
N ASN D 64 48.76 3.22 24.99
CA ASN D 64 48.63 1.83 24.54
C ASN D 64 48.09 1.76 23.10
N ALA D 65 48.51 2.71 22.25
CA ALA D 65 48.03 2.80 20.89
C ALA D 65 48.51 1.67 20.00
N SER D 66 47.56 1.10 19.25
CA SER D 66 47.77 0.03 18.29
C SER D 66 47.74 0.54 16.84
N ASN D 67 47.15 1.72 16.60
CA ASN D 67 47.05 2.31 15.27
C ASN D 67 47.10 3.85 15.33
N TYR D 68 47.29 4.49 14.17
CA TYR D 68 47.41 5.93 14.05
C TYR D 68 46.73 6.45 12.77
N GLY D 69 46.49 7.76 12.72
CA GLY D 69 45.90 8.38 11.55
C GLY D 69 46.26 9.84 11.42
N LEU D 70 47.25 10.16 10.60
CA LEU D 70 47.69 11.54 10.40
C LEU D 70 46.64 12.36 9.64
N SER D 71 46.31 13.55 10.13
CA SER D 71 45.35 14.42 9.44
C SER D 71 45.99 14.94 8.14
N PRO D 72 45.21 15.17 7.08
CA PRO D 72 45.80 15.66 5.82
C PRO D 72 46.63 16.93 5.97
N ASP D 73 46.19 17.90 6.78
CA ASP D 73 46.97 19.11 7.01
C ASP D 73 48.23 18.92 7.88
N ARG D 74 48.40 17.71 8.45
CA ARG D 74 49.51 17.24 9.29
C ARG D 74 49.59 17.94 10.65
N GLN D 75 48.56 18.68 11.05
CA GLN D 75 48.55 19.35 12.34
C GLN D 75 48.31 18.37 13.48
N PHE D 76 47.59 17.26 13.22
CA PHE D 76 47.27 16.27 14.26
C PHE D 76 47.41 14.84 13.80
N VAL D 77 47.43 13.90 14.74
CA VAL D 77 47.44 12.48 14.43
C VAL D 77 46.54 11.77 15.45
N TYR D 78 45.57 10.97 14.99
CA TYR D 78 44.70 10.25 15.92
C TYR D 78 45.40 8.99 16.41
N LEU D 79 45.23 8.66 17.69
CA LEU D 79 45.86 7.49 18.27
C LEU D 79 44.77 6.50 18.67
N GLU D 80 44.69 5.39 17.96
CA GLU D 80 43.68 4.36 18.15
C GLU D 80 44.13 3.26 19.13
N SER D 81 43.47 3.16 20.27
CA SER D 81 43.77 2.14 21.26
C SER D 81 42.47 1.46 21.74
N ASP D 82 42.57 0.35 22.51
CA ASP D 82 41.42 -0.38 23.06
C ASP D 82 40.57 -0.98 21.95
N TYR D 83 41.21 -1.61 20.95
CA TYR D 83 40.51 -2.27 19.86
C TYR D 83 39.61 -3.38 20.41
N SER D 84 38.33 -3.34 20.10
CA SER D 84 37.39 -4.37 20.54
C SER D 84 36.61 -4.82 19.33
N LYS D 85 37.01 -5.97 18.72
CA LYS D 85 36.36 -6.50 17.52
C LYS D 85 34.89 -6.77 17.73
N LEU D 86 34.06 -6.51 16.71
CA LEU D 86 32.64 -6.78 16.79
C LEU D 86 32.31 -7.82 15.71
N TRP D 87 32.13 -7.43 14.43
CA TRP D 87 31.86 -8.38 13.37
C TRP D 87 33.09 -8.49 12.41
N ARG D 88 32.93 -8.96 11.17
CA ARG D 88 34.06 -9.13 10.25
C ARG D 88 34.94 -7.88 10.10
N TYR D 89 34.34 -6.69 9.94
CA TYR D 89 35.08 -5.46 9.74
C TYR D 89 34.92 -4.46 10.88
N SER D 90 33.77 -4.49 11.56
CA SER D 90 33.46 -3.54 12.60
C SER D 90 34.19 -3.81 13.88
N TYR D 91 34.55 -2.73 14.56
CA TYR D 91 35.22 -2.76 15.85
C TYR D 91 35.03 -1.42 16.54
N THR D 92 35.29 -1.40 17.85
CA THR D 92 35.23 -0.22 18.67
C THR D 92 36.65 0.12 19.17
N ALA D 93 36.89 1.37 19.51
CA ALA D 93 38.21 1.82 19.98
C ALA D 93 38.11 3.18 20.64
N THR D 94 39.07 3.50 21.50
CA THR D 94 39.20 4.79 22.13
C THR D 94 40.15 5.61 21.26
N TYR D 95 39.80 6.86 20.95
CA TYR D 95 40.66 7.71 20.11
C TYR D 95 41.24 8.91 20.87
N TYR D 96 42.55 9.16 20.70
CA TYR D 96 43.23 10.29 21.35
C TYR D 96 43.84 11.19 20.28
N ILE D 97 43.43 12.45 20.19
CA ILE D 97 44.03 13.36 19.19
C ILE D 97 45.33 13.94 19.75
N TYR D 98 46.41 13.87 18.95
CA TYR D 98 47.70 14.39 19.37
C TYR D 98 48.07 15.62 18.55
N ASP D 99 48.33 16.75 19.22
CA ASP D 99 48.71 17.98 18.54
C ASP D 99 50.21 17.90 18.22
N LEU D 100 50.55 17.61 16.96
CA LEU D 100 51.95 17.49 16.54
C LEU D 100 52.68 18.83 16.58
N SER D 101 52.00 19.92 16.23
CA SER D 101 52.61 21.24 16.22
C SER D 101 52.96 21.74 17.62
N ASN D 102 52.13 21.43 18.62
CA ASN D 102 52.38 21.85 19.99
C ASN D 102 53.25 20.86 20.78
N GLY D 103 53.14 19.58 20.46
CA GLY D 103 53.90 18.54 21.15
C GLY D 103 53.19 18.07 22.40
N GLU D 104 51.85 18.01 22.35
CA GLU D 104 51.03 17.57 23.48
C GLU D 104 49.68 17.04 23.02
N PHE D 105 49.02 16.21 23.84
CA PHE D 105 47.72 15.66 23.48
C PHE D 105 46.65 16.74 23.51
N VAL D 106 45.62 16.60 22.68
CA VAL D 106 44.54 17.58 22.62
C VAL D 106 43.62 17.41 23.86
N ARG D 107 43.80 18.26 24.88
CA ARG D 107 42.97 18.26 26.11
C ARG D 107 41.78 19.22 25.89
N GLY D 108 40.61 18.83 26.37
CA GLY D 108 39.40 19.63 26.17
C GLY D 108 38.50 18.96 25.15
N ASN D 109 37.18 19.04 25.40
CA ASN D 109 36.04 18.44 24.68
C ASN D 109 36.37 17.06 24.16
N GLU D 110 36.89 16.23 25.07
CA GLU D 110 37.32 14.85 24.89
C GLU D 110 36.34 14.01 24.07
N LEU D 111 36.87 13.08 23.28
CA LEU D 111 36.06 12.19 22.49
C LEU D 111 35.42 11.14 23.39
N PRO D 112 34.18 10.72 23.09
CA PRO D 112 33.54 9.69 23.91
C PRO D 112 34.14 8.30 23.69
N ARG D 113 33.75 7.34 24.54
CA ARG D 113 34.23 5.97 24.41
C ARG D 113 33.08 4.99 24.61
N PRO D 114 32.97 3.98 23.75
CA PRO D 114 33.80 3.69 22.58
C PRO D 114 33.22 4.22 21.24
N ILE D 115 34.13 4.60 20.32
CA ILE D 115 33.78 5.11 19.00
C ILE D 115 33.78 4.01 17.90
N GLN D 116 32.62 3.83 17.27
CA GLN D 116 32.37 2.81 16.26
C GLN D 116 33.10 3.03 14.93
N TYR D 117 33.39 4.28 14.55
CA TYR D 117 34.11 4.66 13.33
C TYR D 117 34.60 6.09 13.43
N LEU D 118 35.81 6.40 12.94
CA LEU D 118 36.36 7.77 12.99
C LEU D 118 37.28 8.00 11.78
N CYS D 119 37.23 9.22 11.20
CA CYS D 119 38.07 9.54 10.05
C CYS D 119 38.25 11.04 9.88
N TRP D 120 39.37 11.44 9.28
CA TRP D 120 39.62 12.84 8.98
C TRP D 120 38.95 13.19 7.66
N SER D 121 38.78 14.48 7.39
CA SER D 121 38.29 14.93 6.07
C SER D 121 39.46 14.80 5.07
N PRO D 122 39.22 14.76 3.74
CA PRO D 122 40.34 14.60 2.80
C PRO D 122 41.35 15.74 2.80
N VAL D 123 40.99 16.90 3.34
CA VAL D 123 41.87 18.05 3.53
C VAL D 123 41.55 18.73 4.87
N GLY D 124 42.57 19.26 5.53
CA GLY D 124 42.37 19.96 6.79
C GLY D 124 42.26 19.03 7.98
N SER D 125 41.77 19.55 9.11
CA SER D 125 41.68 18.75 10.32
C SER D 125 40.23 18.51 10.79
N LYS D 126 39.29 18.35 9.85
CA LYS D 126 37.89 18.10 10.22
C LYS D 126 37.72 16.65 10.65
N LEU D 127 36.86 16.41 11.63
CA LEU D 127 36.66 15.06 12.12
C LEU D 127 35.23 14.60 12.03
N ALA D 128 35.04 13.34 11.63
CA ALA D 128 33.71 12.74 11.58
C ALA D 128 33.78 11.43 12.34
N TYR D 129 32.86 11.22 13.31
CA TYR D 129 32.86 9.96 14.06
C TYR D 129 31.46 9.44 14.39
N VAL D 130 31.34 8.13 14.62
CA VAL D 130 30.11 7.46 14.98
C VAL D 130 30.19 7.00 16.45
N TYR D 131 29.25 7.44 17.29
CA TYR D 131 29.20 7.02 18.70
C TYR D 131 27.75 6.73 19.00
N GLN D 132 27.44 5.51 19.50
CA GLN D 132 26.08 5.07 19.83
C GLN D 132 25.15 5.22 18.62
N ASN D 133 25.61 4.76 17.45
CA ASN D 133 24.91 4.78 16.17
C ASN D 133 24.53 6.18 15.71
N ASN D 134 25.28 7.22 16.13
CA ASN D 134 25.02 8.60 15.72
C ASN D 134 26.27 9.28 15.16
N ILE D 135 26.12 10.18 14.16
CA ILE D 135 27.25 10.86 13.55
C ILE D 135 27.51 12.22 14.18
N TYR D 136 28.77 12.51 14.44
CA TYR D 136 29.18 13.78 15.01
C TYR D 136 30.28 14.39 14.14
N LEU D 137 30.41 15.72 14.19
CA LEU D 137 31.39 16.45 13.43
C LEU D 137 32.14 17.40 14.36
N LYS D 138 33.46 17.34 14.33
CA LYS D 138 34.31 18.24 15.08
C LYS D 138 35.08 19.10 14.05
N GLN D 139 34.78 20.41 13.94
CA GLN D 139 35.48 21.30 13.00
C GLN D 139 36.98 21.31 13.28
N ARG D 140 37.35 21.27 14.56
CA ARG D 140 38.72 21.15 14.98
C ARG D 140 38.80 20.24 16.21
N PRO D 141 39.91 19.51 16.36
CA PRO D 141 40.00 18.49 17.41
C PRO D 141 39.56 18.84 18.84
N GLY D 142 39.86 20.03 19.33
CA GLY D 142 39.48 20.41 20.69
C GLY D 142 38.14 21.10 20.81
N ASP D 143 37.34 21.11 19.74
CA ASP D 143 36.04 21.77 19.71
C ASP D 143 34.91 20.83 20.08
N PRO D 144 33.81 21.35 20.68
CA PRO D 144 32.68 20.47 21.02
C PRO D 144 32.03 19.95 19.75
N PRO D 145 31.66 18.67 19.71
CA PRO D 145 31.09 18.11 18.49
C PRO D 145 29.68 18.61 18.17
N PHE D 146 29.39 18.66 16.87
CA PHE D 146 28.07 19.03 16.37
C PHE D 146 27.43 17.70 15.99
N GLN D 147 26.28 17.39 16.58
CA GLN D 147 25.58 16.14 16.30
C GLN D 147 24.78 16.25 15.00
N ILE D 148 25.02 15.34 14.03
CA ILE D 148 24.30 15.37 12.76
C ILE D 148 23.05 14.51 12.82
N THR D 149 23.16 13.26 13.32
CA THR D 149 21.99 12.39 13.43
C THR D 149 21.53 12.26 14.87
N PHE D 150 20.24 11.91 15.08
CA PHE D 150 19.73 11.78 16.44
C PHE D 150 18.93 10.49 16.70
N ASN D 151 18.59 9.73 15.65
CA ASN D 151 17.74 8.54 15.80
C ASN D 151 18.47 7.22 16.07
N GLY D 152 19.79 7.24 16.06
CA GLY D 152 20.58 6.02 16.29
C GLY D 152 20.30 5.31 17.59
N ARG D 153 19.77 4.08 17.47
CA ARG D 153 19.48 3.21 18.61
C ARG D 153 20.14 1.85 18.35
N GLU D 154 20.77 1.26 19.37
CA GLU D 154 21.49 0.00 19.20
C GLU D 154 20.60 -1.14 18.68
N ASN D 155 21.13 -1.81 17.65
CA ASN D 155 20.50 -2.92 16.92
C ASN D 155 19.20 -2.54 16.21
N LYS D 156 18.94 -1.23 16.00
CA LYS D 156 17.72 -0.81 15.32
C LYS D 156 17.99 0.27 14.24
N ILE D 157 18.42 1.48 14.63
CA ILE D 157 18.72 2.53 13.65
C ILE D 157 20.22 2.76 13.58
N PHE D 158 20.82 2.67 12.38
CA PHE D 158 22.26 2.85 12.20
C PHE D 158 22.58 4.09 11.37
N ASN D 159 23.51 4.92 11.85
CA ASN D 159 23.93 6.12 11.12
C ASN D 159 25.45 6.18 10.98
N GLY D 160 25.94 6.27 9.75
CA GLY D 160 27.38 6.37 9.50
C GLY D 160 28.12 5.06 9.52
N ILE D 161 27.48 4.00 10.04
CA ILE D 161 28.03 2.64 10.07
C ILE D 161 26.97 1.70 9.54
N PRO D 162 27.35 0.57 8.90
CA PRO D 162 26.34 -0.36 8.41
C PRO D 162 25.75 -1.22 9.51
N ASP D 163 24.59 -1.82 9.24
CA ASP D 163 23.96 -2.79 10.16
C ASP D 163 24.67 -4.18 9.95
N TRP D 164 24.20 -5.30 10.58
CA TRP D 164 24.86 -6.59 10.35
C TRP D 164 24.91 -7.00 8.88
N VAL D 165 23.76 -7.07 8.21
CA VAL D 165 23.68 -7.59 6.86
C VAL D 165 24.39 -6.72 5.82
N TYR D 166 24.39 -5.37 5.95
CA TYR D 166 25.10 -4.53 4.99
C TYR D 166 26.60 -4.65 5.17
N GLU D 167 27.07 -4.78 6.41
CA GLU D 167 28.49 -4.92 6.68
C GLU D 167 29.03 -6.21 6.05
N GLU D 168 28.29 -7.30 6.21
CA GLU D 168 28.69 -8.62 5.75
C GLU D 168 28.45 -8.92 4.27
N GLU D 169 27.25 -8.65 3.78
CA GLU D 169 26.82 -9.01 2.45
C GLU D 169 26.73 -7.92 1.41
N MET D 170 26.98 -6.65 1.76
CA MET D 170 26.80 -5.59 0.76
C MET D 170 27.98 -4.61 0.63
N LEU D 171 28.39 -3.95 1.72
CA LEU D 171 29.45 -2.96 1.67
C LEU D 171 30.83 -3.54 1.89
N ALA D 172 30.92 -4.63 2.67
CA ALA D 172 32.19 -5.28 3.06
C ALA D 172 33.14 -4.25 3.69
N THR D 173 32.57 -3.42 4.56
CA THR D 173 33.27 -2.31 5.21
C THR D 173 32.65 -1.97 6.56
N LYS D 174 33.44 -1.39 7.49
CA LYS D 174 32.90 -0.99 8.79
C LYS D 174 32.27 0.41 8.75
N TYR D 175 32.45 1.18 7.66
CA TYR D 175 31.91 2.53 7.52
C TYR D 175 30.78 2.67 6.49
N ALA D 176 29.97 3.70 6.65
CA ALA D 176 28.89 4.05 5.76
C ALA D 176 28.79 5.59 5.70
N LEU D 177 29.94 6.28 5.64
CA LEU D 177 30.03 7.72 5.49
C LEU D 177 31.22 8.07 4.58
N TRP D 178 31.06 9.08 3.75
CA TRP D 178 32.05 9.46 2.77
C TRP D 178 32.18 10.96 2.71
N TRP D 179 33.39 11.48 2.90
CA TRP D 179 33.63 12.92 2.81
C TRP D 179 33.77 13.31 1.34
N SER D 180 33.32 14.51 0.96
CA SER D 180 33.48 14.99 -0.42
C SER D 180 34.99 15.28 -0.69
N PRO D 181 35.45 15.31 -1.97
CA PRO D 181 36.89 15.52 -2.23
C PRO D 181 37.61 16.65 -1.45
N ASN D 182 36.91 17.73 -1.10
CA ASN D 182 37.53 18.82 -0.34
C ASN D 182 36.91 19.08 1.03
N GLY D 183 36.20 18.09 1.57
CA GLY D 183 35.58 18.21 2.89
C GLY D 183 34.45 19.23 3.01
N LYS D 184 33.76 19.54 1.92
CA LYS D 184 32.63 20.47 1.98
C LYS D 184 31.35 19.74 2.34
N PHE D 185 31.15 18.55 1.79
CA PHE D 185 29.95 17.77 2.09
C PHE D 185 30.30 16.43 2.74
N LEU D 186 29.39 15.92 3.55
CA LEU D 186 29.57 14.60 4.15
C LEU D 186 28.36 13.78 3.79
N ALA D 187 28.57 12.68 3.08
CA ALA D 187 27.46 11.80 2.70
C ALA D 187 27.44 10.65 3.69
N TYR D 188 26.24 10.17 4.05
CA TYR D 188 26.12 9.05 4.98
C TYR D 188 24.88 8.21 4.73
N ALA D 189 24.88 7.01 5.28
CA ALA D 189 23.77 6.10 5.15
C ALA D 189 23.08 5.92 6.48
N GLU D 190 21.79 5.62 6.41
CA GLU D 190 20.94 5.36 7.55
C GLU D 190 20.26 4.01 7.33
N PHE D 191 20.36 3.10 8.30
CA PHE D 191 19.76 1.76 8.19
C PHE D 191 18.65 1.58 9.23
N ASN D 192 17.57 0.90 8.85
CA ASN D 192 16.47 0.65 9.79
C ASN D 192 16.15 -0.85 9.86
N ASP D 193 16.61 -1.48 10.95
CA ASP D 193 16.43 -2.92 11.24
C ASP D 193 15.26 -3.21 12.19
N THR D 194 14.35 -2.26 12.39
CA THR D 194 13.27 -2.42 13.36
C THR D 194 12.41 -3.66 13.15
N ASP D 195 11.95 -3.92 11.91
CA ASP D 195 11.06 -5.08 11.71
C ASP D 195 11.76 -6.32 11.21
N ILE D 196 13.10 -6.35 11.17
CA ILE D 196 13.80 -7.56 10.71
C ILE D 196 13.78 -8.59 11.84
N PRO D 197 13.47 -9.86 11.53
CA PRO D 197 13.54 -10.89 12.59
C PRO D 197 14.97 -11.07 13.06
N VAL D 198 15.15 -11.42 14.34
CA VAL D 198 16.48 -11.54 14.91
C VAL D 198 16.94 -12.98 15.05
N ILE D 199 18.27 -13.18 15.07
CA ILE D 199 18.83 -14.48 15.32
C ILE D 199 19.34 -14.44 16.76
N ALA D 200 18.91 -15.42 17.59
CA ALA D 200 19.35 -15.45 18.98
C ALA D 200 20.20 -16.67 19.24
N TYR D 201 21.33 -16.45 19.91
CA TYR D 201 22.22 -17.54 20.27
C TYR D 201 22.85 -17.31 21.63
N SER D 202 23.18 -18.40 22.32
CA SER D 202 23.77 -18.32 23.64
C SER D 202 25.25 -18.04 23.56
N TYR D 203 25.72 -17.16 24.43
CA TYR D 203 27.12 -16.83 24.60
C TYR D 203 27.37 -17.15 26.08
N TYR D 204 28.12 -18.19 26.33
CA TYR D 204 28.39 -18.70 27.68
C TYR D 204 29.29 -17.76 28.50
N GLY D 205 30.41 -17.34 27.92
CA GLY D 205 31.34 -16.44 28.57
C GLY D 205 31.92 -17.06 29.82
N ASP D 206 32.20 -16.22 30.83
CA ASP D 206 32.76 -16.71 32.08
C ASP D 206 31.91 -16.33 33.30
N GLU D 207 30.59 -16.16 33.09
CA GLU D 207 29.67 -15.84 34.18
C GLU D 207 28.77 -17.03 34.51
N GLN D 208 28.11 -17.00 35.68
CA GLN D 208 27.22 -18.07 36.14
C GLN D 208 26.14 -18.40 35.13
N TYR D 209 25.55 -17.39 34.49
CA TYR D 209 24.52 -17.61 33.47
C TYR D 209 25.00 -17.17 32.10
N PRO D 210 24.59 -17.89 31.04
CA PRO D 210 24.93 -17.42 29.69
C PRO D 210 24.03 -16.24 29.29
N ARG D 211 24.48 -15.45 28.32
CA ARG D 211 23.69 -14.34 27.83
C ARG D 211 23.23 -14.59 26.39
N THR D 212 22.04 -14.09 26.03
CA THR D 212 21.53 -14.25 24.67
C THR D 212 22.02 -13.11 23.83
N ILE D 213 22.43 -13.42 22.60
CA ILE D 213 22.90 -12.41 21.66
C ILE D 213 21.90 -12.35 20.56
N ASN D 214 21.23 -11.21 20.44
CA ASN D 214 20.26 -11.00 19.38
C ASN D 214 20.88 -10.14 18.31
N ILE D 215 20.71 -10.53 17.05
CA ILE D 215 21.22 -9.79 15.91
C ILE D 215 20.13 -9.71 14.86
N PRO D 216 19.73 -8.51 14.39
CA PRO D 216 18.72 -8.44 13.32
C PRO D 216 19.34 -9.01 12.03
N TYR D 217 18.87 -10.19 11.65
CA TYR D 217 19.43 -10.93 10.53
C TYR D 217 18.29 -11.36 9.61
N PRO D 218 18.26 -10.86 8.36
CA PRO D 218 17.21 -11.31 7.45
C PRO D 218 17.59 -12.60 6.72
N LYS D 219 16.93 -13.72 7.05
CA LYS D 219 17.15 -14.97 6.33
C LYS D 219 16.46 -14.90 4.94
N ALA D 220 16.74 -15.84 4.02
CA ALA D 220 16.17 -15.78 2.67
C ALA D 220 14.64 -15.60 2.66
N GLY D 221 14.17 -14.50 2.12
CA GLY D 221 12.74 -14.18 2.03
C GLY D 221 12.21 -13.30 3.14
N ALA D 222 12.97 -13.16 4.23
CA ALA D 222 12.55 -12.33 5.39
C ALA D 222 12.56 -10.82 5.09
N LYS D 223 11.94 -9.99 5.98
CA LYS D 223 11.91 -8.53 5.87
C LYS D 223 13.33 -8.02 5.90
N ASN D 224 13.67 -7.14 4.98
CA ASN D 224 15.03 -6.62 4.86
C ASN D 224 15.15 -5.23 5.52
N PRO D 225 16.37 -4.73 5.78
CA PRO D 225 16.51 -3.36 6.32
C PRO D 225 16.21 -2.30 5.26
N VAL D 226 15.82 -1.10 5.70
CA VAL D 226 15.57 0.01 4.78
C VAL D 226 16.74 0.98 4.87
N VAL D 227 17.08 1.64 3.76
CA VAL D 227 18.22 2.54 3.76
C VAL D 227 17.86 3.95 3.25
N ARG D 228 18.46 4.95 3.87
CA ARG D 228 18.28 6.34 3.48
C ARG D 228 19.66 6.96 3.37
N ILE D 229 19.98 7.59 2.24
CA ILE D 229 21.28 8.24 2.07
C ILE D 229 21.11 9.75 2.16
N PHE D 230 21.91 10.39 3.00
CA PHE D 230 21.84 11.83 3.17
C PHE D 230 23.18 12.46 2.87
N ILE D 231 23.17 13.75 2.54
CA ILE D 231 24.38 14.55 2.32
C ILE D 231 24.19 15.86 3.09
N ILE D 232 25.24 16.33 3.79
CA ILE D 232 25.14 17.57 4.56
C ILE D 232 26.35 18.49 4.34
N ASP D 233 26.11 19.82 4.20
CA ASP D 233 27.18 20.79 4.01
C ASP D 233 27.81 21.02 5.37
N THR D 234 29.12 20.88 5.46
CA THR D 234 29.85 20.95 6.70
C THR D 234 30.46 22.28 7.01
N THR D 235 30.64 23.16 6.01
CA THR D 235 31.21 24.48 6.27
C THR D 235 30.25 25.33 7.13
N TYR D 236 28.94 25.16 6.90
CA TYR D 236 27.88 25.79 7.67
C TYR D 236 26.92 24.63 7.87
N PRO D 237 27.01 23.95 9.02
CA PRO D 237 26.19 22.74 9.22
C PRO D 237 24.72 23.02 9.52
N ALA D 238 24.45 23.93 10.49
CA ALA D 238 23.09 24.29 10.89
C ALA D 238 22.33 25.05 9.83
N TYR D 239 23.05 25.80 9.00
CA TYR D 239 22.51 26.65 7.93
C TYR D 239 21.46 25.93 7.06
N VAL D 240 21.70 24.65 6.64
CA VAL D 240 20.72 23.95 5.81
C VAL D 240 20.30 22.58 6.38
N GLY D 241 21.24 21.86 6.99
CA GLY D 241 20.93 20.55 7.56
C GLY D 241 20.96 19.43 6.54
N PRO D 242 20.71 18.18 6.97
CA PRO D 242 20.80 17.05 6.03
C PRO D 242 19.72 17.00 4.96
N GLN D 243 20.11 16.65 3.74
CA GLN D 243 19.21 16.50 2.60
C GLN D 243 19.30 15.05 2.09
N GLU D 244 18.15 14.40 1.92
CA GLU D 244 18.10 13.02 1.47
C GLU D 244 18.27 12.92 -0.06
N VAL D 245 19.09 11.97 -0.51
CA VAL D 245 19.38 11.74 -1.92
C VAL D 245 18.22 11.01 -2.59
N PRO D 246 17.66 11.60 -3.66
CA PRO D 246 16.53 10.97 -4.35
C PRO D 246 16.81 9.58 -4.94
N VAL D 247 16.03 8.59 -4.53
CA VAL D 247 16.13 7.22 -5.04
C VAL D 247 15.46 7.15 -6.43
N PRO D 248 16.11 6.52 -7.42
CA PRO D 248 15.50 6.41 -8.76
C PRO D 248 14.09 5.79 -8.75
N ALA D 249 13.23 6.25 -9.67
CA ALA D 249 11.85 5.79 -9.80
C ALA D 249 11.70 4.27 -9.97
N MET D 250 12.59 3.64 -10.76
CA MET D 250 12.53 2.20 -10.99
C MET D 250 13.15 1.36 -9.86
N ILE D 251 13.97 1.98 -8.99
CA ILE D 251 14.60 1.29 -7.87
C ILE D 251 13.63 1.26 -6.68
N ALA D 252 12.97 2.39 -6.41
CA ALA D 252 12.00 2.55 -5.32
C ALA D 252 10.69 1.79 -5.54
N SER D 253 10.40 1.33 -6.77
CA SER D 253 9.18 0.62 -7.13
C SER D 253 8.96 -0.66 -6.30
N SER D 254 10.04 -1.26 -5.80
CA SER D 254 10.04 -2.47 -4.99
C SER D 254 11.22 -2.43 -3.97
N ASP D 255 11.53 -3.55 -3.26
CA ASP D 255 12.65 -3.56 -2.31
C ASP D 255 13.96 -3.32 -3.01
N TYR D 256 14.89 -2.69 -2.30
CA TYR D 256 16.18 -2.36 -2.87
C TYR D 256 17.27 -2.27 -1.83
N TYR D 257 18.51 -2.33 -2.29
CA TYR D 257 19.70 -2.17 -1.47
C TYR D 257 20.54 -1.01 -2.01
N PHE D 258 21.30 -0.35 -1.12
CA PHE D 258 22.22 0.69 -1.55
C PHE D 258 23.55 -0.03 -1.80
N SER D 259 24.04 0.02 -3.04
CA SER D 259 25.26 -0.67 -3.41
C SER D 259 26.53 0.06 -2.95
N TRP D 260 26.73 1.33 -3.35
CA TRP D 260 27.93 2.08 -2.98
C TRP D 260 27.84 3.56 -3.39
N LEU D 261 28.64 4.42 -2.74
CA LEU D 261 28.69 5.85 -3.06
C LEU D 261 30.09 6.25 -3.53
N THR D 262 30.16 7.01 -4.63
CA THR D 262 31.42 7.48 -5.23
C THR D 262 31.37 9.00 -5.48
N TRP D 263 32.18 9.77 -4.75
CA TRP D 263 32.25 11.22 -4.93
C TRP D 263 32.98 11.53 -6.23
N VAL D 264 32.41 12.39 -7.07
CA VAL D 264 32.99 12.77 -8.37
C VAL D 264 33.80 14.08 -8.24
N THR D 265 33.13 15.15 -7.80
CA THR D 265 33.64 16.48 -7.44
C THR D 265 32.89 16.89 -6.14
N ASP D 266 33.21 18.03 -5.51
CA ASP D 266 32.45 18.45 -4.32
C ASP D 266 30.96 18.66 -4.65
N GLU D 267 30.62 19.02 -5.90
CA GLU D 267 29.24 19.26 -6.28
C GLU D 267 28.62 18.16 -7.15
N ARG D 268 29.21 16.96 -7.14
CA ARG D 268 28.69 15.85 -7.93
C ARG D 268 29.00 14.53 -7.26
N VAL D 269 27.97 13.71 -7.04
CA VAL D 269 28.16 12.41 -6.40
C VAL D 269 27.44 11.31 -7.19
N CYS D 270 28.00 10.11 -7.18
CA CYS D 270 27.49 8.98 -7.91
C CYS D 270 27.04 7.88 -6.94
N LEU D 271 25.79 7.49 -7.00
CA LEU D 271 25.24 6.46 -6.13
C LEU D 271 24.83 5.23 -6.92
N GLN D 272 25.08 4.03 -6.38
CA GLN D 272 24.69 2.80 -7.06
C GLN D 272 23.61 2.10 -6.29
N TRP D 273 22.56 1.68 -6.98
CA TRP D 273 21.43 1.02 -6.36
C TRP D 273 21.24 -0.38 -6.94
N LEU D 274 20.65 -1.27 -6.16
CA LEU D 274 20.35 -2.64 -6.57
C LEU D 274 18.91 -2.94 -6.20
N LYS D 275 18.14 -3.60 -7.07
CA LYS D 275 16.79 -4.05 -6.70
C LYS D 275 16.97 -5.34 -5.87
N ARG D 276 15.97 -5.70 -5.04
CA ARG D 276 16.03 -6.92 -4.24
C ARG D 276 16.21 -8.16 -5.11
N VAL D 277 15.57 -8.14 -6.32
CA VAL D 277 15.78 -9.13 -7.37
C VAL D 277 17.06 -8.57 -7.95
N GLN D 278 18.22 -9.08 -7.50
CA GLN D 278 19.53 -8.53 -7.77
C GLN D 278 20.09 -8.74 -9.18
N ASN D 279 19.23 -8.67 -10.20
CA ASN D 279 19.65 -8.78 -11.58
C ASN D 279 19.58 -7.44 -12.35
N VAL D 280 19.19 -6.34 -11.66
CA VAL D 280 19.16 -4.98 -12.21
C VAL D 280 19.84 -4.03 -11.22
N SER D 281 20.80 -3.24 -11.70
CA SER D 281 21.43 -2.21 -10.88
C SER D 281 21.37 -0.86 -11.60
N VAL D 282 21.31 0.24 -10.84
CA VAL D 282 21.19 1.58 -11.40
C VAL D 282 22.31 2.49 -10.89
N LEU D 283 23.00 3.16 -11.81
CA LEU D 283 24.06 4.09 -11.47
C LEU D 283 23.48 5.48 -11.67
N SER D 284 23.14 6.14 -10.57
CA SER D 284 22.55 7.46 -10.58
C SER D 284 23.59 8.54 -10.27
N ILE D 285 23.68 9.59 -11.11
CA ILE D 285 24.60 10.70 -10.87
C ILE D 285 23.83 11.95 -10.42
N CYS D 286 24.11 12.44 -9.22
CA CYS D 286 23.43 13.59 -8.63
C CYS D 286 24.32 14.83 -8.57
N ASP D 287 23.75 15.98 -8.93
CA ASP D 287 24.49 17.24 -8.90
C ASP D 287 23.94 18.17 -7.85
N PHE D 288 24.82 19.02 -7.31
CA PHE D 288 24.45 20.01 -6.32
C PHE D 288 23.86 21.22 -7.02
N ARG D 289 22.53 21.42 -6.90
CA ARG D 289 21.87 22.57 -7.52
C ARG D 289 21.96 23.77 -6.58
N GLU D 290 22.29 24.93 -7.13
CA GLU D 290 22.45 26.15 -6.33
C GLU D 290 21.11 26.74 -5.94
N ASP D 291 20.19 26.85 -6.92
CA ASP D 291 18.83 27.41 -6.82
C ASP D 291 18.06 26.95 -5.57
N TRP D 292 18.29 25.71 -5.10
CA TRP D 292 17.61 25.22 -3.91
C TRP D 292 18.55 24.54 -2.90
N GLN D 293 19.88 24.73 -3.07
CA GLN D 293 20.93 24.16 -2.21
C GLN D 293 20.70 22.69 -1.87
N THR D 294 20.16 21.94 -2.85
CA THR D 294 19.86 20.53 -2.69
C THR D 294 20.49 19.68 -3.84
N TRP D 295 20.41 18.36 -3.74
CA TRP D 295 20.99 17.47 -4.73
C TRP D 295 19.94 16.95 -5.72
N ASP D 296 20.09 17.35 -6.98
CA ASP D 296 19.19 16.98 -8.07
C ASP D 296 19.69 15.74 -8.78
N CYS D 297 18.81 14.76 -8.97
CA CYS D 297 19.12 13.51 -9.66
C CYS D 297 18.23 13.38 -10.89
N PRO D 298 18.74 13.74 -12.06
CA PRO D 298 17.91 13.66 -13.28
C PRO D 298 17.78 12.25 -13.83
N LYS D 299 16.68 11.99 -14.56
CA LYS D 299 16.46 10.69 -15.21
C LYS D 299 17.53 10.45 -16.29
N THR D 300 18.00 11.52 -16.95
CA THR D 300 19.05 11.49 -17.98
C THR D 300 20.40 10.97 -17.45
N GLN D 301 20.62 11.01 -16.12
CA GLN D 301 21.87 10.56 -15.52
C GLN D 301 21.72 9.23 -14.76
N GLU D 302 20.75 8.40 -15.15
CA GLU D 302 20.51 7.08 -14.57
C GLU D 302 20.99 6.03 -15.57
N HIS D 303 22.00 5.26 -15.21
CA HIS D 303 22.55 4.24 -16.10
C HIS D 303 22.23 2.83 -15.63
N ILE D 304 21.32 2.14 -16.33
CA ILE D 304 20.91 0.79 -15.97
C ILE D 304 21.92 -0.28 -16.42
N GLU D 305 22.20 -1.25 -15.55
CA GLU D 305 23.06 -2.37 -15.84
C GLU D 305 22.27 -3.63 -15.43
N GLU D 306 21.73 -4.36 -16.40
CA GLU D 306 20.94 -5.55 -16.10
C GLU D 306 21.53 -6.85 -16.66
N SER D 307 21.17 -8.00 -16.06
CA SER D 307 21.66 -9.31 -16.45
C SER D 307 20.48 -10.28 -16.70
N ARG D 308 20.25 -10.61 -17.99
CA ARG D 308 19.19 -11.53 -18.37
C ARG D 308 19.48 -13.01 -18.06
N THR D 309 20.76 -13.34 -17.95
CA THR D 309 21.23 -14.71 -17.71
C THR D 309 21.37 -15.01 -16.23
N GLY D 310 21.83 -14.03 -15.46
CA GLY D 310 22.04 -14.18 -14.03
C GLY D 310 21.89 -12.92 -13.22
N TRP D 311 22.86 -12.66 -12.32
CA TRP D 311 22.88 -11.53 -11.40
C TRP D 311 23.79 -10.34 -11.81
N ALA D 312 23.58 -9.17 -11.20
CA ALA D 312 24.37 -7.99 -11.49
C ALA D 312 25.73 -8.04 -10.81
N GLY D 313 26.79 -7.97 -11.61
CA GLY D 313 28.16 -8.06 -11.14
C GLY D 313 28.56 -9.47 -10.73
N GLY D 314 29.40 -9.54 -9.72
CA GLY D 314 29.86 -10.80 -9.13
C GLY D 314 29.50 -10.78 -7.67
N PHE D 315 30.50 -10.55 -6.81
CA PHE D 315 30.21 -10.38 -5.39
C PHE D 315 29.65 -8.98 -5.13
N PHE D 316 30.08 -8.00 -5.91
CA PHE D 316 29.56 -6.64 -5.82
C PHE D 316 29.25 -6.13 -7.21
N VAL D 317 28.50 -5.03 -7.30
CA VAL D 317 28.24 -4.37 -8.57
C VAL D 317 29.45 -3.44 -8.73
N SER D 318 30.25 -3.66 -9.78
CA SER D 318 31.46 -2.88 -10.04
C SER D 318 31.28 -1.35 -9.93
N THR D 319 32.25 -0.69 -9.29
CA THR D 319 32.19 0.75 -9.08
C THR D 319 32.84 1.49 -10.25
N PRO D 320 32.30 2.65 -10.63
CA PRO D 320 32.88 3.41 -11.75
C PRO D 320 34.12 4.21 -11.33
N VAL D 321 35.01 4.44 -12.27
CA VAL D 321 36.22 5.24 -12.03
C VAL D 321 36.11 6.38 -13.03
N PHE D 322 35.86 7.60 -12.56
CA PHE D 322 35.60 8.73 -13.45
C PHE D 322 36.87 9.31 -14.11
N SER D 323 36.66 10.09 -15.19
CA SER D 323 37.73 10.76 -15.96
C SER D 323 38.03 12.14 -15.35
N TYR D 324 39.10 12.82 -15.82
CA TYR D 324 39.40 14.16 -15.32
C TYR D 324 38.29 15.14 -15.61
N ASP D 325 37.55 14.94 -16.74
CA ASP D 325 36.43 15.78 -17.14
C ASP D 325 35.22 15.71 -16.17
N ALA D 326 35.20 14.67 -15.29
CA ALA D 326 34.19 14.40 -14.27
C ALA D 326 32.77 14.20 -14.82
N ILE D 327 32.64 13.91 -16.12
CA ILE D 327 31.33 13.67 -16.73
C ILE D 327 31.23 12.22 -17.22
N SER D 328 32.33 11.69 -17.76
CA SER D 328 32.41 10.31 -18.22
C SER D 328 33.10 9.39 -17.21
N TYR D 329 32.96 8.06 -17.35
CA TYR D 329 33.59 7.11 -16.43
C TYR D 329 33.96 5.78 -17.08
N TYR D 330 34.76 4.98 -16.39
CA TYR D 330 35.15 3.65 -16.83
C TYR D 330 34.57 2.66 -15.84
N LYS D 331 33.95 1.60 -16.34
CA LYS D 331 33.34 0.58 -15.49
C LYS D 331 33.56 -0.81 -16.08
N ILE D 332 33.71 -1.82 -15.23
CA ILE D 332 33.86 -3.18 -15.70
C ILE D 332 32.50 -3.87 -15.68
N PHE D 333 32.13 -4.50 -16.79
CA PHE D 333 30.91 -5.28 -16.90
C PHE D 333 30.95 -6.20 -18.14
N SER D 334 30.00 -7.11 -18.27
CA SER D 334 29.98 -8.07 -19.36
C SER D 334 29.79 -7.46 -20.74
N ASP D 335 30.49 -8.03 -21.73
CA ASP D 335 30.37 -7.61 -23.11
C ASP D 335 29.28 -8.45 -23.84
N LYS D 336 29.20 -8.39 -25.18
CA LYS D 336 28.23 -9.16 -25.95
C LYS D 336 28.48 -10.66 -25.74
N ASP D 337 29.76 -11.10 -25.82
CA ASP D 337 30.17 -12.50 -25.66
C ASP D 337 30.07 -13.05 -24.23
N GLY D 338 29.88 -12.17 -23.25
CA GLY D 338 29.74 -12.61 -21.87
C GLY D 338 30.99 -12.48 -21.03
N TYR D 339 31.97 -11.70 -21.47
CA TYR D 339 33.19 -11.51 -20.70
C TYR D 339 33.23 -10.13 -20.06
N LYS D 340 33.45 -10.07 -18.73
CA LYS D 340 33.52 -8.80 -17.99
C LYS D 340 34.75 -8.01 -18.38
N HIS D 341 34.55 -6.97 -19.21
CA HIS D 341 35.60 -6.10 -19.73
C HIS D 341 35.35 -4.63 -19.37
N ILE D 342 36.40 -3.77 -19.50
CA ILE D 342 36.31 -2.35 -19.22
C ILE D 342 35.58 -1.64 -20.32
N HIS D 343 34.58 -0.83 -19.97
CA HIS D 343 33.86 -0.02 -20.94
C HIS D 343 34.00 1.47 -20.56
N TYR D 344 33.82 2.36 -21.53
CA TYR D 344 33.92 3.79 -21.31
C TYR D 344 32.59 4.47 -21.61
N ILE D 345 31.94 4.99 -20.57
CA ILE D 345 30.63 5.61 -20.73
C ILE D 345 30.67 7.11 -20.59
N LYS D 346 30.28 7.82 -21.65
CA LYS D 346 30.20 9.27 -21.62
C LYS D 346 28.73 9.64 -21.33
N ASP D 347 27.88 9.68 -22.38
CA ASP D 347 26.48 10.04 -22.32
C ASP D 347 25.57 8.90 -21.80
N THR D 348 25.44 7.79 -22.55
CA THR D 348 24.55 6.68 -22.20
C THR D 348 25.25 5.33 -22.23
N VAL D 349 24.63 4.32 -21.60
CA VAL D 349 25.11 2.95 -21.59
C VAL D 349 25.04 2.35 -23.01
N GLU D 350 24.03 2.76 -23.81
CA GLU D 350 23.88 2.26 -25.18
C GLU D 350 25.14 2.58 -26.01
N ASN D 351 25.66 3.81 -25.89
CA ASN D 351 26.84 4.27 -26.62
C ASN D 351 28.18 3.99 -25.88
N ALA D 352 28.22 2.95 -25.03
CA ALA D 352 29.47 2.63 -24.31
C ALA D 352 30.52 2.11 -25.30
N ILE D 353 31.78 2.48 -25.09
CA ILE D 353 32.87 2.02 -25.96
C ILE D 353 33.63 0.92 -25.24
N GLN D 354 33.79 -0.26 -25.85
CA GLN D 354 34.51 -1.35 -25.20
C GLN D 354 36.03 -1.09 -25.25
N ILE D 355 36.66 -0.93 -24.09
CA ILE D 355 38.08 -0.64 -23.96
C ILE D 355 38.94 -1.91 -24.07
N THR D 356 38.56 -2.98 -23.35
CA THR D 356 39.26 -4.27 -23.38
C THR D 356 38.34 -5.37 -23.91
N SER D 357 38.88 -6.37 -24.61
CA SER D 357 38.06 -7.45 -25.17
C SER D 357 38.82 -8.78 -25.29
N GLY D 358 38.09 -9.90 -25.37
CA GLY D 358 38.71 -11.21 -25.51
C GLY D 358 38.17 -12.25 -24.57
N LYS D 359 38.65 -13.49 -24.71
CA LYS D 359 38.22 -14.59 -23.86
C LYS D 359 39.03 -14.66 -22.57
N TRP D 360 38.97 -13.58 -21.81
CA TRP D 360 39.58 -13.32 -20.51
C TRP D 360 38.83 -12.12 -19.88
N GLU D 361 38.97 -11.92 -18.56
CA GLU D 361 38.25 -10.83 -17.90
C GLU D 361 39.15 -9.75 -17.31
N ALA D 362 38.64 -8.52 -17.27
CA ALA D 362 39.29 -7.40 -16.60
C ALA D 362 38.76 -7.48 -15.18
N ILE D 363 39.64 -7.55 -14.18
CA ILE D 363 39.21 -7.75 -12.80
C ILE D 363 38.92 -6.41 -12.06
N ASN D 364 39.90 -5.49 -12.04
CA ASN D 364 39.73 -4.23 -11.31
C ASN D 364 40.42 -3.04 -11.94
N ILE D 365 39.79 -1.87 -11.86
CA ILE D 365 40.40 -0.65 -12.33
C ILE D 365 40.98 0.02 -11.07
N PHE D 366 42.30 0.22 -11.01
CA PHE D 366 42.97 0.84 -9.88
C PHE D 366 42.98 2.37 -9.91
N ARG D 367 43.31 2.98 -11.06
CA ARG D 367 43.32 4.44 -11.19
C ARG D 367 43.02 4.84 -12.62
N VAL D 368 42.42 6.01 -12.81
CA VAL D 368 42.20 6.59 -14.13
C VAL D 368 42.81 8.00 -14.09
N THR D 369 44.00 8.17 -14.70
CA THR D 369 44.68 9.46 -14.69
C THR D 369 44.32 10.29 -15.95
N GLN D 370 44.98 11.45 -16.17
CA GLN D 370 44.76 12.33 -17.31
C GLN D 370 45.09 11.62 -18.63
N ASP D 371 46.12 10.74 -18.63
CA ASP D 371 46.53 10.07 -19.86
C ASP D 371 46.69 8.55 -19.74
N SER D 372 46.54 7.99 -18.55
CA SER D 372 46.70 6.54 -18.36
C SER D 372 45.50 5.93 -17.62
N LEU D 373 45.36 4.61 -17.67
CA LEU D 373 44.36 3.83 -16.94
C LEU D 373 45.13 2.60 -16.45
N PHE D 374 45.00 2.24 -15.16
CA PHE D 374 45.71 1.07 -14.64
C PHE D 374 44.71 0.02 -14.24
N TYR D 375 44.87 -1.23 -14.74
CA TYR D 375 43.94 -2.30 -14.37
C TYR D 375 44.59 -3.67 -14.22
N SER D 376 43.91 -4.62 -13.56
CA SER D 376 44.41 -5.98 -13.42
C SER D 376 43.61 -6.94 -14.30
N SER D 377 44.26 -7.98 -14.89
CA SER D 377 43.54 -8.93 -15.74
C SER D 377 44.10 -10.38 -15.69
N ASN D 378 43.39 -11.31 -16.35
CA ASN D 378 43.72 -12.72 -16.54
C ASN D 378 44.60 -12.92 -17.78
N GLU D 379 44.37 -12.10 -18.83
CA GLU D 379 44.97 -12.13 -20.15
C GLU D 379 46.31 -12.88 -20.28
N PHE D 380 47.35 -12.53 -19.50
CA PHE D 380 48.67 -13.12 -19.65
C PHE D 380 48.71 -14.64 -19.69
N GLU D 381 49.17 -15.18 -20.83
CA GLU D 381 49.33 -16.60 -21.13
C GLU D 381 48.06 -17.43 -20.93
N GLU D 382 46.88 -16.79 -20.92
CA GLU D 382 45.57 -17.44 -20.81
C GLU D 382 45.35 -18.25 -19.52
N TYR D 383 45.89 -17.78 -18.39
CA TYR D 383 45.70 -18.46 -17.11
C TYR D 383 44.70 -17.67 -16.27
N PRO D 384 43.51 -18.22 -16.01
CA PRO D 384 42.51 -17.49 -15.22
C PRO D 384 42.85 -17.27 -13.75
N GLY D 385 43.85 -17.98 -13.23
CA GLY D 385 44.24 -17.85 -11.83
C GLY D 385 45.32 -16.82 -11.55
N ARG D 386 45.78 -16.09 -12.58
CA ARG D 386 46.83 -15.09 -12.42
C ARG D 386 46.27 -13.68 -12.38
N ARG D 387 47.04 -12.73 -11.86
CA ARG D 387 46.64 -11.33 -11.86
C ARG D 387 47.82 -10.50 -12.33
N ASN D 388 47.71 -9.81 -13.46
CA ASN D 388 48.79 -8.95 -13.94
C ASN D 388 48.29 -7.53 -14.13
N ILE D 389 49.16 -6.55 -13.86
CA ILE D 389 48.79 -5.14 -13.98
C ILE D 389 49.16 -4.59 -15.37
N TYR D 390 48.19 -3.95 -16.02
CA TYR D 390 48.32 -3.34 -17.34
C TYR D 390 48.08 -1.83 -17.26
N ARG D 391 48.76 -1.10 -18.12
CA ARG D 391 48.64 0.35 -18.25
C ARG D 391 48.14 0.61 -19.67
N ILE D 392 47.01 1.30 -19.82
CA ILE D 392 46.46 1.56 -21.15
C ILE D 392 46.27 3.07 -21.36
N SER D 393 46.73 3.62 -22.50
CA SER D 393 46.64 5.07 -22.74
C SER D 393 45.21 5.50 -23.03
N ILE D 394 44.88 6.74 -22.66
CA ILE D 394 43.57 7.30 -22.95
C ILE D 394 43.77 8.74 -23.48
N GLY D 395 43.12 9.07 -24.60
CA GLY D 395 43.26 10.41 -25.16
C GLY D 395 44.32 10.58 -26.23
N SER D 396 45.38 9.76 -26.23
CA SER D 396 46.43 9.83 -27.25
C SER D 396 45.91 9.23 -28.56
N TYR D 397 46.25 9.83 -29.73
CA TYR D 397 45.80 9.38 -31.05
C TYR D 397 46.17 7.88 -31.26
N PRO D 398 47.45 7.45 -31.46
CA PRO D 398 47.72 5.99 -31.52
C PRO D 398 47.72 5.46 -30.10
N PRO D 399 46.82 4.52 -29.78
CA PRO D 399 46.75 4.03 -28.39
C PRO D 399 47.89 3.10 -27.99
N SER D 400 48.21 3.06 -26.70
CA SER D 400 49.24 2.19 -26.16
C SER D 400 48.63 1.17 -25.21
N LYS D 401 49.34 0.07 -24.97
CA LYS D 401 48.95 -0.96 -24.03
C LYS D 401 50.20 -1.70 -23.64
N LYS D 402 50.50 -1.72 -22.35
CA LYS D 402 51.70 -2.41 -21.86
C LYS D 402 51.40 -3.23 -20.62
N CYS D 403 52.11 -4.34 -20.46
CA CYS D 403 51.96 -5.17 -19.28
C CYS D 403 53.13 -4.87 -18.40
N VAL D 404 52.90 -4.11 -17.35
CA VAL D 404 53.94 -3.71 -16.43
C VAL D 404 54.60 -4.91 -15.73
N THR D 405 53.78 -5.86 -15.27
CA THR D 405 54.22 -6.98 -14.44
C THR D 405 54.46 -8.32 -15.09
N CYS D 406 53.96 -8.53 -16.31
CA CYS D 406 54.12 -9.78 -17.05
C CYS D 406 55.53 -10.40 -16.96
N HIS D 407 56.56 -9.62 -17.30
CA HIS D 407 57.93 -10.09 -17.27
C HIS D 407 58.79 -9.33 -16.25
N LEU D 408 58.19 -8.72 -15.23
CA LEU D 408 58.95 -8.01 -14.18
C LEU D 408 59.81 -9.04 -13.44
N ARG D 409 59.20 -10.19 -13.05
CA ARG D 409 59.84 -11.34 -12.43
C ARG D 409 58.93 -12.49 -12.85
N LYS D 410 59.09 -13.01 -14.09
CA LYS D 410 58.17 -14.00 -14.65
C LYS D 410 57.98 -15.31 -13.85
N GLU D 411 59.07 -16.03 -13.51
CA GLU D 411 58.93 -17.30 -12.79
C GLU D 411 58.32 -17.12 -11.39
N ARG D 412 58.82 -16.11 -10.67
CA ARG D 412 58.44 -15.82 -9.29
C ARG D 412 57.09 -15.13 -9.13
N CYS D 413 56.76 -14.19 -10.01
CA CYS D 413 55.58 -13.35 -9.81
C CYS D 413 54.59 -13.31 -10.94
N GLN D 414 53.38 -13.81 -10.66
CA GLN D 414 52.27 -13.80 -11.60
C GLN D 414 50.91 -13.51 -10.92
N TYR D 415 50.92 -12.91 -9.72
CA TYR D 415 49.70 -12.56 -9.01
C TYR D 415 49.96 -11.24 -8.28
N TYR D 416 49.49 -10.15 -8.86
CA TYR D 416 49.78 -8.81 -8.37
C TYR D 416 48.58 -8.01 -7.92
N THR D 417 48.88 -6.96 -7.13
CA THR D 417 47.96 -5.92 -6.69
C THR D 417 48.75 -4.61 -6.64
N ALA D 418 48.04 -3.47 -6.72
CA ALA D 418 48.71 -2.17 -6.72
C ALA D 418 48.18 -1.17 -5.65
N SER D 419 49.01 -0.18 -5.30
CA SER D 419 48.69 0.84 -4.31
C SER D 419 49.17 2.16 -4.85
N PHE D 420 48.25 2.99 -5.29
CA PHE D 420 48.61 4.25 -5.89
C PHE D 420 48.77 5.39 -4.93
N SER D 421 49.81 6.24 -5.16
CA SER D 421 50.03 7.45 -4.38
C SER D 421 49.10 8.57 -4.92
N ASP D 422 48.99 9.71 -4.21
CA ASP D 422 48.15 10.81 -4.68
C ASP D 422 48.53 11.27 -6.11
N TYR D 423 47.55 11.17 -7.02
CA TYR D 423 47.64 11.51 -8.44
C TYR D 423 48.53 10.54 -9.23
N ALA D 424 48.72 9.32 -8.71
CA ALA D 424 49.52 8.25 -9.31
C ALA D 424 50.95 8.66 -9.65
N LYS D 425 51.57 9.52 -8.82
CA LYS D 425 52.95 9.94 -9.05
C LYS D 425 53.92 8.76 -8.92
N TYR D 426 53.63 7.89 -7.95
CA TYR D 426 54.33 6.65 -7.65
C TYR D 426 53.28 5.60 -7.28
N TYR D 427 53.65 4.33 -7.41
CA TYR D 427 52.78 3.22 -7.01
C TYR D 427 53.57 2.05 -6.52
N ALA D 428 52.96 1.16 -5.75
CA ALA D 428 53.65 0.00 -5.22
C ALA D 428 53.04 -1.30 -5.70
N LEU D 429 53.85 -2.19 -6.29
CA LEU D 429 53.34 -3.49 -6.74
C LEU D 429 53.54 -4.57 -5.65
N VAL D 430 52.45 -5.27 -5.26
CA VAL D 430 52.56 -6.36 -4.28
C VAL D 430 52.31 -7.67 -5.00
N CYS D 431 53.36 -8.49 -5.09
CA CYS D 431 53.32 -9.80 -5.70
C CYS D 431 53.00 -10.80 -4.59
N TYR D 432 51.99 -11.62 -4.80
CA TYR D 432 51.57 -12.63 -3.82
C TYR D 432 51.98 -14.06 -4.15
N GLY D 433 52.53 -14.29 -5.33
CA GLY D 433 52.94 -15.62 -5.75
C GLY D 433 53.12 -15.76 -7.25
N PRO D 434 53.37 -16.97 -7.79
CA PRO D 434 53.49 -18.28 -7.11
C PRO D 434 54.70 -18.38 -6.16
N GLY D 435 55.77 -17.67 -6.49
CA GLY D 435 56.97 -17.66 -5.66
C GLY D 435 56.81 -16.87 -4.38
N ILE D 436 57.91 -16.62 -3.66
CA ILE D 436 57.86 -15.88 -2.40
C ILE D 436 57.40 -14.45 -2.66
N PRO D 437 56.33 -14.00 -1.98
CA PRO D 437 55.81 -12.65 -2.20
C PRO D 437 56.83 -11.51 -2.10
N ILE D 438 56.73 -10.53 -3.01
CA ILE D 438 57.63 -9.39 -3.00
C ILE D 438 56.90 -8.07 -3.25
N SER D 439 57.22 -7.06 -2.44
CA SER D 439 56.61 -5.75 -2.57
C SER D 439 57.66 -4.79 -3.09
N THR D 440 57.36 -4.10 -4.19
CA THR D 440 58.27 -3.16 -4.83
C THR D 440 57.64 -1.76 -4.97
N LEU D 441 58.47 -0.73 -5.16
CA LEU D 441 57.99 0.65 -5.32
C LEU D 441 58.35 1.08 -6.74
N HIS D 442 57.37 1.60 -7.49
CA HIS D 442 57.57 2.00 -8.88
C HIS D 442 57.28 3.51 -9.21
N ASP D 443 57.82 3.99 -10.31
CA ASP D 443 57.61 5.37 -10.77
C ASP D 443 56.33 5.36 -11.55
N GLY D 444 55.40 6.24 -11.22
CA GLY D 444 54.10 6.29 -11.88
C GLY D 444 54.11 6.76 -13.32
N ARG D 445 55.23 7.29 -13.80
CA ARG D 445 55.31 7.82 -15.17
C ARG D 445 56.01 6.85 -16.13
N THR D 446 57.06 6.20 -15.64
CA THR D 446 57.84 5.26 -16.45
C THR D 446 57.64 3.79 -16.07
N ASP D 447 56.93 3.51 -14.97
CA ASP D 447 56.69 2.16 -14.44
C ASP D 447 57.98 1.47 -13.93
N GLN D 448 59.12 2.18 -13.91
CA GLN D 448 60.38 1.62 -13.46
C GLN D 448 60.43 1.35 -11.96
N GLU D 449 61.13 0.29 -11.57
CA GLU D 449 61.25 -0.09 -10.17
C GLU D 449 62.32 0.78 -9.51
N ILE D 450 61.92 1.52 -8.47
CA ILE D 450 62.80 2.44 -7.73
C ILE D 450 63.51 1.74 -6.60
N LYS D 451 62.77 0.98 -5.77
CA LYS D 451 63.34 0.25 -4.66
C LYS D 451 62.47 -0.96 -4.26
N ILE D 452 63.06 -1.90 -3.51
CA ILE D 452 62.32 -3.07 -3.04
C ILE D 452 61.83 -2.77 -1.63
N LEU D 453 60.49 -2.70 -1.43
CA LEU D 453 59.91 -2.38 -0.14
C LEU D 453 60.04 -3.53 0.86
N GLU D 454 59.65 -4.74 0.45
CA GLU D 454 59.75 -5.95 1.26
C GLU D 454 60.10 -7.10 0.32
N GLU D 455 61.31 -7.63 0.46
CA GLU D 455 61.80 -8.71 -0.41
C GLU D 455 61.51 -10.11 0.16
N ASN D 456 61.34 -10.22 1.48
CA ASN D 456 61.07 -11.47 2.20
C ASN D 456 62.29 -12.40 2.21
N LYS D 457 63.44 -11.85 2.58
CA LYS D 457 64.66 -12.64 2.66
C LYS D 457 64.71 -13.54 3.90
N GLU D 458 63.93 -13.21 4.95
CA GLU D 458 63.88 -14.01 6.18
C GLU D 458 63.18 -15.34 5.88
N LEU D 459 62.06 -15.28 5.17
CA LEU D 459 61.27 -16.45 4.80
C LEU D 459 62.02 -17.31 3.76
N GLU D 460 62.77 -16.67 2.85
CA GLU D 460 63.53 -17.38 1.82
C GLU D 460 64.63 -18.26 2.44
N ASN D 461 65.27 -17.74 3.49
CA ASN D 461 66.34 -18.46 4.18
C ASN D 461 65.77 -19.55 5.08
N ALA D 462 64.60 -19.28 5.71
CA ALA D 462 63.96 -20.25 6.60
C ALA D 462 63.50 -21.48 5.84
N LEU D 463 62.96 -21.29 4.63
CA LEU D 463 62.47 -22.37 3.79
C LEU D 463 63.57 -23.18 3.08
N LYS D 464 64.86 -22.84 3.30
CA LYS D 464 65.97 -23.54 2.65
C LYS D 464 66.03 -25.01 3.01
N ASN D 465 65.76 -25.33 4.28
CA ASN D 465 65.79 -26.70 4.77
C ASN D 465 64.39 -27.35 4.85
N ILE D 466 63.37 -26.79 4.20
CA ILE D 466 62.02 -27.36 4.28
C ILE D 466 61.62 -28.03 2.93
N GLN D 467 61.07 -29.25 3.02
CA GLN D 467 60.62 -30.01 1.85
C GLN D 467 59.21 -29.56 1.44
N LEU D 468 59.10 -28.43 0.74
CA LEU D 468 57.80 -27.92 0.32
C LEU D 468 57.22 -28.73 -0.83
N PRO D 469 55.91 -28.97 -0.81
CA PRO D 469 55.29 -29.70 -1.92
C PRO D 469 55.29 -28.93 -3.24
N LYS D 470 55.20 -29.64 -4.37
CA LYS D 470 55.15 -29.00 -5.68
C LYS D 470 53.71 -28.70 -6.03
N GLU D 471 53.39 -27.45 -6.38
CA GLU D 471 52.02 -27.07 -6.76
C GLU D 471 51.93 -26.94 -8.27
N GLU D 472 50.88 -27.47 -8.88
CA GLU D 472 50.70 -27.41 -10.32
C GLU D 472 49.30 -26.94 -10.74
N ILE D 473 49.22 -25.89 -11.54
CA ILE D 473 47.94 -25.39 -12.04
C ILE D 473 47.72 -25.82 -13.48
N LYS D 474 46.83 -26.79 -13.68
CA LYS D 474 46.51 -27.35 -15.00
C LYS D 474 44.98 -27.33 -15.21
N LYS D 475 44.52 -27.77 -16.40
CA LYS D 475 43.09 -27.81 -16.68
C LYS D 475 42.64 -29.16 -17.25
N LEU D 476 41.38 -29.49 -17.00
CA LEU D 476 40.72 -30.69 -17.49
C LEU D 476 39.61 -30.24 -18.44
N GLU D 477 39.37 -31.01 -19.51
CA GLU D 477 38.35 -30.62 -20.47
C GLU D 477 37.32 -31.71 -20.65
N VAL D 478 36.26 -31.68 -19.86
CA VAL D 478 35.20 -32.69 -19.95
C VAL D 478 33.86 -32.10 -20.41
N ASP D 479 33.25 -32.71 -21.47
CA ASP D 479 31.95 -32.31 -22.03
C ASP D 479 31.77 -30.78 -22.21
N GLU D 480 32.72 -30.15 -22.95
CA GLU D 480 32.73 -28.71 -23.24
C GLU D 480 32.83 -27.81 -21.98
N ILE D 481 33.17 -28.40 -20.83
CA ILE D 481 33.36 -27.66 -19.59
C ILE D 481 34.79 -27.79 -19.13
N THR D 482 35.50 -26.67 -19.05
CA THR D 482 36.87 -26.65 -18.60
C THR D 482 36.96 -26.49 -17.07
N LEU D 483 37.69 -27.39 -16.41
CA LEU D 483 37.86 -27.34 -14.97
C LEU D 483 39.32 -27.06 -14.65
N TRP D 484 39.61 -25.87 -14.12
CA TRP D 484 40.97 -25.55 -13.71
C TRP D 484 41.20 -26.13 -12.34
N TYR D 485 42.38 -26.69 -12.10
CA TYR D 485 42.69 -27.29 -10.81
C TYR D 485 44.09 -27.03 -10.35
N LYS D 486 44.28 -27.03 -9.03
CA LYS D 486 45.59 -26.86 -8.44
C LYS D 486 45.88 -28.16 -7.73
N MET D 487 46.98 -28.83 -8.10
CA MET D 487 47.34 -30.09 -7.45
C MET D 487 48.62 -29.91 -6.66
N ILE D 488 48.60 -30.32 -5.39
CA ILE D 488 49.75 -30.21 -4.50
C ILE D 488 50.32 -31.60 -4.33
N LEU D 489 51.54 -31.83 -4.82
CA LEU D 489 52.16 -33.15 -4.79
C LEU D 489 53.21 -33.33 -3.71
N PRO D 490 53.22 -34.51 -3.04
CA PRO D 490 54.20 -34.76 -1.97
C PRO D 490 55.66 -34.65 -2.43
N PRO D 491 56.61 -34.38 -1.51
CA PRO D 491 58.03 -34.36 -1.92
C PRO D 491 58.45 -35.74 -2.38
N GLN D 492 59.28 -35.80 -3.44
CA GLN D 492 59.74 -37.06 -4.02
C GLN D 492 58.54 -37.93 -4.44
N PHE D 493 57.62 -37.29 -5.18
CA PHE D 493 56.39 -37.88 -5.70
C PHE D 493 56.71 -38.89 -6.79
N ASP D 494 56.08 -40.06 -6.75
CA ASP D 494 56.30 -41.13 -7.74
C ASP D 494 55.01 -41.39 -8.52
N ARG D 495 55.03 -41.18 -9.83
CA ARG D 495 53.84 -41.41 -10.67
C ARG D 495 53.44 -42.89 -10.78
N SER D 496 54.27 -43.83 -10.26
CA SER D 496 53.96 -45.26 -10.29
C SER D 496 53.25 -45.77 -9.03
N LYS D 497 53.23 -44.96 -7.95
CA LYS D 497 52.60 -45.39 -6.69
C LYS D 497 51.24 -44.79 -6.51
N LYS D 498 50.46 -45.36 -5.59
CA LYS D 498 49.12 -44.87 -5.28
C LYS D 498 49.17 -43.97 -4.04
N TYR D 499 48.59 -42.77 -4.13
CA TYR D 499 48.58 -41.81 -3.03
C TYR D 499 47.16 -41.49 -2.59
N PRO D 500 46.93 -41.33 -1.28
CA PRO D 500 45.60 -40.91 -0.82
C PRO D 500 45.30 -39.48 -1.29
N LEU D 501 44.05 -39.20 -1.66
CA LEU D 501 43.69 -37.89 -2.20
C LEU D 501 42.74 -37.09 -1.28
N LEU D 502 43.02 -35.79 -1.07
CA LEU D 502 42.15 -34.90 -0.29
C LEU D 502 41.72 -33.77 -1.21
N ILE D 503 40.44 -33.44 -1.23
CA ILE D 503 39.92 -32.36 -2.03
C ILE D 503 39.54 -31.20 -1.12
N GLN D 504 40.11 -30.01 -1.34
CA GLN D 504 39.73 -28.83 -0.56
C GLN D 504 38.74 -28.09 -1.44
N VAL D 505 37.51 -27.90 -0.92
CA VAL D 505 36.47 -27.27 -1.72
C VAL D 505 35.85 -26.03 -1.08
N TYR D 506 35.39 -25.10 -1.93
CA TYR D 506 34.65 -23.88 -1.62
C TYR D 506 33.49 -23.89 -2.67
N GLY D 507 33.80 -23.58 -3.92
CA GLY D 507 32.84 -23.65 -5.01
C GLY D 507 31.63 -22.74 -5.03
N GLY D 508 31.63 -21.71 -4.19
CA GLY D 508 30.54 -20.74 -4.13
C GLY D 508 30.51 -19.83 -5.34
N PRO D 509 29.34 -19.27 -5.69
CA PRO D 509 29.28 -18.39 -6.88
C PRO D 509 30.15 -17.16 -6.70
N CYS D 510 30.80 -16.72 -7.79
CA CYS D 510 31.69 -15.54 -7.85
C CYS D 510 33.07 -15.76 -7.22
N SER D 511 33.40 -17.00 -6.85
CA SER D 511 34.66 -17.31 -6.22
C SER D 511 35.72 -17.88 -7.17
N GLN D 512 36.94 -18.07 -6.68
CA GLN D 512 38.05 -18.67 -7.43
C GLN D 512 39.04 -19.20 -6.41
N SER D 513 39.27 -20.50 -6.40
CA SER D 513 40.20 -21.14 -5.47
C SER D 513 41.50 -21.65 -6.13
N VAL D 514 41.60 -21.58 -7.46
CA VAL D 514 42.81 -21.97 -8.16
C VAL D 514 43.52 -20.69 -8.58
N ARG D 515 44.32 -20.11 -7.68
CA ARG D 515 45.04 -18.88 -7.96
C ARG D 515 46.55 -19.09 -7.83
N SER D 516 47.35 -18.29 -8.53
CA SER D 516 48.81 -18.37 -8.45
C SER D 516 49.34 -17.66 -7.20
N VAL D 517 48.79 -17.99 -6.03
CA VAL D 517 49.13 -17.38 -4.76
C VAL D 517 49.97 -18.31 -3.92
N PHE D 518 51.08 -17.80 -3.39
CA PHE D 518 51.96 -18.54 -2.50
C PHE D 518 51.28 -18.67 -1.14
N ALA D 519 51.36 -19.86 -0.53
CA ALA D 519 50.80 -20.09 0.80
C ALA D 519 51.41 -21.34 1.42
N VAL D 520 51.79 -21.26 2.70
CA VAL D 520 52.31 -22.41 3.46
C VAL D 520 51.22 -22.66 4.51
N ASN D 521 50.21 -23.44 4.11
CA ASN D 521 49.01 -23.73 4.88
C ASN D 521 48.92 -25.20 5.30
N TRP D 522 47.79 -25.60 5.95
CA TRP D 522 47.52 -26.95 6.39
C TRP D 522 47.73 -27.98 5.28
N ILE D 523 47.14 -27.78 4.09
CA ILE D 523 47.26 -28.73 2.99
C ILE D 523 48.69 -28.85 2.44
N SER D 524 49.56 -27.86 2.72
CA SER D 524 50.96 -27.95 2.32
C SER D 524 51.65 -28.96 3.25
N TYR D 525 51.31 -28.96 4.57
CA TYR D 525 51.83 -29.88 5.57
C TYR D 525 51.33 -31.30 5.24
N LEU D 526 50.03 -31.45 4.88
CA LEU D 526 49.47 -32.76 4.57
C LEU D 526 50.19 -33.45 3.41
N ALA D 527 50.64 -32.67 2.43
CA ALA D 527 51.39 -33.18 1.30
C ALA D 527 52.87 -33.36 1.65
N SER D 528 53.44 -32.42 2.41
CA SER D 528 54.86 -32.49 2.78
C SER D 528 55.20 -33.63 3.74
N LYS D 529 54.43 -33.75 4.86
CA LYS D 529 54.68 -34.78 5.89
C LYS D 529 53.83 -36.05 5.79
N GLU D 530 52.52 -35.91 5.50
CA GLU D 530 51.63 -37.07 5.47
C GLU D 530 51.44 -37.72 4.08
N GLY D 531 52.30 -37.42 3.13
CA GLY D 531 52.27 -37.99 1.78
C GLY D 531 50.92 -38.08 1.07
N MET D 532 50.14 -37.02 1.10
CA MET D 532 48.84 -37.01 0.43
C MET D 532 48.87 -36.11 -0.79
N VAL D 533 48.05 -36.43 -1.79
CA VAL D 533 47.88 -35.56 -2.95
C VAL D 533 46.68 -34.64 -2.59
N ILE D 534 46.83 -33.33 -2.79
CA ILE D 534 45.75 -32.38 -2.49
C ILE D 534 45.31 -31.77 -3.82
N ALA D 535 44.01 -31.48 -3.96
CA ALA D 535 43.50 -30.86 -5.18
C ALA D 535 42.41 -29.82 -4.86
N LEU D 536 42.38 -28.77 -5.67
CA LEU D 536 41.42 -27.67 -5.55
C LEU D 536 40.85 -27.48 -6.95
N VAL D 537 39.56 -27.77 -7.18
CA VAL D 537 38.97 -27.68 -8.52
C VAL D 537 37.97 -26.54 -8.69
N ASP D 538 38.10 -25.75 -9.75
CA ASP D 538 37.17 -24.65 -10.02
C ASP D 538 36.25 -24.98 -11.18
N GLY D 539 34.98 -25.24 -10.87
CA GLY D 539 33.98 -25.59 -11.88
C GLY D 539 32.97 -24.50 -12.16
N ARG D 540 31.76 -24.89 -12.55
CA ARG D 540 30.68 -23.95 -12.85
C ARG D 540 30.31 -23.18 -11.60
N GLY D 541 30.05 -21.90 -11.75
CA GLY D 541 29.78 -21.02 -10.62
C GLY D 541 30.98 -20.15 -10.26
N THR D 542 32.20 -20.61 -10.57
CA THR D 542 33.40 -19.83 -10.31
C THR D 542 33.52 -18.67 -11.31
N ALA D 543 34.13 -17.57 -10.87
CA ALA D 543 34.27 -16.34 -11.63
C ALA D 543 35.55 -16.23 -12.52
N PHE D 544 35.65 -15.16 -13.37
CA PHE D 544 36.79 -14.75 -14.19
C PHE D 544 36.99 -15.59 -15.47
N GLN D 545 36.01 -16.41 -15.83
CA GLN D 545 36.10 -17.19 -17.07
C GLN D 545 34.85 -17.00 -17.95
N GLY D 546 34.26 -15.83 -17.89
CA GLY D 546 33.05 -15.55 -18.64
C GLY D 546 31.79 -15.86 -17.84
N ASP D 547 30.66 -15.38 -18.33
CA ASP D 547 29.37 -15.54 -17.68
C ASP D 547 28.71 -16.88 -17.92
N LYS D 548 29.10 -17.64 -18.96
CA LYS D 548 28.52 -18.96 -19.21
C LYS D 548 28.90 -19.90 -18.06
N LEU D 549 30.14 -19.77 -17.55
CA LEU D 549 30.63 -20.57 -16.43
C LEU D 549 30.03 -20.04 -15.12
N LEU D 550 30.09 -18.72 -14.93
CA LEU D 550 29.60 -18.06 -13.72
C LEU D 550 28.08 -18.25 -13.46
N TYR D 551 27.22 -17.90 -14.43
CA TYR D 551 25.78 -18.00 -14.26
C TYR D 551 25.20 -19.40 -14.43
N ALA D 552 26.04 -20.44 -14.63
CA ALA D 552 25.55 -21.82 -14.78
C ALA D 552 24.81 -22.32 -13.51
N VAL D 553 25.23 -21.84 -12.34
CA VAL D 553 24.62 -22.21 -11.07
C VAL D 553 23.46 -21.28 -10.66
N TYR D 554 23.00 -20.38 -11.54
CA TYR D 554 21.90 -19.47 -11.19
C TYR D 554 20.63 -20.24 -10.90
N ARG D 555 20.08 -20.03 -9.70
CA ARG D 555 18.89 -20.69 -9.18
C ARG D 555 19.02 -22.20 -9.03
N LYS D 556 20.25 -22.75 -9.15
CA LYS D 556 20.52 -24.18 -9.08
C LYS D 556 21.73 -24.45 -8.17
N LEU D 557 21.73 -23.87 -6.95
CA LEU D 557 22.84 -24.09 -6.03
C LEU D 557 22.84 -25.50 -5.47
N GLY D 558 24.04 -26.00 -5.18
CA GLY D 558 24.23 -27.35 -4.67
C GLY D 558 24.11 -28.44 -5.73
N VAL D 559 24.19 -28.08 -7.02
CA VAL D 559 24.03 -29.05 -8.09
C VAL D 559 25.29 -29.20 -8.99
N TYR D 560 25.68 -28.15 -9.74
CA TYR D 560 26.82 -28.25 -10.66
C TYR D 560 28.17 -28.19 -9.97
N GLU D 561 28.31 -27.40 -8.91
CA GLU D 561 29.57 -27.32 -8.18
C GLU D 561 29.93 -28.68 -7.56
N VAL D 562 28.92 -29.44 -7.11
CA VAL D 562 29.10 -30.77 -6.56
C VAL D 562 29.49 -31.73 -7.67
N GLU D 563 28.76 -31.72 -8.80
CA GLU D 563 29.04 -32.58 -9.94
C GLU D 563 30.44 -32.38 -10.50
N ASP D 564 30.91 -31.14 -10.53
CA ASP D 564 32.22 -30.83 -11.07
C ASP D 564 33.35 -31.33 -10.16
N GLN D 565 33.14 -31.42 -8.83
CA GLN D 565 34.17 -32.00 -7.96
C GLN D 565 34.24 -33.54 -8.21
N ILE D 566 33.10 -34.18 -8.46
CA ILE D 566 33.02 -35.60 -8.77
C ILE D 566 33.68 -35.90 -10.12
N THR D 567 33.39 -35.06 -11.14
CA THR D 567 33.95 -35.24 -12.49
C THR D 567 35.47 -35.12 -12.46
N ALA D 568 36.01 -34.25 -11.58
CA ALA D 568 37.45 -34.06 -11.40
C ALA D 568 38.07 -35.26 -10.68
N VAL D 569 37.45 -35.77 -9.62
CA VAL D 569 38.00 -36.93 -8.91
C VAL D 569 38.09 -38.15 -9.83
N ARG D 570 37.06 -38.37 -10.67
CA ARG D 570 37.08 -39.47 -11.63
C ARG D 570 38.27 -39.35 -12.61
N LYS D 571 38.59 -38.12 -13.02
CA LYS D 571 39.70 -37.82 -13.92
C LYS D 571 41.05 -38.00 -13.21
N PHE D 572 41.16 -37.57 -11.94
CA PHE D 572 42.39 -37.73 -11.15
C PHE D 572 42.66 -39.21 -10.87
N ILE D 573 41.61 -40.03 -10.71
CA ILE D 573 41.75 -41.45 -10.45
C ILE D 573 42.36 -42.10 -11.69
N GLU D 574 41.83 -41.79 -12.89
CA GLU D 574 42.34 -42.39 -14.11
C GLU D 574 43.75 -41.91 -14.51
N MET D 575 44.36 -41.01 -13.71
CA MET D 575 45.74 -40.61 -13.91
C MET D 575 46.72 -41.73 -13.44
N GLY D 576 46.25 -42.63 -12.57
CA GLY D 576 47.00 -43.79 -12.12
C GLY D 576 47.69 -43.71 -10.78
N PHE D 577 47.89 -42.49 -10.27
CA PHE D 577 48.61 -42.32 -9.00
C PHE D 577 47.71 -42.05 -7.80
N ILE D 578 46.39 -42.25 -7.92
CA ILE D 578 45.48 -42.02 -6.82
C ILE D 578 44.88 -43.34 -6.33
N ASP D 579 44.89 -43.56 -5.01
CA ASP D 579 44.31 -44.77 -4.42
C ASP D 579 42.81 -44.52 -4.32
N GLU D 580 42.02 -45.20 -5.17
CA GLU D 580 40.56 -45.03 -5.23
C GLU D 580 39.85 -45.36 -3.91
N LYS D 581 40.49 -46.19 -3.05
CA LYS D 581 39.96 -46.58 -1.76
C LYS D 581 40.16 -45.49 -0.70
N ARG D 582 41.20 -44.64 -0.84
CA ARG D 582 41.46 -43.59 0.12
C ARG D 582 41.31 -42.18 -0.44
N ILE D 583 40.06 -41.68 -0.58
CA ILE D 583 39.80 -40.30 -1.04
C ILE D 583 38.95 -39.55 -0.01
N ALA D 584 39.19 -38.26 0.20
CA ALA D 584 38.46 -37.46 1.16
C ALA D 584 38.15 -36.06 0.62
N ILE D 585 37.16 -35.37 1.21
CA ILE D 585 36.83 -34.02 0.81
C ILE D 585 36.52 -33.16 2.04
N TRP D 586 37.14 -31.99 2.15
CA TRP D 586 36.90 -31.09 3.25
C TRP D 586 36.56 -29.70 2.73
N GLY D 587 35.83 -28.96 3.53
CA GLY D 587 35.45 -27.59 3.21
C GLY D 587 34.93 -26.86 4.42
N TRP D 588 34.86 -25.52 4.29
CA TRP D 588 34.39 -24.59 5.32
C TRP D 588 33.35 -23.67 4.70
N SER D 589 32.31 -23.28 5.47
CA SER D 589 31.25 -22.38 5.00
C SER D 589 30.56 -22.96 3.75
N TYR D 590 30.65 -22.33 2.55
CA TYR D 590 30.08 -22.89 1.33
C TYR D 590 30.73 -24.24 1.01
N GLY D 591 32.03 -24.37 1.24
CA GLY D 591 32.75 -25.62 1.06
C GLY D 591 32.24 -26.74 1.95
N GLY D 592 31.61 -26.38 3.04
CA GLY D 592 31.02 -27.33 3.98
C GLY D 592 29.71 -27.88 3.45
N TYR D 593 28.99 -27.06 2.71
CA TYR D 593 27.74 -27.43 2.05
C TYR D 593 28.07 -28.37 0.87
N VAL D 594 29.07 -27.99 0.06
CA VAL D 594 29.50 -28.75 -1.11
C VAL D 594 30.12 -30.12 -0.75
N SER D 595 31.00 -30.17 0.25
CA SER D 595 31.61 -31.44 0.67
C SER D 595 30.56 -32.36 1.25
N SER D 596 29.57 -31.81 2.00
CA SER D 596 28.53 -32.66 2.58
C SER D 596 27.69 -33.30 1.47
N LEU D 597 27.32 -32.52 0.45
CA LEU D 597 26.51 -33.01 -0.65
C LEU D 597 27.30 -33.99 -1.51
N ALA D 598 28.62 -33.72 -1.71
CA ALA D 598 29.50 -34.61 -2.50
C ALA D 598 29.71 -35.94 -1.77
N LEU D 599 29.88 -35.88 -0.43
CA LEU D 599 30.05 -37.06 0.37
C LEU D 599 28.76 -37.92 0.37
N ALA D 600 27.59 -37.27 0.33
CA ALA D 600 26.32 -38.00 0.28
C ALA D 600 25.77 -38.15 -1.13
N SER D 601 26.63 -38.10 -2.15
CA SER D 601 26.18 -38.24 -3.53
C SER D 601 25.81 -39.65 -3.90
N GLY D 602 26.36 -40.63 -3.21
CA GLY D 602 26.10 -42.03 -3.48
C GLY D 602 26.93 -42.58 -4.62
N THR D 603 28.12 -42.00 -4.86
CA THR D 603 29.04 -42.44 -5.92
C THR D 603 30.12 -43.40 -5.43
N GLY D 604 30.36 -43.42 -4.12
CA GLY D 604 31.38 -44.26 -3.50
C GLY D 604 32.80 -43.79 -3.74
N LEU D 605 33.00 -42.57 -4.28
CA LEU D 605 34.32 -42.04 -4.56
C LEU D 605 35.02 -41.61 -3.27
N PHE D 606 34.30 -40.86 -2.42
CA PHE D 606 34.84 -40.37 -1.16
C PHE D 606 34.64 -41.34 -0.02
N LYS D 607 35.71 -41.64 0.72
CA LYS D 607 35.68 -42.52 1.88
C LYS D 607 35.22 -41.73 3.08
N CYS D 608 35.78 -40.53 3.29
CA CYS D 608 35.41 -39.67 4.42
C CYS D 608 35.30 -38.22 3.97
N GLY D 609 34.65 -37.40 4.80
CA GLY D 609 34.50 -35.98 4.53
C GLY D 609 34.39 -35.14 5.78
N ILE D 610 34.82 -33.86 5.72
CA ILE D 610 34.72 -32.91 6.83
C ILE D 610 33.95 -31.68 6.36
N ALA D 611 33.00 -31.19 7.17
CA ALA D 611 32.25 -29.98 6.90
C ALA D 611 32.39 -29.05 8.10
N VAL D 612 33.08 -27.89 7.93
CA VAL D 612 33.29 -26.93 9.01
C VAL D 612 32.34 -25.77 8.79
N ALA D 613 31.52 -25.42 9.80
CA ALA D 613 30.50 -24.37 9.75
C ALA D 613 29.72 -24.35 8.42
N PRO D 614 29.15 -25.49 7.99
CA PRO D 614 28.49 -25.53 6.68
C PRO D 614 27.12 -24.88 6.61
N VAL D 615 26.65 -24.56 5.40
CA VAL D 615 25.28 -24.14 5.20
C VAL D 615 24.50 -25.45 4.92
N SER D 616 23.37 -25.66 5.58
CA SER D 616 22.58 -26.88 5.38
C SER D 616 21.34 -26.64 4.48
N SER D 617 20.77 -25.45 4.57
CA SER D 617 19.61 -25.07 3.78
C SER D 617 19.71 -23.60 3.46
N TRP D 618 19.26 -23.22 2.26
CA TRP D 618 19.30 -21.80 1.88
C TRP D 618 18.22 -20.96 2.61
N GLU D 619 17.30 -21.61 3.33
CA GLU D 619 16.30 -21.00 4.19
C GLU D 619 17.00 -20.34 5.42
N TYR D 620 18.21 -20.80 5.81
CA TYR D 620 18.89 -20.31 7.00
C TYR D 620 19.94 -19.25 6.77
N TYR D 621 20.33 -19.02 5.51
CA TYR D 621 21.35 -18.03 5.20
C TYR D 621 20.76 -16.65 4.85
N ALA D 622 21.60 -15.60 4.87
CA ALA D 622 21.23 -14.21 4.57
C ALA D 622 20.51 -14.05 3.26
N SER D 623 19.53 -13.15 3.21
CA SER D 623 18.77 -12.87 2.00
C SER D 623 19.65 -12.20 0.97
N VAL D 624 20.50 -11.28 1.40
CA VAL D 624 21.37 -10.52 0.49
C VAL D 624 22.26 -11.44 -0.35
N TYR D 625 22.77 -12.51 0.26
CA TYR D 625 23.59 -13.47 -0.46
C TYR D 625 22.70 -14.46 -1.19
N THR D 626 21.81 -15.15 -0.46
CA THR D 626 21.03 -16.22 -1.06
C THR D 626 20.16 -15.77 -2.24
N GLU D 627 19.37 -14.69 -2.11
CA GLU D 627 18.49 -14.24 -3.19
C GLU D 627 19.21 -13.85 -4.48
N ARG D 628 20.45 -13.33 -4.36
CA ARG D 628 21.27 -12.94 -5.50
C ARG D 628 21.48 -14.12 -6.45
N PHE D 629 21.74 -15.33 -5.91
CA PHE D 629 21.97 -16.50 -6.76
C PHE D 629 20.82 -17.49 -6.85
N MET D 630 19.85 -17.42 -5.94
CA MET D 630 18.74 -18.40 -5.93
C MET D 630 17.35 -17.81 -6.16
N GLY D 631 17.18 -16.53 -5.90
CA GLY D 631 15.88 -15.90 -5.99
C GLY D 631 15.14 -15.95 -4.66
N LEU D 632 13.81 -15.81 -4.71
CA LEU D 632 12.97 -15.79 -3.51
C LEU D 632 12.36 -17.15 -3.27
N PRO D 633 12.30 -17.63 -2.01
CA PRO D 633 11.72 -18.93 -1.75
C PRO D 633 10.18 -18.91 -1.68
N THR D 634 9.53 -18.50 -2.76
CA THR D 634 8.07 -18.48 -2.82
C THR D 634 7.57 -19.47 -3.86
N LYS D 635 6.28 -19.85 -3.81
CA LYS D 635 5.73 -20.79 -4.80
C LYS D 635 5.83 -20.22 -6.21
N ASP D 636 5.59 -18.91 -6.35
CA ASP D 636 5.67 -18.24 -7.65
C ASP D 636 7.11 -18.07 -8.16
N ASP D 637 8.14 -18.25 -7.31
CA ASP D 637 9.53 -18.09 -7.73
C ASP D 637 10.34 -19.42 -7.61
N ASN D 638 11.31 -19.54 -6.66
CA ASN D 638 12.18 -20.71 -6.59
C ASN D 638 12.06 -21.51 -5.29
N LEU D 639 10.86 -21.66 -4.71
CA LEU D 639 10.69 -22.44 -3.48
C LEU D 639 11.05 -23.92 -3.70
N GLU D 640 10.70 -24.45 -4.86
CA GLU D 640 10.98 -25.85 -5.23
C GLU D 640 12.45 -26.23 -5.04
N HIS D 641 13.39 -25.39 -5.55
CA HIS D 641 14.80 -25.70 -5.43
C HIS D 641 15.34 -25.44 -4.05
N TYR D 642 14.75 -24.49 -3.30
CA TYR D 642 15.16 -24.21 -1.93
C TYR D 642 14.96 -25.46 -1.06
N LYS D 643 13.88 -26.23 -1.31
CA LYS D 643 13.55 -27.45 -0.59
C LYS D 643 14.37 -28.65 -1.05
N ASN D 644 14.67 -28.72 -2.37
CA ASN D 644 15.44 -29.82 -2.95
C ASN D 644 16.95 -29.68 -2.74
N SER D 645 17.46 -28.47 -2.47
CA SER D 645 18.90 -28.26 -2.33
C SER D 645 19.42 -28.26 -0.88
N THR D 646 18.83 -29.08 0.01
CA THR D 646 19.29 -29.13 1.41
C THR D 646 20.16 -30.34 1.68
N VAL D 647 21.07 -30.22 2.64
CA VAL D 647 21.94 -31.32 3.06
C VAL D 647 21.09 -32.38 3.81
N MET D 648 20.08 -31.92 4.60
CA MET D 648 19.19 -32.80 5.36
C MET D 648 18.43 -33.80 4.50
N ALA D 649 18.09 -33.44 3.26
CA ALA D 649 17.38 -34.37 2.37
C ALA D 649 18.26 -35.57 1.91
N ARG D 650 19.60 -35.44 2.09
CA ARG D 650 20.56 -36.47 1.71
C ARG D 650 21.10 -37.29 2.90
N ALA D 651 20.43 -37.23 4.06
CA ALA D 651 20.88 -37.92 5.26
C ALA D 651 21.09 -39.44 5.13
N GLU D 652 20.28 -40.14 4.33
CA GLU D 652 20.41 -41.59 4.17
C GLU D 652 21.71 -42.01 3.48
N TYR D 653 22.21 -41.16 2.61
CA TYR D 653 23.41 -41.44 1.85
C TYR D 653 24.70 -41.26 2.66
N PHE D 654 24.63 -40.84 3.95
CA PHE D 654 25.83 -40.75 4.78
C PHE D 654 26.10 -42.07 5.56
N ARG D 655 25.36 -43.14 5.27
CA ARG D 655 25.49 -44.41 6.00
C ARG D 655 26.84 -45.14 5.84
N ASN D 656 27.42 -45.19 4.61
CA ASN D 656 28.69 -45.89 4.43
C ASN D 656 29.92 -45.00 4.30
N VAL D 657 29.78 -43.73 4.68
CA VAL D 657 30.89 -42.79 4.64
C VAL D 657 31.15 -42.25 6.03
N ASP D 658 32.40 -41.84 6.31
CA ASP D 658 32.74 -41.26 7.59
C ASP D 658 32.61 -39.74 7.51
N TYR D 659 31.68 -39.18 8.27
CA TYR D 659 31.40 -37.75 8.22
C TYR D 659 31.87 -37.03 9.49
N LEU D 660 32.56 -35.90 9.35
CA LEU D 660 32.98 -35.11 10.50
C LEU D 660 32.32 -33.73 10.38
N LEU D 661 31.40 -33.42 11.28
CA LEU D 661 30.65 -32.17 11.28
C LEU D 661 31.13 -31.23 12.39
N ILE D 662 31.70 -30.06 12.02
CA ILE D 662 32.19 -29.07 12.97
C ILE D 662 31.43 -27.74 12.82
N HIS D 663 31.20 -27.02 13.92
CA HIS D 663 30.53 -25.73 13.89
C HIS D 663 30.70 -24.96 15.21
N GLY D 664 30.91 -23.65 15.12
CA GLY D 664 31.02 -22.79 16.29
C GLY D 664 29.66 -22.35 16.78
N THR D 665 29.45 -22.39 18.10
CA THR D 665 28.16 -22.06 18.70
C THR D 665 27.78 -20.57 18.60
N ALA D 666 28.78 -19.66 18.53
CA ALA D 666 28.49 -18.23 18.43
C ALA D 666 28.72 -17.71 17.02
N ASP D 667 28.42 -18.54 16.01
CA ASP D 667 28.60 -18.16 14.63
C ASP D 667 27.44 -17.26 14.26
N ASP D 668 27.72 -15.99 14.02
CA ASP D 668 26.76 -14.97 13.60
C ASP D 668 26.48 -15.03 12.09
N ASN D 669 27.46 -15.52 11.28
CA ASN D 669 27.34 -15.62 9.83
C ASN D 669 26.53 -16.88 9.43
N VAL D 670 27.15 -18.04 9.54
CA VAL D 670 26.50 -19.31 9.25
C VAL D 670 26.08 -19.81 10.60
N HIS D 671 24.79 -19.71 10.90
CA HIS D 671 24.31 -20.04 12.22
C HIS D 671 24.49 -21.48 12.59
N PHE D 672 24.79 -21.75 13.89
CA PHE D 672 24.92 -23.11 14.41
C PHE D 672 23.67 -23.97 14.09
N GLN D 673 22.52 -23.31 13.87
CA GLN D 673 21.27 -23.92 13.45
C GLN D 673 21.49 -24.83 12.22
N ASN D 674 22.31 -24.40 11.26
CA ASN D 674 22.64 -25.17 10.08
C ASN D 674 23.20 -26.56 10.42
N SER D 675 24.19 -26.64 11.33
CA SER D 675 24.73 -27.94 11.75
C SER D 675 23.80 -28.68 12.70
N ALA D 676 23.04 -27.94 13.52
CA ALA D 676 22.09 -28.54 14.44
C ALA D 676 21.01 -29.31 13.66
N GLN D 677 20.59 -28.78 12.49
CA GLN D 677 19.60 -29.43 11.63
C GLN D 677 20.16 -30.68 10.93
N ILE D 678 21.43 -30.64 10.45
CA ILE D 678 22.09 -31.78 9.80
C ILE D 678 22.19 -32.93 10.80
N ALA D 679 22.68 -32.63 12.03
CA ALA D 679 22.83 -33.61 13.10
C ALA D 679 21.50 -34.27 13.46
N LYS D 680 20.43 -33.49 13.45
CA LYS D 680 19.10 -33.98 13.76
C LYS D 680 18.62 -34.93 12.67
N ALA D 681 18.91 -34.60 11.39
CA ALA D 681 18.52 -35.43 10.25
C ALA D 681 19.31 -36.73 10.23
N LEU D 682 20.60 -36.69 10.58
CA LEU D 682 21.43 -37.89 10.63
C LEU D 682 20.96 -38.81 11.77
N VAL D 683 20.48 -38.23 12.89
CA VAL D 683 19.95 -39.02 13.99
C VAL D 683 18.67 -39.71 13.53
N ASN D 684 17.75 -38.97 12.89
CA ASN D 684 16.49 -39.51 12.37
C ASN D 684 16.71 -40.59 11.32
N ALA D 685 17.78 -40.47 10.52
CA ALA D 685 18.13 -41.45 9.50
C ALA D 685 18.93 -42.64 10.06
N GLN D 686 19.28 -42.62 11.38
CA GLN D 686 20.03 -43.65 12.09
C GLN D 686 21.42 -43.84 11.48
N VAL D 687 22.09 -42.71 11.25
CA VAL D 687 23.41 -42.66 10.63
C VAL D 687 24.46 -42.16 11.63
N ASP D 688 25.60 -42.87 11.73
CA ASP D 688 26.64 -42.46 12.68
C ASP D 688 27.60 -41.48 12.04
N PHE D 689 28.06 -40.52 12.83
CA PHE D 689 29.00 -39.49 12.40
C PHE D 689 29.80 -38.92 13.58
N GLN D 690 30.94 -38.29 13.29
CA GLN D 690 31.75 -37.66 14.35
C GLN D 690 31.45 -36.15 14.33
N ALA D 691 31.40 -35.50 15.49
CA ALA D 691 31.07 -34.09 15.56
C ALA D 691 31.99 -33.31 16.52
N MET D 692 32.04 -31.97 16.35
CA MET D 692 32.81 -31.09 17.21
C MET D 692 32.18 -29.69 17.22
N TRP D 693 32.00 -29.11 18.41
CA TRP D 693 31.47 -27.76 18.53
C TRP D 693 32.54 -26.87 19.12
N TYR D 694 32.47 -25.58 18.84
CA TYR D 694 33.41 -24.62 19.39
C TYR D 694 32.63 -23.52 20.11
N SER D 695 32.62 -23.57 21.43
CA SER D 695 31.86 -22.65 22.27
C SER D 695 32.37 -21.21 22.16
N ASP D 696 31.43 -20.24 22.09
CA ASP D 696 31.73 -18.80 22.02
C ASP D 696 32.67 -18.40 20.88
N GLN D 697 32.71 -19.19 19.78
CA GLN D 697 33.61 -18.85 18.67
C GLN D 697 32.89 -18.34 17.45
N ASN D 698 33.49 -17.34 16.81
CA ASN D 698 32.98 -16.72 15.60
C ASN D 698 33.07 -17.68 14.37
N HIS D 699 32.69 -17.20 13.19
CA HIS D 699 32.70 -18.01 11.99
C HIS D 699 34.09 -18.58 11.65
N GLY D 700 35.15 -17.80 11.86
CA GLY D 700 36.50 -18.20 11.52
C GLY D 700 37.27 -18.98 12.58
N LEU D 701 36.64 -19.24 13.74
CA LEU D 701 37.25 -20.00 14.83
C LEU D 701 38.65 -19.50 15.24
N SER D 702 38.85 -18.17 15.25
CA SER D 702 40.15 -17.59 15.60
C SER D 702 40.68 -18.00 16.97
N GLY D 703 42.00 -18.01 17.12
CA GLY D 703 42.67 -18.36 18.37
C GLY D 703 43.01 -19.83 18.53
N LEU D 704 43.13 -20.30 19.78
CA LEU D 704 43.44 -21.69 20.09
C LEU D 704 42.42 -22.71 19.55
N SER D 705 41.23 -22.23 19.12
CA SER D 705 40.22 -23.07 18.47
C SER D 705 40.73 -23.52 17.12
N THR D 706 41.49 -22.65 16.40
CA THR D 706 42.07 -22.97 15.10
C THR D 706 43.02 -24.14 15.27
N ASN D 707 43.92 -24.04 16.23
CA ASN D 707 44.87 -25.11 16.54
C ASN D 707 44.15 -26.45 16.77
N HIS D 708 43.12 -26.43 17.62
CA HIS D 708 42.32 -27.58 17.97
C HIS D 708 41.61 -28.15 16.73
N LEU D 709 41.01 -27.30 15.92
CA LEU D 709 40.29 -27.72 14.74
C LEU D 709 41.20 -28.46 13.76
N TYR D 710 42.30 -27.83 13.31
CA TYR D 710 43.20 -28.45 12.37
C TYR D 710 43.82 -29.73 12.92
N THR D 711 44.07 -29.79 14.25
CA THR D 711 44.61 -30.98 14.87
C THR D 711 43.60 -32.10 14.79
N HIS D 712 42.34 -31.80 15.15
CA HIS D 712 41.20 -32.73 15.16
C HIS D 712 40.92 -33.25 13.77
N MET D 713 41.03 -32.38 12.76
CA MET D 713 40.81 -32.76 11.36
C MET D 713 41.93 -33.66 10.85
N THR D 714 43.16 -33.42 11.29
CA THR D 714 44.33 -34.22 10.92
C THR D 714 44.20 -35.63 11.49
N HIS D 715 43.71 -35.76 12.72
CA HIS D 715 43.49 -37.05 13.35
C HIS D 715 42.45 -37.85 12.55
N PHE D 716 41.35 -37.19 12.17
CA PHE D 716 40.24 -37.77 11.39
C PHE D 716 40.73 -38.24 10.04
N LEU D 717 41.62 -37.46 9.39
CA LEU D 717 42.16 -37.82 8.08
C LEU D 717 43.15 -38.97 8.16
N LYS D 718 44.06 -38.93 9.15
CA LYS D 718 45.04 -40.00 9.36
C LYS D 718 44.39 -41.32 9.73
N GLN D 719 43.23 -41.29 10.38
CA GLN D 719 42.51 -42.52 10.72
C GLN D 719 41.88 -43.08 9.45
N CYS D 720 41.21 -42.22 8.68
CA CYS D 720 40.54 -42.52 7.43
C CYS D 720 41.52 -43.04 6.35
N PHE D 721 42.79 -42.60 6.39
CA PHE D 721 43.77 -42.98 5.40
C PHE D 721 44.78 -44.05 5.82
N SER D 722 44.42 -44.92 6.74
CA SER D 722 45.27 -46.01 7.23
C SER D 722 45.81 -46.87 6.10
#